data_7UJA
#
_entry.id   7UJA
#
_cell.length_a   1.00
_cell.length_b   1.00
_cell.length_c   1.00
_cell.angle_alpha   90.00
_cell.angle_beta   90.00
_cell.angle_gamma   90.00
#
_symmetry.space_group_name_H-M   'P 1'
#
loop_
_entity.id
_entity.type
_entity.pdbx_description
1 polymer 'RSV variant (construct pXCS847A) F1'
2 polymer 'AM14 Fab heavy chain'
3 polymer 'AM14 Fab light chain'
4 polymer 'AM22 Fab heavy chain'
5 polymer 'AM22 Fab light chain'
6 polymer 'RSV variant (construct pXCS847A) F2'
7 non-polymer 2-acetamido-2-deoxy-beta-D-glucopyranose
#
loop_
_entity_poly.entity_id
_entity_poly.type
_entity_poly.pdbx_seq_one_letter_code
_entity_poly.pdbx_strand_id
1 'polypeptide(L)'
;FLGFLLGVGSACASGIAVSKVLHLEGEVNKIKSALLSTNKAVVSLSNGVSVLTIKVLDLKNYIDKQLLPIVNKQSCSISN
IETVIEFQQKNNRLLEITREFSVNAGVTTPVSTYMLTNSELLSLINDMPITNDQKKLMSSNVQIVRQQSYSIMSIIKEEV
LAYVVQLPLYGVIDTPCWKLHTSPLCTTNTKEGSNICLTRTDRGWYCDNAGSVSFFPQAETCKVQSNRVFCDTMNSLTLP
SEVNLCNIDIFNPKYDCKIMTSKTDVSSSVITSLGAIVSCYGKTKCTASNKNRGIIKTFSNGCDYVSNKGVDTVSVGNTL
YYVNKQEGKSLYVKGEPIINFYDPLVFPSSEFDASISQVNEKINQSLAFIRKSDELLSAIGGYIPEAPRDGQAYVRKDGE
WVLLSTFLGG
;
A,C,K
2 'polypeptide(L)'
;EVQLVESGGGVVQPGRSLRLSCAASGFSFSHYAMHWVRQAPGKGLEWVAVISYDGENTYYADSVKGRFSISRDNSKNTVS
LQMNSLRPEDTALYYCARDRIVDDYYYYGMDVWGQGATVTVSSASTKGPSVFPLAPSSKSTSGGTAALGCLVKDYFPEPV
TVSWNSGALTSGVHTFPAVLQSSGLYSLSSVVTVPSSSLGTQTYICNVNHKPSNTKVDKKVEPKSCDGGGSLVPRGSDYK
DDDDK
;
B,G,L
3 'polypeptide(L)'
;DIQMTQSPSSLSASVGDRVTITCQASQDIKKYLNWYHQKPGKVPELLMHDASNLETGVPSRFSGRGSGTDFTLTISSLQP
EDIGTYYCQQYDNLPPLTFGGGTKVEIKRTVRTVAAPSVFIFPPSDEQLKSGTASVVCLLNNFYPREAKVQWKVDNALQS
GNSQESVTEQDSKDSTYSLSSTLTLSKADYEKHKVYACEVTHQGLSSPVTKSFNRGEC
;
D,H,M
4 'polypeptide(L)'
;QVQLVQSGAEVKKPGATVKVSCKISGHTLIKLSIHWVRQAPGKGLEWMGGYEGEVDEIFYAQKFQHRLTVIADTATDTVY
MELGRLTSDDTAVYFCGTLGVTVTEAGLGIDDYWGQGTLVTVSSASTKGPSVFPLAPSSKSTSGGTAALGCLVKDYFPEP
VTVSWNSGALTSGVHTFPAVLQSSGLYSLSSVVTVPSSSLGTQTYICNVNHKPSNTKVDKKVEPKSCDGGGSLVPRGSDY
KDDDDK
;
E,I,N
5 'polypeptide(L)'
;EIVLTQSPGTLSLSPGERATLSCRASQIVSRNHLAWYQQKPGQAPRLLIFGASSRATGIPVRFSGSGSGTDFTLTINGLA
PEDFAVYYCLSSDSSIFTFGPGTKVDFKRTVAAPSVFIFPPSDEQLKSGTASVVCLLNNFYPREAKVQWKVDNALQSGNS
QESVTEQDSKDSTYSLSSTLTLSKADYEKHKVYACEVTHQGLSSPVTKSFNRGEC
;
F,J,O
6 'polypeptide(L)'
;MELPILKTNAITTILAAVTLCFASSQNITEEFYQSTCSAVSKGYLSALRTGWYTSVITIELSNIKENKCNGTDAKVKLIK
QELDKYKNAVTELQLLMQSTPACNSRARR
;
P,Q,R
#
loop_
_chem_comp.id
_chem_comp.type
_chem_comp.name
_chem_comp.formula
NAG D-saccharide, beta linking 2-acetamido-2-deoxy-beta-D-glucopyranose 'C8 H15 N O6'
#
# COMPACT_ATOMS: atom_id res chain seq x y z
N LEU A 2 -8.38 25.20 23.80
CA LEU A 2 -7.69 24.99 25.06
C LEU A 2 -6.65 23.89 24.94
N GLY A 3 -6.07 23.76 23.74
CA GLY A 3 -5.11 22.70 23.47
C GLY A 3 -3.70 22.96 23.91
N PHE A 4 -3.36 24.19 24.30
CA PHE A 4 -2.00 24.51 24.67
C PHE A 4 -1.70 24.28 26.14
N LEU A 5 -2.72 24.05 26.97
CA LEU A 5 -2.51 23.86 28.40
C LEU A 5 -2.07 22.46 28.77
N LEU A 6 -2.21 21.49 27.88
CA LEU A 6 -1.77 20.13 28.17
C LEU A 6 -0.27 20.00 27.98
N GLY A 7 0.34 19.17 28.83
CA GLY A 7 1.78 18.97 28.74
C GLY A 7 2.18 18.14 27.54
N VAL A 8 3.38 18.40 27.04
CA VAL A 8 3.94 17.67 25.91
C VAL A 8 4.78 16.52 26.43
N GLY A 9 4.62 15.35 25.82
CA GLY A 9 5.36 14.17 26.24
C GLY A 9 5.79 13.35 25.05
N SER A 10 6.78 12.49 25.29
CA SER A 10 7.31 11.63 24.25
C SER A 10 6.26 10.61 23.82
N ALA A 11 6.07 10.47 22.51
CA ALA A 11 5.07 9.55 21.98
C ALA A 11 5.42 8.10 22.34
N CYS A 12 6.54 7.62 21.83
CA CYS A 12 6.99 6.24 22.06
C CYS A 12 8.41 6.27 22.62
N ALA A 13 8.53 6.39 23.93
CA ALA A 13 9.81 6.30 24.62
C ALA A 13 9.97 4.99 25.38
N SER A 14 8.92 4.17 25.44
CA SER A 14 9.00 2.85 26.06
C SER A 14 9.45 1.77 25.09
N GLY A 15 9.54 2.09 23.79
CA GLY A 15 10.01 1.14 22.81
C GLY A 15 11.45 1.41 22.41
N ILE A 16 11.81 2.69 22.31
CA ILE A 16 13.19 3.05 22.00
C ILE A 16 14.11 2.63 23.14
N ALA A 17 13.64 2.71 24.38
CA ALA A 17 14.44 2.28 25.51
C ALA A 17 14.76 0.78 25.43
N VAL A 18 13.78 -0.03 25.01
CA VAL A 18 14.01 -1.47 24.88
C VAL A 18 14.93 -1.75 23.70
N SER A 19 14.71 -1.06 22.57
CA SER A 19 15.55 -1.28 21.39
C SER A 19 17.01 -0.92 21.64
N LYS A 20 17.27 0.01 22.57
CA LYS A 20 18.63 0.34 22.94
C LYS A 20 19.29 -0.72 23.81
N VAL A 21 18.51 -1.68 24.32
CA VAL A 21 19.07 -2.75 25.14
C VAL A 21 19.51 -3.93 24.28
N LEU A 22 18.81 -4.21 23.18
CA LEU A 22 19.22 -5.31 22.31
C LEU A 22 20.56 -5.05 21.63
N HIS A 23 21.01 -3.80 21.59
CA HIS A 23 22.24 -3.46 20.89
C HIS A 23 23.51 -3.87 21.63
N LEU A 24 23.47 -3.95 22.96
CA LEU A 24 24.68 -4.30 23.70
C LEU A 24 25.06 -5.75 23.43
N GLU A 25 26.37 -6.01 23.49
CA GLU A 25 26.90 -7.30 23.09
C GLU A 25 26.40 -8.42 24.02
N GLY A 26 26.13 -9.58 23.44
CA GLY A 26 25.73 -10.74 24.20
C GLY A 26 24.26 -10.82 24.55
N GLU A 27 23.44 -9.91 24.04
CA GLU A 27 22.02 -9.90 24.37
C GLU A 27 21.18 -10.62 23.32
N VAL A 28 21.50 -10.42 22.03
CA VAL A 28 20.72 -11.04 20.98
C VAL A 28 20.81 -12.56 21.04
N ASN A 29 21.96 -13.09 21.46
CA ASN A 29 22.10 -14.54 21.56
C ASN A 29 21.18 -15.11 22.64
N LYS A 30 20.85 -14.33 23.66
CA LYS A 30 19.93 -14.78 24.69
C LYS A 30 18.53 -15.01 24.12
N ILE A 31 18.08 -14.12 23.25
CA ILE A 31 16.77 -14.27 22.63
C ILE A 31 16.74 -15.51 21.73
N LYS A 32 17.81 -15.73 20.97
CA LYS A 32 17.85 -16.87 20.06
C LYS A 32 17.77 -18.19 20.81
N SER A 33 18.48 -18.29 21.95
CA SER A 33 18.42 -19.51 22.75
C SER A 33 17.03 -19.74 23.32
N ALA A 34 16.31 -18.67 23.68
CA ALA A 34 14.96 -18.83 24.20
C ALA A 34 14.02 -19.39 23.15
N LEU A 35 14.16 -18.95 21.91
CA LEU A 35 13.32 -19.43 20.80
C LEU A 35 13.94 -20.64 20.11
N LEU A 36 14.30 -21.65 20.90
CA LEU A 36 14.85 -22.90 20.39
C LEU A 36 13.72 -23.94 20.35
N SER A 37 13.23 -24.22 19.15
CA SER A 37 12.10 -25.14 18.95
C SER A 37 10.88 -24.72 19.75
N THR A 38 10.64 -23.41 19.80
CA THR A 38 9.49 -22.86 20.49
C THR A 38 9.20 -21.48 19.91
N ASN A 39 7.96 -21.26 19.46
CA ASN A 39 7.60 -20.00 18.84
C ASN A 39 7.48 -18.89 19.88
N LYS A 40 6.58 -19.05 20.84
CA LYS A 40 6.29 -18.03 21.85
C LYS A 40 6.85 -18.46 23.19
N ALA A 41 7.63 -17.58 23.80
CA ALA A 41 8.24 -17.87 25.09
C ALA A 41 8.58 -16.56 25.80
N VAL A 42 8.43 -16.55 27.11
CA VAL A 42 8.71 -15.36 27.91
C VAL A 42 10.20 -15.27 28.17
N VAL A 43 10.78 -14.10 27.89
CA VAL A 43 12.21 -13.88 28.05
C VAL A 43 12.42 -12.68 28.98
N SER A 44 13.56 -12.66 29.65
CA SER A 44 13.95 -11.56 30.53
C SER A 44 15.19 -10.89 29.94
N LEU A 45 15.11 -9.58 29.73
CA LEU A 45 16.19 -8.84 29.10
C LEU A 45 17.24 -8.46 30.14
N SER A 46 18.29 -7.78 29.69
CA SER A 46 19.31 -7.26 30.59
C SER A 46 18.89 -5.98 31.29
N ASN A 47 17.79 -5.36 30.86
CA ASN A 47 17.24 -4.19 31.52
C ASN A 47 16.57 -4.55 32.85
N GLY A 48 15.94 -5.71 32.92
CA GLY A 48 15.18 -6.12 34.09
C GLY A 48 13.70 -6.34 33.81
N VAL A 49 13.23 -5.97 32.62
CA VAL A 49 11.84 -6.20 32.24
C VAL A 49 11.66 -7.63 31.74
N SER A 50 10.42 -8.06 31.60
CA SER A 50 10.10 -9.41 31.13
C SER A 50 9.20 -9.27 29.89
N VAL A 51 9.81 -9.20 28.72
CA VAL A 51 9.08 -9.04 27.47
C VAL A 51 8.56 -10.38 26.98
N LEU A 52 7.65 -10.35 26.02
CA LEU A 52 7.10 -11.54 25.39
C LEU A 52 7.56 -11.58 23.93
N THR A 53 8.02 -12.74 23.48
CA THR A 53 8.65 -12.87 22.17
C THR A 53 7.91 -13.89 21.31
N ILE A 54 7.91 -13.63 20.00
CA ILE A 54 7.36 -14.54 19.00
C ILE A 54 8.42 -14.79 17.94
N LYS A 55 8.17 -15.76 17.07
CA LYS A 55 9.11 -16.20 16.04
C LYS A 55 8.43 -16.26 14.68
N VAL A 56 7.74 -15.17 14.32
CA VAL A 56 6.97 -15.13 13.09
C VAL A 56 7.88 -15.32 11.86
N LEU A 57 7.32 -15.96 10.83
CA LEU A 57 7.92 -16.06 9.50
C LEU A 57 9.29 -16.75 9.56
N ASP A 58 9.25 -18.03 9.93
CA ASP A 58 10.44 -18.87 9.84
C ASP A 58 10.80 -19.08 8.38
N LEU A 59 11.90 -18.49 7.93
CA LEU A 59 12.32 -18.54 6.54
C LEU A 59 13.60 -19.32 6.30
N LYS A 60 14.36 -19.63 7.36
CA LYS A 60 15.57 -20.42 7.19
C LYS A 60 15.28 -21.86 6.78
N ASN A 61 14.15 -22.42 7.20
CA ASN A 61 13.85 -23.81 6.93
C ASN A 61 13.65 -24.10 5.45
N TYR A 62 13.42 -23.07 4.63
CA TYR A 62 13.19 -23.25 3.20
C TYR A 62 14.43 -22.94 2.37
N ILE A 63 14.98 -21.73 2.51
CA ILE A 63 16.11 -21.32 1.67
C ILE A 63 17.36 -22.11 2.01
N ASP A 64 17.67 -22.23 3.31
CA ASP A 64 18.91 -22.89 3.71
C ASP A 64 18.86 -24.39 3.46
N LYS A 65 17.68 -25.01 3.58
CA LYS A 65 17.57 -26.45 3.45
C LYS A 65 17.39 -26.90 2.00
N GLN A 66 16.62 -26.16 1.21
CA GLN A 66 16.28 -26.59 -0.15
C GLN A 66 17.02 -25.81 -1.23
N LEU A 67 16.91 -24.48 -1.24
CA LEU A 67 17.41 -23.68 -2.35
C LEU A 67 18.88 -23.32 -2.25
N LEU A 68 19.51 -23.52 -1.10
CA LEU A 68 20.91 -23.13 -0.96
C LEU A 68 21.87 -24.14 -1.59
N PRO A 69 21.72 -25.45 -1.37
CA PRO A 69 22.66 -26.40 -1.99
C PRO A 69 22.60 -26.39 -3.51
N ILE A 70 21.53 -25.91 -4.11
CA ILE A 70 21.38 -25.98 -5.57
C ILE A 70 22.14 -24.85 -6.24
N VAL A 71 21.86 -23.61 -5.85
CA VAL A 71 22.33 -22.44 -6.58
C VAL A 71 23.84 -22.24 -6.41
N ASN A 72 24.48 -23.09 -5.61
CA ASN A 72 25.91 -23.00 -5.37
C ASN A 72 26.68 -24.14 -6.05
N LYS A 73 26.18 -24.62 -7.18
CA LYS A 73 26.79 -25.76 -7.85
C LYS A 73 27.16 -25.50 -9.31
N GLN A 74 26.93 -24.28 -9.82
CA GLN A 74 27.39 -23.85 -11.13
C GLN A 74 26.60 -24.50 -12.27
N SER A 75 25.74 -25.46 -11.96
CA SER A 75 24.87 -26.08 -12.95
C SER A 75 23.48 -26.29 -12.35
N CYS A 76 22.96 -25.26 -11.68
CA CYS A 76 21.67 -25.36 -11.02
C CYS A 76 20.56 -25.65 -12.02
N SER A 77 19.58 -26.43 -11.58
CA SER A 77 18.44 -26.80 -12.42
C SER A 77 17.26 -27.10 -11.52
N ILE A 78 16.33 -26.16 -11.42
CA ILE A 78 15.09 -26.37 -10.65
C ILE A 78 14.16 -27.26 -11.45
N SER A 79 13.41 -28.11 -10.75
CA SER A 79 12.62 -29.14 -11.42
C SER A 79 11.35 -28.58 -12.06
N ASN A 80 10.46 -28.02 -11.26
CA ASN A 80 9.14 -27.63 -11.72
C ASN A 80 8.85 -26.18 -11.34
N ILE A 81 7.79 -25.64 -11.96
CA ILE A 81 7.46 -24.22 -11.78
C ILE A 81 6.68 -23.99 -10.50
N GLU A 82 5.97 -25.00 -9.99
CA GLU A 82 5.19 -24.80 -8.77
C GLU A 82 6.05 -24.57 -7.54
N THR A 83 7.34 -24.94 -7.60
CA THR A 83 8.24 -24.60 -6.51
C THR A 83 8.57 -23.12 -6.52
N VAL A 84 8.76 -22.54 -7.71
CA VAL A 84 9.07 -21.12 -7.82
C VAL A 84 7.89 -20.28 -7.30
N ILE A 85 6.66 -20.65 -7.69
CA ILE A 85 5.50 -19.89 -7.29
C ILE A 85 5.31 -19.93 -5.77
N GLU A 86 5.54 -21.10 -5.17
CA GLU A 86 5.45 -21.22 -3.72
C GLU A 86 6.48 -20.34 -3.03
N PHE A 87 7.71 -20.30 -3.57
CA PHE A 87 8.76 -19.52 -2.94
C PHE A 87 8.49 -18.02 -3.04
N GLN A 88 7.85 -17.59 -4.13
CA GLN A 88 7.52 -16.18 -4.28
C GLN A 88 6.51 -15.72 -3.23
N GLN A 89 5.58 -16.59 -2.83
CA GLN A 89 4.61 -16.22 -1.82
C GLN A 89 5.24 -16.07 -0.45
N LYS A 90 6.12 -16.99 -0.07
CA LYS A 90 6.77 -16.90 1.23
C LYS A 90 7.64 -15.66 1.35
N ASN A 91 8.40 -15.34 0.32
CA ASN A 91 9.27 -14.16 0.33
C ASN A 91 8.50 -12.86 0.24
N ASN A 92 7.21 -12.90 -0.12
CA ASN A 92 6.45 -11.68 -0.33
C ASN A 92 6.27 -10.87 0.96
N ARG A 93 6.05 -11.55 2.09
CA ARG A 93 5.84 -10.84 3.34
C ARG A 93 7.08 -10.05 3.77
N LEU A 94 8.26 -10.64 3.58
CA LEU A 94 9.49 -9.96 4.00
C LEU A 94 9.76 -8.72 3.16
N LEU A 95 9.33 -8.71 1.89
CA LEU A 95 9.52 -7.53 1.07
C LEU A 95 8.63 -6.38 1.53
N GLU A 96 7.40 -6.69 1.94
CA GLU A 96 6.46 -5.63 2.33
C GLU A 96 6.89 -4.95 3.63
N ILE A 97 7.59 -5.69 4.50
CA ILE A 97 8.01 -5.13 5.78
C ILE A 97 9.04 -4.01 5.56
N THR A 98 10.03 -4.27 4.72
CA THR A 98 11.06 -3.25 4.47
C THR A 98 10.51 -2.09 3.65
N ARG A 99 9.58 -2.36 2.73
CA ARG A 99 8.97 -1.28 1.96
C ARG A 99 8.24 -0.31 2.87
N GLU A 100 7.51 -0.82 3.86
CA GLU A 100 6.79 0.01 4.81
C GLU A 100 7.73 0.66 5.82
N PHE A 101 8.88 0.04 6.07
CA PHE A 101 9.87 0.61 6.98
C PHE A 101 10.81 1.61 6.31
N SER A 102 10.88 1.62 4.98
CA SER A 102 11.80 2.49 4.26
C SER A 102 11.32 3.92 4.12
N VAL A 103 10.05 4.20 4.38
CA VAL A 103 9.52 5.55 4.26
C VAL A 103 9.20 6.18 5.61
N ASN A 104 9.01 5.39 6.66
CA ASN A 104 8.72 5.92 7.99
C ASN A 104 9.97 6.10 8.83
N ALA A 105 11.15 5.76 8.30
CA ALA A 105 12.44 5.97 8.96
C ALA A 105 12.60 5.17 10.24
N GLY A 106 11.74 4.19 10.48
CA GLY A 106 11.94 3.31 11.62
C GLY A 106 10.72 3.12 12.53
N VAL A 107 9.91 4.16 12.70
CA VAL A 107 8.75 4.13 13.59
C VAL A 107 7.49 4.09 12.75
N THR A 108 6.64 3.10 13.01
CA THR A 108 5.44 2.87 12.22
C THR A 108 4.21 2.94 13.10
N THR A 109 3.18 3.64 12.62
CA THR A 109 1.88 3.71 13.28
C THR A 109 0.81 4.09 12.27
N PRO A 110 -0.29 3.34 12.18
CA PRO A 110 -0.62 2.12 12.93
C PRO A 110 0.11 0.90 12.40
N VAL A 111 0.27 -0.15 13.22
CA VAL A 111 0.92 -1.37 12.78
C VAL A 111 0.05 -2.05 11.74
N SER A 112 0.63 -2.34 10.57
CA SER A 112 -0.14 -2.94 9.48
C SER A 112 -0.29 -4.44 9.70
N THR A 113 -1.15 -5.04 8.86
CA THR A 113 -1.43 -6.47 8.97
C THR A 113 -0.20 -7.31 8.67
N TYR A 114 0.66 -6.83 7.77
CA TYR A 114 1.89 -7.57 7.47
C TYR A 114 2.78 -7.68 8.70
N MET A 115 2.77 -6.65 9.54
CA MET A 115 3.74 -6.53 10.62
C MET A 115 3.41 -7.46 11.77
N LEU A 116 2.20 -7.34 12.31
CA LEU A 116 1.69 -8.20 13.38
C LEU A 116 0.30 -8.64 12.95
N THR A 117 0.21 -9.83 12.35
CA THR A 117 -1.02 -10.29 11.75
C THR A 117 -2.10 -10.53 12.81
N ASN A 118 -3.36 -10.48 12.36
CA ASN A 118 -4.49 -10.64 13.27
C ASN A 118 -4.52 -12.04 13.88
N SER A 119 -4.05 -13.05 13.14
CA SER A 119 -4.02 -14.41 13.67
C SER A 119 -3.03 -14.57 14.81
N GLU A 120 -2.11 -13.62 14.98
CA GLU A 120 -1.11 -13.68 16.04
C GLU A 120 -1.32 -12.63 17.13
N LEU A 121 -1.91 -11.49 16.79
CA LEU A 121 -2.18 -10.47 17.80
C LEU A 121 -3.12 -11.00 18.88
N LEU A 122 -4.06 -11.88 18.51
CA LEU A 122 -4.90 -12.52 19.52
C LEU A 122 -4.12 -13.49 20.38
N SER A 123 -3.04 -14.06 19.84
CA SER A 123 -2.17 -14.91 20.65
C SER A 123 -1.22 -14.10 21.50
N LEU A 124 -0.87 -12.89 21.07
CA LEU A 124 -0.02 -12.02 21.88
C LEU A 124 -0.79 -11.41 23.05
N ILE A 125 -2.07 -11.10 22.83
CA ILE A 125 -2.90 -10.53 23.89
C ILE A 125 -3.18 -11.57 24.96
N ASN A 126 -3.42 -12.82 24.55
CA ASN A 126 -3.89 -13.86 25.46
C ASN A 126 -2.89 -14.17 26.57
N ASP A 127 -1.62 -13.81 26.40
CA ASP A 127 -0.59 -14.13 27.39
C ASP A 127 -0.03 -12.88 28.05
N MET A 128 -0.71 -11.74 27.95
CA MET A 128 -0.26 -10.55 28.64
C MET A 128 -0.58 -10.65 30.13
N PRO A 129 0.25 -10.07 30.99
CA PRO A 129 -0.02 -10.10 32.45
C PRO A 129 -1.05 -9.06 32.86
N ILE A 130 -2.31 -9.34 32.56
CA ILE A 130 -3.43 -8.45 32.87
C ILE A 130 -4.58 -9.29 33.41
N THR A 131 -5.67 -8.62 33.75
CA THR A 131 -6.84 -9.27 34.33
C THR A 131 -7.65 -9.95 33.23
N ASN A 132 -8.81 -10.49 33.59
CA ASN A 132 -9.66 -11.20 32.64
C ASN A 132 -10.70 -10.30 31.98
N ASP A 133 -10.78 -9.03 32.38
CA ASP A 133 -11.69 -8.08 31.75
C ASP A 133 -10.99 -7.19 30.72
N GLN A 134 -9.73 -6.82 30.98
CA GLN A 134 -8.96 -6.06 30.00
C GLN A 134 -8.73 -6.89 28.74
N LYS A 135 -8.47 -8.19 28.90
CA LYS A 135 -8.28 -9.05 27.74
C LYS A 135 -9.53 -9.09 26.86
N LYS A 136 -10.70 -9.19 27.48
CA LYS A 136 -11.94 -9.22 26.71
C LYS A 136 -12.15 -7.91 25.96
N LEU A 137 -11.76 -6.79 26.55
CA LEU A 137 -11.92 -5.50 25.89
C LEU A 137 -11.11 -5.43 24.61
N MET A 138 -9.85 -5.87 24.66
CA MET A 138 -8.99 -5.80 23.49
C MET A 138 -9.26 -6.95 22.52
N SER A 139 -9.83 -8.06 23.01
CA SER A 139 -10.08 -9.20 22.14
C SER A 139 -11.18 -8.91 21.13
N SER A 140 -12.20 -8.17 21.54
CA SER A 140 -13.30 -7.81 20.65
C SER A 140 -13.13 -6.46 19.97
N ASN A 141 -12.01 -5.78 20.20
CA ASN A 141 -11.72 -4.47 19.63
C ASN A 141 -10.31 -4.44 19.06
N VAL A 142 -9.98 -5.45 18.26
CA VAL A 142 -8.63 -5.56 17.72
C VAL A 142 -8.33 -4.40 16.78
N GLN A 143 -9.33 -3.95 16.02
CA GLN A 143 -9.12 -2.88 15.05
C GLN A 143 -8.81 -1.54 15.69
N ILE A 144 -8.98 -1.41 17.00
CA ILE A 144 -8.65 -0.18 17.72
C ILE A 144 -7.27 -0.26 18.37
N VAL A 145 -6.97 -1.39 19.03
CA VAL A 145 -5.65 -1.58 19.62
C VAL A 145 -4.55 -1.73 18.57
N ARG A 146 -4.93 -1.93 17.31
CA ARG A 146 -3.97 -1.92 16.21
C ARG A 146 -3.78 -0.53 15.63
N GLN A 147 -4.53 0.46 16.11
CA GLN A 147 -4.40 1.83 15.68
C GLN A 147 -3.64 2.70 16.67
N GLN A 148 -3.35 2.19 17.87
CA GLN A 148 -2.62 2.90 18.90
C GLN A 148 -1.36 2.13 19.28
N SER A 149 -0.66 1.60 18.29
CA SER A 149 0.52 0.78 18.52
C SER A 149 1.64 1.21 17.60
N TYR A 150 2.87 1.11 18.10
CA TYR A 150 4.08 1.48 17.36
C TYR A 150 5.01 0.29 17.21
N SER A 151 5.70 0.23 16.08
CA SER A 151 6.72 -0.78 15.81
C SER A 151 8.01 -0.09 15.39
N ILE A 152 9.14 -0.58 15.89
CA ILE A 152 10.43 0.10 15.77
C ILE A 152 11.50 -0.88 15.34
N MET A 153 12.37 -0.45 14.43
CA MET A 153 13.63 -1.15 14.16
C MET A 153 14.46 -1.31 15.43
N SER A 154 14.67 -2.56 15.86
CA SER A 154 15.52 -2.84 17.00
C SER A 154 16.93 -3.22 16.59
N ILE A 155 17.08 -4.30 15.81
CA ILE A 155 18.39 -4.84 15.51
C ILE A 155 18.27 -5.80 14.34
N ILE A 156 19.34 -5.93 13.55
CA ILE A 156 19.38 -6.91 12.47
C ILE A 156 20.71 -7.65 12.62
N LYS A 157 21.39 -7.41 13.73
CA LYS A 157 22.72 -7.93 13.97
C LYS A 157 22.69 -9.42 14.29
N GLU A 158 23.83 -10.08 14.06
CA GLU A 158 24.03 -11.50 14.36
C GLU A 158 23.04 -12.39 13.60
N GLU A 159 22.71 -11.98 12.38
CA GLU A 159 21.94 -12.80 11.44
C GLU A 159 20.57 -13.17 12.05
N VAL A 160 19.81 -12.13 12.37
CA VAL A 160 18.43 -12.26 12.83
C VAL A 160 17.80 -10.87 12.78
N LEU A 161 16.52 -10.81 12.46
CA LEU A 161 15.80 -9.54 12.38
C LEU A 161 14.78 -9.48 13.52
N ALA A 162 14.89 -8.46 14.36
CA ALA A 162 13.98 -8.27 15.47
C ALA A 162 13.49 -6.82 15.49
N TYR A 163 12.18 -6.64 15.58
CA TYR A 163 11.60 -5.31 15.69
C TYR A 163 10.57 -5.32 16.82
N VAL A 164 10.66 -4.34 17.71
CA VAL A 164 9.81 -4.29 18.89
C VAL A 164 8.44 -3.75 18.51
N VAL A 165 7.39 -4.45 18.93
CA VAL A 165 6.02 -4.01 18.76
C VAL A 165 5.51 -3.50 20.09
N GLN A 166 5.01 -2.27 20.11
CA GLN A 166 4.58 -1.60 21.34
C GLN A 166 3.06 -1.57 21.36
N LEU A 167 2.47 -2.31 22.30
CA LEU A 167 1.02 -2.45 22.36
C LEU A 167 0.45 -1.62 23.52
N PRO A 168 -0.71 -1.00 23.33
CA PRO A 168 -1.30 -0.24 24.43
C PRO A 168 -1.87 -1.15 25.51
N LEU A 169 -1.94 -0.61 26.72
CA LEU A 169 -2.49 -1.31 27.87
C LEU A 169 -3.51 -0.40 28.55
N TYR A 170 -4.74 -0.90 28.71
CA TYR A 170 -5.84 -0.11 29.25
C TYR A 170 -5.98 -0.41 30.73
N GLY A 171 -5.88 0.62 31.56
CA GLY A 171 -5.90 0.46 33.00
C GLY A 171 -7.23 0.73 33.66
N VAL A 172 -7.98 1.69 33.14
CA VAL A 172 -9.25 2.12 33.73
C VAL A 172 -10.36 1.76 32.75
N ILE A 173 -11.32 0.97 33.23
CA ILE A 173 -12.40 0.45 32.40
C ILE A 173 -13.74 0.76 33.08
N ASP A 174 -14.73 1.13 32.29
CA ASP A 174 -16.13 1.26 32.72
C ASP A 174 -16.28 2.34 33.81
N THR A 175 -15.96 3.57 33.42
CA THR A 175 -16.34 4.75 34.17
C THR A 175 -17.03 5.75 33.24
N PRO A 176 -18.05 6.45 33.70
CA PRO A 176 -18.92 7.21 32.78
C PRO A 176 -18.22 8.44 32.23
N CYS A 177 -18.09 8.49 30.90
CA CYS A 177 -17.56 9.66 30.21
C CYS A 177 -18.71 10.48 29.62
N TRP A 178 -18.72 11.77 29.90
CA TRP A 178 -19.67 12.69 29.30
C TRP A 178 -18.91 13.76 28.53
N LYS A 179 -19.57 14.31 27.51
CA LYS A 179 -18.96 15.29 26.64
C LYS A 179 -19.94 16.42 26.40
N LEU A 180 -19.45 17.65 26.45
CA LEU A 180 -20.28 18.83 26.30
C LEU A 180 -19.89 19.61 25.05
N HIS A 181 -20.90 20.18 24.38
CA HIS A 181 -20.72 20.97 23.18
C HIS A 181 -21.14 22.40 23.48
N THR A 182 -20.32 23.36 23.06
CA THR A 182 -20.53 24.77 23.38
C THR A 182 -20.85 25.56 22.12
N SER A 183 -21.77 26.51 22.26
CA SER A 183 -22.14 27.40 21.18
C SER A 183 -22.06 28.85 21.65
N PRO A 184 -21.69 29.77 20.77
CA PRO A 184 -21.54 31.17 21.18
C PRO A 184 -22.85 31.92 21.30
N LEU A 185 -23.52 31.81 22.44
CA LEU A 185 -24.73 32.59 22.68
C LEU A 185 -24.40 34.07 22.58
N CYS A 186 -25.23 34.82 21.86
CA CYS A 186 -24.93 36.21 21.56
C CYS A 186 -26.20 37.03 21.57
N THR A 187 -26.12 38.24 22.13
CA THR A 187 -27.29 39.10 22.20
C THR A 187 -27.64 39.64 20.83
N THR A 188 -28.92 40.00 20.65
CA THR A 188 -29.45 40.40 19.37
C THR A 188 -29.83 41.87 19.40
N ASN A 189 -29.29 42.64 18.45
CA ASN A 189 -29.63 44.04 18.29
C ASN A 189 -29.59 44.38 16.80
N THR A 190 -30.45 45.32 16.39
CA THR A 190 -30.49 45.72 14.99
C THR A 190 -29.20 46.42 14.57
N LYS A 191 -28.64 47.25 15.44
CA LYS A 191 -27.44 48.02 15.12
C LYS A 191 -26.22 47.14 15.33
N GLU A 192 -25.50 46.85 14.25
CA GLU A 192 -24.31 46.03 14.34
C GLU A 192 -23.19 46.77 15.07
N GLY A 193 -22.38 46.01 15.79
CA GLY A 193 -21.31 46.56 16.59
C GLY A 193 -21.69 46.93 18.01
N SER A 194 -22.98 46.88 18.35
CA SER A 194 -23.45 47.17 19.69
C SER A 194 -23.77 45.90 20.47
N ASN A 195 -23.39 44.73 19.97
CA ASN A 195 -23.71 43.45 20.59
C ASN A 195 -22.44 42.81 21.14
N ILE A 196 -22.45 42.56 22.44
CA ILE A 196 -21.38 41.84 23.10
C ILE A 196 -21.83 40.40 23.31
N CYS A 197 -20.87 39.48 23.45
CA CYS A 197 -21.18 38.10 23.80
C CYS A 197 -19.92 37.29 24.03
N LEU A 198 -20.13 36.10 24.58
CA LEU A 198 -19.08 35.20 25.04
C LEU A 198 -19.44 33.77 24.71
N THR A 199 -18.46 32.88 24.86
CA THR A 199 -18.67 31.46 24.64
C THR A 199 -17.73 30.66 25.54
N ARG A 200 -18.22 29.53 26.03
CA ARG A 200 -17.41 28.64 26.86
C ARG A 200 -16.41 27.88 26.00
N THR A 201 -15.22 27.65 26.56
CA THR A 201 -14.15 26.99 25.83
C THR A 201 -13.83 25.59 26.34
N ASP A 202 -14.38 25.18 27.48
CA ASP A 202 -14.03 23.91 28.11
C ASP A 202 -14.85 22.76 27.51
N ARG A 203 -14.74 22.62 26.20
CA ARG A 203 -15.43 21.56 25.47
C ARG A 203 -14.47 20.39 25.23
N GLY A 204 -15.02 19.19 25.25
CA GLY A 204 -14.22 17.98 25.08
C GLY A 204 -14.86 16.83 25.83
N TRP A 205 -14.03 15.87 26.22
CA TRP A 205 -14.46 14.68 26.92
C TRP A 205 -14.09 14.76 28.39
N TYR A 206 -15.06 14.46 29.26
CA TYR A 206 -14.85 14.43 30.70
C TYR A 206 -15.20 13.04 31.22
N CYS A 207 -14.34 12.49 32.08
CA CYS A 207 -14.73 11.34 32.89
C CYS A 207 -13.74 11.10 34.02
N ASP A 208 -14.21 10.36 35.01
CA ASP A 208 -13.50 10.18 36.26
C ASP A 208 -12.26 9.32 36.10
N ASN A 209 -11.26 9.56 36.96
CA ASN A 209 -10.05 8.75 37.00
C ASN A 209 -9.55 8.74 38.45
N ALA A 210 -9.94 7.71 39.19
CA ALA A 210 -9.47 7.47 40.55
C ALA A 210 -9.74 8.68 41.46
N GLY A 211 -11.02 9.01 41.61
CA GLY A 211 -11.42 10.09 42.48
C GLY A 211 -11.27 11.48 41.91
N SER A 212 -10.82 11.61 40.66
CA SER A 212 -10.69 12.90 40.01
C SER A 212 -11.43 12.86 38.68
N VAL A 213 -11.27 13.89 37.85
CA VAL A 213 -11.89 13.94 36.54
C VAL A 213 -10.84 14.30 35.51
N SER A 214 -10.76 13.51 34.44
CA SER A 214 -9.88 13.81 33.32
C SER A 214 -10.61 14.68 32.30
N PHE A 215 -9.85 15.29 31.40
CA PHE A 215 -10.43 16.23 30.45
C PHE A 215 -9.52 16.29 29.23
N PHE A 216 -10.02 15.81 28.09
CA PHE A 216 -9.27 15.86 26.84
C PHE A 216 -9.78 17.03 26.01
N PRO A 217 -9.01 18.10 25.84
CA PRO A 217 -9.51 19.25 25.07
C PRO A 217 -9.56 19.00 23.58
N GLN A 218 -8.84 17.99 23.08
CA GLN A 218 -8.85 17.67 21.65
C GLN A 218 -10.07 16.79 21.36
N ALA A 219 -11.03 17.33 20.61
CA ALA A 219 -12.25 16.60 20.31
C ALA A 219 -12.07 15.60 19.17
N GLU A 220 -10.92 15.59 18.50
CA GLU A 220 -10.70 14.69 17.38
C GLU A 220 -9.85 13.47 17.73
N THR A 221 -9.08 13.52 18.82
CA THR A 221 -8.26 12.38 19.23
C THR A 221 -9.00 11.50 20.23
N CYS A 222 -10.22 11.09 19.87
CA CYS A 222 -11.00 10.16 20.66
C CYS A 222 -11.89 9.35 19.73
N LYS A 223 -12.02 8.07 20.04
CA LYS A 223 -12.82 7.16 19.23
C LYS A 223 -14.20 6.97 19.87
N VAL A 224 -15.08 6.30 19.12
CA VAL A 224 -16.43 6.02 19.58
C VAL A 224 -16.84 4.64 19.06
N GLN A 225 -17.31 3.77 19.95
CA GLN A 225 -17.90 2.50 19.59
C GLN A 225 -19.34 2.42 20.09
N SER A 226 -20.00 3.58 20.15
CA SER A 226 -21.39 3.76 20.59
C SER A 226 -21.54 3.60 22.08
N ASN A 227 -20.48 3.14 22.76
CA ASN A 227 -20.44 3.18 24.22
C ASN A 227 -19.10 3.58 24.80
N ARG A 228 -17.99 3.42 24.09
CA ARG A 228 -16.66 3.66 24.63
C ARG A 228 -16.01 4.87 23.97
N VAL A 229 -14.94 5.35 24.59
CA VAL A 229 -14.22 6.51 24.08
C VAL A 229 -12.83 6.16 23.57
N PHE A 230 -12.11 5.24 24.22
CA PHE A 230 -10.83 4.73 23.74
C PHE A 230 -9.81 5.86 23.54
N CYS A 231 -9.81 6.84 24.45
CA CYS A 231 -8.82 7.90 24.39
C CYS A 231 -7.58 7.55 25.19
N ASP A 232 -6.68 8.52 25.33
CA ASP A 232 -5.40 8.32 25.98
C ASP A 232 -5.10 9.49 26.91
N THR A 233 -4.24 9.24 27.90
CA THR A 233 -3.92 10.22 28.92
C THR A 233 -2.67 11.03 28.62
N MET A 234 -2.05 10.83 27.44
CA MET A 234 -0.85 11.60 27.12
C MET A 234 -1.17 13.06 26.90
N ASN A 235 -2.37 13.39 26.42
CA ASN A 235 -2.75 14.75 26.07
C ASN A 235 -4.00 15.16 26.84
N SER A 236 -4.01 14.90 28.14
CA SER A 236 -5.11 15.24 29.02
C SER A 236 -4.59 15.99 30.23
N LEU A 237 -5.41 16.87 30.77
CA LEU A 237 -5.09 17.61 31.99
C LEU A 237 -6.17 17.33 33.03
N THR A 238 -5.75 16.96 34.23
CA THR A 238 -6.70 16.61 35.28
C THR A 238 -7.28 17.88 35.91
N LEU A 239 -8.46 17.73 36.48
CA LEU A 239 -9.20 18.82 37.10
C LEU A 239 -9.81 18.32 38.40
N PRO A 240 -10.13 19.23 39.33
CA PRO A 240 -10.87 18.82 40.53
C PRO A 240 -12.26 18.34 40.17
N SER A 241 -12.79 17.46 41.00
CA SER A 241 -14.07 16.78 40.74
C SER A 241 -15.28 17.69 40.83
N GLU A 242 -15.13 19.00 40.98
CA GLU A 242 -16.26 19.91 41.06
C GLU A 242 -16.63 20.53 39.72
N VAL A 243 -16.03 20.06 38.62
CA VAL A 243 -16.32 20.62 37.31
C VAL A 243 -17.76 20.34 36.90
N ASN A 244 -18.33 19.24 37.38
CA ASN A 244 -19.71 18.89 37.03
C ASN A 244 -20.71 19.89 37.59
N LEU A 245 -20.35 20.63 38.65
CA LEU A 245 -21.23 21.65 39.18
C LEU A 245 -21.28 22.88 38.30
N CYS A 246 -20.30 23.07 37.42
CA CYS A 246 -20.30 24.24 36.54
C CYS A 246 -21.42 24.16 35.50
N ASN A 247 -21.74 22.95 35.04
CA ASN A 247 -22.75 22.81 34.00
C ASN A 247 -24.13 23.22 34.50
N ILE A 248 -24.47 22.85 35.73
CA ILE A 248 -25.81 23.13 36.25
C ILE A 248 -25.86 24.45 37.01
N ASP A 249 -24.78 24.81 37.70
CA ASP A 249 -24.70 26.05 38.47
C ASP A 249 -23.50 26.83 37.94
N ILE A 250 -23.76 27.69 36.94
CA ILE A 250 -22.67 28.43 36.29
C ILE A 250 -22.08 29.46 37.25
N PHE A 251 -22.92 30.10 38.07
CA PHE A 251 -22.47 31.15 38.98
C PHE A 251 -22.09 30.62 40.36
N ASN A 252 -21.70 29.35 40.46
CA ASN A 252 -21.27 28.84 41.75
C ASN A 252 -19.87 29.35 42.11
N PRO A 253 -19.56 29.49 43.39
CA PRO A 253 -18.22 29.92 43.80
C PRO A 253 -17.25 28.77 44.09
N LYS A 254 -17.73 27.53 44.10
CA LYS A 254 -16.85 26.40 44.39
C LYS A 254 -15.78 26.25 43.31
N TYR A 255 -16.16 26.39 42.04
CA TYR A 255 -15.23 26.26 40.93
C TYR A 255 -15.69 27.17 39.80
N ASP A 256 -14.79 28.05 39.36
CA ASP A 256 -15.11 28.98 38.28
C ASP A 256 -14.87 28.32 36.93
N CYS A 257 -15.78 28.60 35.99
CA CYS A 257 -15.71 28.01 34.66
C CYS A 257 -14.79 28.85 33.77
N LYS A 258 -14.59 28.39 32.54
CA LYS A 258 -13.72 29.06 31.58
C LYS A 258 -14.55 29.60 30.43
N ILE A 259 -14.37 30.90 30.12
CA ILE A 259 -15.09 31.56 29.05
C ILE A 259 -14.11 32.37 28.21
N MET A 260 -14.56 32.72 27.00
CA MET A 260 -13.83 33.64 26.14
C MET A 260 -14.83 34.62 25.54
N THR A 261 -14.36 35.83 25.25
CA THR A 261 -15.24 36.93 24.87
C THR A 261 -14.75 37.60 23.60
N SER A 262 -15.70 37.98 22.75
CA SER A 262 -15.42 38.78 21.56
C SER A 262 -16.68 39.54 21.19
N LYS A 263 -16.50 40.61 20.41
CA LYS A 263 -17.59 41.46 19.98
C LYS A 263 -18.03 41.16 18.55
N THR A 264 -17.87 39.91 18.12
CA THR A 264 -18.30 39.47 16.80
C THR A 264 -19.17 38.23 16.94
N ASP A 265 -20.03 38.01 15.96
CA ASP A 265 -20.95 36.89 15.97
C ASP A 265 -21.08 36.29 14.58
N VAL A 266 -21.15 34.96 14.51
CA VAL A 266 -21.32 34.24 13.27
C VAL A 266 -22.35 33.14 13.48
N SER A 267 -23.22 32.95 12.49
CA SER A 267 -24.25 31.91 12.55
C SER A 267 -23.59 30.56 12.28
N SER A 268 -23.14 29.92 13.35
CA SER A 268 -22.44 28.64 13.27
C SER A 268 -23.17 27.61 14.09
N SER A 269 -23.23 26.38 13.57
CA SER A 269 -23.90 25.28 14.22
C SER A 269 -22.89 24.28 14.77
N VAL A 270 -23.35 23.46 15.71
CA VAL A 270 -22.55 22.39 16.29
C VAL A 270 -23.40 21.13 16.26
N ILE A 271 -22.88 20.08 15.63
CA ILE A 271 -23.59 18.81 15.50
C ILE A 271 -23.24 17.96 16.72
N THR A 272 -24.21 17.80 17.62
CA THR A 272 -24.00 17.00 18.82
C THR A 272 -24.26 15.53 18.52
N SER A 273 -24.30 14.70 19.57
CA SER A 273 -24.59 13.29 19.37
C SER A 273 -26.05 13.07 19.01
N LEU A 274 -26.95 13.93 19.48
CA LEU A 274 -28.38 13.84 19.20
C LEU A 274 -28.88 15.25 18.90
N GLY A 275 -28.91 15.61 17.62
CA GLY A 275 -29.39 16.91 17.21
C GLY A 275 -28.27 17.92 17.05
N ALA A 276 -28.67 19.15 16.71
CA ALA A 276 -27.74 20.22 16.44
C ALA A 276 -28.08 21.44 17.28
N ILE A 277 -27.05 22.10 17.81
CA ILE A 277 -27.24 23.36 18.53
C ILE A 277 -27.09 24.46 17.48
N VAL A 278 -28.19 24.75 16.81
CA VAL A 278 -28.20 25.78 15.77
C VAL A 278 -28.31 27.15 16.43
N SER A 279 -27.45 28.07 15.99
CA SER A 279 -27.42 29.43 16.54
C SER A 279 -27.23 30.40 15.38
N CYS A 280 -28.33 30.99 14.92
CA CYS A 280 -28.32 31.91 13.79
C CYS A 280 -28.49 33.34 14.29
N TYR A 281 -27.64 34.24 13.80
CA TYR A 281 -27.66 35.64 14.20
C TYR A 281 -27.67 36.52 12.95
N GLY A 282 -27.67 37.83 13.17
CA GLY A 282 -27.63 38.77 12.06
C GLY A 282 -28.84 38.63 11.15
N LYS A 283 -28.58 38.51 9.85
CA LYS A 283 -29.62 38.35 8.84
C LYS A 283 -29.28 37.10 8.03
N THR A 284 -29.72 35.94 8.53
CA THR A 284 -29.51 34.67 7.86
C THR A 284 -30.76 33.81 8.04
N LYS A 285 -30.89 32.81 7.17
CA LYS A 285 -32.03 31.89 7.20
C LYS A 285 -31.56 30.55 7.76
N CYS A 286 -31.86 30.29 9.03
CA CYS A 286 -31.53 29.05 9.69
C CYS A 286 -32.74 28.13 9.63
N THR A 287 -32.53 26.89 9.21
CA THR A 287 -33.63 25.98 8.94
C THR A 287 -33.25 24.55 9.30
N ALA A 288 -34.23 23.78 9.74
CA ALA A 288 -34.10 22.35 9.94
C ALA A 288 -35.16 21.65 9.10
N SER A 289 -34.75 20.70 8.28
CA SER A 289 -35.64 20.09 7.30
C SER A 289 -35.52 18.57 7.33
N ASN A 290 -36.60 17.91 6.96
CA ASN A 290 -36.64 16.47 6.80
C ASN A 290 -36.26 16.11 5.36
N LYS A 291 -35.97 14.83 5.14
CA LYS A 291 -35.59 14.35 3.81
C LYS A 291 -36.79 13.94 2.96
N ASN A 292 -38.00 13.91 3.52
CA ASN A 292 -39.18 13.54 2.77
C ASN A 292 -40.26 14.62 2.74
N ARG A 293 -40.09 15.71 3.48
CA ARG A 293 -41.11 16.74 3.55
C ARG A 293 -40.57 18.17 3.48
N GLY A 294 -39.28 18.35 3.27
CA GLY A 294 -38.74 19.69 3.14
C GLY A 294 -38.73 20.43 4.47
N ILE A 295 -39.05 21.73 4.39
CA ILE A 295 -38.96 22.60 5.56
C ILE A 295 -40.00 22.21 6.59
N ILE A 296 -39.56 22.06 7.85
CA ILE A 296 -40.46 21.74 8.96
C ILE A 296 -40.27 22.67 10.15
N LYS A 297 -39.26 23.55 10.13
CA LYS A 297 -39.00 24.42 11.26
C LYS A 297 -38.10 25.57 10.81
N THR A 298 -38.36 26.75 11.37
CA THR A 298 -37.55 27.94 11.09
C THR A 298 -37.24 28.63 12.40
N PHE A 299 -35.96 28.70 12.75
CA PHE A 299 -35.55 29.29 14.02
C PHE A 299 -35.52 30.81 13.93
N SER A 300 -35.63 31.45 15.10
CA SER A 300 -35.47 32.88 15.23
C SER A 300 -34.04 33.19 15.69
N ASN A 301 -33.76 34.46 15.90
CA ASN A 301 -32.45 34.88 16.37
C ASN A 301 -32.20 34.35 17.79
N GLY A 302 -30.99 33.88 18.02
CA GLY A 302 -30.60 33.35 19.31
C GLY A 302 -30.35 31.85 19.26
N CYS A 303 -29.85 31.34 20.39
CA CYS A 303 -29.58 29.91 20.51
C CYS A 303 -30.87 29.11 20.42
N ASP A 304 -30.78 27.93 19.81
CA ASP A 304 -31.91 27.03 19.70
C ASP A 304 -31.39 25.61 19.58
N TYR A 305 -32.25 24.66 19.97
CA TYR A 305 -31.91 23.24 19.94
C TYR A 305 -32.96 22.48 19.16
N VAL A 306 -32.50 21.55 18.32
CA VAL A 306 -33.38 20.72 17.50
C VAL A 306 -32.94 19.27 17.66
N SER A 307 -33.89 18.40 17.96
CA SER A 307 -33.60 16.99 18.15
C SER A 307 -33.45 16.29 16.80
N ASN A 308 -32.96 15.05 16.84
CA ASN A 308 -32.77 14.24 15.66
C ASN A 308 -33.95 13.32 15.38
N LYS A 309 -35.01 13.40 16.18
CA LYS A 309 -36.20 12.58 16.00
C LYS A 309 -37.14 13.32 15.06
N GLY A 310 -37.04 13.01 13.77
CA GLY A 310 -37.84 13.66 12.75
C GLY A 310 -37.11 14.71 11.95
N VAL A 311 -35.90 15.09 12.35
CA VAL A 311 -35.10 16.09 11.65
C VAL A 311 -33.87 15.40 11.10
N ASP A 312 -33.65 15.51 9.79
CA ASP A 312 -32.54 14.84 9.14
C ASP A 312 -31.57 15.79 8.45
N THR A 313 -31.79 17.10 8.53
CA THR A 313 -30.92 18.06 7.85
C THR A 313 -31.10 19.43 8.48
N VAL A 314 -30.02 20.03 8.95
CA VAL A 314 -30.04 21.37 9.53
C VAL A 314 -29.21 22.28 8.64
N SER A 315 -29.84 23.32 8.11
CA SER A 315 -29.20 24.25 7.19
C SER A 315 -29.10 25.63 7.82
N VAL A 316 -27.93 26.23 7.73
CA VAL A 316 -27.68 27.59 8.23
C VAL A 316 -26.97 28.36 7.13
N GLY A 317 -27.56 29.48 6.73
CA GLY A 317 -27.01 30.28 5.64
C GLY A 317 -26.97 29.50 4.34
N ASN A 318 -25.76 29.13 3.91
CA ASN A 318 -25.59 28.33 2.70
C ASN A 318 -25.15 26.90 2.98
N THR A 319 -24.53 26.64 4.11
CA THR A 319 -24.06 25.32 4.46
C THR A 319 -25.25 24.41 4.80
N LEU A 320 -25.05 23.10 4.59
CA LEU A 320 -26.07 22.09 4.85
C LEU A 320 -25.46 20.98 5.69
N TYR A 321 -25.55 21.12 7.01
CA TYR A 321 -25.03 20.10 7.92
C TYR A 321 -25.98 18.91 7.99
N TYR A 322 -25.40 17.73 8.15
CA TYR A 322 -26.17 16.52 8.42
C TYR A 322 -26.16 16.22 9.91
N VAL A 323 -27.18 15.49 10.36
CA VAL A 323 -27.41 15.23 11.77
C VAL A 323 -27.25 13.74 12.02
N ASN A 324 -26.55 13.40 13.11
CA ASN A 324 -26.37 12.00 13.48
C ASN A 324 -27.71 11.36 13.83
N LYS A 325 -27.77 10.04 13.70
CA LYS A 325 -29.03 9.33 13.86
C LYS A 325 -28.95 8.25 14.92
N GLN A 326 -28.41 8.59 16.09
CA GLN A 326 -28.42 7.68 17.22
C GLN A 326 -29.81 7.66 17.87
N GLU A 327 -29.97 6.86 18.91
CA GLU A 327 -31.24 6.72 19.61
C GLU A 327 -31.02 6.94 21.10
N GLY A 328 -31.60 8.02 21.63
CA GLY A 328 -31.51 8.32 23.04
C GLY A 328 -32.53 9.37 23.41
N LYS A 329 -32.81 9.45 24.71
CA LYS A 329 -33.81 10.38 25.22
C LYS A 329 -33.18 11.74 25.43
N SER A 330 -33.61 12.73 24.65
CA SER A 330 -33.13 14.09 24.81
C SER A 330 -34.05 14.87 25.74
N LEU A 331 -33.57 16.01 26.23
CA LEU A 331 -34.35 16.82 27.15
C LEU A 331 -33.94 18.27 26.99
N TYR A 332 -34.82 19.18 27.43
CA TYR A 332 -34.62 20.61 27.30
C TYR A 332 -34.82 21.26 28.66
N VAL A 333 -33.84 22.06 29.07
CA VAL A 333 -33.93 22.83 30.32
C VAL A 333 -34.27 24.26 29.94
N LYS A 334 -35.51 24.67 30.18
CA LYS A 334 -36.00 25.98 29.78
C LYS A 334 -35.49 27.02 30.78
N GLY A 335 -34.30 27.55 30.53
CA GLY A 335 -33.74 28.59 31.37
C GLY A 335 -33.77 29.94 30.70
N GLU A 336 -32.94 30.87 31.18
CA GLU A 336 -32.85 32.20 30.60
C GLU A 336 -31.40 32.50 30.27
N PRO A 337 -31.15 33.23 29.17
CA PRO A 337 -29.76 33.47 28.75
C PRO A 337 -28.96 34.20 29.82
N ILE A 338 -27.69 33.81 29.95
CA ILE A 338 -26.83 34.38 30.99
C ILE A 338 -26.23 35.71 30.58
N ILE A 339 -26.35 36.08 29.31
CA ILE A 339 -25.69 37.29 28.81
C ILE A 339 -26.41 38.57 29.24
N ASN A 340 -27.71 38.50 29.51
CA ASN A 340 -28.49 39.71 29.78
C ASN A 340 -28.09 40.40 31.07
N PHE A 341 -27.33 39.73 31.94
CA PHE A 341 -26.90 40.36 33.20
C PHE A 341 -25.89 41.47 32.94
N TYR A 342 -24.92 41.22 32.06
CA TYR A 342 -23.82 42.15 31.86
C TYR A 342 -24.27 43.38 31.09
N ASP A 343 -23.62 44.51 31.38
CA ASP A 343 -23.92 45.77 30.72
C ASP A 343 -23.06 45.91 29.46
N PRO A 344 -23.65 46.11 28.29
CA PRO A 344 -22.85 46.23 27.06
C PRO A 344 -21.98 47.47 27.01
N LEU A 345 -22.20 48.46 27.88
CA LEU A 345 -21.43 49.70 27.83
C LEU A 345 -19.97 49.44 28.20
N VAL A 346 -19.74 48.86 29.37
CA VAL A 346 -18.39 48.50 29.82
C VAL A 346 -18.29 46.99 29.82
N PHE A 347 -17.29 46.46 29.11
CA PHE A 347 -17.12 45.02 29.01
C PHE A 347 -15.73 44.67 28.51
N PRO A 348 -15.10 43.62 29.04
CA PRO A 348 -13.80 43.19 28.50
C PRO A 348 -13.95 42.49 27.17
N SER A 349 -14.00 43.27 26.09
CA SER A 349 -14.33 42.74 24.77
C SER A 349 -13.30 41.73 24.27
N SER A 350 -12.05 41.85 24.70
CA SER A 350 -10.97 41.01 24.18
C SER A 350 -10.51 40.07 25.28
N GLU A 351 -10.89 38.79 25.15
CA GLU A 351 -10.42 37.73 26.04
C GLU A 351 -10.21 36.47 25.21
N PHE A 352 -9.22 35.67 25.60
CA PHE A 352 -8.96 34.41 24.92
C PHE A 352 -8.90 33.27 25.91
N ASP A 353 -8.42 33.54 27.12
CA ASP A 353 -8.39 32.55 28.21
C ASP A 353 -8.79 33.30 29.49
N ALA A 354 -10.09 33.34 29.75
CA ALA A 354 -10.60 34.04 30.92
C ALA A 354 -11.49 33.12 31.74
N SER A 355 -12.17 33.68 32.75
CA SER A 355 -13.06 32.92 33.61
C SER A 355 -14.23 33.79 33.98
N ILE A 356 -15.21 33.19 34.68
CA ILE A 356 -16.34 33.96 35.17
C ILE A 356 -15.87 35.00 36.17
N SER A 357 -14.98 34.60 37.09
CA SER A 357 -14.46 35.54 38.08
C SER A 357 -13.58 36.61 37.43
N GLN A 358 -12.71 36.20 36.52
CA GLN A 358 -11.76 37.14 35.91
C GLN A 358 -12.49 38.23 35.13
N VAL A 359 -13.51 37.85 34.36
CA VAL A 359 -14.31 38.85 33.65
C VAL A 359 -15.10 39.70 34.63
N ASN A 360 -15.59 39.07 35.71
CA ASN A 360 -16.32 39.81 36.74
C ASN A 360 -15.43 40.85 37.40
N GLU A 361 -14.17 40.50 37.68
CA GLU A 361 -13.25 41.44 38.30
C GLU A 361 -12.98 42.63 37.40
N LYS A 362 -12.81 42.39 36.09
CA LYS A 362 -12.52 43.48 35.17
C LYS A 362 -13.69 44.45 35.09
N ILE A 363 -14.92 43.94 35.08
CA ILE A 363 -16.10 44.81 35.12
C ILE A 363 -16.18 45.52 36.45
N ASN A 364 -15.93 44.79 37.54
CA ASN A 364 -16.00 45.37 38.88
C ASN A 364 -14.98 46.48 39.06
N GLN A 365 -13.77 46.31 38.49
CA GLN A 365 -12.75 47.35 38.59
C GLN A 365 -13.13 48.57 37.77
N SER A 366 -13.55 48.37 36.51
CA SER A 366 -13.83 49.49 35.63
C SER A 366 -15.08 50.25 36.06
N LEU A 367 -16.10 49.54 36.54
CA LEU A 367 -17.33 50.21 36.97
C LEU A 367 -17.13 50.97 38.26
N ALA A 368 -16.37 50.41 39.21
CA ALA A 368 -16.13 51.09 40.48
C ALA A 368 -15.14 52.25 40.35
N PHE A 369 -14.18 52.13 39.44
CA PHE A 369 -13.17 53.19 39.29
C PHE A 369 -13.81 54.48 38.81
N ILE A 370 -14.79 54.40 37.90
CA ILE A 370 -15.47 55.58 37.40
C ILE A 370 -16.39 56.22 38.44
N ARG A 371 -16.63 55.55 39.56
CA ARG A 371 -17.53 56.03 40.59
C ARG A 371 -16.86 57.00 41.56
N LYS A 372 -15.57 57.27 41.40
CA LYS A 372 -14.88 58.20 42.29
C LYS A 372 -15.46 59.61 42.14
N SER A 373 -15.37 60.19 40.96
CA SER A 373 -15.89 61.52 40.70
C SER A 373 -16.12 61.75 39.21
N VAL B 2 -43.44 -12.37 7.61
CA VAL B 2 -43.67 -10.97 7.28
C VAL B 2 -45.09 -10.57 7.68
N GLN B 3 -45.89 -11.56 8.04
CA GLN B 3 -47.27 -11.34 8.43
C GLN B 3 -47.38 -11.15 9.94
N LEU B 4 -48.44 -10.45 10.34
CA LEU B 4 -48.73 -10.20 11.75
C LEU B 4 -50.20 -10.51 12.00
N VAL B 5 -50.47 -11.21 13.10
CA VAL B 5 -51.82 -11.68 13.41
C VAL B 5 -52.34 -10.98 14.65
N GLU B 6 -53.67 -10.86 14.73
CA GLU B 6 -54.32 -10.20 15.84
C GLU B 6 -55.54 -11.02 16.27
N SER B 7 -55.91 -10.86 17.54
CA SER B 7 -57.03 -11.60 18.11
C SER B 7 -58.00 -10.64 18.79
N GLY B 8 -58.97 -11.19 19.52
CA GLY B 8 -59.92 -10.38 20.25
C GLY B 8 -61.35 -10.40 19.74
N GLY B 9 -61.76 -11.42 18.99
CA GLY B 9 -63.10 -11.48 18.47
C GLY B 9 -64.14 -11.81 19.54
N GLY B 10 -65.40 -11.65 19.16
CA GLY B 10 -66.52 -11.93 20.02
C GLY B 10 -67.53 -10.81 19.97
N VAL B 11 -68.57 -10.93 20.79
CA VAL B 11 -69.63 -9.94 20.90
C VAL B 11 -69.77 -9.51 22.35
N VAL B 12 -69.86 -8.21 22.58
CA VAL B 12 -69.99 -7.65 23.92
C VAL B 12 -71.07 -6.58 23.89
N GLN B 13 -71.89 -6.56 24.94
CA GLN B 13 -72.92 -5.54 25.06
C GLN B 13 -72.25 -4.18 25.24
N PRO B 14 -72.83 -3.11 24.67
CA PRO B 14 -72.22 -1.78 24.82
C PRO B 14 -72.08 -1.38 26.28
N GLY B 15 -70.85 -1.05 26.68
CA GLY B 15 -70.58 -0.66 28.04
C GLY B 15 -69.51 -1.51 28.70
N ARG B 16 -69.06 -2.56 28.01
CA ARG B 16 -68.04 -3.47 28.53
C ARG B 16 -66.72 -3.20 27.82
N SER B 17 -65.65 -3.07 28.59
CA SER B 17 -64.32 -2.84 28.03
C SER B 17 -63.82 -4.11 27.32
N LEU B 18 -62.88 -3.91 26.41
CA LEU B 18 -62.30 -5.01 25.65
C LEU B 18 -60.91 -4.60 25.16
N ARG B 19 -59.93 -5.49 25.35
CA ARG B 19 -58.56 -5.25 24.90
C ARG B 19 -58.16 -6.39 23.96
N LEU B 20 -57.66 -6.04 22.78
CA LEU B 20 -57.21 -7.01 21.80
C LEU B 20 -55.74 -6.75 21.47
N SER B 21 -54.99 -7.83 21.27
CA SER B 21 -53.57 -7.73 20.96
C SER B 21 -53.33 -8.04 19.48
N CYS B 22 -52.10 -7.76 19.06
CA CYS B 22 -51.70 -8.00 17.67
C CYS B 22 -50.22 -8.35 17.66
N ALA B 23 -49.91 -9.63 17.62
CA ALA B 23 -48.52 -10.10 17.59
C ALA B 23 -47.90 -9.79 16.24
N ALA B 24 -46.57 -9.86 16.19
CA ALA B 24 -45.85 -9.56 14.96
C ALA B 24 -44.56 -10.39 14.92
N SER B 25 -44.21 -10.86 13.73
CA SER B 25 -42.99 -11.63 13.52
C SER B 25 -42.40 -11.24 12.18
N GLY B 26 -41.11 -11.56 12.00
CA GLY B 26 -40.43 -11.22 10.77
C GLY B 26 -39.69 -9.90 10.85
N PHE B 27 -40.33 -8.84 10.39
CA PHE B 27 -39.70 -7.52 10.37
C PHE B 27 -39.29 -7.09 11.78
N SER B 28 -38.29 -6.21 11.83
CA SER B 28 -37.80 -5.68 13.10
C SER B 28 -38.88 -4.82 13.73
N PHE B 29 -39.48 -5.33 14.82
CA PHE B 29 -40.63 -4.66 15.42
C PHE B 29 -40.25 -3.32 16.04
N SER B 30 -39.08 -3.24 16.67
CA SER B 30 -38.70 -2.07 17.46
C SER B 30 -38.29 -0.88 16.61
N HIS B 31 -38.47 -0.93 15.29
CA HIS B 31 -38.13 0.18 14.41
C HIS B 31 -39.29 0.65 13.57
N TYR B 32 -40.53 0.32 13.94
CA TYR B 32 -41.70 0.64 13.13
C TYR B 32 -42.82 1.17 14.02
N ALA B 33 -43.72 1.92 13.40
CA ALA B 33 -44.95 2.38 14.04
C ALA B 33 -46.14 1.55 13.56
N MET B 34 -47.17 1.51 14.38
CA MET B 34 -48.33 0.68 14.10
C MET B 34 -49.61 1.50 14.17
N HIS B 35 -50.54 1.19 13.26
CA HIS B 35 -51.81 1.88 13.15
C HIS B 35 -52.94 0.92 13.48
N TRP B 36 -54.15 1.46 13.58
CA TRP B 36 -55.38 0.69 13.72
C TRP B 36 -56.46 1.32 12.86
N VAL B 37 -56.99 0.56 11.91
CA VAL B 37 -58.04 1.04 11.02
C VAL B 37 -59.19 0.04 11.04
N ARG B 38 -60.42 0.54 11.15
CA ARG B 38 -61.60 -0.31 11.21
C ARG B 38 -62.48 -0.07 9.98
N GLN B 39 -63.18 -1.13 9.58
CA GLN B 39 -64.01 -1.09 8.39
C GLN B 39 -65.31 -1.82 8.66
N ALA B 40 -66.43 -1.12 8.55
CA ALA B 40 -67.71 -1.78 8.62
C ALA B 40 -67.93 -2.62 7.36
N PRO B 41 -68.61 -3.77 7.46
CA PRO B 41 -68.78 -4.63 6.29
C PRO B 41 -69.44 -3.92 5.11
N GLY B 42 -68.68 -3.70 4.05
CA GLY B 42 -69.16 -3.00 2.88
C GLY B 42 -69.01 -1.50 2.91
N LYS B 43 -68.68 -0.92 4.06
CA LYS B 43 -68.55 0.52 4.18
C LYS B 43 -67.09 0.94 3.97
N GLY B 44 -66.78 2.19 4.26
CA GLY B 44 -65.44 2.70 4.02
C GLY B 44 -64.50 2.54 5.19
N LEU B 45 -63.21 2.60 4.89
CA LEU B 45 -62.17 2.49 5.90
C LEU B 45 -61.95 3.82 6.59
N GLU B 46 -61.76 3.77 7.92
CA GLU B 46 -61.44 4.96 8.70
C GLU B 46 -60.34 4.62 9.69
N TRP B 47 -59.57 5.63 10.07
CA TRP B 47 -58.37 5.44 10.87
C TRP B 47 -58.64 5.72 12.35
N VAL B 48 -58.01 4.93 13.22
CA VAL B 48 -58.15 5.07 14.67
C VAL B 48 -56.78 4.87 15.30
N ALA B 49 -56.17 5.95 15.79
CA ALA B 49 -55.00 5.91 16.67
C ALA B 49 -53.72 5.47 15.96
N VAL B 50 -52.59 6.02 16.41
CA VAL B 50 -51.26 5.66 15.94
C VAL B 50 -50.30 5.70 17.11
N ILE B 51 -49.50 4.65 17.27
CA ILE B 51 -48.48 4.58 18.30
C ILE B 51 -47.11 4.64 17.63
N SER B 52 -46.23 5.49 18.15
CA SER B 52 -44.91 5.66 17.59
C SER B 52 -44.03 4.45 17.91
N TYR B 53 -42.86 4.41 17.26
CA TYR B 53 -41.97 3.27 17.44
C TYR B 53 -41.44 3.20 18.87
N ASP B 54 -41.21 4.35 19.50
CA ASP B 54 -40.66 4.39 20.85
C ASP B 54 -41.73 4.41 21.94
N GLY B 55 -42.98 4.73 21.61
CA GLY B 55 -44.07 4.67 22.57
C GLY B 55 -44.35 5.94 23.35
N GLU B 56 -43.55 6.99 23.17
CA GLU B 56 -43.78 8.25 23.84
C GLU B 56 -44.64 9.22 23.02
N ASN B 57 -45.13 8.79 21.86
CA ASN B 57 -45.99 9.61 21.03
C ASN B 57 -47.25 8.83 20.70
N THR B 58 -48.40 9.50 20.73
CA THR B 58 -49.69 8.87 20.46
C THR B 58 -50.63 9.91 19.86
N TYR B 59 -51.42 9.49 18.88
CA TYR B 59 -52.38 10.38 18.22
C TYR B 59 -53.64 9.59 17.92
N TYR B 60 -54.70 9.81 18.70
CA TYR B 60 -55.98 9.16 18.49
C TYR B 60 -56.81 9.94 17.48
N ALA B 61 -57.79 9.25 16.90
CA ALA B 61 -58.72 9.90 15.99
C ALA B 61 -59.57 10.93 16.74
N ASP B 62 -59.89 12.03 16.05
CA ASP B 62 -60.66 13.10 16.69
C ASP B 62 -62.08 12.65 16.99
N SER B 63 -62.67 11.82 16.12
CA SER B 63 -64.06 11.41 16.31
C SER B 63 -64.23 10.60 17.58
N VAL B 64 -63.28 9.72 17.89
CA VAL B 64 -63.36 8.85 19.06
C VAL B 64 -62.05 9.02 19.83
N LYS B 65 -62.07 9.91 20.83
CA LYS B 65 -60.90 10.20 21.64
C LYS B 65 -61.30 10.23 23.11
N GLY B 66 -60.32 9.95 23.98
CA GLY B 66 -60.54 9.93 25.41
C GLY B 66 -60.99 8.59 25.94
N ARG B 67 -61.76 7.83 25.15
CA ARG B 67 -62.19 6.49 25.53
C ARG B 67 -61.35 5.41 24.87
N PHE B 68 -60.21 5.77 24.29
CA PHE B 68 -59.30 4.83 23.65
C PHE B 68 -57.97 4.84 24.36
N SER B 69 -57.27 3.70 24.28
CA SER B 69 -55.94 3.56 24.84
C SER B 69 -55.17 2.57 23.99
N ILE B 70 -53.94 2.94 23.63
CA ILE B 70 -53.07 2.11 22.81
C ILE B 70 -51.75 1.93 23.54
N SER B 71 -51.24 0.70 23.55
CA SER B 71 -49.98 0.39 24.21
C SER B 71 -49.09 -0.40 23.27
N ARG B 72 -47.79 -0.15 23.38
CA ARG B 72 -46.79 -0.82 22.55
C ARG B 72 -45.73 -1.44 23.45
N ASP B 73 -45.41 -2.70 23.20
CA ASP B 73 -44.36 -3.40 23.93
C ASP B 73 -43.37 -3.98 22.94
N ASN B 74 -42.08 -3.73 23.19
CA ASN B 74 -41.03 -4.22 22.31
C ASN B 74 -40.35 -5.49 22.81
N SER B 75 -40.45 -5.78 24.11
CA SER B 75 -39.86 -7.00 24.64
C SER B 75 -40.53 -8.24 24.09
N LYS B 76 -41.87 -8.23 24.02
CA LYS B 76 -42.63 -9.33 23.44
C LYS B 76 -43.09 -9.02 22.02
N ASN B 77 -42.59 -7.95 21.41
CA ASN B 77 -42.98 -7.47 20.09
C ASN B 77 -44.47 -7.67 19.82
N THR B 78 -45.29 -7.06 20.68
CA THR B 78 -46.73 -7.08 20.55
C THR B 78 -47.29 -5.69 20.82
N VAL B 79 -48.46 -5.42 20.24
CA VAL B 79 -49.16 -4.16 20.41
C VAL B 79 -50.58 -4.44 20.88
N SER B 80 -51.08 -3.59 21.78
CA SER B 80 -52.38 -3.79 22.40
C SER B 80 -53.21 -2.53 22.28
N LEU B 81 -54.50 -2.70 21.98
CA LEU B 81 -55.46 -1.61 21.88
C LEU B 81 -56.53 -1.80 22.94
N GLN B 82 -56.87 -0.73 23.66
CA GLN B 82 -57.82 -0.79 24.77
C GLN B 82 -59.00 0.12 24.47
N MET B 83 -60.21 -0.42 24.66
CA MET B 83 -61.45 0.36 24.52
C MET B 83 -62.27 0.22 25.80
N ASN B 84 -63.16 1.19 26.00
CA ASN B 84 -64.09 1.17 27.13
C ASN B 84 -65.37 1.89 26.74
N SER B 85 -66.50 1.34 27.20
CA SER B 85 -67.82 1.92 26.96
C SER B 85 -68.08 2.14 25.47
N LEU B 86 -67.76 1.13 24.66
CA LEU B 86 -67.93 1.24 23.22
C LEU B 86 -69.41 1.28 22.85
N ARG B 87 -69.75 2.17 21.93
CA ARG B 87 -71.11 2.35 21.44
C ARG B 87 -71.41 1.38 20.31
N PRO B 88 -72.68 1.10 20.02
CA PRO B 88 -73.02 0.09 19.01
C PRO B 88 -72.67 0.46 17.58
N GLU B 89 -72.03 1.59 17.32
CA GLU B 89 -71.57 1.91 15.97
C GLU B 89 -70.14 1.45 15.72
N ASP B 90 -69.53 0.74 16.67
CA ASP B 90 -68.19 0.19 16.49
C ASP B 90 -68.20 -1.24 15.97
N THR B 91 -69.36 -1.76 15.58
CA THR B 91 -69.46 -3.12 15.05
C THR B 91 -68.84 -3.12 13.65
N ALA B 92 -67.57 -3.49 13.56
CA ALA B 92 -66.84 -3.44 12.31
C ALA B 92 -65.65 -4.40 12.40
N LEU B 93 -64.84 -4.43 11.35
CA LEU B 93 -63.65 -5.26 11.28
C LEU B 93 -62.43 -4.35 11.44
N TYR B 94 -61.66 -4.56 12.49
CA TYR B 94 -60.46 -3.79 12.74
C TYR B 94 -59.29 -4.35 11.93
N TYR B 95 -58.22 -3.57 11.86
CA TYR B 95 -57.02 -3.96 11.12
C TYR B 95 -55.80 -3.41 11.84
N CYS B 96 -54.89 -4.30 12.22
CA CYS B 96 -53.62 -3.91 12.84
C CYS B 96 -52.56 -3.93 11.75
N ALA B 97 -52.15 -2.75 11.30
CA ALA B 97 -51.29 -2.62 10.14
C ALA B 97 -50.02 -1.85 10.48
N ARG B 98 -49.01 -2.02 9.65
CA ARG B 98 -47.69 -1.44 9.83
C ARG B 98 -47.49 -0.27 8.87
N ASP B 99 -46.42 0.49 9.12
CA ASP B 99 -46.08 1.64 8.29
C ASP B 99 -45.06 1.22 7.24
N ARG B 100 -44.52 2.20 6.49
CA ARG B 100 -43.57 1.92 5.43
C ARG B 100 -42.28 2.72 5.56
N ILE B 101 -42.08 3.43 6.68
CA ILE B 101 -40.85 4.17 6.94
C ILE B 101 -40.34 3.76 8.31
N VAL B 102 -39.02 3.85 8.48
CA VAL B 102 -38.33 3.29 9.64
C VAL B 102 -37.77 4.44 10.47
N ASP B 103 -38.05 4.41 11.78
CA ASP B 103 -37.35 5.24 12.77
C ASP B 103 -37.58 6.74 12.51
N ASP B 104 -38.84 7.10 12.29
CA ASP B 104 -39.23 8.49 12.08
C ASP B 104 -40.44 8.82 12.94
N TYR B 105 -40.53 10.08 13.36
CA TYR B 105 -41.68 10.57 14.12
C TYR B 105 -42.82 11.06 13.23
N TYR B 106 -42.66 11.01 11.92
CA TYR B 106 -43.70 11.37 10.98
C TYR B 106 -44.21 10.10 10.31
N TYR B 107 -45.51 10.05 10.05
CA TYR B 107 -46.18 8.82 9.65
C TYR B 107 -46.65 8.91 8.21
N TYR B 108 -46.37 7.88 7.42
CA TYR B 108 -46.68 7.86 6.00
C TYR B 108 -47.42 6.55 5.66
N GLY B 109 -48.75 6.61 5.64
CA GLY B 109 -49.56 5.51 5.13
C GLY B 109 -49.35 4.15 5.78
N MET B 110 -49.84 3.11 5.11
CA MET B 110 -49.75 1.74 5.59
C MET B 110 -49.08 0.87 4.53
N ASP B 111 -48.34 -0.14 4.99
CA ASP B 111 -47.62 -1.00 4.05
C ASP B 111 -48.01 -2.46 4.21
N VAL B 112 -48.12 -2.95 5.44
CA VAL B 112 -48.36 -4.35 5.72
C VAL B 112 -49.59 -4.48 6.59
N TRP B 113 -50.56 -5.27 6.14
CA TRP B 113 -51.82 -5.48 6.84
C TRP B 113 -51.90 -6.91 7.36
N GLY B 114 -53.04 -7.26 7.95
CA GLY B 114 -53.25 -8.60 8.45
C GLY B 114 -54.72 -8.91 8.57
N GLN B 115 -55.01 -10.15 8.93
CA GLN B 115 -56.39 -10.59 9.13
C GLN B 115 -56.88 -10.05 10.47
N GLY B 116 -57.82 -9.09 10.41
CA GLY B 116 -58.26 -8.41 11.61
C GLY B 116 -59.31 -9.17 12.40
N ALA B 117 -59.69 -8.59 13.53
CA ALA B 117 -60.69 -9.15 14.42
C ALA B 117 -62.00 -8.39 14.31
N THR B 118 -63.06 -9.00 14.84
CA THR B 118 -64.39 -8.42 14.81
C THR B 118 -64.92 -8.23 16.22
N VAL B 119 -65.70 -7.17 16.41
CA VAL B 119 -66.25 -6.83 17.71
C VAL B 119 -67.76 -6.61 17.57
N THR B 120 -68.52 -7.14 18.52
CA THR B 120 -69.97 -7.00 18.56
C THR B 120 -70.63 -7.44 17.26
N LEU C 2 3.76 30.18 18.83
CA LEU C 2 4.22 31.24 17.94
C LEU C 2 4.23 30.76 16.50
N GLY C 3 3.29 29.89 16.16
CA GLY C 3 3.24 29.32 14.82
C GLY C 3 2.75 30.26 13.74
N PHE C 4 2.04 31.32 14.11
CA PHE C 4 1.47 32.22 13.11
C PHE C 4 2.44 33.30 12.65
N LEU C 5 3.59 33.45 13.31
CA LEU C 5 4.51 34.52 12.96
C LEU C 5 5.43 34.17 11.80
N LEU C 6 5.42 32.93 11.33
CA LEU C 6 6.25 32.54 10.20
C LEU C 6 5.50 32.77 8.89
N GLY C 7 6.27 33.08 7.85
CA GLY C 7 5.67 33.32 6.56
C GLY C 7 5.22 32.04 5.88
N VAL C 8 4.25 32.18 4.98
CA VAL C 8 3.72 31.05 4.22
C VAL C 8 4.29 31.09 2.81
N GLY C 9 4.75 29.93 2.34
CA GLY C 9 5.32 29.83 1.02
C GLY C 9 4.85 28.56 0.33
N SER C 10 5.06 28.53 -0.98
CA SER C 10 4.65 27.39 -1.79
C SER C 10 5.57 26.21 -1.50
N ALA C 11 4.97 25.06 -1.17
CA ALA C 11 5.76 23.89 -0.81
C ALA C 11 6.62 23.42 -1.98
N CYS C 12 5.97 23.02 -3.08
CA CYS C 12 6.67 22.55 -4.28
C CYS C 12 6.32 23.49 -5.43
N ALA C 13 7.08 24.58 -5.56
CA ALA C 13 6.95 25.48 -6.69
C ALA C 13 8.15 25.43 -7.63
N SER C 14 9.22 24.74 -7.25
CA SER C 14 10.36 24.54 -8.12
C SER C 14 10.23 23.28 -8.98
N GLY C 15 9.19 22.50 -8.79
CA GLY C 15 8.94 21.34 -9.62
C GLY C 15 7.86 21.58 -10.64
N ILE C 16 6.80 22.29 -10.22
CA ILE C 16 5.74 22.64 -11.15
C ILE C 16 6.25 23.59 -12.22
N ALA C 17 7.24 24.43 -11.88
CA ALA C 17 7.84 25.30 -12.87
C ALA C 17 8.54 24.49 -13.96
N VAL C 18 9.27 23.45 -13.56
CA VAL C 18 9.94 22.59 -14.54
C VAL C 18 8.92 21.76 -15.32
N SER C 19 7.90 21.24 -14.63
CA SER C 19 6.89 20.44 -15.32
C SER C 19 6.15 21.26 -16.36
N LYS C 20 6.00 22.57 -16.12
CA LYS C 20 5.39 23.45 -17.12
C LYS C 20 6.31 23.68 -18.31
N VAL C 21 7.59 23.31 -18.21
CA VAL C 21 8.51 23.48 -19.32
C VAL C 21 8.54 22.27 -20.25
N LEU C 22 8.24 21.07 -19.74
CA LEU C 22 8.20 19.90 -20.60
C LEU C 22 6.98 19.90 -21.54
N HIS C 23 6.03 20.82 -21.34
CA HIS C 23 4.79 20.79 -22.10
C HIS C 23 4.87 21.51 -23.44
N LEU C 24 5.73 22.52 -23.59
CA LEU C 24 5.74 23.28 -24.83
C LEU C 24 6.29 22.42 -25.97
N GLU C 25 5.85 22.72 -27.18
CA GLU C 25 6.11 21.84 -28.32
C GLU C 25 7.60 21.76 -28.62
N GLY C 26 8.05 20.56 -29.01
CA GLY C 26 9.41 20.35 -29.43
C GLY C 26 10.42 20.16 -28.31
N GLU C 27 9.97 19.90 -27.09
CA GLU C 27 10.88 19.76 -25.95
C GLU C 27 11.12 18.30 -25.57
N VAL C 28 10.07 17.49 -25.52
CA VAL C 28 10.21 16.12 -25.06
C VAL C 28 11.04 15.30 -26.04
N ASN C 29 11.16 15.75 -27.29
CA ASN C 29 12.05 15.08 -28.23
C ASN C 29 13.51 15.27 -27.85
N LYS C 30 13.85 16.41 -27.24
CA LYS C 30 15.22 16.64 -26.80
C LYS C 30 15.62 15.65 -25.71
N ILE C 31 14.71 15.38 -24.77
CA ILE C 31 15.00 14.41 -23.70
C ILE C 31 15.18 13.02 -24.28
N LYS C 32 14.31 12.63 -25.23
CA LYS C 32 14.41 11.30 -25.82
C LYS C 32 15.71 11.12 -26.58
N SER C 33 16.15 12.15 -27.30
CA SER C 33 17.41 12.06 -28.04
C SER C 33 18.60 11.94 -27.11
N ALA C 34 18.57 12.63 -25.96
CA ALA C 34 19.67 12.56 -25.02
C ALA C 34 19.82 11.17 -24.45
N LEU C 35 18.70 10.50 -24.15
CA LEU C 35 18.73 9.14 -23.61
C LEU C 35 18.71 8.09 -24.71
N LEU C 36 19.63 8.21 -25.66
CA LEU C 36 19.78 7.24 -26.75
C LEU C 36 20.93 6.31 -26.38
N SER C 37 20.59 5.07 -26.01
CA SER C 37 21.55 4.06 -25.58
C SER C 37 22.37 4.56 -24.39
N THR C 38 21.71 5.29 -23.49
CA THR C 38 22.36 5.79 -22.27
C THR C 38 21.27 6.02 -21.23
N ASN C 39 21.48 5.46 -20.03
CA ASN C 39 20.48 5.58 -18.98
C ASN C 39 20.52 6.96 -18.33
N LYS C 40 21.66 7.32 -17.74
CA LYS C 40 21.81 8.57 -17.01
C LYS C 40 22.65 9.55 -17.82
N ALA C 41 22.12 10.75 -18.02
CA ALA C 41 22.82 11.77 -18.79
C ALA C 41 22.38 13.15 -18.32
N VAL C 42 23.19 14.15 -18.60
CA VAL C 42 22.89 15.53 -18.22
C VAL C 42 22.26 16.24 -19.40
N VAL C 43 21.08 16.83 -19.18
CA VAL C 43 20.34 17.51 -20.21
C VAL C 43 20.07 18.94 -19.77
N SER C 44 20.04 19.85 -20.74
CA SER C 44 19.72 21.26 -20.50
C SER C 44 18.38 21.58 -21.13
N LEU C 45 17.45 22.07 -20.32
CA LEU C 45 16.10 22.34 -20.79
C LEU C 45 16.05 23.69 -21.51
N SER C 46 14.84 24.11 -21.89
CA SER C 46 14.63 25.40 -22.53
C SER C 46 14.48 26.53 -21.51
N ASN C 47 14.48 26.21 -20.22
CA ASN C 47 14.39 27.20 -19.16
C ASN C 47 15.76 27.71 -18.73
N GLY C 48 16.83 27.16 -19.29
CA GLY C 48 18.18 27.51 -18.88
C GLY C 48 18.75 26.68 -17.76
N VAL C 49 17.95 25.82 -17.15
CA VAL C 49 18.41 24.95 -16.06
C VAL C 49 19.08 23.71 -16.66
N SER C 50 19.79 22.96 -15.83
CA SER C 50 20.49 21.74 -16.26
C SER C 50 20.06 20.61 -15.33
N VAL C 51 18.98 19.92 -15.71
CA VAL C 51 18.44 18.82 -14.92
C VAL C 51 19.21 17.55 -15.21
N LEU C 52 19.06 16.54 -14.36
CA LEU C 52 19.67 15.23 -14.54
C LEU C 52 18.57 14.20 -14.76
N THR C 53 18.66 13.44 -15.85
CA THR C 53 17.60 12.55 -16.28
C THR C 53 18.06 11.10 -16.27
N ILE C 54 17.11 10.20 -16.03
CA ILE C 54 17.34 8.75 -16.06
C ILE C 54 16.27 8.12 -16.95
N LYS C 55 16.48 6.83 -17.26
CA LYS C 55 15.61 6.06 -18.15
C LYS C 55 15.14 4.79 -17.44
N VAL C 56 14.64 4.94 -16.22
CA VAL C 56 14.24 3.79 -15.42
C VAL C 56 13.12 2.99 -16.11
N LEU C 57 13.12 1.68 -15.90
CA LEU C 57 12.06 0.77 -16.32
C LEU C 57 11.86 0.81 -17.85
N ASP C 58 12.89 0.37 -18.55
CA ASP C 58 12.80 0.18 -20.00
C ASP C 58 11.84 -0.97 -20.28
N LEU C 59 10.66 -0.66 -20.82
CA LEU C 59 9.63 -1.65 -21.07
C LEU C 59 9.33 -1.86 -22.55
N LYS C 60 9.75 -0.96 -23.43
CA LYS C 60 9.52 -1.15 -24.86
C LYS C 60 10.32 -2.31 -25.42
N ASN C 61 11.44 -2.67 -24.80
CA ASN C 61 12.28 -3.74 -25.31
C ASN C 61 11.63 -5.12 -25.21
N TYR C 62 10.58 -5.25 -24.39
CA TYR C 62 9.92 -6.54 -24.19
C TYR C 62 8.63 -6.65 -24.98
N ILE C 63 7.70 -5.73 -24.78
CA ILE C 63 6.38 -5.82 -25.42
C ILE C 63 6.49 -5.64 -26.92
N ASP C 64 7.24 -4.61 -27.35
CA ASP C 64 7.33 -4.32 -28.78
C ASP C 64 8.11 -5.38 -29.54
N LYS C 65 9.07 -6.04 -28.88
CA LYS C 65 9.93 -6.99 -29.57
C LYS C 65 9.37 -8.41 -29.55
N GLN C 66 8.77 -8.83 -28.43
CA GLN C 66 8.34 -10.22 -28.26
C GLN C 66 6.83 -10.40 -28.34
N LEU C 67 6.07 -9.65 -27.56
CA LEU C 67 4.64 -9.89 -27.44
C LEU C 67 3.80 -9.16 -28.48
N LEU C 68 4.38 -8.20 -29.21
CA LEU C 68 3.59 -7.45 -30.18
C LEU C 68 3.37 -8.23 -31.48
N PRO C 69 4.40 -8.85 -32.08
CA PRO C 69 4.15 -9.60 -33.32
C PRO C 69 3.21 -10.78 -33.14
N ILE C 70 3.05 -11.29 -31.92
CA ILE C 70 2.25 -12.48 -31.71
C ILE C 70 0.76 -12.13 -31.65
N VAL C 71 0.39 -11.16 -30.81
CA VAL C 71 -1.01 -10.91 -30.50
C VAL C 71 -1.78 -10.25 -31.63
N ASN C 72 -1.12 -9.95 -32.75
CA ASN C 72 -1.77 -9.34 -33.91
C ASN C 72 -1.85 -10.30 -35.09
N LYS C 73 -2.05 -11.59 -34.82
CA LYS C 73 -2.07 -12.60 -35.87
C LYS C 73 -3.34 -13.45 -35.86
N GLN C 74 -4.26 -13.22 -34.92
CA GLN C 74 -5.59 -13.83 -34.88
C GLN C 74 -5.52 -15.31 -34.48
N SER C 75 -4.30 -15.86 -34.40
CA SER C 75 -4.12 -17.24 -33.95
C SER C 75 -2.92 -17.32 -33.00
N CYS C 76 -2.86 -16.40 -32.05
CA CYS C 76 -1.74 -16.34 -31.12
C CYS C 76 -1.64 -17.63 -30.29
N SER C 77 -0.41 -17.98 -29.91
CA SER C 77 -0.17 -19.17 -29.11
C SER C 77 1.15 -18.97 -28.35
N ILE C 78 1.05 -18.76 -27.05
CA ILE C 78 2.22 -18.61 -26.20
C ILE C 78 2.78 -19.98 -25.86
N SER C 79 4.12 -20.09 -25.84
CA SER C 79 4.75 -21.40 -25.73
C SER C 79 4.58 -21.99 -24.34
N ASN C 80 5.12 -21.31 -23.32
CA ASN C 80 5.20 -21.87 -21.98
C ASN C 80 4.68 -20.88 -20.96
N ILE C 81 4.42 -21.38 -19.75
CA ILE C 81 3.83 -20.55 -18.70
C ILE C 81 4.87 -19.67 -18.01
N GLU C 82 6.14 -20.06 -18.02
CA GLU C 82 7.15 -19.25 -17.36
C GLU C 82 7.42 -17.93 -18.08
N THR C 83 6.98 -17.79 -19.32
CA THR C 83 7.04 -16.49 -19.98
C THR C 83 6.04 -15.52 -19.39
N VAL C 84 4.83 -15.99 -19.10
CA VAL C 84 3.80 -15.13 -18.54
C VAL C 84 4.21 -14.60 -17.18
N ILE C 85 4.78 -15.47 -16.33
CA ILE C 85 5.13 -15.06 -14.98
C ILE C 85 6.20 -13.98 -14.99
N GLU C 86 7.17 -14.08 -15.91
CA GLU C 86 8.17 -13.02 -16.03
C GLU C 86 7.52 -11.70 -16.44
N PHE C 87 6.56 -11.75 -17.36
CA PHE C 87 5.93 -10.53 -17.84
C PHE C 87 5.10 -9.87 -16.76
N GLN C 88 4.50 -10.66 -15.87
CA GLN C 88 3.71 -10.10 -14.78
C GLN C 88 4.57 -9.34 -13.79
N GLN C 89 5.80 -9.81 -13.54
CA GLN C 89 6.70 -9.11 -12.63
C GLN C 89 7.16 -7.78 -13.22
N LYS C 90 7.50 -7.76 -14.51
CA LYS C 90 7.96 -6.52 -15.13
C LYS C 90 6.83 -5.49 -15.19
N ASN C 91 5.62 -5.91 -15.46
CA ASN C 91 4.47 -5.02 -15.57
C ASN C 91 3.92 -4.60 -14.22
N ASN C 92 4.44 -5.16 -13.12
CA ASN C 92 3.90 -4.87 -11.80
C ASN C 92 4.28 -3.47 -11.33
N ARG C 93 5.49 -3.01 -11.66
CA ARG C 93 5.94 -1.71 -11.19
C ARG C 93 5.15 -0.58 -11.81
N LEU C 94 4.82 -0.69 -13.10
CA LEU C 94 4.09 0.38 -13.78
C LEU C 94 2.67 0.51 -13.25
N LEU C 95 2.06 -0.59 -12.82
CA LEU C 95 0.72 -0.51 -12.24
C LEU C 95 0.74 0.23 -10.91
N GLU C 96 1.76 0.00 -10.09
CA GLU C 96 1.81 0.60 -8.76
C GLU C 96 1.98 2.11 -8.83
N ILE C 97 2.64 2.60 -9.89
CA ILE C 97 2.88 4.04 -10.01
C ILE C 97 1.57 4.78 -10.26
N THR C 98 0.76 4.26 -11.18
CA THR C 98 -0.53 4.90 -11.45
C THR C 98 -1.48 4.79 -10.27
N ARG C 99 -1.37 3.71 -9.49
CA ARG C 99 -2.18 3.58 -8.29
C ARG C 99 -1.82 4.64 -7.26
N GLU C 100 -0.53 4.99 -7.18
CA GLU C 100 -0.11 6.02 -6.23
C GLU C 100 -0.49 7.42 -6.70
N PHE C 101 -0.62 7.62 -8.01
CA PHE C 101 -1.02 8.91 -8.54
C PHE C 101 -2.53 9.10 -8.61
N SER C 102 -3.31 8.02 -8.52
CA SER C 102 -4.75 8.12 -8.67
C SER C 102 -5.44 8.69 -7.45
N VAL C 103 -4.78 8.71 -6.29
CA VAL C 103 -5.39 9.22 -5.08
C VAL C 103 -4.73 10.52 -4.60
N ASN C 104 -3.49 10.79 -5.01
CA ASN C 104 -2.80 12.02 -4.61
C ASN C 104 -2.97 13.15 -5.61
N ALA C 105 -3.65 12.91 -6.73
CA ALA C 105 -3.98 13.94 -7.71
C ALA C 105 -2.75 14.56 -8.35
N GLY C 106 -1.61 13.88 -8.32
CA GLY C 106 -0.45 14.34 -9.05
C GLY C 106 0.82 14.52 -8.24
N VAL C 107 0.68 14.96 -6.99
CA VAL C 107 1.83 15.26 -6.14
C VAL C 107 1.91 14.21 -5.04
N THR C 108 3.05 13.56 -4.92
CA THR C 108 3.25 12.46 -3.97
C THR C 108 4.39 12.81 -3.02
N THR C 109 4.15 12.55 -1.73
CA THR C 109 5.17 12.75 -0.71
C THR C 109 4.86 11.89 0.51
N PRO C 110 5.82 11.12 1.02
CA PRO C 110 7.20 10.95 0.55
C PRO C 110 7.27 10.06 -0.70
N VAL C 111 8.35 10.16 -1.47
CA VAL C 111 8.49 9.33 -2.67
C VAL C 111 8.67 7.88 -2.24
N SER C 112 7.80 7.01 -2.77
CA SER C 112 7.83 5.61 -2.40
C SER C 112 8.96 4.88 -3.11
N THR C 113 9.22 3.64 -2.67
CA THR C 113 10.27 2.84 -3.27
C THR C 113 9.97 2.52 -4.73
N TYR C 114 8.69 2.40 -5.09
CA TYR C 114 8.33 2.11 -6.47
C TYR C 114 8.76 3.22 -7.41
N MET C 115 8.58 4.48 -6.99
CA MET C 115 8.88 5.60 -7.87
C MET C 115 10.37 5.74 -8.11
N LEU C 116 11.14 5.97 -7.05
CA LEU C 116 12.59 6.11 -7.13
C LEU C 116 13.20 5.14 -6.14
N THR C 117 13.65 3.98 -6.63
CA THR C 117 14.12 2.92 -5.75
C THR C 117 15.43 3.31 -5.08
N ASN C 118 15.73 2.60 -3.98
CA ASN C 118 16.95 2.89 -3.22
C ASN C 118 18.19 2.60 -4.04
N SER C 119 18.16 1.57 -4.89
CA SER C 119 19.31 1.24 -5.73
C SER C 119 19.61 2.34 -6.73
N GLU C 120 18.66 3.25 -6.98
CA GLU C 120 18.87 4.35 -7.91
C GLU C 120 19.10 5.70 -7.23
N LEU C 121 18.46 5.94 -6.09
CA LEU C 121 18.62 7.23 -5.42
C LEU C 121 20.07 7.49 -5.01
N LEU C 122 20.82 6.43 -4.70
CA LEU C 122 22.24 6.58 -4.44
C LEU C 122 23.01 6.99 -5.69
N SER C 123 22.64 6.45 -6.85
CA SER C 123 23.28 6.86 -8.10
C SER C 123 22.86 8.24 -8.54
N LEU C 124 21.66 8.69 -8.14
CA LEU C 124 21.23 10.04 -8.47
C LEU C 124 21.94 11.06 -7.60
N ILE C 125 22.23 10.71 -6.34
CA ILE C 125 22.94 11.63 -5.45
C ILE C 125 24.38 11.80 -5.90
N ASN C 126 25.02 10.71 -6.34
CA ASN C 126 26.45 10.72 -6.63
C ASN C 126 26.83 11.70 -7.73
N ASP C 127 25.88 12.11 -8.58
CA ASP C 127 26.17 13.01 -9.69
C ASP C 127 25.54 14.38 -9.51
N MET C 128 25.08 14.71 -8.31
CA MET C 128 24.55 16.04 -8.07
C MET C 128 25.69 17.05 -7.95
N PRO C 129 25.58 18.22 -8.58
CA PRO C 129 26.66 19.21 -8.48
C PRO C 129 26.75 19.84 -7.11
N ILE C 130 27.31 19.11 -6.14
CA ILE C 130 27.48 19.58 -4.78
C ILE C 130 28.89 19.23 -4.31
N THR C 131 29.19 19.58 -3.07
CA THR C 131 30.50 19.33 -2.49
C THR C 131 30.62 17.86 -2.11
N ASN C 132 31.74 17.49 -1.49
CA ASN C 132 32.00 16.11 -1.11
C ASN C 132 31.55 15.80 0.32
N ASP C 133 31.01 16.78 1.04
CA ASP C 133 30.47 16.55 2.38
C ASP C 133 28.95 16.45 2.39
N GLN C 134 28.27 17.22 1.55
CA GLN C 134 26.82 17.07 1.42
C GLN C 134 26.46 15.70 0.87
N LYS C 135 27.27 15.18 -0.05
CA LYS C 135 27.03 13.84 -0.59
C LYS C 135 27.12 12.80 0.51
N LYS C 136 28.12 12.91 1.39
CA LYS C 136 28.25 11.96 2.49
C LYS C 136 27.07 12.03 3.44
N LEU C 137 26.59 13.24 3.73
CA LEU C 137 25.42 13.40 4.59
C LEU C 137 24.19 12.77 3.97
N MET C 138 24.01 12.97 2.66
CA MET C 138 22.83 12.44 1.98
C MET C 138 22.91 10.94 1.75
N SER C 139 24.12 10.41 1.54
CA SER C 139 24.27 8.99 1.19
C SER C 139 24.04 8.08 2.38
N SER C 140 24.33 8.54 3.59
CA SER C 140 24.16 7.72 4.79
C SER C 140 22.83 7.97 5.49
N ASN C 141 21.99 8.84 4.94
CA ASN C 141 20.68 9.17 5.52
C ASN C 141 19.61 9.16 4.45
N VAL C 142 19.55 8.07 3.68
CA VAL C 142 18.62 7.98 2.56
C VAL C 142 17.18 7.99 3.05
N GLN C 143 16.93 7.35 4.19
CA GLN C 143 15.56 7.25 4.71
C GLN C 143 15.00 8.59 5.18
N ILE C 144 15.83 9.63 5.28
CA ILE C 144 15.38 10.96 5.66
C ILE C 144 15.21 11.85 4.43
N VAL C 145 16.18 11.83 3.51
CA VAL C 145 16.07 12.61 2.28
C VAL C 145 14.99 12.08 1.35
N ARG C 146 14.47 10.89 1.61
CA ARG C 146 13.34 10.37 0.87
C ARG C 146 12.01 10.78 1.49
N GLN C 147 12.03 11.27 2.73
CA GLN C 147 10.83 11.74 3.40
C GLN C 147 10.57 13.23 3.16
N GLN C 148 11.49 13.93 2.51
CA GLN C 148 11.35 15.35 2.22
C GLN C 148 11.48 15.61 0.72
N SER C 149 10.97 14.68 -0.09
CA SER C 149 11.09 14.76 -1.53
C SER C 149 9.72 14.68 -2.17
N TYR C 150 9.51 15.51 -3.19
CA TYR C 150 8.25 15.59 -3.91
C TYR C 150 8.40 15.04 -5.32
N SER C 151 7.32 14.47 -5.84
CA SER C 151 7.25 13.97 -7.20
C SER C 151 5.99 14.49 -7.86
N ILE C 152 6.08 14.86 -9.13
CA ILE C 152 5.00 15.50 -9.86
C ILE C 152 4.80 14.79 -11.19
N MET C 153 3.55 14.45 -11.50
CA MET C 153 3.20 13.90 -12.80
C MET C 153 3.38 14.98 -13.86
N SER C 154 4.38 14.81 -14.73
CA SER C 154 4.78 15.87 -15.65
C SER C 154 4.13 15.75 -17.02
N ILE C 155 4.39 14.65 -17.73
CA ILE C 155 3.99 14.55 -19.14
C ILE C 155 3.97 13.08 -19.53
N ILE C 156 3.07 12.74 -20.45
CA ILE C 156 2.99 11.39 -21.01
C ILE C 156 2.91 11.54 -22.52
N LYS C 157 3.13 12.77 -23.01
CA LYS C 157 2.97 13.08 -24.41
C LYS C 157 4.08 12.44 -25.25
N GLU C 158 3.77 12.23 -26.53
CA GLU C 158 4.71 11.69 -27.51
C GLU C 158 5.24 10.32 -27.11
N GLU C 159 4.36 9.50 -26.53
CA GLU C 159 4.63 8.09 -26.23
C GLU C 159 5.85 7.93 -25.34
N VAL C 160 5.91 8.71 -24.27
CA VAL C 160 6.96 8.58 -23.26
C VAL C 160 6.45 9.24 -21.97
N LEU C 161 6.72 8.59 -20.85
CA LEU C 161 6.22 9.02 -19.55
C LEU C 161 7.38 9.58 -18.73
N ALA C 162 7.23 10.82 -18.28
CA ALA C 162 8.24 11.48 -17.46
C ALA C 162 7.55 12.13 -16.26
N TYR C 163 8.08 11.90 -15.07
CA TYR C 163 7.63 12.57 -13.86
C TYR C 163 8.84 13.11 -13.12
N VAL C 164 8.76 14.38 -12.73
CA VAL C 164 9.90 15.06 -12.11
C VAL C 164 9.97 14.68 -10.63
N VAL C 165 11.16 14.29 -10.19
CA VAL C 165 11.42 13.97 -8.79
C VAL C 165 12.22 15.13 -8.20
N GLN C 166 11.72 15.69 -7.12
CA GLN C 166 12.28 16.89 -6.50
C GLN C 166 12.98 16.47 -5.21
N LEU C 167 14.30 16.66 -5.16
CA LEU C 167 15.10 16.20 -4.03
C LEU C 167 15.59 17.38 -3.20
N PRO C 168 15.68 17.23 -1.88
CA PRO C 168 16.21 18.31 -1.05
C PRO C 168 17.71 18.47 -1.23
N LEU C 169 18.18 19.68 -0.94
CA LEU C 169 19.60 20.02 -1.03
C LEU C 169 19.99 20.77 0.24
N TYR C 170 20.80 20.13 1.07
CA TYR C 170 21.19 20.69 2.36
C TYR C 170 22.38 21.63 2.17
N GLY C 171 22.23 22.86 2.63
CA GLY C 171 23.25 23.88 2.42
C GLY C 171 24.12 24.15 3.63
N VAL C 172 23.52 24.17 4.81
CA VAL C 172 24.22 24.46 6.06
C VAL C 172 24.35 23.17 6.85
N ILE C 173 25.59 22.79 7.15
CA ILE C 173 25.89 21.53 7.83
C ILE C 173 26.89 21.81 8.95
N ASP C 174 26.72 21.11 10.07
CA ASP C 174 27.67 21.12 11.19
C ASP C 174 27.76 22.49 11.85
N THR C 175 26.60 23.01 12.28
CA THR C 175 26.54 24.13 13.20
C THR C 175 25.67 23.74 14.39
N PRO C 176 26.04 24.14 15.61
CA PRO C 176 25.40 23.58 16.81
C PRO C 176 23.97 24.09 16.98
N CYS C 177 23.02 23.15 17.03
CA CYS C 177 21.62 23.48 17.25
C CYS C 177 21.21 23.11 18.67
N TRP C 178 20.59 24.06 19.36
CA TRP C 178 20.10 23.83 20.71
C TRP C 178 18.59 24.08 20.75
N LYS C 179 17.94 23.43 21.72
CA LYS C 179 16.49 23.49 21.87
C LYS C 179 16.15 23.71 23.33
N LEU C 180 15.16 24.56 23.59
CA LEU C 180 14.75 24.88 24.96
C LEU C 180 13.31 24.43 25.18
N HIS C 181 13.04 24.00 26.41
CA HIS C 181 11.71 23.56 26.84
C HIS C 181 11.22 24.50 27.92
N THR C 182 9.92 24.80 27.92
CA THR C 182 9.34 25.76 28.84
C THR C 182 8.21 25.13 29.64
N SER C 183 8.07 25.58 30.88
CA SER C 183 7.02 25.13 31.77
C SER C 183 6.36 26.34 32.43
N PRO C 184 5.07 26.28 32.72
CA PRO C 184 4.37 27.42 33.31
C PRO C 184 4.56 27.54 34.82
N LEU C 185 5.66 28.16 35.25
CA LEU C 185 5.89 28.34 36.68
C LEU C 185 4.85 29.29 37.26
N CYS C 186 4.22 28.89 38.36
CA CYS C 186 3.21 29.68 39.03
C CYS C 186 3.50 29.79 40.51
N THR C 187 3.02 30.87 41.12
CA THR C 187 3.09 31.04 42.56
C THR C 187 2.04 30.17 43.23
N THR C 188 2.33 29.75 44.46
CA THR C 188 1.51 28.78 45.18
C THR C 188 0.85 29.45 46.37
N ASN C 189 -0.48 29.55 46.33
CA ASN C 189 -1.28 30.07 47.44
C ASN C 189 -2.43 29.10 47.71
N THR C 190 -2.84 29.04 48.98
CA THR C 190 -3.93 28.15 49.35
C THR C 190 -5.25 28.60 48.72
N LYS C 191 -5.50 29.89 48.67
CA LYS C 191 -6.74 30.42 48.11
C LYS C 191 -6.64 30.47 46.59
N GLU C 192 -7.53 29.74 45.92
CA GLU C 192 -7.52 29.72 44.47
C GLU C 192 -7.99 31.05 43.90
N GLY C 193 -7.46 31.39 42.72
CA GLY C 193 -7.77 32.64 42.06
C GLY C 193 -6.88 33.80 42.48
N SER C 194 -6.11 33.66 43.55
CA SER C 194 -5.19 34.70 44.00
C SER C 194 -3.77 34.51 43.48
N ASN C 195 -3.55 33.52 42.62
CA ASN C 195 -2.22 33.22 42.11
C ASN C 195 -2.15 33.54 40.63
N ILE C 196 -1.07 34.21 40.22
CA ILE C 196 -0.82 34.55 38.83
C ILE C 196 0.32 33.68 38.33
N CYS C 197 0.54 33.70 37.01
CA CYS C 197 1.79 33.18 36.46
C CYS C 197 1.94 33.56 35.01
N LEU C 198 3.17 33.37 34.52
CA LEU C 198 3.56 33.60 33.13
C LEU C 198 4.43 32.44 32.66
N THR C 199 4.47 32.26 31.34
CA THR C 199 5.29 31.20 30.76
C THR C 199 5.89 31.69 29.45
N ARG C 200 7.13 31.28 29.19
CA ARG C 200 7.81 31.64 27.96
C ARG C 200 7.24 30.86 26.79
N THR C 201 7.07 31.54 25.67
CA THR C 201 6.50 30.93 24.47
C THR C 201 7.53 30.64 23.38
N ASP C 202 8.78 31.06 23.57
CA ASP C 202 9.78 30.89 22.52
C ASP C 202 10.43 29.52 22.56
N ARG C 203 9.62 28.46 22.56
CA ARG C 203 10.14 27.10 22.53
C ARG C 203 10.25 26.61 21.10
N GLY C 204 11.26 25.80 20.84
CA GLY C 204 11.53 25.30 19.50
C GLY C 204 13.01 25.02 19.35
N TRP C 205 13.47 25.06 18.10
CA TRP C 205 14.86 24.77 17.76
C TRP C 205 15.59 26.06 17.41
N TYR C 206 16.76 26.26 18.01
CA TYR C 206 17.60 27.43 17.75
C TYR C 206 18.95 26.97 17.23
N CYS C 207 19.40 27.57 16.12
CA CYS C 207 20.80 27.45 15.74
C CYS C 207 21.16 28.38 14.59
N ASP C 208 22.46 28.60 14.46
CA ASP C 208 23.00 29.68 13.65
C ASP C 208 22.85 29.42 12.16
N ASN C 209 22.77 30.51 11.40
CA ASN C 209 22.72 30.45 9.93
C ASN C 209 23.38 31.73 9.40
N ALA C 210 24.67 31.63 9.09
CA ALA C 210 25.43 32.70 8.43
C ALA C 210 25.38 34.00 9.22
N GLY C 211 25.92 33.94 10.45
CA GLY C 211 26.00 35.13 11.28
C GLY C 211 24.72 35.50 12.00
N SER C 212 23.68 34.68 11.90
CA SER C 212 22.42 34.95 12.58
C SER C 212 21.94 33.69 13.27
N VAL C 213 20.69 33.67 13.73
CA VAL C 213 20.12 32.51 14.39
C VAL C 213 18.75 32.23 13.79
N SER C 214 18.50 30.98 13.43
CA SER C 214 17.19 30.55 12.97
C SER C 214 16.36 30.06 14.14
N PHE C 215 15.05 29.93 13.91
CA PHE C 215 14.14 29.56 14.99
C PHE C 215 12.94 28.84 14.38
N PHE C 216 12.79 27.56 14.71
CA PHE C 216 11.65 26.79 14.23
C PHE C 216 10.66 26.64 15.37
N PRO C 217 9.53 27.36 15.35
CA PRO C 217 8.58 27.25 16.47
C PRO C 217 7.85 25.92 16.50
N GLN C 218 7.72 25.25 15.36
CA GLN C 218 7.04 23.96 15.30
C GLN C 218 8.00 22.88 15.79
N ALA C 219 7.73 22.32 16.96
CA ALA C 219 8.57 21.28 17.52
C ALA C 219 8.33 19.91 16.92
N GLU C 220 7.30 19.76 16.08
CA GLU C 220 6.99 18.48 15.47
C GLU C 220 7.57 18.29 14.08
N THR C 221 7.83 19.37 13.34
CA THR C 221 8.35 19.28 11.99
C THR C 221 9.88 19.35 11.96
N CYS C 222 10.52 18.52 12.76
CA CYS C 222 11.98 18.42 12.78
C CYS C 222 12.37 17.03 13.24
N LYS C 223 13.38 16.47 12.59
CA LYS C 223 13.82 15.10 12.85
C LYS C 223 14.97 15.08 13.85
N VAL C 224 15.40 13.87 14.21
CA VAL C 224 16.50 13.67 15.15
C VAL C 224 17.19 12.36 14.79
N GLN C 225 18.52 12.40 14.70
CA GLN C 225 19.34 11.21 14.53
C GLN C 225 20.38 11.11 15.64
N SER C 226 20.03 11.63 16.82
CA SER C 226 20.84 11.63 18.03
C SER C 226 22.00 12.61 17.94
N ASN C 227 22.24 13.17 16.76
CA ASN C 227 23.16 14.29 16.61
C ASN C 227 22.67 15.37 15.65
N ARG C 228 21.78 15.08 14.71
CA ARG C 228 21.36 16.03 13.70
C ARG C 228 19.88 16.36 13.87
N VAL C 229 19.47 17.47 13.28
CA VAL C 229 18.09 17.93 13.37
C VAL C 229 17.34 17.76 12.05
N PHE C 230 18.01 17.93 10.91
CA PHE C 230 17.38 17.75 9.59
C PHE C 230 16.13 18.61 9.43
N CYS C 231 16.18 19.84 9.93
CA CYS C 231 15.05 20.74 9.86
C CYS C 231 14.99 21.39 8.47
N ASP C 232 14.01 22.27 8.29
CA ASP C 232 13.81 22.98 7.03
C ASP C 232 13.57 24.46 7.31
N THR C 233 14.14 25.31 6.47
CA THR C 233 14.07 26.75 6.66
C THR C 233 12.83 27.38 6.05
N MET C 234 11.95 26.57 5.45
CA MET C 234 10.76 27.12 4.81
C MET C 234 9.76 27.66 5.82
N ASN C 235 9.77 27.18 7.06
CA ASN C 235 8.82 27.58 8.09
C ASN C 235 9.56 28.05 9.34
N SER C 236 10.57 28.90 9.14
CA SER C 236 11.36 29.42 10.23
C SER C 236 11.49 30.93 10.11
N LEU C 237 11.51 31.61 11.25
CA LEU C 237 11.69 33.06 11.31
C LEU C 237 13.04 33.37 11.94
N THR C 238 13.82 34.21 11.26
CA THR C 238 15.15 34.55 11.74
C THR C 238 15.07 35.57 12.88
N LEU C 239 16.12 35.58 13.69
CA LEU C 239 16.21 36.44 14.87
C LEU C 239 17.62 36.98 14.98
N PRO C 240 17.80 38.10 15.69
CA PRO C 240 19.16 38.56 15.97
C PRO C 240 19.89 37.61 16.89
N SER C 241 21.22 37.61 16.79
CA SER C 241 22.08 36.65 17.48
C SER C 241 22.15 36.86 18.99
N GLU C 242 21.36 37.73 19.59
CA GLU C 242 21.40 37.96 21.03
C GLU C 242 20.34 37.17 21.79
N VAL C 243 19.67 36.22 21.14
CA VAL C 243 18.63 35.44 21.82
C VAL C 243 19.24 34.57 22.91
N ASN C 244 20.47 34.11 22.73
CA ASN C 244 21.11 33.24 23.72
C ASN C 244 21.33 33.96 25.05
N LEU C 245 21.40 35.29 25.05
CA LEU C 245 21.54 36.03 26.30
C LEU C 245 20.26 36.03 27.11
N CYS C 246 19.12 35.72 26.50
CA CYS C 246 17.86 35.71 27.24
C CYS C 246 17.81 34.55 28.23
N ASN C 247 18.41 33.41 27.88
CA ASN C 247 18.36 32.24 28.75
C ASN C 247 19.10 32.47 30.06
N ILE C 248 20.26 33.10 29.99
CA ILE C 248 21.08 33.29 31.19
C ILE C 248 20.77 34.62 31.89
N ASP C 249 20.36 35.63 31.14
CA ASP C 249 20.00 36.94 31.67
C ASP C 249 18.59 37.28 31.15
N ILE C 250 17.58 36.95 31.95
CA ILE C 250 16.20 37.18 31.52
C ILE C 250 15.89 38.68 31.48
N PHE C 251 16.41 39.44 32.45
CA PHE C 251 16.13 40.87 32.56
C PHE C 251 17.15 41.74 31.84
N ASN C 252 17.82 41.21 30.81
CA ASN C 252 18.77 42.04 30.08
C ASN C 252 18.03 43.00 29.16
N PRO C 253 18.57 44.21 28.95
CA PRO C 253 17.93 45.17 28.04
C PRO C 253 18.37 45.05 26.59
N LYS C 254 19.36 44.21 26.28
CA LYS C 254 19.82 44.07 24.91
C LYS C 254 18.73 43.48 24.02
N TYR C 255 18.04 42.45 24.51
CA TYR C 255 16.98 41.82 23.76
C TYR C 255 15.92 41.30 24.71
N ASP C 256 14.67 41.71 24.50
CA ASP C 256 13.58 41.28 25.37
C ASP C 256 13.03 39.93 24.93
N CYS C 257 12.71 39.09 25.91
CA CYS C 257 12.18 37.76 25.64
C CYS C 257 10.68 37.83 25.42
N LYS C 258 10.08 36.68 25.09
CA LYS C 258 8.65 36.59 24.82
C LYS C 258 7.99 35.73 25.89
N ILE C 259 6.94 36.27 26.51
CA ILE C 259 6.18 35.57 27.55
C ILE C 259 4.70 35.70 27.26
N MET C 260 3.92 34.82 27.89
CA MET C 260 2.47 34.90 27.89
C MET C 260 1.98 34.71 29.32
N THR C 261 0.85 35.33 29.63
CA THR C 261 0.38 35.42 31.00
C THR C 261 -1.07 34.95 31.12
N SER C 262 -1.36 34.26 32.22
CA SER C 262 -2.72 33.82 32.53
C SER C 262 -2.83 33.62 34.03
N LYS C 263 -4.06 33.62 34.52
CA LYS C 263 -4.34 33.45 35.95
C LYS C 263 -4.83 32.04 36.27
N THR C 264 -4.43 31.06 35.46
CA THR C 264 -4.80 29.68 35.69
C THR C 264 -3.54 28.81 35.70
N ASP C 265 -3.58 27.73 36.48
CA ASP C 265 -2.46 26.84 36.62
C ASP C 265 -2.92 25.39 36.47
N VAL C 266 -2.14 24.62 35.72
CA VAL C 266 -2.39 23.18 35.54
C VAL C 266 -1.09 22.43 35.77
N SER C 267 -1.19 21.23 36.34
CA SER C 267 -0.03 20.40 36.61
C SER C 267 0.32 19.63 35.35
N SER C 268 1.15 20.23 34.51
CA SER C 268 1.56 19.65 33.24
C SER C 268 3.07 19.51 33.19
N SER C 269 3.53 18.38 32.65
CA SER C 269 4.95 18.07 32.54
C SER C 269 5.42 18.24 31.10
N VAL C 270 6.73 18.39 30.95
CA VAL C 270 7.36 18.46 29.64
C VAL C 270 8.50 17.46 29.63
N ILE C 271 8.48 16.54 28.66
CA ILE C 271 9.50 15.50 28.55
C ILE C 271 10.64 16.07 27.70
N THR C 272 11.78 16.34 28.34
CA THR C 272 12.93 16.91 27.66
C THR C 272 13.80 15.79 27.09
N SER C 273 14.98 16.16 26.61
CA SER C 273 15.90 15.15 26.08
C SER C 273 16.53 14.31 27.19
N LEU C 274 16.62 14.86 28.40
CA LEU C 274 17.16 14.15 29.56
C LEU C 274 16.32 14.54 30.77
N GLY C 275 15.34 13.70 31.10
CA GLY C 275 14.48 13.97 32.23
C GLY C 275 13.25 14.77 31.85
N ALA C 276 12.48 15.10 32.88
CA ALA C 276 11.21 15.80 32.70
C ALA C 276 11.16 17.02 33.60
N ILE C 277 10.59 18.10 33.08
CA ILE C 277 10.36 19.32 33.88
C ILE C 277 8.97 19.16 34.48
N VAL C 278 8.91 18.46 35.61
CA VAL C 278 7.65 18.23 36.30
C VAL C 278 7.27 19.48 37.08
N SER C 279 6.02 19.92 36.93
CA SER C 279 5.51 21.11 37.61
C SER C 279 4.09 20.82 38.08
N CYS C 280 3.97 20.42 39.34
CA CYS C 280 2.68 20.08 39.94
C CYS C 280 2.21 21.22 40.83
N TYR C 281 0.94 21.61 40.67
CA TYR C 281 0.36 22.72 41.40
C TYR C 281 -0.96 22.28 42.02
N GLY C 282 -1.58 23.20 42.75
CA GLY C 282 -2.87 22.90 43.37
C GLY C 282 -2.77 21.76 44.36
N LYS C 283 -3.66 20.79 44.20
CA LYS C 283 -3.68 19.59 45.04
C LYS C 283 -3.61 18.39 44.11
N THR C 284 -2.39 17.99 43.78
CA THR C 284 -2.14 16.82 42.95
C THR C 284 -0.93 16.07 43.50
N LYS C 285 -0.84 14.78 43.16
CA LYS C 285 0.25 13.93 43.62
C LYS C 285 1.21 13.71 42.45
N CYS C 286 2.29 14.49 42.43
CA CYS C 286 3.32 14.39 41.42
C CYS C 286 4.42 13.46 41.92
N THR C 287 4.81 12.48 41.11
CA THR C 287 5.71 11.43 41.55
C THR C 287 6.61 10.99 40.41
N ALA C 288 7.85 10.65 40.76
CA ALA C 288 8.79 10.03 39.83
C ALA C 288 9.17 8.67 40.37
N SER C 289 8.96 7.63 39.57
CA SER C 289 9.12 6.25 40.02
C SER C 289 10.05 5.49 39.09
N ASN C 290 10.74 4.49 39.65
CA ASN C 290 11.56 3.57 38.90
C ASN C 290 10.76 2.32 38.54
N LYS C 291 11.28 1.55 37.57
CA LYS C 291 10.58 0.36 37.11
C LYS C 291 10.88 -0.87 37.94
N ASN C 292 11.85 -0.81 38.86
CA ASN C 292 12.18 -1.93 39.72
C ASN C 292 11.96 -1.68 41.20
N ARG C 293 11.67 -0.43 41.61
CA ARG C 293 11.51 -0.13 43.02
C ARG C 293 10.31 0.75 43.33
N GLY C 294 9.53 1.15 42.34
CA GLY C 294 8.35 1.97 42.63
C GLY C 294 8.72 3.40 42.96
N ILE C 295 8.07 3.95 43.97
CA ILE C 295 8.21 5.35 44.31
C ILE C 295 9.61 5.62 44.85
N ILE C 296 10.28 6.64 44.30
CA ILE C 296 11.59 7.05 44.77
C ILE C 296 11.69 8.55 45.02
N LYS C 297 10.67 9.32 44.68
CA LYS C 297 10.72 10.77 44.85
C LYS C 297 9.31 11.33 44.81
N THR C 298 9.07 12.35 45.64
CA THR C 298 7.79 13.04 45.67
C THR C 298 8.06 14.53 45.69
N PHE C 299 7.65 15.23 44.63
CA PHE C 299 7.90 16.65 44.51
C PHE C 299 6.92 17.46 45.36
N SER C 300 7.30 18.70 45.63
CA SER C 300 6.44 19.66 46.28
C SER C 300 5.87 20.62 45.24
N ASN C 301 5.08 21.59 45.71
CA ASN C 301 4.51 22.58 44.81
C ASN C 301 5.59 23.44 44.19
N GLY C 302 5.44 23.72 42.90
CA GLY C 302 6.39 24.52 42.15
C GLY C 302 7.15 23.71 41.12
N CYS C 303 7.92 24.43 40.31
CA CYS C 303 8.73 23.80 39.28
C CYS C 303 9.78 22.90 39.90
N ASP C 304 10.07 21.78 39.23
CA ASP C 304 11.10 20.87 39.68
C ASP C 304 11.67 20.14 38.48
N TYR C 305 12.90 19.64 38.64
CA TYR C 305 13.59 18.93 37.58
C TYR C 305 14.08 17.58 38.10
N VAL C 306 13.92 16.54 37.28
CA VAL C 306 14.35 15.20 37.62
C VAL C 306 15.09 14.61 36.43
N SER C 307 16.28 14.06 36.68
CA SER C 307 17.10 13.52 35.60
C SER C 307 16.63 12.11 35.22
N ASN C 308 17.20 11.61 34.13
CA ASN C 308 16.88 10.27 33.62
C ASN C 308 17.88 9.22 34.07
N LYS C 309 18.62 9.48 35.13
CA LYS C 309 19.60 8.54 35.68
C LYS C 309 18.99 7.93 36.94
N GLY C 310 18.45 6.72 36.81
CA GLY C 310 17.75 6.06 37.89
C GLY C 310 16.26 6.31 37.93
N VAL C 311 15.75 7.17 37.06
CA VAL C 311 14.32 7.47 36.97
C VAL C 311 13.82 6.99 35.62
N ASP C 312 12.78 6.16 35.62
CA ASP C 312 12.25 5.59 34.39
C ASP C 312 10.76 5.89 34.18
N THR C 313 10.15 6.70 35.05
CA THR C 313 8.73 7.00 34.94
C THR C 313 8.40 8.21 35.79
N VAL C 314 7.73 9.19 35.20
CA VAL C 314 7.28 10.38 35.91
C VAL C 314 5.77 10.44 35.83
N SER C 315 5.10 10.45 36.98
CA SER C 315 3.65 10.44 37.05
C SER C 315 3.16 11.74 37.67
N VAL C 316 2.21 12.39 37.00
CA VAL C 316 1.58 13.61 37.48
C VAL C 316 0.08 13.42 37.44
N GLY C 317 -0.58 13.53 38.59
CA GLY C 317 -2.01 13.32 38.66
C GLY C 317 -2.40 11.90 38.35
N ASN C 318 -3.04 11.70 37.20
CA ASN C 318 -3.43 10.36 36.75
C ASN C 318 -2.61 9.87 35.57
N THR C 319 -1.98 10.75 34.81
CA THR C 319 -1.18 10.36 33.65
C THR C 319 0.13 9.74 34.09
N LEU C 320 0.79 9.06 33.13
CA LEU C 320 2.06 8.39 33.38
C LEU C 320 2.97 8.62 32.17
N TYR C 321 3.80 9.64 32.24
CA TYR C 321 4.74 9.95 31.18
C TYR C 321 6.00 9.10 31.29
N TYR C 322 6.49 8.64 30.15
CA TYR C 322 7.76 7.95 30.09
C TYR C 322 8.88 8.94 29.75
N VAL C 323 10.09 8.60 30.18
CA VAL C 323 11.24 9.50 30.09
C VAL C 323 12.24 8.91 29.11
N ASN C 324 12.79 9.76 28.24
CA ASN C 324 13.79 9.33 27.29
C ASN C 324 15.04 8.85 28.01
N LYS C 325 15.80 7.97 27.34
CA LYS C 325 16.91 7.31 28.00
C LYS C 325 18.23 7.53 27.26
N GLN C 326 18.52 8.78 26.89
CA GLN C 326 19.80 9.11 26.28
C GLN C 326 20.88 9.16 27.36
N GLU C 327 22.10 9.49 26.94
CA GLU C 327 23.24 9.56 27.84
C GLU C 327 23.92 10.92 27.68
N GLY C 328 23.77 11.78 28.67
CA GLY C 328 24.41 13.08 28.65
C GLY C 328 24.53 13.62 30.05
N LYS C 329 25.39 14.63 30.20
CA LYS C 329 25.66 15.24 31.50
C LYS C 329 24.67 16.38 31.72
N SER C 330 23.71 16.16 32.62
CA SER C 330 22.74 17.19 32.95
C SER C 330 23.34 18.16 33.98
N LEU C 331 22.62 19.27 34.21
CA LEU C 331 23.09 20.28 35.13
C LEU C 331 21.89 20.98 35.76
N TYR C 332 22.13 21.59 36.91
CA TYR C 332 21.10 22.30 37.67
C TYR C 332 21.66 23.64 38.11
N VAL C 333 21.02 24.73 37.68
CA VAL C 333 21.41 26.08 38.06
C VAL C 333 20.44 26.55 39.13
N LYS C 334 20.93 26.65 40.36
CA LYS C 334 20.08 26.97 41.51
C LYS C 334 19.83 28.47 41.54
N GLY C 335 18.70 28.88 40.96
CA GLY C 335 18.31 30.28 40.98
C GLY C 335 17.09 30.52 41.85
N GLU C 336 16.41 31.64 41.63
CA GLU C 336 15.21 31.98 42.37
C GLU C 336 14.08 32.30 41.40
N PRO C 337 12.85 31.91 41.71
CA PRO C 337 11.74 32.10 40.76
C PRO C 337 11.55 33.57 40.41
N ILE C 338 11.20 33.83 39.15
CA ILE C 338 11.12 35.20 38.66
C ILE C 338 9.77 35.84 38.94
N ILE C 339 8.74 35.04 39.26
CA ILE C 339 7.41 35.60 39.46
C ILE C 339 7.29 36.38 40.76
N ASN C 340 8.17 36.11 41.73
CA ASN C 340 8.05 36.75 43.04
C ASN C 340 8.27 38.26 43.00
N PHE C 341 8.86 38.78 41.93
CA PHE C 341 9.07 40.22 41.82
C PHE C 341 7.75 40.96 41.65
N TYR C 342 6.87 40.45 40.78
CA TYR C 342 5.66 41.17 40.41
C TYR C 342 4.64 41.12 41.53
N ASP C 343 3.83 42.18 41.60
CA ASP C 343 2.78 42.30 42.62
C ASP C 343 1.49 41.68 42.10
N PRO C 344 0.91 40.70 42.80
CA PRO C 344 -0.33 40.08 42.31
C PRO C 344 -1.53 41.01 42.30
N LEU C 345 -1.46 42.17 42.97
CA LEU C 345 -2.61 43.07 43.02
C LEU C 345 -2.92 43.63 41.64
N VAL C 346 -1.96 44.32 41.02
CA VAL C 346 -2.11 44.84 39.67
C VAL C 346 -1.23 44.00 38.75
N PHE C 347 -1.84 43.41 37.72
CA PHE C 347 -1.12 42.52 36.84
C PHE C 347 -1.91 42.27 35.55
N PRO C 348 -1.26 42.37 34.39
CA PRO C 348 -1.97 42.10 33.13
C PRO C 348 -2.23 40.62 32.93
N SER C 349 -3.32 40.11 33.52
CA SER C 349 -3.57 38.68 33.55
C SER C 349 -3.87 38.10 32.18
N SER C 350 -4.30 38.91 31.22
CA SER C 350 -4.70 38.42 29.90
C SER C 350 -3.67 38.85 28.87
N GLU C 351 -2.82 37.91 28.46
CA GLU C 351 -1.85 38.14 27.39
C GLU C 351 -1.71 36.86 26.58
N PHE C 352 -1.40 37.01 25.30
CA PHE C 352 -1.18 35.86 24.44
C PHE C 352 0.14 36.00 23.68
N ASP C 353 0.52 37.22 23.37
CA ASP C 353 1.81 37.51 22.73
C ASP C 353 2.34 38.80 23.35
N ALA C 354 3.11 38.65 24.42
CA ALA C 354 3.67 39.80 25.12
C ALA C 354 5.18 39.66 25.24
N SER C 355 5.80 40.57 25.99
CA SER C 355 7.23 40.53 26.24
C SER C 355 7.49 40.96 27.67
N ILE C 356 8.74 40.82 28.10
CA ILE C 356 9.12 41.29 29.44
C ILE C 356 8.93 42.80 29.53
N SER C 357 9.36 43.53 28.51
CA SER C 357 9.18 44.98 28.51
C SER C 357 7.71 45.35 28.43
N GLN C 358 6.94 44.67 27.58
CA GLN C 358 5.55 45.03 27.38
C GLN C 358 4.73 44.83 28.65
N VAL C 359 4.95 43.72 29.36
CA VAL C 359 4.28 43.53 30.64
C VAL C 359 4.80 44.53 31.66
N ASN C 360 6.09 44.86 31.60
CA ASN C 360 6.65 45.87 32.49
C ASN C 360 6.01 47.23 32.27
N GLU C 361 5.80 47.60 31.00
CA GLU C 361 5.16 48.88 30.70
C GLU C 361 3.74 48.95 31.22
N LYS C 362 2.98 47.85 31.07
CA LYS C 362 1.59 47.84 31.52
C LYS C 362 1.48 48.00 33.03
N ILE C 363 2.38 47.35 33.79
CA ILE C 363 2.39 47.53 35.23
C ILE C 363 2.88 48.92 35.59
N ASN C 364 3.90 49.40 34.88
CA ASN C 364 4.46 50.72 35.16
C ASN C 364 3.43 51.82 34.94
N GLN C 365 2.63 51.71 33.89
CA GLN C 365 1.61 52.72 33.63
C GLN C 365 0.44 52.59 34.60
N SER C 366 0.02 51.36 34.91
CA SER C 366 -1.14 51.19 35.77
C SER C 366 -0.83 51.53 37.23
N LEU C 367 0.38 51.23 37.69
CA LEU C 367 0.76 51.55 39.05
C LEU C 367 0.98 53.04 39.24
N ALA C 368 1.60 53.70 38.26
CA ALA C 368 1.87 55.12 38.37
C ALA C 368 0.61 55.96 38.17
N PHE C 369 -0.34 55.49 37.37
CA PHE C 369 -1.56 56.25 37.13
C PHE C 369 -2.35 56.45 38.43
N ILE C 370 -2.41 55.41 39.26
CA ILE C 370 -3.05 55.52 40.56
C ILE C 370 -2.35 56.50 41.49
N ARG C 371 -1.02 56.60 41.39
CA ARG C 371 -0.21 57.41 42.30
C ARG C 371 -0.43 58.91 42.15
N LYS C 372 -1.33 59.35 41.27
CA LYS C 372 -1.62 60.77 41.15
C LYS C 372 -2.18 61.33 42.45
N SER C 373 -3.34 60.83 42.87
CA SER C 373 -3.99 61.28 44.10
C SER C 373 -5.06 60.31 44.53
N ASP D 1 -58.97 19.38 10.55
CA ASP D 1 -59.18 18.15 9.78
C ASP D 1 -59.51 18.48 8.33
N ILE D 2 -59.11 17.59 7.42
CA ILE D 2 -59.33 17.75 5.99
C ILE D 2 -60.20 16.61 5.50
N GLN D 3 -61.42 16.92 5.08
CA GLN D 3 -62.29 15.92 4.49
C GLN D 3 -61.94 15.73 3.02
N MET D 4 -62.12 14.51 2.53
CA MET D 4 -61.68 14.13 1.19
C MET D 4 -62.88 13.59 0.41
N THR D 5 -63.10 14.15 -0.77
CA THR D 5 -64.19 13.75 -1.66
C THR D 5 -63.59 13.27 -2.97
N GLN D 6 -63.96 12.06 -3.40
CA GLN D 6 -63.47 11.48 -4.63
C GLN D 6 -64.65 11.06 -5.51
N SER D 7 -64.52 11.29 -6.80
CA SER D 7 -65.56 11.02 -7.78
C SER D 7 -64.91 10.39 -9.00
N PRO D 8 -65.65 9.54 -9.75
CA PRO D 8 -67.04 9.09 -9.52
C PRO D 8 -67.13 7.95 -8.52
N SER D 9 -67.94 8.11 -7.47
CA SER D 9 -68.13 7.05 -6.49
C SER D 9 -69.01 5.95 -7.06
N SER D 10 -68.56 4.71 -6.91
CA SER D 10 -69.31 3.52 -7.31
C SER D 10 -69.66 3.57 -8.80
N LEU D 11 -68.62 3.60 -9.63
CA LEU D 11 -68.81 3.61 -11.08
C LEU D 11 -69.02 2.19 -11.60
N ARG D 18 -60.04 1.21 -19.52
CA ARG D 18 -59.43 2.40 -18.95
C ARG D 18 -60.38 3.09 -17.97
N VAL D 19 -59.96 3.17 -16.71
CA VAL D 19 -60.74 3.79 -15.65
C VAL D 19 -59.91 4.91 -15.03
N THR D 20 -60.55 6.07 -14.86
CA THR D 20 -59.90 7.24 -14.27
C THR D 20 -60.76 7.76 -13.14
N ILE D 21 -60.15 7.95 -11.97
CA ILE D 21 -60.85 8.41 -10.77
C ILE D 21 -60.15 9.66 -10.25
N THR D 22 -60.93 10.66 -9.87
CA THR D 22 -60.42 11.94 -9.40
C THR D 22 -60.79 12.14 -7.93
N CYS D 23 -59.91 12.83 -7.20
CA CYS D 23 -60.13 13.13 -5.80
C CYS D 23 -59.65 14.54 -5.51
N GLN D 24 -60.41 15.24 -4.65
CA GLN D 24 -60.07 16.59 -4.23
C GLN D 24 -59.93 16.64 -2.72
N ALA D 25 -59.47 17.79 -2.22
CA ALA D 25 -59.24 17.97 -0.79
C ALA D 25 -59.64 19.37 -0.38
N SER D 26 -59.94 19.54 0.90
CA SER D 26 -60.34 20.84 1.43
C SER D 26 -59.18 21.81 1.52
N GLN D 27 -57.95 21.31 1.62
CA GLN D 27 -56.79 22.19 1.75
C GLN D 27 -55.78 21.90 0.64
N ASP D 28 -54.60 22.50 0.73
CA ASP D 28 -53.55 22.33 -0.27
C ASP D 28 -52.52 21.34 0.26
N ILE D 29 -52.57 20.13 -0.25
CA ILE D 29 -51.55 19.10 0.02
C ILE D 29 -50.65 19.01 -1.20
N LYS D 30 -49.35 19.18 -0.99
CA LYS D 30 -48.41 19.32 -2.10
C LYS D 30 -48.40 18.07 -2.98
N LYS D 31 -47.89 16.96 -2.45
CA LYS D 31 -47.88 15.71 -3.20
C LYS D 31 -48.16 14.50 -2.31
N TYR D 32 -48.70 14.71 -1.11
CA TYR D 32 -48.87 13.63 -0.14
C TYR D 32 -50.19 12.91 -0.40
N LEU D 33 -50.11 11.86 -1.20
CA LEU D 33 -51.26 10.99 -1.46
C LEU D 33 -50.79 9.58 -1.73
N ASN D 34 -51.47 8.60 -1.14
CA ASN D 34 -51.25 7.19 -1.42
C ASN D 34 -52.56 6.58 -1.93
N TRP D 35 -52.43 5.58 -2.80
CA TRP D 35 -53.58 4.90 -3.39
C TRP D 35 -53.61 3.46 -2.92
N TYR D 36 -54.78 3.02 -2.46
CA TYR D 36 -54.96 1.68 -1.93
C TYR D 36 -55.97 0.90 -2.76
N HIS D 37 -55.69 -0.38 -2.94
CA HIS D 37 -56.58 -1.29 -3.66
C HIS D 37 -56.93 -2.46 -2.75
N GLN D 38 -58.21 -2.66 -2.52
CA GLN D 38 -58.70 -3.74 -1.66
C GLN D 38 -59.57 -4.66 -2.49
N LYS D 39 -59.18 -5.92 -2.58
CA LYS D 39 -60.00 -6.94 -3.21
C LYS D 39 -61.13 -7.34 -2.25
N PRO D 40 -62.25 -7.83 -2.77
CA PRO D 40 -63.39 -8.16 -1.88
C PRO D 40 -63.05 -9.24 -0.88
N GLY D 41 -63.03 -8.86 0.41
CA GLY D 41 -62.68 -9.78 1.47
C GLY D 41 -61.21 -9.98 1.72
N LYS D 42 -60.34 -9.28 1.00
CA LYS D 42 -58.90 -9.43 1.13
C LYS D 42 -58.28 -8.18 1.73
N VAL D 43 -57.00 -8.28 2.06
CA VAL D 43 -56.30 -7.16 2.72
C VAL D 43 -56.07 -6.05 1.69
N PRO D 44 -56.07 -4.79 2.11
CA PRO D 44 -55.90 -3.68 1.16
C PRO D 44 -54.45 -3.41 0.81
N GLU D 45 -53.90 -4.14 -0.18
CA GLU D 45 -52.56 -3.87 -0.63
C GLU D 45 -52.46 -2.48 -1.26
N LEU D 46 -51.31 -1.84 -1.08
CA LEU D 46 -51.08 -0.48 -1.58
C LEU D 46 -50.42 -0.56 -2.95
N LEU D 47 -50.86 0.30 -3.86
CA LEU D 47 -50.32 0.30 -5.22
C LEU D 47 -49.15 1.26 -5.35
N MET D 48 -49.38 2.54 -5.10
CA MET D 48 -48.41 3.59 -5.35
C MET D 48 -48.36 4.55 -4.17
N HIS D 49 -47.20 5.14 -3.95
CA HIS D 49 -46.98 6.12 -2.90
C HIS D 49 -46.50 7.43 -3.51
N ASP D 50 -46.71 8.52 -2.76
CA ASP D 50 -46.40 9.88 -3.20
C ASP D 50 -47.17 10.27 -4.45
N ALA D 51 -48.24 9.54 -4.76
CA ALA D 51 -49.16 9.76 -5.87
C ALA D 51 -48.54 9.54 -7.24
N SER D 52 -47.24 9.28 -7.33
CA SER D 52 -46.61 9.04 -8.62
C SER D 52 -45.78 7.77 -8.67
N ASN D 53 -45.09 7.42 -7.59
CA ASN D 53 -44.18 6.28 -7.59
C ASN D 53 -44.94 5.00 -7.24
N LEU D 54 -44.80 3.98 -8.09
CA LEU D 54 -45.46 2.70 -7.88
C LEU D 54 -44.57 1.80 -7.05
N GLU D 55 -45.14 1.22 -5.99
CA GLU D 55 -44.40 0.28 -5.16
C GLU D 55 -44.29 -1.07 -5.88
N THR D 56 -43.34 -1.88 -5.42
CA THR D 56 -43.10 -3.17 -6.03
C THR D 56 -44.29 -4.11 -5.82
N GLY D 57 -44.58 -4.92 -6.84
CA GLY D 57 -45.68 -5.86 -6.79
C GLY D 57 -46.86 -5.48 -7.66
N VAL D 58 -46.80 -4.38 -8.41
CA VAL D 58 -47.88 -3.99 -9.31
C VAL D 58 -47.29 -3.70 -10.69
N PRO D 59 -48.06 -3.89 -11.76
CA PRO D 59 -47.53 -3.60 -13.11
C PRO D 59 -47.40 -2.11 -13.39
N SER D 60 -47.01 -1.77 -14.62
CA SER D 60 -46.83 -0.39 -15.02
C SER D 60 -48.10 0.20 -15.64
N ARG D 61 -49.21 -0.54 -15.63
CA ARG D 61 -50.45 -0.02 -16.19
C ARG D 61 -50.94 1.20 -15.42
N PHE D 62 -50.83 1.18 -14.10
CA PHE D 62 -51.30 2.28 -13.28
C PHE D 62 -50.40 3.50 -13.44
N SER D 63 -51.00 4.68 -13.34
CA SER D 63 -50.26 5.94 -13.39
C SER D 63 -51.00 6.96 -12.54
N GLY D 64 -50.27 7.97 -12.09
CA GLY D 64 -50.83 8.98 -11.21
C GLY D 64 -50.42 10.36 -11.63
N ARG D 65 -51.36 11.30 -11.46
CA ARG D 65 -51.14 12.71 -11.74
C ARG D 65 -51.46 13.51 -10.49
N GLY D 66 -50.57 14.41 -10.11
CA GLY D 66 -50.73 15.15 -8.88
C GLY D 66 -50.64 16.65 -9.10
N SER D 67 -51.24 17.38 -8.18
CA SER D 67 -51.23 18.85 -8.20
C SER D 67 -51.49 19.34 -6.79
N GLY D 68 -51.50 20.66 -6.63
CA GLY D 68 -51.78 21.23 -5.32
C GLY D 68 -53.21 21.03 -4.86
N THR D 69 -54.17 21.13 -5.78
CA THR D 69 -55.58 21.06 -5.42
C THR D 69 -56.15 19.66 -5.55
N ASP D 70 -56.08 19.08 -6.75
CA ASP D 70 -56.70 17.79 -7.03
C ASP D 70 -55.69 16.82 -7.60
N PHE D 71 -56.03 15.54 -7.52
CA PHE D 71 -55.17 14.46 -7.96
C PHE D 71 -55.96 13.50 -8.84
N THR D 72 -55.26 12.80 -9.73
CA THR D 72 -55.90 11.93 -10.71
C THR D 72 -55.19 10.58 -10.74
N LEU D 73 -55.97 9.50 -10.78
CA LEU D 73 -55.46 8.15 -10.93
C LEU D 73 -55.99 7.56 -12.22
N THR D 74 -55.11 7.00 -13.04
CA THR D 74 -55.48 6.48 -14.34
C THR D 74 -54.95 5.05 -14.51
N ILE D 75 -55.68 4.25 -15.27
CA ILE D 75 -55.32 2.87 -15.58
C ILE D 75 -55.16 2.75 -17.08
N SER D 76 -54.04 2.15 -17.51
CA SER D 76 -53.77 2.00 -18.94
C SER D 76 -54.84 1.13 -19.60
N SER D 77 -55.15 -0.02 -19.01
CA SER D 77 -56.18 -0.91 -19.52
C SER D 77 -56.64 -1.83 -18.40
N LEU D 78 -57.93 -2.13 -18.40
CA LEU D 78 -58.49 -3.02 -17.40
C LEU D 78 -58.03 -4.46 -17.64
N GLN D 79 -57.85 -5.19 -16.56
CA GLN D 79 -57.42 -6.58 -16.57
C GLN D 79 -58.35 -7.41 -15.70
N PRO D 80 -58.48 -8.71 -15.97
CA PRO D 80 -59.41 -9.53 -15.18
C PRO D 80 -59.12 -9.52 -13.70
N GLU D 81 -57.85 -9.56 -13.30
CA GLU D 81 -57.48 -9.46 -11.89
C GLU D 81 -57.20 -8.02 -11.48
N ASP D 82 -58.13 -7.12 -11.78
CA ASP D 82 -58.02 -5.71 -11.41
C ASP D 82 -59.36 -5.17 -10.97
N ILE D 83 -60.10 -5.93 -10.18
CA ILE D 83 -61.43 -5.56 -9.73
C ILE D 83 -61.44 -5.44 -8.22
N GLY D 84 -62.12 -4.42 -7.72
CA GLY D 84 -62.25 -4.16 -6.31
C GLY D 84 -62.30 -2.68 -6.00
N THR D 85 -62.54 -2.38 -4.74
CA THR D 85 -62.65 -1.00 -4.28
C THR D 85 -61.28 -0.34 -4.23
N TYR D 86 -61.27 0.97 -4.47
CA TYR D 86 -60.05 1.77 -4.42
C TYR D 86 -60.17 2.80 -3.31
N TYR D 87 -59.02 3.15 -2.73
CA TYR D 87 -58.99 4.06 -1.58
C TYR D 87 -57.85 5.06 -1.76
N CYS D 88 -57.99 6.19 -1.09
CA CYS D 88 -56.97 7.23 -1.06
C CYS D 88 -56.66 7.61 0.38
N GLN D 89 -55.46 8.12 0.61
CA GLN D 89 -55.04 8.53 1.94
C GLN D 89 -54.02 9.65 1.83
N GLN D 90 -54.24 10.72 2.57
CA GLN D 90 -53.32 11.85 2.65
C GLN D 90 -52.58 11.79 3.97
N TYR D 91 -51.29 12.13 3.93
CA TYR D 91 -50.42 12.07 5.10
C TYR D 91 -49.71 13.40 5.31
N ASP D 92 -50.51 14.49 5.32
CA ASP D 92 -49.96 15.83 5.47
C ASP D 92 -49.29 16.02 6.82
N ASN D 93 -48.74 17.22 7.05
CA ASN D 93 -47.85 17.50 8.17
C ASN D 93 -48.28 16.85 9.48
N LEU D 94 -49.50 17.11 9.92
CA LEU D 94 -50.01 16.62 11.19
C LEU D 94 -50.42 15.16 11.09
N PRO D 95 -50.34 14.43 12.19
CA PRO D 95 -50.62 12.98 12.17
C PRO D 95 -52.01 12.64 11.65
N PRO D 96 -53.08 13.46 11.93
CA PRO D 96 -54.43 13.09 11.43
C PRO D 96 -54.48 12.61 9.99
N LEU D 97 -54.93 11.36 9.82
CA LEU D 97 -55.01 10.70 8.52
C LEU D 97 -56.48 10.50 8.18
N THR D 98 -56.88 10.91 6.97
CA THR D 98 -58.25 10.75 6.50
C THR D 98 -58.25 9.93 5.21
N PHE D 99 -59.04 8.86 5.19
CA PHE D 99 -59.13 8.02 4.00
C PHE D 99 -60.10 8.59 2.98
N GLY D 100 -61.37 8.69 3.35
CA GLY D 100 -62.40 9.19 2.47
C GLY D 100 -63.30 8.09 1.94
N GLY D 101 -63.91 8.36 0.78
CA GLY D 101 -64.82 7.43 0.16
C GLY D 101 -64.13 6.30 -0.58
N GLY D 102 -64.94 5.44 -1.18
CA GLY D 102 -64.42 4.30 -1.91
C GLY D 102 -65.26 3.93 -3.12
N THR D 103 -64.61 3.75 -4.26
CA THR D 103 -65.29 3.38 -5.50
C THR D 103 -65.54 1.87 -5.53
N LYS D 104 -66.17 1.42 -6.61
CA LYS D 104 -66.46 -0.01 -6.83
C LYS D 104 -66.26 -0.30 -8.31
N VAL D 105 -65.07 -0.77 -8.67
CA VAL D 105 -64.75 -1.08 -10.05
C VAL D 105 -64.82 -2.59 -10.29
N VAL E 2 39.48 -22.81 -9.58
CA VAL E 2 38.40 -23.32 -10.42
C VAL E 2 38.88 -24.47 -11.27
N GLN E 3 40.20 -24.57 -11.45
CA GLN E 3 40.82 -25.61 -12.25
C GLN E 3 41.64 -26.52 -11.35
N LEU E 4 41.50 -27.83 -11.53
CA LEU E 4 42.24 -28.81 -10.77
C LEU E 4 43.54 -29.15 -11.48
N VAL E 5 44.57 -29.42 -10.69
CA VAL E 5 45.90 -29.71 -11.21
C VAL E 5 46.35 -31.08 -10.72
N GLN E 6 46.88 -31.88 -11.63
CA GLN E 6 47.38 -33.21 -11.32
C GLN E 6 48.89 -33.20 -11.14
N SER E 7 49.42 -34.34 -10.73
CA SER E 7 50.86 -34.50 -10.55
C SER E 7 51.49 -34.88 -11.89
N GLY E 8 52.79 -35.17 -11.87
CA GLY E 8 53.50 -35.50 -13.10
C GLY E 8 53.49 -37.00 -13.39
N ALA E 9 53.61 -37.32 -14.67
CA ALA E 9 53.66 -38.71 -15.10
C ALA E 9 54.98 -39.34 -14.68
N GLU E 10 54.95 -40.66 -14.48
CA GLU E 10 56.13 -41.38 -14.04
C GLU E 10 56.03 -42.84 -14.47
N VAL E 11 57.17 -43.51 -14.44
CA VAL E 11 57.25 -44.93 -14.73
C VAL E 11 57.36 -45.69 -13.42
N LYS E 12 56.77 -46.87 -13.36
CA LYS E 12 56.72 -47.66 -12.13
C LYS E 12 56.98 -49.12 -12.45
N LYS E 13 57.36 -49.86 -11.40
CA LYS E 13 57.64 -51.29 -11.49
C LYS E 13 56.62 -52.06 -10.66
N PRO E 14 56.30 -53.29 -11.04
CA PRO E 14 55.32 -54.08 -10.28
C PRO E 14 55.77 -54.33 -8.85
N GLY E 15 54.78 -54.37 -7.95
CA GLY E 15 55.02 -54.67 -6.55
C GLY E 15 55.09 -53.48 -5.63
N ALA E 16 55.19 -52.26 -6.17
CA ALA E 16 55.33 -51.06 -5.36
C ALA E 16 53.99 -50.36 -5.22
N THR E 17 53.99 -49.23 -4.50
CA THR E 17 52.81 -48.43 -4.24
C THR E 17 53.04 -47.01 -4.77
N VAL E 18 52.05 -46.48 -5.46
CA VAL E 18 52.17 -45.17 -6.11
C VAL E 18 51.32 -44.16 -5.37
N LYS E 19 51.61 -42.88 -5.61
CA LYS E 19 50.89 -41.77 -5.00
C LYS E 19 50.52 -40.75 -6.07
N VAL E 20 49.26 -40.31 -6.06
CA VAL E 20 48.77 -39.28 -6.95
C VAL E 20 48.12 -38.19 -6.11
N SER E 21 48.19 -36.95 -6.59
CA SER E 21 47.74 -35.80 -5.83
C SER E 21 46.90 -34.87 -6.71
N CYS E 22 46.04 -34.09 -6.05
CA CYS E 22 45.20 -33.10 -6.71
C CYS E 22 45.24 -31.81 -5.92
N LYS E 23 45.36 -30.68 -6.63
CA LYS E 23 45.39 -29.36 -6.01
C LYS E 23 44.19 -28.55 -6.49
N ILE E 24 43.50 -27.91 -5.56
CA ILE E 24 42.35 -27.06 -5.85
C ILE E 24 42.72 -25.61 -5.57
N SER E 25 42.46 -24.74 -6.55
CA SER E 25 42.72 -23.32 -6.41
C SER E 25 41.47 -22.58 -6.88
N GLY E 26 40.64 -22.15 -5.93
CA GLY E 26 39.41 -21.46 -6.25
C GLY E 26 38.22 -21.93 -5.45
N HIS E 27 38.40 -22.96 -4.64
CA HIS E 27 37.34 -23.50 -3.80
C HIS E 27 37.94 -23.86 -2.45
N THR E 28 37.13 -24.50 -1.60
CA THR E 28 37.52 -24.81 -0.24
C THR E 28 37.54 -26.30 0.09
N LEU E 29 36.97 -27.14 -0.78
CA LEU E 29 37.00 -28.60 -0.65
C LEU E 29 36.08 -29.06 0.48
N ILE E 30 35.55 -28.11 1.25
CA ILE E 30 34.56 -28.46 2.27
C ILE E 30 33.19 -28.74 1.66
N LYS E 31 32.99 -28.39 0.39
CA LYS E 31 31.73 -28.60 -0.31
C LYS E 31 31.89 -29.46 -1.56
N LEU E 32 32.99 -29.31 -2.30
CA LEU E 32 33.19 -30.09 -3.50
C LEU E 32 33.47 -31.56 -3.17
N SER E 33 33.05 -32.43 -4.08
CA SER E 33 33.24 -33.87 -3.96
C SER E 33 34.18 -34.32 -5.06
N ILE E 34 35.25 -35.01 -4.68
CA ILE E 34 36.27 -35.46 -5.62
C ILE E 34 36.24 -36.99 -5.68
N HIS E 35 36.56 -37.52 -6.85
CA HIS E 35 36.59 -38.96 -7.08
C HIS E 35 37.87 -39.30 -7.83
N TRP E 36 37.95 -40.52 -8.35
CA TRP E 36 39.09 -40.96 -9.14
C TRP E 36 38.61 -41.97 -10.17
N VAL E 37 38.90 -41.70 -11.44
CA VAL E 37 38.51 -42.57 -12.54
C VAL E 37 39.75 -42.99 -13.30
N ARG E 38 39.75 -44.24 -13.78
CA ARG E 38 40.86 -44.79 -14.54
C ARG E 38 40.39 -45.13 -15.94
N GLN E 39 41.09 -44.61 -16.95
CA GLN E 39 40.78 -44.88 -18.34
C GLN E 39 41.91 -45.73 -18.92
N ALA E 40 41.56 -46.93 -19.39
CA ALA E 40 42.54 -47.82 -19.98
C ALA E 40 42.96 -47.30 -21.35
N PRO E 41 44.11 -47.75 -21.87
CA PRO E 41 44.55 -47.27 -23.18
C PRO E 41 43.70 -47.83 -24.31
N GLY E 42 42.54 -47.21 -24.54
CA GLY E 42 41.63 -47.64 -25.58
C GLY E 42 40.34 -48.28 -25.09
N LYS E 43 40.13 -48.36 -23.79
CA LYS E 43 38.94 -48.96 -23.21
C LYS E 43 38.16 -47.89 -22.44
N GLY E 44 37.05 -48.32 -21.83
CA GLY E 44 36.22 -47.40 -21.08
C GLY E 44 36.76 -47.09 -19.70
N LEU E 45 36.15 -46.07 -19.08
CA LEU E 45 36.54 -45.66 -17.74
C LEU E 45 35.84 -46.52 -16.69
N GLU E 46 36.25 -46.34 -15.44
CA GLU E 46 35.65 -47.04 -14.32
C GLU E 46 35.90 -46.25 -13.05
N TRP E 47 34.84 -46.06 -12.26
CA TRP E 47 34.94 -45.33 -11.01
C TRP E 47 35.71 -46.15 -9.99
N MET E 48 36.73 -45.53 -9.38
CA MET E 48 37.56 -46.20 -8.39
C MET E 48 37.18 -45.84 -6.96
N GLY E 49 37.04 -44.56 -6.66
CA GLY E 49 36.68 -44.12 -5.32
C GLY E 49 36.85 -42.63 -5.21
N GLY E 50 36.36 -42.09 -4.10
CA GLY E 50 36.48 -40.66 -3.88
C GLY E 50 35.90 -40.26 -2.54
N TYR E 51 36.14 -39.00 -2.20
CA TYR E 51 35.72 -38.41 -0.94
C TYR E 51 34.88 -37.18 -1.22
N GLU E 52 33.74 -37.06 -0.52
CA GLU E 52 32.73 -36.08 -0.86
C GLU E 52 32.87 -34.77 -0.09
N GLY E 53 33.13 -34.84 1.20
CA GLY E 53 33.24 -33.60 1.98
C GLY E 53 31.95 -33.03 2.52
N GLU E 54 30.86 -33.13 1.74
CA GLU E 54 29.56 -32.70 2.24
C GLU E 54 29.15 -33.55 3.44
N VAL E 55 29.38 -34.87 3.36
CA VAL E 55 29.19 -35.77 4.49
C VAL E 55 30.52 -36.13 5.14
N ASP E 56 31.65 -35.78 4.50
CA ASP E 56 32.97 -36.14 4.99
C ASP E 56 33.12 -37.65 5.09
N GLU E 57 32.84 -38.33 3.98
CA GLU E 57 32.87 -39.79 3.93
C GLU E 57 33.53 -40.24 2.63
N ILE E 58 34.14 -41.41 2.68
CA ILE E 58 34.85 -42.00 1.54
C ILE E 58 34.28 -43.38 1.26
N PHE E 59 34.02 -43.65 -0.02
CA PHE E 59 33.66 -44.99 -0.48
C PHE E 59 34.70 -45.47 -1.48
N TYR E 60 34.93 -46.78 -1.48
CA TYR E 60 35.85 -47.42 -2.40
C TYR E 60 35.11 -48.48 -3.21
N ALA E 61 35.52 -48.67 -4.46
CA ALA E 61 34.90 -49.68 -5.30
C ALA E 61 35.10 -51.06 -4.69
N GLN E 62 34.08 -51.91 -4.83
CA GLN E 62 34.13 -53.24 -4.24
C GLN E 62 35.27 -54.07 -4.86
N LYS E 63 35.46 -53.94 -6.17
CA LYS E 63 36.53 -54.69 -6.83
C LYS E 63 37.92 -54.16 -6.50
N PHE E 64 38.03 -52.91 -6.04
CA PHE E 64 39.28 -52.36 -5.51
C PHE E 64 39.28 -52.23 -3.99
N GLN E 65 38.30 -52.85 -3.32
CA GLN E 65 38.24 -52.75 -1.87
C GLN E 65 39.47 -53.38 -1.24
N HIS E 66 39.94 -52.78 -0.15
CA HIS E 66 41.07 -53.23 0.67
C HIS E 66 42.40 -53.15 -0.06
N ARG E 67 42.41 -52.65 -1.30
CA ARG E 67 43.65 -52.52 -2.06
C ARG E 67 44.19 -51.10 -2.10
N LEU E 68 43.33 -50.10 -1.91
CA LEU E 68 43.74 -48.70 -1.96
C LEU E 68 43.16 -47.94 -0.77
N THR E 69 43.85 -46.88 -0.37
CA THR E 69 43.44 -46.03 0.72
C THR E 69 43.56 -44.57 0.31
N VAL E 70 42.49 -43.81 0.53
CA VAL E 70 42.44 -42.39 0.14
C VAL E 70 42.48 -41.55 1.40
N ILE E 71 43.42 -40.61 1.45
CA ILE E 71 43.52 -39.64 2.53
C ILE E 71 43.40 -38.24 1.93
N ALA E 72 42.47 -37.45 2.45
CA ALA E 72 42.24 -36.09 1.97
C ALA E 72 42.48 -35.14 3.14
N ASP E 73 43.42 -34.21 2.98
CA ASP E 73 43.75 -33.23 3.99
C ASP E 73 42.91 -31.98 3.73
N THR E 74 41.86 -31.80 4.54
CA THR E 74 40.97 -30.66 4.34
C THR E 74 41.68 -29.34 4.54
N ALA E 75 42.50 -29.24 5.60
CA ALA E 75 43.22 -28.01 5.86
C ALA E 75 44.30 -27.75 4.81
N THR E 76 45.05 -28.79 4.43
CA THR E 76 46.06 -28.65 3.39
C THR E 76 45.46 -28.53 1.99
N ASP E 77 44.16 -28.84 1.84
CA ASP E 77 43.46 -28.74 0.57
C ASP E 77 44.16 -29.64 -0.47
N THR E 78 44.05 -30.94 -0.23
CA THR E 78 44.67 -31.93 -1.10
C THR E 78 44.02 -33.29 -0.85
N VAL E 79 43.79 -34.03 -1.93
CA VAL E 79 43.28 -35.39 -1.87
C VAL E 79 44.33 -36.30 -2.48
N TYR E 80 44.67 -37.38 -1.76
CA TYR E 80 45.78 -38.24 -2.13
C TYR E 80 45.26 -39.59 -2.64
N MET E 81 45.85 -40.06 -3.74
CA MET E 81 45.51 -41.33 -4.35
C MET E 81 46.63 -42.31 -4.09
N GLU E 82 46.41 -43.24 -3.17
CA GLU E 82 47.38 -44.29 -2.85
C GLU E 82 46.86 -45.63 -3.35
N LEU E 83 47.71 -46.32 -4.12
CA LEU E 83 47.33 -47.58 -4.76
C LEU E 83 48.40 -48.62 -4.44
N GLY E 84 48.05 -49.57 -3.57
CA GLY E 84 48.95 -50.67 -3.24
C GLY E 84 48.67 -51.90 -4.09
N ARG E 85 49.58 -52.88 -3.96
CA ARG E 85 49.51 -54.12 -4.72
C ARG E 85 49.39 -53.85 -6.22
N LEU E 86 50.17 -52.88 -6.69
CA LEU E 86 50.11 -52.45 -8.09
C LEU E 86 50.63 -53.56 -9.00
N THR E 87 49.79 -54.02 -9.92
CA THR E 87 50.16 -55.06 -10.87
C THR E 87 50.71 -54.43 -12.14
N SER E 88 50.91 -55.24 -13.18
CA SER E 88 51.45 -54.78 -14.45
C SER E 88 50.39 -54.39 -15.46
N ASP E 89 49.11 -54.53 -15.12
CA ASP E 89 48.02 -54.22 -16.03
C ASP E 89 47.30 -52.92 -15.69
N ASP E 90 47.84 -52.14 -14.76
CA ASP E 90 47.23 -50.88 -14.35
C ASP E 90 47.84 -49.67 -15.06
N THR E 91 48.43 -49.87 -16.23
CA THR E 91 48.98 -48.77 -17.01
C THR E 91 47.83 -48.02 -17.68
N ALA E 92 47.39 -46.93 -17.08
CA ALA E 92 46.21 -46.24 -17.56
C ALA E 92 46.29 -44.77 -17.15
N VAL E 93 45.47 -43.95 -17.81
CA VAL E 93 45.37 -42.53 -17.52
C VAL E 93 44.40 -42.35 -16.35
N TYR E 94 44.77 -41.48 -15.42
CA TYR E 94 44.00 -41.25 -14.21
C TYR E 94 43.51 -39.81 -14.16
N PHE E 95 42.19 -39.63 -14.19
CA PHE E 95 41.57 -38.33 -13.98
C PHE E 95 40.92 -38.32 -12.60
N CYS E 96 40.89 -37.12 -11.99
CA CYS E 96 40.27 -37.00 -10.67
C CYS E 96 38.76 -36.85 -10.81
N GLY E 97 38.31 -35.75 -11.39
CA GLY E 97 36.89 -35.56 -11.63
C GLY E 97 36.13 -35.15 -10.37
N THR E 98 35.21 -34.19 -10.51
CA THR E 98 34.32 -33.78 -9.43
C THR E 98 32.89 -33.96 -9.93
N LEU E 99 32.38 -35.18 -9.80
CA LEU E 99 31.05 -35.53 -10.28
C LEU E 99 30.20 -36.00 -9.12
N GLY E 100 28.97 -35.50 -9.05
CA GLY E 100 28.06 -35.90 -7.99
C GLY E 100 26.80 -35.05 -7.97
N VAL E 101 25.66 -35.68 -7.80
CA VAL E 101 24.36 -35.00 -7.79
C VAL E 101 23.89 -34.84 -6.36
N THR E 102 23.50 -33.63 -6.00
CA THR E 102 22.96 -33.32 -4.67
C THR E 102 21.47 -33.03 -4.83
N VAL E 103 20.68 -34.10 -4.76
CA VAL E 103 19.24 -33.98 -4.98
C VAL E 103 18.58 -33.39 -3.75
N THR E 104 17.76 -32.36 -3.96
CA THR E 104 16.96 -31.77 -2.89
C THR E 104 15.50 -31.73 -3.32
N GLU E 105 14.66 -31.05 -2.54
CA GLU E 105 13.23 -31.01 -2.82
C GLU E 105 12.87 -30.09 -3.97
N ALA E 106 13.82 -29.33 -4.51
CA ALA E 106 13.57 -28.38 -5.59
C ALA E 106 14.21 -28.76 -6.90
N GLY E 107 15.41 -29.32 -6.89
CA GLY E 107 16.10 -29.66 -8.12
C GLY E 107 17.39 -30.44 -7.91
N LEU E 108 18.28 -30.38 -8.89
CA LEU E 108 19.53 -31.13 -8.87
C LEU E 108 20.71 -30.18 -8.97
N GLY E 109 21.85 -30.63 -8.47
CA GLY E 109 23.08 -29.85 -8.54
C GLY E 109 24.29 -30.70 -8.86
N ILE E 110 25.07 -30.29 -9.87
CA ILE E 110 26.26 -31.02 -10.29
C ILE E 110 27.24 -30.03 -10.88
N ASP E 111 28.48 -30.47 -11.06
CA ASP E 111 29.52 -29.67 -11.68
C ASP E 111 30.55 -30.60 -12.29
N ASP E 112 31.52 -30.02 -13.01
CA ASP E 112 32.55 -30.81 -13.66
C ASP E 112 33.78 -29.95 -13.91
N TYR E 113 34.89 -30.28 -13.24
CA TYR E 113 36.18 -29.65 -13.47
C TYR E 113 37.18 -30.61 -14.10
N TRP E 114 37.40 -31.78 -13.47
CA TRP E 114 38.11 -32.90 -14.07
C TRP E 114 39.62 -32.69 -14.19
N GLY E 115 40.09 -31.49 -13.88
CA GLY E 115 41.52 -31.23 -13.94
C GLY E 115 42.08 -31.45 -15.34
N GLN E 116 43.22 -32.13 -15.41
CA GLN E 116 43.86 -32.45 -16.68
C GLN E 116 44.24 -33.92 -16.83
N GLY E 117 44.46 -34.65 -15.76
CA GLY E 117 44.79 -36.06 -15.85
C GLY E 117 46.26 -36.34 -16.11
N THR E 118 46.71 -37.53 -15.73
CA THR E 118 48.08 -37.96 -15.96
C THR E 118 48.10 -39.47 -16.16
N LEU E 119 49.17 -39.96 -16.78
CA LEU E 119 49.31 -41.37 -17.12
C LEU E 119 50.45 -41.99 -16.31
N VAL E 120 50.26 -43.24 -15.91
CA VAL E 120 51.27 -44.01 -15.20
C VAL E 120 51.53 -45.30 -15.98
N THR E 121 52.80 -45.60 -16.22
CA THR E 121 53.20 -46.77 -16.99
C THR E 121 53.92 -47.75 -16.07
N VAL E 122 53.45 -48.99 -16.04
CA VAL E 122 54.08 -50.04 -15.24
C VAL E 122 54.98 -50.82 -16.20
N SER E 123 56.22 -50.37 -16.31
CA SER E 123 57.18 -50.99 -17.21
C SER E 123 58.06 -51.98 -16.45
N SER E 124 58.99 -52.60 -17.18
CA SER E 124 59.89 -53.57 -16.56
C SER E 124 61.08 -52.87 -15.92
N ALA E 125 61.82 -52.08 -16.71
CA ALA E 125 62.98 -51.36 -16.19
C ALA E 125 63.25 -50.10 -17.01
N VAL F 3 24.95 -52.69 -13.78
CA VAL F 3 25.37 -53.18 -15.09
C VAL F 3 24.58 -52.47 -16.18
N LEU F 4 25.23 -51.54 -16.88
CA LEU F 4 24.60 -50.74 -17.92
C LEU F 4 25.06 -51.19 -19.29
N THR F 5 24.14 -51.18 -20.25
CA THR F 5 24.42 -51.62 -21.61
C THR F 5 24.09 -50.49 -22.58
N GLN F 6 25.03 -50.21 -23.48
CA GLN F 6 24.84 -49.18 -24.50
C GLN F 6 24.61 -49.83 -25.86
N SER F 7 23.91 -49.10 -26.72
CA SER F 7 23.57 -49.57 -28.06
C SER F 7 23.37 -48.35 -28.95
N PRO F 8 23.56 -48.50 -30.27
CA PRO F 8 23.95 -49.70 -31.03
C PRO F 8 25.45 -49.87 -31.15
N GLY F 9 26.21 -49.63 -30.08
CA GLY F 9 27.65 -49.73 -30.14
C GLY F 9 28.27 -48.65 -31.00
N THR F 10 28.77 -49.03 -32.17
CA THR F 10 29.41 -48.10 -33.09
C THR F 10 28.43 -47.73 -34.20
N LEU F 11 28.28 -46.43 -34.44
CA LEU F 11 27.46 -45.92 -35.53
C LEU F 11 28.24 -44.87 -36.30
N SER F 12 27.96 -44.76 -37.60
CA SER F 12 28.74 -43.93 -38.50
C SER F 12 27.82 -43.11 -39.39
N LEU F 13 26.82 -42.45 -38.79
CA LEU F 13 25.88 -41.67 -39.57
C LEU F 13 26.53 -40.38 -40.07
N SER F 14 26.00 -39.87 -41.17
CA SER F 14 26.53 -38.66 -41.77
C SER F 14 26.23 -37.46 -40.88
N PRO F 15 27.13 -36.48 -40.80
CA PRO F 15 26.86 -35.28 -40.01
C PRO F 15 25.71 -34.48 -40.59
N GLY F 16 24.99 -33.79 -39.70
CA GLY F 16 23.86 -32.99 -40.09
C GLY F 16 22.51 -33.64 -39.92
N GLU F 17 22.44 -34.82 -39.31
CA GLU F 17 21.19 -35.52 -39.07
C GLU F 17 21.14 -35.97 -37.62
N ARG F 18 19.92 -36.17 -37.13
CA ARG F 18 19.72 -36.54 -35.73
C ARG F 18 20.28 -37.93 -35.46
N ALA F 19 20.74 -38.13 -34.22
CA ALA F 19 21.32 -39.38 -33.78
C ALA F 19 20.61 -39.86 -32.53
N THR F 20 20.55 -41.17 -32.35
CA THR F 20 19.90 -41.78 -31.19
C THR F 20 20.85 -42.74 -30.51
N LEU F 21 21.00 -42.60 -29.19
CA LEU F 21 21.80 -43.50 -28.38
C LEU F 21 20.92 -44.05 -27.26
N SER F 22 21.18 -45.29 -26.87
CA SER F 22 20.37 -45.98 -25.88
C SER F 22 21.24 -46.42 -24.71
N CYS F 23 20.62 -46.48 -23.53
CA CYS F 23 21.29 -46.92 -22.31
C CYS F 23 20.30 -47.70 -21.46
N ARG F 24 20.55 -48.99 -21.28
CA ARG F 24 19.70 -49.86 -20.50
C ARG F 24 20.38 -50.24 -19.21
N ALA F 25 19.58 -50.48 -18.17
CA ALA F 25 20.08 -50.85 -16.85
C ALA F 25 19.50 -52.20 -16.47
N SER F 26 20.37 -53.09 -15.96
CA SER F 26 19.91 -54.40 -15.54
C SER F 26 18.93 -54.29 -14.37
N GLN F 27 19.22 -53.41 -13.42
CA GLN F 27 18.35 -53.17 -12.28
C GLN F 27 17.84 -51.74 -12.32
N ILE F 28 16.69 -51.52 -11.68
CA ILE F 28 16.01 -50.23 -11.77
C ILE F 28 16.85 -49.16 -11.08
N VAL F 29 17.02 -48.02 -11.76
CA VAL F 29 17.71 -46.86 -11.21
C VAL F 29 16.75 -45.67 -11.27
N SER F 30 17.09 -44.64 -10.49
CA SER F 30 16.26 -43.44 -10.44
C SER F 30 16.39 -42.65 -11.73
N ARG F 31 15.40 -41.78 -11.97
CA ARG F 31 15.46 -40.91 -13.14
C ARG F 31 16.63 -39.95 -13.04
N ASN F 32 16.87 -39.41 -11.84
CA ASN F 32 18.10 -38.67 -11.57
C ASN F 32 19.21 -39.67 -11.26
N HIS F 33 20.33 -39.18 -10.73
CA HIS F 33 21.52 -40.00 -10.52
C HIS F 33 21.98 -40.65 -11.82
N LEU F 34 21.88 -39.90 -12.92
CA LEU F 34 22.27 -40.39 -14.23
C LEU F 34 22.76 -39.20 -15.06
N ALA F 35 23.86 -39.41 -15.77
CA ALA F 35 24.45 -38.35 -16.57
C ALA F 35 25.12 -38.95 -17.79
N TRP F 36 25.34 -38.10 -18.80
CA TRP F 36 25.95 -38.51 -20.05
C TRP F 36 27.21 -37.68 -20.28
N TYR F 37 28.30 -38.34 -20.62
CA TYR F 37 29.59 -37.69 -20.85
C TYR F 37 30.09 -38.00 -22.24
N GLN F 38 30.51 -36.97 -22.96
CA GLN F 38 31.18 -37.13 -24.25
C GLN F 38 32.65 -36.75 -24.07
N GLN F 39 33.55 -37.59 -24.59
CA GLN F 39 34.98 -37.43 -24.37
C GLN F 39 35.73 -37.71 -25.67
N LYS F 40 36.31 -36.68 -26.24
CA LYS F 40 37.32 -36.92 -27.26
C LYS F 40 38.55 -37.55 -26.63
N PRO F 41 39.23 -38.44 -27.34
CA PRO F 41 40.31 -39.22 -26.69
C PRO F 41 41.41 -38.34 -26.15
N GLY F 42 41.86 -38.67 -24.93
CA GLY F 42 43.01 -38.04 -24.31
C GLY F 42 42.69 -36.89 -23.37
N GLN F 43 41.51 -36.29 -23.45
CA GLN F 43 41.19 -35.10 -22.68
C GLN F 43 40.10 -35.42 -21.65
N ALA F 44 39.71 -34.38 -20.92
CA ALA F 44 38.74 -34.52 -19.83
C ALA F 44 37.32 -34.65 -20.39
N PRO F 45 36.56 -35.66 -19.98
CA PRO F 45 35.19 -35.80 -20.47
C PRO F 45 34.29 -34.68 -19.94
N ARG F 46 33.58 -34.03 -20.85
CA ARG F 46 32.61 -33.02 -20.45
C ARG F 46 31.30 -33.68 -20.03
N LEU F 47 30.49 -32.93 -19.29
CA LEU F 47 29.20 -33.39 -18.81
C LEU F 47 28.11 -32.82 -19.71
N LEU F 48 27.39 -33.69 -20.41
CA LEU F 48 26.37 -33.24 -21.35
C LEU F 48 25.06 -32.91 -20.64
N ILE F 49 24.45 -33.91 -20.01
CA ILE F 49 23.18 -33.73 -19.32
C ILE F 49 23.26 -34.43 -17.97
N PHE F 50 22.46 -33.95 -17.02
CA PHE F 50 22.34 -34.57 -15.71
C PHE F 50 20.86 -34.72 -15.36
N GLY F 51 20.55 -35.78 -14.64
CA GLY F 51 19.16 -36.11 -14.36
C GLY F 51 18.41 -36.70 -15.53
N ALA F 52 19.10 -37.01 -16.62
CA ALA F 52 18.55 -37.69 -17.79
C ALA F 52 17.61 -36.81 -18.59
N SER F 53 17.30 -35.61 -18.10
CA SER F 53 16.43 -34.70 -18.83
C SER F 53 16.82 -33.24 -18.72
N SER F 54 17.92 -32.90 -18.06
CA SER F 54 18.30 -31.51 -17.82
C SER F 54 19.64 -31.21 -18.45
N ARG F 55 19.71 -30.11 -19.20
CA ARG F 55 20.94 -29.70 -19.85
C ARG F 55 21.95 -29.19 -18.82
N ALA F 56 23.21 -29.17 -19.22
CA ALA F 56 24.28 -28.65 -18.38
C ALA F 56 24.45 -27.16 -18.64
N THR F 57 25.52 -26.57 -18.11
CA THR F 57 25.81 -25.15 -18.26
C THR F 57 26.89 -24.98 -19.33
N GLY F 58 26.47 -24.56 -20.52
CA GLY F 58 27.42 -24.26 -21.58
C GLY F 58 27.44 -25.28 -22.71
N ILE F 59 26.29 -25.84 -23.04
CA ILE F 59 26.20 -26.77 -24.17
C ILE F 59 25.13 -26.26 -25.13
N PRO F 60 25.21 -26.60 -26.41
CA PRO F 60 24.19 -26.12 -27.36
C PRO F 60 22.81 -26.73 -27.09
N VAL F 61 21.79 -26.03 -27.57
CA VAL F 61 20.41 -26.48 -27.42
C VAL F 61 20.13 -27.77 -28.17
N ARG F 62 21.02 -28.17 -29.09
CA ARG F 62 20.78 -29.37 -29.89
C ARG F 62 20.67 -30.61 -29.03
N PHE F 63 21.53 -30.72 -28.01
CA PHE F 63 21.54 -31.90 -27.15
C PHE F 63 20.28 -31.94 -26.28
N SER F 64 19.73 -33.13 -26.11
CA SER F 64 18.54 -33.33 -25.28
C SER F 64 18.40 -34.82 -24.99
N GLY F 65 18.09 -35.13 -23.74
CA GLY F 65 17.98 -36.51 -23.30
C GLY F 65 16.67 -36.77 -22.59
N SER F 66 16.21 -38.01 -22.66
CA SER F 66 14.98 -38.43 -21.99
C SER F 66 15.18 -39.86 -21.49
N GLY F 67 14.18 -40.36 -20.79
CA GLY F 67 14.18 -41.72 -20.30
C GLY F 67 13.55 -41.84 -18.92
N SER F 68 13.04 -43.02 -18.63
CA SER F 68 12.43 -43.30 -17.33
C SER F 68 12.44 -44.82 -17.12
N GLY F 69 12.78 -45.23 -15.91
CA GLY F 69 12.83 -46.65 -15.59
C GLY F 69 14.22 -47.21 -15.84
N THR F 70 14.29 -48.26 -16.66
CA THR F 70 15.55 -48.90 -17.02
C THR F 70 15.93 -48.63 -18.48
N ASP F 71 15.36 -47.58 -19.06
CA ASP F 71 15.68 -47.18 -20.43
C ASP F 71 15.96 -45.69 -20.45
N PHE F 72 17.10 -45.31 -21.02
CA PHE F 72 17.51 -43.91 -21.09
C PHE F 72 18.11 -43.65 -22.45
N THR F 73 17.55 -42.69 -23.17
CA THR F 73 17.96 -42.38 -24.53
C THR F 73 18.42 -40.93 -24.63
N LEU F 74 19.50 -40.72 -25.38
CA LEU F 74 20.04 -39.39 -25.64
C LEU F 74 19.99 -39.15 -27.13
N THR F 75 19.40 -38.03 -27.54
CA THR F 75 19.28 -37.67 -28.94
C THR F 75 19.88 -36.29 -29.17
N ILE F 76 20.61 -36.15 -30.27
CA ILE F 76 21.20 -34.87 -30.67
C ILE F 76 20.60 -34.49 -32.02
N ASN F 77 19.96 -33.32 -32.07
CA ASN F 77 19.26 -32.92 -33.28
C ASN F 77 20.23 -32.44 -34.35
N GLY F 78 20.98 -31.38 -34.06
CA GLY F 78 22.01 -30.93 -34.97
C GLY F 78 23.34 -31.59 -34.65
N LEU F 79 23.86 -32.37 -35.60
CA LEU F 79 25.09 -33.13 -35.39
C LEU F 79 26.23 -32.37 -36.07
N ALA F 80 26.77 -31.38 -35.37
CA ALA F 80 27.86 -30.59 -35.89
C ALA F 80 29.13 -31.43 -35.97
N PRO F 81 30.08 -31.06 -36.83
CA PRO F 81 31.33 -31.82 -36.94
C PRO F 81 32.22 -31.75 -35.70
N GLU F 82 31.81 -31.06 -34.64
CA GLU F 82 32.64 -30.88 -33.47
C GLU F 82 32.22 -31.75 -32.28
N ASP F 83 31.27 -32.68 -32.48
CA ASP F 83 30.80 -33.53 -31.40
C ASP F 83 30.89 -35.00 -31.79
N PHE F 84 32.03 -35.41 -32.37
CA PHE F 84 32.31 -36.80 -32.67
C PHE F 84 33.23 -37.34 -31.58
N ALA F 85 32.67 -38.10 -30.65
CA ALA F 85 33.45 -38.65 -29.55
C ALA F 85 32.70 -39.84 -28.97
N VAL F 86 33.21 -40.36 -27.86
CA VAL F 86 32.61 -41.49 -27.15
C VAL F 86 31.64 -40.95 -26.11
N TYR F 87 30.43 -41.51 -26.10
CA TYR F 87 29.35 -41.03 -25.24
C TYR F 87 29.09 -42.07 -24.15
N TYR F 88 29.55 -41.78 -22.94
CA TYR F 88 29.35 -42.67 -21.80
C TYR F 88 28.03 -42.35 -21.11
N CYS F 89 27.52 -43.34 -20.37
CA CYS F 89 26.24 -43.24 -19.68
C CYS F 89 26.45 -43.62 -18.22
N LEU F 90 26.80 -42.63 -17.41
CA LEU F 90 27.04 -42.86 -15.98
C LEU F 90 25.73 -43.06 -15.25
N SER F 91 25.76 -43.90 -14.21
CA SER F 91 24.60 -44.15 -13.36
C SER F 91 25.04 -44.11 -11.90
N SER F 92 24.06 -44.21 -11.01
CA SER F 92 24.30 -44.24 -9.56
C SER F 92 23.10 -44.85 -8.89
N ASP F 93 23.28 -46.01 -8.26
CA ASP F 93 22.14 -46.71 -7.64
C ASP F 93 21.79 -46.08 -6.30
N SER F 94 22.71 -46.16 -5.33
CA SER F 94 22.52 -45.48 -4.06
C SER F 94 23.60 -44.43 -3.82
N SER F 95 24.88 -44.82 -3.80
CA SER F 95 25.97 -43.87 -3.75
C SER F 95 27.17 -44.32 -4.59
N ILE F 96 27.06 -45.45 -5.28
CA ILE F 96 28.15 -46.01 -6.07
C ILE F 96 27.98 -45.60 -7.52
N PHE F 97 29.09 -45.48 -8.24
CA PHE F 97 29.08 -45.10 -9.64
C PHE F 97 29.58 -46.25 -10.51
N THR F 98 28.95 -46.40 -11.67
CA THR F 98 29.36 -47.40 -12.65
C THR F 98 29.08 -46.86 -14.04
N PHE F 99 30.12 -46.82 -14.87
CA PHE F 99 30.01 -46.27 -16.21
C PHE F 99 29.39 -47.30 -17.15
N GLY F 100 29.41 -47.02 -18.45
CA GLY F 100 28.92 -47.94 -19.44
C GLY F 100 30.02 -48.34 -20.41
N PRO F 101 29.74 -49.32 -21.27
CA PRO F 101 30.76 -49.75 -22.25
C PRO F 101 31.21 -48.64 -23.16
N GLY F 102 30.31 -47.73 -23.53
CA GLY F 102 30.68 -46.61 -24.38
C GLY F 102 30.31 -46.80 -25.83
N THR F 103 29.73 -45.77 -26.44
CA THR F 103 29.36 -45.78 -27.84
C THR F 103 30.15 -44.70 -28.59
N LYS F 104 30.43 -44.95 -29.86
CA LYS F 104 31.21 -44.04 -30.68
C LYS F 104 30.38 -43.54 -31.85
N VAL F 105 30.49 -42.25 -32.14
CA VAL F 105 29.84 -41.64 -33.29
C VAL F 105 30.91 -41.40 -34.34
N ASP F 106 30.81 -42.12 -35.45
CA ASP F 106 31.81 -42.06 -36.51
C ASP F 106 31.29 -41.19 -37.67
N PHE F 107 32.04 -41.19 -38.76
CA PHE F 107 31.72 -40.42 -39.96
C PHE F 107 31.68 -38.92 -39.66
N VAL G 2 10.60 23.93 -37.61
CA VAL G 2 11.51 24.62 -36.68
C VAL G 2 11.94 25.95 -37.28
N GLN G 3 11.82 26.07 -38.60
CA GLN G 3 12.22 27.27 -39.32
C GLN G 3 11.08 28.28 -39.35
N LEU G 4 11.46 29.55 -39.49
CA LEU G 4 10.52 30.65 -39.59
C LEU G 4 10.91 31.54 -40.76
N VAL G 5 9.94 31.93 -41.57
CA VAL G 5 10.18 32.66 -42.80
C VAL G 5 9.57 34.05 -42.70
N GLU G 6 10.13 34.98 -43.48
CA GLU G 6 9.68 36.35 -43.49
C GLU G 6 9.60 36.86 -44.92
N SER G 7 8.77 37.87 -45.13
CA SER G 7 8.56 38.46 -46.45
C SER G 7 8.75 39.97 -46.40
N GLY G 8 8.39 40.66 -47.48
CA GLY G 8 8.48 42.11 -47.52
C GLY G 8 9.61 42.68 -48.35
N GLY G 9 10.25 41.88 -49.20
CA GLY G 9 11.34 42.38 -50.01
C GLY G 9 10.87 43.34 -51.10
N GLY G 10 11.83 44.07 -51.64
CA GLY G 10 11.59 45.02 -52.71
C GLY G 10 12.41 46.27 -52.49
N VAL G 11 12.15 47.28 -53.32
CA VAL G 11 12.85 48.56 -53.27
C VAL G 11 11.82 49.68 -53.18
N VAL G 12 12.06 50.62 -52.27
CA VAL G 12 11.19 51.77 -52.08
C VAL G 12 12.06 53.02 -51.97
N GLN G 13 11.60 54.11 -52.59
CA GLN G 13 12.31 55.38 -52.50
C GLN G 13 12.27 55.90 -51.06
N PRO G 14 13.34 56.53 -50.58
CA PRO G 14 13.33 57.06 -49.22
C PRO G 14 12.18 58.04 -49.00
N GLY G 15 11.28 57.67 -48.09
CA GLY G 15 10.10 58.48 -47.80
C GLY G 15 8.83 57.67 -47.80
N ARG G 16 8.93 56.39 -48.15
CA ARG G 16 7.78 55.48 -48.19
C ARG G 16 7.93 54.44 -47.09
N SER G 17 6.84 54.19 -46.37
CA SER G 17 6.85 53.23 -45.29
C SER G 17 6.89 51.81 -45.84
N LEU G 18 7.17 50.86 -44.93
CA LEU G 18 7.23 49.44 -45.30
C LEU G 18 7.04 48.60 -44.05
N ARG G 19 6.09 47.68 -44.08
CA ARG G 19 5.81 46.77 -42.98
C ARG G 19 5.97 45.34 -43.48
N LEU G 20 6.92 44.62 -42.90
CA LEU G 20 7.21 43.25 -43.28
C LEU G 20 6.92 42.30 -42.12
N SER G 21 6.32 41.16 -42.43
CA SER G 21 5.94 40.18 -41.44
C SER G 21 6.95 39.03 -41.42
N CYS G 22 6.84 38.20 -40.38
CA CYS G 22 7.72 37.05 -40.22
C CYS G 22 6.92 35.93 -39.58
N ALA G 23 6.45 34.99 -40.38
CA ALA G 23 5.66 33.87 -39.88
C ALA G 23 6.57 32.90 -39.12
N ALA G 24 5.96 31.99 -38.37
CA ALA G 24 6.70 31.02 -37.59
C ALA G 24 5.87 29.77 -37.41
N SER G 25 6.54 28.62 -37.46
CA SER G 25 5.88 27.33 -37.27
C SER G 25 6.81 26.42 -36.48
N GLY G 26 6.24 25.35 -35.93
CA GLY G 26 7.02 24.43 -35.12
C GLY G 26 6.95 24.74 -33.64
N PHE G 27 7.96 25.46 -33.14
CA PHE G 27 8.04 25.80 -31.73
C PHE G 27 6.81 26.57 -31.27
N SER G 28 6.56 26.53 -29.97
CA SER G 28 5.46 27.26 -29.36
C SER G 28 5.73 28.76 -29.46
N PHE G 29 5.00 29.45 -30.33
CA PHE G 29 5.27 30.85 -30.59
C PHE G 29 4.97 31.72 -29.37
N SER G 30 3.91 31.41 -28.64
CA SER G 30 3.45 32.27 -27.55
C SER G 30 4.32 32.20 -26.31
N HIS G 31 5.49 31.57 -26.32
CA HIS G 31 6.36 31.48 -25.16
C HIS G 31 7.75 32.03 -25.42
N TYR G 32 7.97 32.71 -26.55
CA TYR G 32 9.29 33.18 -26.92
C TYR G 32 9.24 34.66 -27.30
N ALA G 33 10.39 35.31 -27.21
CA ALA G 33 10.57 36.66 -27.71
C ALA G 33 11.24 36.63 -29.07
N MET G 34 11.04 37.71 -29.84
CA MET G 34 11.56 37.80 -31.19
C MET G 34 12.40 39.05 -31.36
N HIS G 35 13.54 38.89 -32.03
CA HIS G 35 14.48 39.97 -32.30
C HIS G 35 14.46 40.31 -33.79
N TRP G 36 15.01 41.47 -34.12
CA TRP G 36 15.23 41.89 -35.49
C TRP G 36 16.64 42.44 -35.62
N VAL G 37 17.45 41.81 -36.47
CA VAL G 37 18.82 42.24 -36.69
C VAL G 37 19.05 42.39 -38.19
N ARG G 38 19.69 43.48 -38.58
CA ARG G 38 19.98 43.76 -39.98
C ARG G 38 21.48 43.70 -40.24
N GLN G 39 21.82 43.47 -41.51
CA GLN G 39 23.22 43.31 -41.91
C GLN G 39 23.38 43.83 -43.32
N ALA G 40 24.23 44.84 -43.49
CA ALA G 40 24.59 45.28 -44.83
C ALA G 40 25.47 44.22 -45.50
N PRO G 41 25.36 44.05 -46.82
CA PRO G 41 26.16 43.01 -47.49
C PRO G 41 27.66 43.20 -47.29
N GLY G 42 28.28 42.26 -46.57
CA GLY G 42 29.69 42.32 -46.27
C GLY G 42 30.03 43.02 -44.96
N LYS G 43 29.11 43.77 -44.39
CA LYS G 43 29.34 44.49 -43.15
C LYS G 43 28.90 43.65 -41.96
N GLY G 44 28.88 44.25 -40.77
CA GLY G 44 28.56 43.54 -39.55
C GLY G 44 27.10 43.66 -39.16
N LEU G 45 26.63 42.68 -38.40
CA LEU G 45 25.26 42.68 -37.91
C LEU G 45 25.07 43.74 -36.84
N GLU G 46 23.85 44.28 -36.75
CA GLU G 46 23.49 45.23 -35.72
C GLU G 46 22.03 44.98 -35.32
N TRP G 47 21.75 45.17 -34.03
CA TRP G 47 20.45 44.79 -33.47
C TRP G 47 19.47 45.96 -33.55
N VAL G 48 18.20 45.62 -33.85
CA VAL G 48 17.14 46.61 -33.95
C VAL G 48 15.88 46.03 -33.30
N ALA G 49 15.52 46.54 -32.13
CA ALA G 49 14.23 46.27 -31.47
C ALA G 49 14.09 44.85 -30.95
N VAL G 50 13.34 44.69 -29.86
CA VAL G 50 13.00 43.40 -29.28
C VAL G 50 11.57 43.49 -28.75
N ILE G 51 10.74 42.51 -29.12
CA ILE G 51 9.38 42.41 -28.63
C ILE G 51 9.30 41.24 -27.65
N SER G 52 8.72 41.49 -26.48
CA SER G 52 8.61 40.45 -25.47
C SER G 52 7.52 39.45 -25.83
N TYR G 53 7.53 38.32 -25.12
CA TYR G 53 6.56 37.26 -25.43
C TYR G 53 5.14 37.71 -25.12
N ASP G 54 4.95 38.45 -24.02
CA ASP G 54 3.61 38.95 -23.69
C ASP G 54 3.19 40.10 -24.59
N GLY G 55 4.12 40.96 -25.01
CA GLY G 55 3.82 42.04 -25.92
C GLY G 55 3.67 43.42 -25.29
N GLU G 56 3.88 43.55 -23.98
CA GLU G 56 3.84 44.85 -23.32
C GLU G 56 5.21 45.48 -23.13
N ASN G 57 6.28 44.81 -23.58
CA ASN G 57 7.63 45.31 -23.44
C ASN G 57 8.27 45.46 -24.82
N THR G 58 8.94 46.59 -25.03
CA THR G 58 9.57 46.90 -26.31
C THR G 58 10.81 47.74 -26.06
N TYR G 59 11.88 47.44 -26.79
CA TYR G 59 13.15 48.17 -26.64
C TYR G 59 13.78 48.33 -28.02
N TYR G 60 13.56 49.48 -28.64
CA TYR G 60 14.17 49.80 -29.92
C TYR G 60 15.64 50.17 -29.75
N ALA G 61 16.39 50.08 -30.84
CA ALA G 61 17.78 50.49 -30.82
C ALA G 61 17.89 52.00 -30.62
N ASP G 62 18.94 52.41 -29.90
CA ASP G 62 19.11 53.83 -29.61
C ASP G 62 19.36 54.65 -30.88
N SER G 63 20.14 54.10 -31.82
CA SER G 63 20.45 54.85 -33.03
C SER G 63 19.19 55.13 -33.86
N VAL G 64 18.28 54.17 -33.92
CA VAL G 64 17.05 54.29 -34.71
C VAL G 64 15.86 54.05 -33.79
N LYS G 65 15.27 55.14 -33.29
CA LYS G 65 14.13 55.07 -32.40
C LYS G 65 13.15 56.17 -32.75
N GLY G 66 11.87 55.92 -32.50
CA GLY G 66 10.79 56.85 -32.80
C GLY G 66 10.14 56.63 -34.15
N ARG G 67 10.92 56.24 -35.16
CA ARG G 67 10.40 55.92 -36.48
C ARG G 67 10.23 54.42 -36.68
N PHE G 68 10.33 53.64 -35.61
CA PHE G 68 10.18 52.20 -35.65
C PHE G 68 8.97 51.76 -34.85
N SER G 69 8.36 50.66 -35.29
CA SER G 69 7.21 50.09 -34.60
C SER G 69 7.21 48.59 -34.82
N ILE G 70 7.08 47.84 -33.73
CA ILE G 70 7.09 46.38 -33.77
C ILE G 70 5.82 45.88 -33.10
N SER G 71 5.19 44.88 -33.71
CA SER G 71 3.95 44.32 -33.19
C SER G 71 4.06 42.80 -33.20
N ARG G 72 3.34 42.18 -32.26
CA ARG G 72 3.35 40.73 -32.12
C ARG G 72 1.92 40.24 -31.95
N ASP G 73 1.59 39.18 -32.70
CA ASP G 73 0.28 38.55 -32.60
C ASP G 73 0.48 37.07 -32.28
N ASN G 74 -0.32 36.56 -31.34
CA ASN G 74 -0.22 35.16 -30.94
C ASN G 74 -1.30 34.29 -31.56
N SER G 75 -2.45 34.87 -31.88
CA SER G 75 -3.52 34.10 -32.52
C SER G 75 -3.08 33.59 -33.90
N LYS G 76 -2.43 34.45 -34.68
CA LYS G 76 -1.91 34.07 -35.99
C LYS G 76 -0.40 33.82 -35.95
N ASN G 77 0.18 33.73 -34.75
CA ASN G 77 1.59 33.42 -34.48
C ASN G 77 2.53 34.00 -35.56
N THR G 78 2.42 35.31 -35.73
CA THR G 78 3.28 36.08 -36.63
C THR G 78 3.73 37.36 -35.95
N VAL G 79 4.85 37.89 -36.41
CA VAL G 79 5.40 39.14 -35.90
C VAL G 79 5.59 40.09 -37.07
N SER G 80 5.22 41.36 -36.84
CA SER G 80 5.27 42.37 -37.90
C SER G 80 6.08 43.56 -37.43
N LEU G 81 7.01 44.00 -38.28
CA LEU G 81 7.86 45.16 -38.01
C LEU G 81 7.47 46.27 -38.98
N GLN G 82 7.21 47.47 -38.45
CA GLN G 82 6.75 48.60 -39.23
C GLN G 82 7.80 49.70 -39.22
N MET G 83 8.08 50.26 -40.40
CA MET G 83 9.02 51.36 -40.53
C MET G 83 8.35 52.53 -41.24
N ASN G 84 8.94 53.71 -41.07
CA ASN G 84 8.51 54.91 -41.76
C ASN G 84 9.69 55.86 -41.90
N SER G 85 9.64 56.70 -42.93
CA SER G 85 10.69 57.68 -43.22
C SER G 85 12.05 57.00 -43.35
N LEU G 86 12.12 55.97 -44.20
CA LEU G 86 13.34 55.20 -44.37
C LEU G 86 14.43 56.06 -45.02
N ARG G 87 15.64 55.96 -44.49
CA ARG G 87 16.82 56.65 -44.98
C ARG G 87 17.80 55.66 -45.60
N PRO G 88 18.67 56.12 -46.51
CA PRO G 88 19.41 55.16 -47.36
C PRO G 88 20.50 54.38 -46.66
N GLU G 89 20.71 54.51 -45.35
CA GLU G 89 21.62 53.60 -44.67
C GLU G 89 20.90 52.37 -44.14
N ASP G 90 19.59 52.26 -44.39
CA ASP G 90 18.83 51.08 -44.03
C ASP G 90 18.80 50.04 -45.14
N THR G 91 19.47 50.29 -46.26
CA THR G 91 19.51 49.32 -47.36
C THR G 91 20.41 48.15 -46.97
N ALA G 92 19.82 47.08 -46.45
CA ALA G 92 20.59 45.96 -45.95
C ALA G 92 19.69 44.73 -45.92
N LEU G 93 20.22 43.62 -45.40
CA LEU G 93 19.49 42.38 -45.24
C LEU G 93 19.09 42.24 -43.78
N TYR G 94 17.79 42.10 -43.52
CA TYR G 94 17.29 41.95 -42.17
C TYR G 94 17.27 40.48 -41.77
N TYR G 95 16.94 40.23 -40.51
CA TYR G 95 16.87 38.87 -39.99
C TYR G 95 15.88 38.83 -38.85
N CYS G 96 14.88 37.95 -38.96
CA CYS G 96 13.88 37.76 -37.91
C CYS G 96 14.27 36.50 -37.14
N ALA G 97 14.76 36.68 -35.92
CA ALA G 97 15.35 35.59 -35.15
C ALA G 97 14.62 35.41 -33.83
N ARG G 98 14.82 34.23 -33.24
CA ARG G 98 14.19 33.83 -31.99
C ARG G 98 15.22 33.81 -30.87
N ASP G 99 14.72 33.83 -29.64
CA ASP G 99 15.57 33.79 -28.47
C ASP G 99 15.84 32.33 -28.07
N ARG G 100 16.45 32.13 -26.90
CA ARG G 100 16.76 30.78 -26.42
C ARG G 100 16.30 30.55 -24.99
N ILE G 101 15.52 31.46 -24.41
CA ILE G 101 14.98 31.30 -23.06
C ILE G 101 13.48 31.54 -23.13
N VAL G 102 12.73 30.82 -22.29
CA VAL G 102 11.28 30.75 -22.38
C VAL G 102 10.67 31.49 -21.19
N ASP G 103 9.74 32.40 -21.48
CA ASP G 103 8.89 33.04 -20.48
C ASP G 103 9.71 33.85 -19.47
N ASP G 104 10.61 34.68 -19.98
CA ASP G 104 11.39 35.60 -19.17
C ASP G 104 11.33 36.99 -19.78
N TYR G 105 11.33 38.01 -18.91
CA TYR G 105 11.37 39.39 -19.36
C TYR G 105 12.78 39.89 -19.59
N TYR G 106 13.78 39.04 -19.39
CA TYR G 106 15.18 39.37 -19.69
C TYR G 106 15.58 38.56 -20.92
N TYR G 107 16.42 39.15 -21.76
CA TYR G 107 16.71 38.60 -23.07
C TYR G 107 18.16 38.13 -23.14
N TYR G 108 18.37 36.93 -23.72
CA TYR G 108 19.69 36.29 -23.80
C TYR G 108 19.91 35.83 -25.23
N GLY G 109 20.45 36.72 -26.06
CA GLY G 109 20.89 36.36 -27.40
C GLY G 109 19.81 35.79 -28.32
N MET G 110 20.28 35.30 -29.47
CA MET G 110 19.44 34.70 -30.50
C MET G 110 19.83 33.24 -30.67
N ASP G 111 18.85 32.42 -31.05
CA ASP G 111 19.09 30.99 -31.20
C ASP G 111 18.67 30.45 -32.56
N VAL G 112 17.54 30.89 -33.10
CA VAL G 112 17.00 30.37 -34.35
C VAL G 112 16.82 31.52 -35.32
N TRP G 113 17.40 31.40 -36.51
CA TRP G 113 17.36 32.42 -37.54
C TRP G 113 16.54 31.94 -38.73
N GLY G 114 16.49 32.76 -39.77
CA GLY G 114 15.77 32.41 -40.98
C GLY G 114 16.29 33.21 -42.15
N GLN G 115 15.78 32.87 -43.34
CA GLN G 115 16.15 33.58 -44.56
C GLN G 115 15.57 34.99 -44.52
N GLY G 116 16.44 35.99 -44.41
CA GLY G 116 15.98 37.35 -44.23
C GLY G 116 15.47 38.01 -45.49
N ALA G 117 14.92 39.21 -45.32
CA ALA G 117 14.38 40.01 -46.40
C ALA G 117 15.29 41.20 -46.68
N THR G 118 15.13 41.77 -47.87
CA THR G 118 15.93 42.90 -48.31
C THR G 118 15.05 44.11 -48.56
N VAL G 119 15.60 45.30 -48.34
CA VAL G 119 14.87 46.55 -48.53
C VAL G 119 15.76 47.52 -49.30
N THR G 120 15.16 48.21 -50.27
CA THR G 120 15.84 49.21 -51.10
C THR G 120 17.11 48.66 -51.74
N VAL H 2 -17.67 -42.36 8.21
CA VAL H 2 -16.65 -42.43 7.18
C VAL H 2 -16.53 -43.86 6.65
N GLN H 3 -17.07 -44.81 7.41
CA GLN H 3 -17.02 -46.22 7.05
C GLN H 3 -18.43 -46.72 6.80
N LEU H 4 -18.59 -47.53 5.74
CA LEU H 4 -19.87 -48.11 5.38
C LEU H 4 -19.99 -49.49 5.99
N VAL H 5 -21.21 -49.86 6.37
CA VAL H 5 -21.49 -51.13 7.04
C VAL H 5 -22.53 -51.89 6.23
N GLN H 6 -22.27 -53.17 6.00
CA GLN H 6 -23.16 -54.03 5.23
C GLN H 6 -24.19 -54.70 6.13
N SER H 7 -25.10 -55.43 5.49
CA SER H 7 -26.08 -56.24 6.20
C SER H 7 -25.43 -57.56 6.60
N GLY H 8 -26.24 -58.53 7.04
CA GLY H 8 -25.75 -59.83 7.46
C GLY H 8 -25.84 -60.85 6.32
N ALA H 9 -24.83 -61.71 6.25
CA ALA H 9 -24.84 -62.77 5.24
C ALA H 9 -25.90 -63.81 5.57
N GLU H 10 -26.39 -64.47 4.52
CA GLU H 10 -27.47 -65.43 4.69
C GLU H 10 -27.47 -66.41 3.52
N VAL H 11 -28.21 -67.50 3.70
CA VAL H 11 -28.44 -68.48 2.65
C VAL H 11 -29.78 -68.20 2.01
N LYS H 12 -29.96 -68.63 0.76
CA LYS H 12 -31.19 -68.37 0.04
C LYS H 12 -31.49 -69.52 -0.91
N LYS H 13 -32.75 -69.60 -1.33
CA LYS H 13 -33.23 -70.61 -2.26
C LYS H 13 -33.69 -69.94 -3.55
N PRO H 14 -33.59 -70.64 -4.68
CA PRO H 14 -33.99 -70.03 -5.96
C PRO H 14 -35.46 -69.67 -5.98
N GLY H 15 -35.78 -68.59 -6.70
CA GLY H 15 -37.15 -68.15 -6.89
C GLY H 15 -37.58 -67.01 -6.00
N ALA H 16 -36.80 -66.66 -4.98
CA ALA H 16 -37.18 -65.62 -4.05
C ALA H 16 -36.45 -64.33 -4.35
N THR H 17 -36.71 -63.31 -3.54
CA THR H 17 -36.11 -61.98 -3.68
C THR H 17 -35.38 -61.62 -2.40
N VAL H 18 -34.16 -61.09 -2.54
CA VAL H 18 -33.30 -60.80 -1.40
C VAL H 18 -33.22 -59.29 -1.21
N LYS H 19 -32.82 -58.89 -0.01
CA LYS H 19 -32.66 -57.48 0.35
C LYS H 19 -31.28 -57.27 0.97
N VAL H 20 -30.59 -56.23 0.50
CA VAL H 20 -29.28 -55.84 1.02
C VAL H 20 -29.33 -54.37 1.41
N SER H 21 -28.75 -54.05 2.56
CA SER H 21 -28.84 -52.73 3.13
C SER H 21 -27.45 -52.11 3.27
N CYS H 22 -27.43 -50.77 3.33
CA CYS H 22 -26.21 -50.01 3.46
C CYS H 22 -26.45 -48.84 4.40
N LYS H 23 -25.69 -48.77 5.48
CA LYS H 23 -25.80 -47.70 6.46
C LYS H 23 -24.60 -46.76 6.33
N ILE H 24 -24.87 -45.46 6.29
CA ILE H 24 -23.84 -44.43 6.19
C ILE H 24 -23.72 -43.71 7.51
N SER H 25 -22.50 -43.65 8.05
CA SER H 25 -22.22 -42.96 9.30
C SER H 25 -20.97 -42.12 9.09
N GLY H 26 -21.16 -40.81 8.89
CA GLY H 26 -20.04 -39.91 8.69
C GLY H 26 -20.29 -38.85 7.64
N HIS H 27 -21.28 -39.07 6.78
CA HIS H 27 -21.62 -38.11 5.73
C HIS H 27 -23.14 -37.97 5.69
N THR H 28 -23.65 -37.30 4.65
CA THR H 28 -25.07 -36.98 4.56
C THR H 28 -25.76 -37.67 3.40
N LEU H 29 -25.02 -38.26 2.46
CA LEU H 29 -25.54 -39.05 1.35
C LEU H 29 -26.27 -38.15 0.35
N ILE H 30 -26.43 -36.87 0.68
CA ILE H 30 -26.95 -35.92 -0.31
C ILE H 30 -25.90 -35.62 -1.37
N LYS H 31 -24.64 -35.97 -1.10
CA LYS H 31 -23.55 -35.78 -2.05
C LYS H 31 -22.84 -37.07 -2.44
N LEU H 32 -22.86 -38.08 -1.58
CA LEU H 32 -22.21 -39.35 -1.88
C LEU H 32 -22.95 -40.08 -3.00
N SER H 33 -22.18 -40.80 -3.82
CA SER H 33 -22.72 -41.65 -4.86
C SER H 33 -22.38 -43.10 -4.52
N ILE H 34 -23.40 -43.94 -4.41
CA ILE H 34 -23.24 -45.33 -4.02
C ILE H 34 -23.63 -46.22 -5.19
N HIS H 35 -22.94 -47.35 -5.32
CA HIS H 35 -23.22 -48.31 -6.37
C HIS H 35 -23.27 -49.72 -5.79
N TRP H 36 -23.30 -50.73 -6.66
CA TRP H 36 -23.31 -52.12 -6.21
C TRP H 36 -22.52 -52.96 -7.19
N VAL H 37 -21.50 -53.66 -6.70
CA VAL H 37 -20.64 -54.50 -7.52
C VAL H 37 -20.71 -55.92 -7.00
N ARG H 38 -20.72 -56.89 -7.91
CA ARG H 38 -20.80 -58.30 -7.59
C ARG H 38 -19.51 -58.99 -8.03
N GLN H 39 -18.85 -59.68 -7.11
CA GLN H 39 -17.64 -60.42 -7.40
C GLN H 39 -17.95 -61.92 -7.29
N ALA H 40 -17.77 -62.63 -8.40
CA ALA H 40 -18.00 -64.07 -8.41
C ALA H 40 -16.91 -64.77 -7.61
N PRO H 41 -17.15 -66.01 -7.17
CA PRO H 41 -16.13 -66.72 -6.40
C PRO H 41 -14.94 -67.13 -7.25
N GLY H 42 -14.04 -66.19 -7.48
CA GLY H 42 -12.85 -66.42 -8.27
C GLY H 42 -12.82 -65.72 -9.61
N LYS H 43 -13.83 -64.93 -9.95
CA LYS H 43 -13.91 -64.22 -11.21
C LYS H 43 -13.86 -62.70 -10.96
N GLY H 44 -13.98 -61.94 -12.04
CA GLY H 44 -13.93 -60.49 -11.93
C GLY H 44 -15.24 -59.89 -11.47
N LEU H 45 -15.18 -58.60 -11.15
CA LEU H 45 -16.36 -57.87 -10.68
C LEU H 45 -17.16 -57.35 -11.87
N GLU H 46 -18.35 -56.84 -11.58
CA GLU H 46 -19.21 -56.23 -12.58
C GLU H 46 -20.15 -55.24 -11.91
N TRP H 47 -20.24 -54.04 -12.47
CA TRP H 47 -21.13 -53.01 -11.94
C TRP H 47 -22.57 -53.37 -12.28
N MET H 48 -23.45 -53.30 -11.28
CA MET H 48 -24.85 -53.66 -11.44
C MET H 48 -25.78 -52.46 -11.42
N GLY H 49 -25.67 -51.61 -10.40
CA GLY H 49 -26.51 -50.42 -10.32
C GLY H 49 -26.07 -49.55 -9.18
N GLY H 50 -26.64 -48.35 -9.13
CA GLY H 50 -26.29 -47.42 -8.08
C GLY H 50 -27.09 -46.14 -8.19
N TYR H 51 -26.99 -45.32 -7.15
CA TYR H 51 -27.70 -44.06 -7.04
C TYR H 51 -26.70 -42.95 -6.76
N GLU H 52 -26.81 -41.84 -7.49
CA GLU H 52 -25.75 -40.84 -7.49
C GLU H 52 -25.89 -39.84 -6.35
N GLY H 53 -27.09 -39.34 -6.10
CA GLY H 53 -27.27 -38.35 -5.04
C GLY H 53 -27.00 -36.92 -5.41
N GLU H 54 -25.92 -36.66 -6.15
CA GLU H 54 -25.65 -35.31 -6.64
C GLU H 54 -26.75 -34.86 -7.60
N VAL H 55 -27.18 -35.76 -8.49
CA VAL H 55 -28.29 -35.48 -9.38
C VAL H 55 -29.57 -36.16 -8.93
N ASP H 56 -29.49 -37.03 -7.92
CA ASP H 56 -30.64 -37.79 -7.43
C ASP H 56 -31.23 -38.66 -8.54
N GLU H 57 -30.36 -39.46 -9.15
CA GLU H 57 -30.74 -40.34 -10.25
C GLU H 57 -30.18 -41.74 -10.02
N ILE H 58 -30.86 -42.72 -10.59
CA ILE H 58 -30.49 -44.13 -10.45
C ILE H 58 -30.26 -44.71 -11.83
N PHE H 59 -29.14 -45.42 -11.99
CA PHE H 59 -28.84 -46.15 -13.22
C PHE H 59 -28.75 -47.64 -12.91
N TYR H 60 -29.29 -48.46 -13.80
CA TYR H 60 -29.23 -49.90 -13.70
C TYR H 60 -28.55 -50.47 -14.94
N ALA H 61 -27.76 -51.53 -14.75
CA ALA H 61 -27.07 -52.14 -15.87
C ALA H 61 -28.07 -52.70 -16.88
N GLN H 62 -27.68 -52.64 -18.16
CA GLN H 62 -28.57 -53.11 -19.22
C GLN H 62 -28.86 -54.59 -19.08
N LYS H 63 -27.85 -55.39 -18.73
CA LYS H 63 -28.05 -56.82 -18.54
C LYS H 63 -28.86 -57.14 -17.28
N PHE H 64 -29.08 -56.17 -16.40
CA PHE H 64 -29.85 -56.38 -15.17
C PHE H 64 -31.13 -55.56 -15.14
N GLN H 65 -31.48 -54.89 -16.23
CA GLN H 65 -32.66 -54.04 -16.24
C GLN H 65 -33.93 -54.88 -16.06
N HIS H 66 -34.91 -54.27 -15.40
CA HIS H 66 -36.23 -54.84 -15.12
C HIS H 66 -36.18 -56.05 -14.19
N ARG H 67 -34.99 -56.39 -13.68
CA ARG H 67 -34.86 -57.49 -12.73
C ARG H 67 -34.61 -57.04 -11.30
N LEU H 68 -34.11 -55.82 -11.10
CA LEU H 68 -33.83 -55.31 -9.77
C LEU H 68 -34.33 -53.88 -9.63
N THR H 69 -34.60 -53.48 -8.39
CA THR H 69 -35.01 -52.12 -8.08
C THR H 69 -34.28 -51.66 -6.83
N VAL H 70 -33.64 -50.50 -6.92
CA VAL H 70 -32.84 -49.95 -5.84
C VAL H 70 -33.54 -48.71 -5.30
N ILE H 71 -33.79 -48.68 -4.00
CA ILE H 71 -34.44 -47.55 -3.33
C ILE H 71 -33.51 -47.05 -2.24
N ALA H 72 -33.27 -45.74 -2.23
CA ALA H 72 -32.40 -45.10 -1.24
C ALA H 72 -33.21 -44.06 -0.49
N ASP H 73 -33.29 -44.21 0.84
CA ASP H 73 -33.99 -43.26 1.70
C ASP H 73 -33.00 -42.19 2.14
N THR H 74 -33.15 -40.98 1.58
CA THR H 74 -32.22 -39.89 1.88
C THR H 74 -32.29 -39.50 3.35
N ALA H 75 -33.50 -39.37 3.89
CA ALA H 75 -33.64 -38.97 5.29
C ALA H 75 -33.12 -40.03 6.24
N THR H 76 -33.35 -41.30 5.94
CA THR H 76 -32.91 -42.40 6.79
C THR H 76 -31.55 -42.94 6.36
N ASP H 77 -30.76 -42.12 5.65
CA ASP H 77 -29.39 -42.36 5.21
C ASP H 77 -29.11 -43.83 4.92
N THR H 78 -29.93 -44.43 4.06
CA THR H 78 -29.82 -45.84 3.71
C THR H 78 -30.22 -46.04 2.26
N VAL H 79 -29.47 -46.89 1.57
CA VAL H 79 -29.78 -47.31 0.21
C VAL H 79 -30.03 -48.81 0.24
N TYR H 80 -31.17 -49.23 -0.29
CA TYR H 80 -31.61 -50.63 -0.19
C TYR H 80 -31.39 -51.32 -1.53
N MET H 81 -30.83 -52.52 -1.49
CA MET H 81 -30.50 -53.29 -2.69
C MET H 81 -31.47 -54.46 -2.75
N GLU H 82 -32.34 -54.46 -3.76
CA GLU H 82 -33.28 -55.55 -3.99
C GLU H 82 -32.93 -56.27 -5.29
N LEU H 83 -33.10 -57.59 -5.28
CA LEU H 83 -32.77 -58.42 -6.44
C LEU H 83 -33.90 -59.43 -6.64
N GLY H 84 -34.70 -59.20 -7.68
CA GLY H 84 -35.80 -60.09 -8.01
C GLY H 84 -35.39 -61.13 -9.04
N ARG H 85 -36.18 -62.21 -9.10
CA ARG H 85 -35.90 -63.35 -9.97
C ARG H 85 -34.48 -63.86 -9.74
N LEU H 86 -34.23 -64.32 -8.51
CA LEU H 86 -32.89 -64.77 -8.13
C LEU H 86 -32.68 -66.21 -8.57
N THR H 87 -31.66 -66.42 -9.39
CA THR H 87 -31.33 -67.75 -9.91
C THR H 87 -30.35 -68.44 -8.97
N SER H 88 -29.81 -69.58 -9.42
CA SER H 88 -28.89 -70.37 -8.62
C SER H 88 -27.43 -70.05 -8.90
N ASP H 89 -27.14 -69.14 -9.83
CA ASP H 89 -25.78 -68.79 -10.20
C ASP H 89 -25.34 -67.43 -9.66
N ASP H 90 -26.16 -66.80 -8.82
CA ASP H 90 -25.84 -65.49 -8.25
C ASP H 90 -25.19 -65.59 -6.87
N THR H 91 -24.55 -66.72 -6.57
CA THR H 91 -23.84 -66.89 -5.32
C THR H 91 -22.51 -66.14 -5.41
N ALA H 92 -22.48 -64.91 -4.92
CA ALA H 92 -21.30 -64.06 -5.08
C ALA H 92 -21.26 -63.05 -3.95
N VAL H 93 -20.08 -62.47 -3.76
CA VAL H 93 -19.87 -61.44 -2.75
C VAL H 93 -20.29 -60.09 -3.33
N TYR H 94 -21.00 -59.31 -2.52
CA TYR H 94 -21.55 -58.02 -2.95
C TYR H 94 -20.92 -56.90 -2.14
N PHE H 95 -20.19 -56.02 -2.82
CA PHE H 95 -19.67 -54.80 -2.24
C PHE H 95 -20.47 -53.62 -2.76
N CYS H 96 -20.63 -52.60 -1.92
CA CYS H 96 -21.35 -51.41 -2.35
C CYS H 96 -20.45 -50.49 -3.14
N GLY H 97 -19.44 -49.92 -2.49
CA GLY H 97 -18.50 -49.06 -3.18
C GLY H 97 -19.08 -47.68 -3.45
N THR H 98 -18.25 -46.65 -3.31
CA THR H 98 -18.63 -45.28 -3.66
C THR H 98 -17.60 -44.76 -4.66
N LEU H 99 -17.84 -45.07 -5.94
CA LEU H 99 -16.92 -44.72 -7.01
C LEU H 99 -17.63 -43.80 -8.01
N GLY H 100 -16.96 -42.71 -8.37
CA GLY H 100 -17.51 -41.77 -9.33
C GLY H 100 -16.67 -40.52 -9.47
N VAL H 101 -16.47 -40.07 -10.70
CA VAL H 101 -15.65 -38.90 -10.99
C VAL H 101 -16.56 -37.72 -11.26
N THR H 102 -16.30 -36.61 -10.57
CA THR H 102 -17.04 -35.37 -10.74
C THR H 102 -16.12 -34.39 -11.47
N VAL H 103 -16.12 -34.46 -12.79
CA VAL H 103 -15.20 -33.65 -13.60
C VAL H 103 -15.72 -32.22 -13.68
N THR H 104 -14.85 -31.26 -13.41
CA THR H 104 -15.17 -29.85 -13.55
C THR H 104 -14.12 -29.17 -14.43
N GLU H 105 -14.17 -27.84 -14.50
CA GLU H 105 -13.24 -27.11 -15.36
C GLU H 105 -11.85 -26.97 -14.77
N ALA H 106 -11.63 -27.40 -13.52
CA ALA H 106 -10.35 -27.26 -12.86
C ALA H 106 -9.64 -28.58 -12.60
N GLY H 107 -10.38 -29.68 -12.40
CA GLY H 107 -9.75 -30.95 -12.11
C GLY H 107 -10.72 -32.11 -12.00
N LEU H 108 -10.42 -33.05 -11.11
CA LEU H 108 -11.22 -34.26 -10.94
C LEU H 108 -11.40 -34.55 -9.46
N GLY H 109 -12.46 -35.29 -9.15
CA GLY H 109 -12.73 -35.67 -7.77
C GLY H 109 -13.32 -37.06 -7.64
N ILE H 110 -12.78 -37.85 -6.71
CA ILE H 110 -13.24 -39.23 -6.50
C ILE H 110 -12.93 -39.60 -5.07
N ASP H 111 -13.55 -40.69 -4.60
CA ASP H 111 -13.29 -41.22 -3.27
C ASP H 111 -13.61 -42.70 -3.27
N ASP H 112 -13.38 -43.36 -2.13
CA ASP H 112 -13.62 -44.79 -2.03
C ASP H 112 -13.71 -45.18 -0.56
N TYR H 113 -14.83 -45.81 -0.19
CA TYR H 113 -15.02 -46.38 1.14
C TYR H 113 -15.26 -47.88 1.09
N TRP H 114 -16.19 -48.34 0.24
CA TRP H 114 -16.36 -49.73 -0.15
C TRP H 114 -16.91 -50.63 0.95
N GLY H 115 -17.08 -50.09 2.16
CA GLY H 115 -17.62 -50.90 3.25
C GLY H 115 -16.77 -52.12 3.53
N GLN H 116 -17.44 -53.27 3.71
CA GLN H 116 -16.76 -54.53 3.95
C GLN H 116 -17.25 -55.69 3.09
N GLY H 117 -18.48 -55.63 2.57
CA GLY H 117 -18.98 -56.68 1.69
C GLY H 117 -19.46 -57.93 2.40
N THR H 118 -20.50 -58.55 1.87
CA THR H 118 -21.04 -59.80 2.39
C THR H 118 -21.35 -60.73 1.25
N LEU H 119 -21.35 -62.03 1.54
CA LEU H 119 -21.60 -63.06 0.54
C LEU H 119 -22.99 -63.66 0.74
N VAL H 120 -23.65 -63.95 -0.38
CA VAL H 120 -24.96 -64.60 -0.37
C VAL H 120 -24.84 -65.91 -1.14
N THR H 121 -25.33 -67.00 -0.53
CA THR H 121 -25.23 -68.34 -1.10
C THR H 121 -26.63 -68.82 -1.48
N VAL H 122 -26.78 -69.27 -2.73
CA VAL H 122 -28.04 -69.79 -3.22
C VAL H 122 -27.94 -71.32 -3.15
N SER H 123 -28.36 -71.88 -2.02
CA SER H 123 -28.28 -73.31 -1.81
C SER H 123 -29.63 -73.97 -2.11
N SER H 124 -29.69 -75.29 -1.89
CA SER H 124 -30.92 -76.05 -2.11
C SER H 124 -31.80 -76.08 -0.86
N ALA H 125 -31.22 -76.47 0.27
CA ALA H 125 -31.97 -76.54 1.52
C ALA H 125 -31.04 -76.39 2.72
N VAL I 3 -16.26 -52.45 -23.80
CA VAL I 3 -15.58 -53.73 -23.81
C VAL I 3 -14.08 -53.52 -23.66
N LEU I 4 -13.56 -53.77 -22.46
CA LEU I 4 -12.17 -53.55 -22.15
C LEU I 4 -11.42 -54.87 -22.04
N THR I 5 -10.24 -54.93 -22.63
CA THR I 5 -9.40 -56.12 -22.62
C THR I 5 -8.07 -55.78 -21.96
N GLN I 6 -7.61 -56.64 -21.05
CA GLN I 6 -6.37 -56.43 -20.34
C GLN I 6 -5.29 -57.38 -20.85
N SER I 7 -4.04 -57.03 -20.56
CA SER I 7 -2.89 -57.81 -21.01
C SER I 7 -1.73 -57.51 -20.07
N PRO I 8 -0.73 -58.40 -19.97
CA PRO I 8 -0.58 -59.69 -20.66
C PRO I 8 -1.21 -60.84 -19.88
N GLY I 9 -2.41 -60.65 -19.33
CA GLY I 9 -3.04 -61.69 -18.54
C GLY I 9 -2.36 -61.88 -17.20
N THR I 10 -1.64 -62.99 -17.04
CA THR I 10 -0.93 -63.30 -15.81
C THR I 10 0.57 -63.13 -16.04
N LEU I 11 1.23 -62.45 -15.11
CA LEU I 11 2.68 -62.30 -15.13
C LEU I 11 3.25 -62.67 -13.77
N SER I 12 4.47 -63.17 -13.78
CA SER I 12 5.10 -63.72 -12.58
C SER I 12 6.52 -63.18 -12.42
N LEU I 13 6.69 -61.87 -12.56
CA LEU I 13 8.01 -61.28 -12.46
C LEU I 13 8.45 -61.17 -10.99
N SER I 14 9.77 -61.16 -10.80
CA SER I 14 10.33 -61.12 -9.46
C SER I 14 10.12 -59.74 -8.82
N PRO I 15 10.02 -59.68 -7.50
CA PRO I 15 9.90 -58.38 -6.83
C PRO I 15 11.15 -57.55 -7.01
N GLY I 16 10.97 -56.23 -7.02
CA GLY I 16 12.06 -55.30 -7.22
C GLY I 16 12.29 -54.87 -8.64
N GLU I 17 11.43 -55.30 -9.58
CA GLU I 17 11.55 -54.94 -10.98
C GLU I 17 10.26 -54.27 -11.43
N ARG I 18 10.38 -53.26 -12.28
CA ARG I 18 9.22 -52.54 -12.78
C ARG I 18 8.28 -53.48 -13.52
N ALA I 19 6.98 -53.25 -13.36
CA ALA I 19 5.94 -54.07 -13.96
C ALA I 19 5.03 -53.22 -14.82
N THR I 20 4.65 -53.75 -15.98
CA THR I 20 3.83 -53.03 -16.95
C THR I 20 2.52 -53.78 -17.15
N LEU I 21 1.41 -53.06 -17.02
CA LEU I 21 0.08 -53.59 -17.28
C LEU I 21 -0.59 -52.72 -18.34
N SER I 22 -1.39 -53.34 -19.19
CA SER I 22 -2.03 -52.65 -20.30
C SER I 22 -3.54 -52.81 -20.24
N CYS I 23 -4.24 -51.78 -20.73
CA CYS I 23 -5.70 -51.78 -20.79
C CYS I 23 -6.13 -51.18 -22.11
N ARG I 24 -6.79 -51.97 -22.95
CA ARG I 24 -7.27 -51.52 -24.25
C ARG I 24 -8.79 -51.42 -24.24
N ALA I 25 -9.30 -50.44 -24.99
CA ALA I 25 -10.73 -50.18 -25.09
C ALA I 25 -11.17 -50.44 -26.53
N SER I 26 -12.26 -51.20 -26.68
CA SER I 26 -12.79 -51.47 -28.01
C SER I 26 -13.28 -50.19 -28.68
N GLN I 27 -13.95 -49.33 -27.92
CA GLN I 27 -14.41 -48.04 -28.41
C GLN I 27 -13.74 -46.92 -27.62
N ILE I 28 -13.68 -45.75 -28.24
CA ILE I 28 -12.93 -44.63 -27.68
C ILE I 28 -13.57 -44.15 -26.38
N VAL I 29 -12.75 -43.96 -25.36
CA VAL I 29 -13.18 -43.42 -24.08
C VAL I 29 -12.35 -42.18 -23.77
N SER I 30 -12.86 -41.37 -22.85
CA SER I 30 -12.16 -40.16 -22.46
C SER I 30 -10.90 -40.50 -21.66
N ARG I 31 -9.97 -39.54 -21.60
CA ARG I 31 -8.80 -39.71 -20.76
C ARG I 31 -9.18 -39.77 -19.29
N ASN I 32 -10.17 -38.98 -18.90
CA ASN I 32 -10.78 -39.11 -17.58
C ASN I 32 -11.74 -40.30 -17.59
N HIS I 33 -12.54 -40.44 -16.54
CA HIS I 33 -13.52 -41.53 -16.44
C HIS I 33 -12.85 -42.89 -16.53
N LEU I 34 -11.64 -43.00 -15.97
CA LEU I 34 -10.89 -44.24 -15.97
C LEU I 34 -10.08 -44.33 -14.70
N ALA I 35 -10.07 -45.52 -14.09
CA ALA I 35 -9.37 -45.72 -12.83
C ALA I 35 -8.85 -47.14 -12.77
N TRP I 36 -7.85 -47.35 -11.91
CA TRP I 36 -7.22 -48.65 -11.72
C TRP I 36 -7.41 -49.08 -10.27
N TYR I 37 -7.93 -50.30 -10.08
CA TYR I 37 -8.19 -50.84 -8.76
C TYR I 37 -7.36 -52.11 -8.57
N GLN I 38 -6.62 -52.17 -7.48
CA GLN I 38 -5.91 -53.38 -7.07
C GLN I 38 -6.57 -53.91 -5.80
N GLN I 39 -6.81 -55.22 -5.76
CA GLN I 39 -7.50 -55.82 -4.63
C GLN I 39 -6.97 -57.22 -4.35
N LYS I 40 -6.68 -57.48 -3.11
CA LYS I 40 -6.41 -58.84 -2.70
C LYS I 40 -7.72 -59.59 -2.49
N PRO I 41 -7.73 -60.91 -2.68
CA PRO I 41 -9.01 -61.63 -2.62
C PRO I 41 -9.70 -61.49 -1.27
N GLY I 42 -11.02 -61.30 -1.32
CA GLY I 42 -11.85 -61.29 -0.14
C GLY I 42 -11.99 -59.96 0.57
N GLN I 43 -11.26 -58.92 0.14
CA GLN I 43 -11.28 -57.63 0.82
C GLN I 43 -11.78 -56.55 -0.12
N ALA I 44 -11.87 -55.33 0.40
CA ALA I 44 -12.39 -54.20 -0.35
C ALA I 44 -11.34 -53.67 -1.33
N PRO I 45 -11.66 -53.55 -2.61
CA PRO I 45 -10.69 -53.02 -3.57
C PRO I 45 -10.31 -51.58 -3.25
N ARG I 46 -9.03 -51.27 -3.41
CA ARG I 46 -8.55 -49.91 -3.27
C ARG I 46 -8.46 -49.22 -4.63
N LEU I 47 -8.45 -47.90 -4.60
CA LEU I 47 -8.36 -47.09 -5.82
C LEU I 47 -6.94 -46.59 -5.95
N LEU I 48 -6.25 -47.02 -7.02
CA LEU I 48 -4.85 -46.66 -7.21
C LEU I 48 -4.71 -45.29 -7.85
N ILE I 49 -5.22 -45.12 -9.07
CA ILE I 49 -5.13 -43.87 -9.79
C ILE I 49 -6.49 -43.57 -10.41
N PHE I 50 -6.79 -42.28 -10.57
CA PHE I 50 -8.00 -41.82 -11.23
C PHE I 50 -7.62 -40.79 -12.28
N GLY I 51 -8.37 -40.77 -13.38
CA GLY I 51 -8.04 -39.92 -14.49
C GLY I 51 -6.91 -40.44 -15.35
N ALA I 52 -6.45 -41.66 -15.10
CA ALA I 52 -5.44 -42.37 -15.89
C ALA I 52 -4.05 -41.77 -15.74
N SER I 53 -3.93 -40.62 -15.05
CA SER I 53 -2.62 -40.04 -14.83
C SER I 53 -2.44 -39.41 -13.45
N SER I 54 -3.41 -39.51 -12.55
CA SER I 54 -3.35 -38.84 -11.26
C SER I 54 -3.42 -39.89 -10.14
N ARG I 55 -2.49 -39.80 -9.20
CA ARG I 55 -2.46 -40.72 -8.08
C ARG I 55 -3.58 -40.39 -7.09
N ALA I 56 -3.86 -41.35 -6.22
CA ALA I 56 -4.91 -41.20 -5.22
C ALA I 56 -4.33 -40.61 -3.93
N THR I 57 -5.13 -40.59 -2.87
CA THR I 57 -4.71 -40.06 -1.57
C THR I 57 -4.31 -41.23 -0.68
N GLY I 58 -3.01 -41.42 -0.51
CA GLY I 58 -2.51 -42.45 0.38
C GLY I 58 -1.91 -43.65 -0.33
N ILE I 59 -1.24 -43.40 -1.45
CA ILE I 59 -0.55 -44.47 -2.18
C ILE I 59 0.92 -44.09 -2.33
N PRO I 60 1.83 -45.05 -2.46
CA PRO I 60 3.25 -44.72 -2.62
C PRO I 60 3.52 -44.05 -3.95
N VAL I 61 4.64 -43.33 -3.98
CA VAL I 61 5.08 -42.63 -5.20
C VAL I 61 5.42 -43.60 -6.32
N ARG I 62 5.65 -44.88 -6.00
CA ARG I 62 6.06 -45.85 -7.00
C ARG I 62 5.02 -45.99 -8.11
N PHE I 63 3.74 -46.02 -7.74
CA PHE I 63 2.68 -46.22 -8.72
C PHE I 63 2.54 -44.99 -9.61
N SER I 64 2.32 -45.23 -10.90
CA SER I 64 2.14 -44.16 -11.88
C SER I 64 1.49 -44.73 -13.12
N GLY I 65 0.51 -44.00 -13.66
CA GLY I 65 -0.23 -44.45 -14.82
C GLY I 65 -0.28 -43.38 -15.90
N SER I 66 -0.41 -43.83 -17.15
CA SER I 66 -0.49 -42.95 -18.29
C SER I 66 -1.36 -43.60 -19.36
N GLY I 67 -1.56 -42.89 -20.46
CA GLY I 67 -2.33 -43.40 -21.58
C GLY I 67 -3.31 -42.36 -22.10
N SER I 68 -3.67 -42.50 -23.37
CA SER I 68 -4.63 -41.62 -24.01
C SER I 68 -5.23 -42.34 -25.20
N GLY I 69 -6.52 -42.12 -25.43
CA GLY I 69 -7.22 -42.76 -26.52
C GLY I 69 -7.84 -44.07 -26.08
N THR I 70 -7.47 -45.16 -26.76
CA THR I 70 -7.96 -46.49 -26.43
C THR I 70 -6.86 -47.38 -25.87
N ASP I 71 -5.80 -46.77 -25.36
CA ASP I 71 -4.70 -47.51 -24.74
C ASP I 71 -4.33 -46.84 -23.42
N PHE I 72 -4.28 -47.63 -22.35
CA PHE I 72 -3.97 -47.12 -21.02
C PHE I 72 -3.03 -48.10 -20.34
N THR I 73 -1.91 -47.59 -19.82
CA THR I 73 -0.87 -48.42 -19.24
C THR I 73 -0.59 -47.96 -17.81
N LEU I 74 -0.49 -48.93 -16.91
CA LEU I 74 -0.12 -48.67 -15.52
C LEU I 74 1.23 -49.33 -15.26
N THR I 75 2.19 -48.54 -14.78
CA THR I 75 3.53 -49.02 -14.49
C THR I 75 3.87 -48.73 -13.04
N ILE I 76 4.49 -49.69 -12.37
CA ILE I 76 4.93 -49.53 -10.98
C ILE I 76 6.43 -49.78 -10.94
N ASN I 77 7.18 -48.78 -10.43
CA ASN I 77 8.63 -48.88 -10.44
C ASN I 77 9.14 -49.79 -9.33
N GLY I 78 8.83 -49.46 -8.07
CA GLY I 78 9.16 -50.31 -6.96
C GLY I 78 8.02 -51.27 -6.67
N LEU I 79 8.32 -52.57 -6.69
CA LEU I 79 7.30 -53.60 -6.52
C LEU I 79 7.58 -54.29 -5.19
N ALA I 80 7.00 -53.75 -4.12
CA ALA I 80 7.12 -54.34 -2.81
C ALA I 80 6.28 -55.61 -2.71
N PRO I 81 6.64 -56.52 -1.81
CA PRO I 81 5.85 -57.76 -1.64
C PRO I 81 4.45 -57.53 -1.10
N GLU I 82 4.04 -56.29 -0.84
CA GLU I 82 2.72 -56.00 -0.29
C GLU I 82 1.73 -55.54 -1.35
N ASP I 83 2.09 -55.62 -2.64
CA ASP I 83 1.21 -55.17 -3.71
C ASP I 83 0.98 -56.25 -4.75
N PHE I 84 1.00 -57.51 -4.33
CA PHE I 84 0.67 -58.63 -5.22
C PHE I 84 -0.84 -58.86 -5.15
N ALA I 85 -1.56 -58.45 -6.20
CA ALA I 85 -3.00 -58.56 -6.22
C ALA I 85 -3.47 -58.49 -7.67
N VAL I 86 -4.80 -58.47 -7.85
CA VAL I 86 -5.42 -58.37 -9.16
C VAL I 86 -5.70 -56.90 -9.45
N TYR I 87 -5.30 -56.43 -10.62
CA TYR I 87 -5.37 -55.02 -10.99
C TYR I 87 -6.45 -54.85 -12.05
N TYR I 88 -7.58 -54.27 -11.65
CA TYR I 88 -8.69 -54.04 -12.57
C TYR I 88 -8.55 -52.67 -13.23
N CYS I 89 -9.28 -52.48 -14.33
CA CYS I 89 -9.22 -51.27 -15.13
C CYS I 89 -10.65 -50.80 -15.40
N LEU I 90 -11.17 -49.98 -14.49
CA LEU I 90 -12.53 -49.47 -14.62
C LEU I 90 -12.61 -48.42 -15.72
N SER I 91 -13.79 -48.28 -16.31
CA SER I 91 -14.05 -47.28 -17.33
C SER I 91 -15.51 -46.86 -17.28
N SER I 92 -15.80 -45.72 -17.89
CA SER I 92 -17.18 -45.24 -17.99
C SER I 92 -17.29 -44.34 -19.21
N ASP I 93 -18.06 -44.78 -20.20
CA ASP I 93 -18.17 -44.04 -21.46
C ASP I 93 -18.95 -42.75 -21.25
N SER I 94 -20.22 -42.86 -20.89
CA SER I 94 -21.02 -41.70 -20.51
C SER I 94 -21.33 -41.69 -19.02
N SER I 95 -22.04 -42.71 -18.53
CA SER I 95 -22.25 -42.88 -17.10
C SER I 95 -22.23 -44.35 -16.69
N ILE I 96 -21.97 -45.28 -17.61
CA ILE I 96 -22.07 -46.71 -17.36
C ILE I 96 -20.70 -47.27 -17.05
N PHE I 97 -20.60 -48.02 -15.96
CA PHE I 97 -19.33 -48.59 -15.52
C PHE I 97 -19.18 -50.01 -16.05
N THR I 98 -18.03 -50.29 -16.63
CA THR I 98 -17.71 -51.61 -17.16
C THR I 98 -16.28 -51.95 -16.78
N PHE I 99 -16.10 -53.00 -15.99
CA PHE I 99 -14.78 -53.38 -15.50
C PHE I 99 -14.01 -54.11 -16.61
N GLY I 100 -12.85 -54.65 -16.26
CA GLY I 100 -12.06 -55.42 -17.18
C GLY I 100 -11.85 -56.84 -16.67
N PRO I 101 -11.29 -57.71 -17.51
CA PRO I 101 -11.06 -59.09 -17.08
C PRO I 101 -10.17 -59.20 -15.85
N GLY I 102 -9.16 -58.34 -15.73
CA GLY I 102 -8.32 -58.35 -14.56
C GLY I 102 -7.01 -59.09 -14.77
N THR I 103 -5.90 -58.45 -14.43
CA THR I 103 -4.58 -59.07 -14.49
C THR I 103 -4.08 -59.38 -13.09
N LYS I 104 -3.35 -60.48 -12.96
CA LYS I 104 -2.84 -60.94 -11.67
C LYS I 104 -1.32 -60.90 -11.69
N VAL I 105 -0.73 -60.30 -10.67
CA VAL I 105 0.71 -60.22 -10.51
C VAL I 105 1.14 -61.32 -9.53
N ASP I 106 1.94 -62.25 -10.01
CA ASP I 106 2.39 -63.40 -9.23
C ASP I 106 3.86 -63.25 -8.86
N PHE I 107 4.39 -64.29 -8.23
CA PHE I 107 5.77 -64.33 -7.76
C PHE I 107 6.05 -63.21 -6.76
N LEU J 2 -8.26 32.66 11.97
CA LEU J 2 -9.66 32.65 12.36
C LEU J 2 -10.24 31.25 12.22
N GLY J 3 -9.47 30.25 12.63
CA GLY J 3 -9.89 28.86 12.48
C GLY J 3 -10.95 28.42 13.48
N PHE J 4 -11.11 29.13 14.58
CA PHE J 4 -12.04 28.68 15.62
C PHE J 4 -13.47 29.16 15.40
N LEU J 5 -13.68 30.16 14.53
CA LEU J 5 -15.00 30.75 14.40
C LEU J 5 -15.97 29.87 13.61
N LEU J 6 -15.47 28.90 12.86
CA LEU J 6 -16.36 28.06 12.08
C LEU J 6 -17.00 26.98 12.94
N GLY J 7 -18.16 26.50 12.49
CA GLY J 7 -18.86 25.48 13.23
C GLY J 7 -18.29 24.09 12.98
N VAL J 8 -18.47 23.22 13.97
CA VAL J 8 -18.03 21.83 13.88
C VAL J 8 -19.22 20.95 13.51
N GLY J 9 -19.02 20.09 12.51
CA GLY J 9 -20.09 19.24 12.03
C GLY J 9 -19.58 17.82 11.81
N SER J 10 -20.53 16.89 11.72
CA SER J 10 -20.18 15.50 11.51
C SER J 10 -19.68 15.29 10.09
N ALA J 11 -18.52 14.64 9.97
CA ALA J 11 -17.91 14.42 8.66
C ALA J 11 -18.81 13.55 7.77
N CYS J 12 -19.06 12.32 8.19
CA CYS J 12 -19.90 11.39 7.43
C CYS J 12 -21.05 10.94 8.33
N ALA J 13 -22.14 11.71 8.32
CA ALA J 13 -23.36 11.32 8.99
C ALA J 13 -24.44 10.86 8.01
N SER J 14 -24.23 11.04 6.71
CA SER J 14 -25.14 10.54 5.69
C SER J 14 -24.78 9.14 5.23
N GLY J 15 -23.64 8.60 5.63
CA GLY J 15 -23.26 7.25 5.30
C GLY J 15 -23.58 6.28 6.42
N ILE J 16 -23.25 6.67 7.65
CA ILE J 16 -23.56 5.84 8.80
C ILE J 16 -25.06 5.70 8.97
N ALA J 17 -25.83 6.74 8.61
CA ALA J 17 -27.28 6.66 8.70
C ALA J 17 -27.84 5.59 7.77
N VAL J 18 -27.30 5.49 6.55
CA VAL J 18 -27.76 4.49 5.61
C VAL J 18 -27.34 3.09 6.05
N SER J 19 -26.10 2.94 6.52
CA SER J 19 -25.63 1.63 6.96
C SER J 19 -26.43 1.10 8.13
N LYS J 20 -26.99 1.99 8.96
CA LYS J 20 -27.85 1.56 10.05
C LYS J 20 -29.19 1.03 9.55
N VAL J 21 -29.54 1.26 8.29
CA VAL J 21 -30.78 0.74 7.74
C VAL J 21 -30.61 -0.68 7.22
N LEU J 22 -29.44 -1.03 6.69
CA LEU J 22 -29.21 -2.38 6.20
C LEU J 22 -29.21 -3.42 7.32
N HIS J 23 -29.06 -3.01 8.57
CA HIS J 23 -28.95 -3.95 9.67
C HIS J 23 -30.29 -4.53 10.12
N LEU J 24 -31.41 -3.85 9.82
CA LEU J 24 -32.69 -4.38 10.26
C LEU J 24 -33.07 -5.60 9.43
N GLU J 25 -33.85 -6.49 10.05
CA GLU J 25 -34.13 -7.79 9.44
C GLU J 25 -34.94 -7.63 8.16
N GLY J 26 -34.64 -8.48 7.19
CA GLY J 26 -35.39 -8.51 5.95
C GLY J 26 -35.05 -7.42 4.96
N GLU J 27 -33.91 -6.75 5.12
CA GLU J 27 -33.55 -5.66 4.22
C GLU J 27 -32.54 -6.11 3.17
N VAL J 28 -31.49 -6.81 3.59
CA VAL J 28 -30.44 -7.20 2.65
C VAL J 28 -30.97 -8.17 1.60
N ASN J 29 -32.09 -8.82 1.87
CA ASN J 29 -32.70 -9.69 0.86
C ASN J 29 -33.29 -8.87 -0.28
N LYS J 30 -33.75 -7.65 0.01
CA LYS J 30 -34.28 -6.78 -1.04
C LYS J 30 -33.18 -6.39 -2.02
N ILE J 31 -31.99 -6.07 -1.52
CA ILE J 31 -30.87 -5.72 -2.39
C ILE J 31 -30.49 -6.90 -3.27
N LYS J 32 -30.45 -8.10 -2.70
CA LYS J 32 -30.09 -9.28 -3.48
C LYS J 32 -31.10 -9.55 -4.59
N SER J 33 -32.39 -9.38 -4.29
CA SER J 33 -33.42 -9.57 -5.31
C SER J 33 -33.29 -8.55 -6.44
N ALA J 34 -32.95 -7.30 -6.11
CA ALA J 34 -32.79 -6.29 -7.14
C ALA J 34 -31.62 -6.62 -8.07
N LEU J 35 -30.53 -7.12 -7.51
CA LEU J 35 -29.35 -7.49 -8.30
C LEU J 35 -29.43 -8.94 -8.75
N LEU J 36 -30.53 -9.31 -9.40
CA LEU J 36 -30.73 -10.65 -9.93
C LEU J 36 -30.51 -10.58 -11.45
N SER J 37 -29.37 -11.12 -11.89
CA SER J 37 -28.97 -11.07 -13.30
C SER J 37 -28.92 -9.64 -13.82
N THR J 38 -28.44 -8.72 -12.96
CA THR J 38 -28.28 -7.32 -13.34
C THR J 38 -27.26 -6.69 -12.41
N ASN J 39 -26.27 -6.03 -13.00
CA ASN J 39 -25.19 -5.44 -12.20
C ASN J 39 -25.65 -4.15 -11.52
N LYS J 40 -26.08 -3.17 -12.31
CA LYS J 40 -26.46 -1.85 -11.82
C LYS J 40 -27.97 -1.69 -11.88
N ALA J 41 -28.58 -1.31 -10.76
CA ALA J 41 -30.01 -1.12 -10.69
C ALA J 41 -30.33 -0.15 -9.55
N VAL J 42 -31.38 0.64 -9.73
CA VAL J 42 -31.81 1.59 -8.72
C VAL J 42 -32.72 0.90 -7.72
N VAL J 43 -32.40 1.02 -6.44
CA VAL J 43 -33.14 0.35 -5.37
C VAL J 43 -33.64 1.41 -4.39
N SER J 44 -34.76 1.12 -3.75
CA SER J 44 -35.34 1.98 -2.72
C SER J 44 -35.25 1.26 -1.39
N LEU J 45 -34.65 1.90 -0.40
CA LEU J 45 -34.44 1.30 0.90
C LEU J 45 -35.68 1.43 1.76
N SER J 46 -35.60 0.93 3.00
CA SER J 46 -36.68 1.08 3.96
C SER J 46 -36.67 2.44 4.65
N ASN J 47 -35.62 3.22 4.46
CA ASN J 47 -35.52 4.58 4.98
C ASN J 47 -36.35 5.56 4.15
N GLY J 48 -36.48 5.31 2.84
CA GLY J 48 -37.17 6.22 1.94
C GLY J 48 -36.27 6.86 0.90
N VAL J 49 -34.97 6.63 0.95
CA VAL J 49 -34.04 7.17 -0.04
C VAL J 49 -34.03 6.26 -1.27
N SER J 50 -33.45 6.73 -2.36
CA SER J 50 -33.34 5.97 -3.61
C SER J 50 -31.85 5.86 -3.95
N VAL J 51 -31.19 4.83 -3.41
CA VAL J 51 -29.76 4.63 -3.63
C VAL J 51 -29.53 3.94 -4.96
N LEU J 52 -28.28 3.94 -5.42
CA LEU J 52 -27.87 3.26 -6.63
C LEU J 52 -26.87 2.17 -6.27
N THR J 53 -27.09 0.96 -6.77
CA THR J 53 -26.32 -0.20 -6.36
C THR J 53 -25.55 -0.80 -7.53
N ILE J 54 -24.38 -1.38 -7.23
CA ILE J 54 -23.55 -2.09 -8.18
C ILE J 54 -23.25 -3.47 -7.61
N LYS J 55 -22.78 -4.36 -8.48
CA LYS J 55 -22.51 -5.76 -8.13
C LYS J 55 -21.07 -6.13 -8.49
N VAL J 56 -20.13 -5.27 -8.07
CA VAL J 56 -18.73 -5.47 -8.43
C VAL J 56 -18.19 -6.79 -7.87
N LEU J 57 -17.25 -7.39 -8.61
CA LEU J 57 -16.47 -8.54 -8.18
C LEU J 57 -17.38 -9.74 -7.85
N ASP J 58 -18.03 -10.23 -8.90
CA ASP J 58 -18.77 -11.49 -8.80
C ASP J 58 -17.78 -12.64 -8.64
N LEU J 59 -17.73 -13.22 -7.44
CA LEU J 59 -16.78 -14.28 -7.13
C LEU J 59 -17.43 -15.64 -6.91
N LYS J 60 -18.75 -15.71 -6.77
CA LYS J 60 -19.42 -16.99 -6.59
C LYS J 60 -19.36 -17.86 -7.83
N ASN J 61 -19.32 -17.25 -9.03
CA ASN J 61 -19.37 -18.02 -10.27
C ASN J 61 -18.13 -18.88 -10.47
N TYR J 62 -17.05 -18.63 -9.72
CA TYR J 62 -15.81 -19.39 -9.87
C TYR J 62 -15.66 -20.44 -8.77
N ILE J 63 -15.69 -20.03 -7.51
CA ILE J 63 -15.43 -20.95 -6.41
C ILE J 63 -16.55 -21.97 -6.28
N ASP J 64 -17.81 -21.51 -6.30
CA ASP J 64 -18.93 -22.41 -6.10
C ASP J 64 -19.12 -23.36 -7.27
N LYS J 65 -18.85 -22.91 -8.49
CA LYS J 65 -19.11 -23.71 -9.68
C LYS J 65 -17.97 -24.67 -10.00
N GLN J 66 -16.72 -24.25 -9.78
CA GLN J 66 -15.56 -25.03 -10.20
C GLN J 66 -14.78 -25.63 -9.05
N LEU J 67 -14.34 -24.82 -8.09
CA LEU J 67 -13.42 -25.28 -7.06
C LEU J 67 -14.11 -25.93 -5.87
N LEU J 68 -15.42 -25.80 -5.74
CA LEU J 68 -16.11 -26.35 -4.56
C LEU J 68 -16.34 -27.86 -4.68
N PRO J 69 -16.83 -28.39 -5.81
CA PRO J 69 -17.04 -29.84 -5.89
C PRO J 69 -15.76 -30.66 -5.79
N ILE J 70 -14.60 -30.05 -6.05
CA ILE J 70 -13.34 -30.81 -6.08
C ILE J 70 -12.80 -31.02 -4.67
N VAL J 71 -12.68 -29.94 -3.90
CA VAL J 71 -11.94 -29.98 -2.64
C VAL J 71 -12.73 -30.69 -1.55
N ASN J 72 -13.93 -31.16 -1.88
CA ASN J 72 -14.79 -31.85 -0.92
C ASN J 72 -14.92 -33.34 -1.24
N LYS J 73 -13.90 -33.92 -1.90
CA LYS J 73 -13.96 -35.30 -2.32
C LYS J 73 -12.84 -36.18 -1.78
N GLN J 74 -11.95 -35.62 -0.94
CA GLN J 74 -10.94 -36.37 -0.20
C GLN J 74 -9.81 -36.86 -1.11
N SER J 75 -9.96 -36.71 -2.43
CA SER J 75 -8.90 -37.07 -3.38
C SER J 75 -8.80 -36.01 -4.46
N CYS J 76 -8.80 -34.74 -4.05
CA CYS J 76 -8.75 -33.63 -4.99
C CYS J 76 -7.50 -33.70 -5.87
N SER J 77 -7.64 -33.26 -7.11
CA SER J 77 -6.53 -33.27 -8.07
C SER J 77 -6.79 -32.17 -9.10
N ILE J 78 -6.08 -31.06 -8.95
CA ILE J 78 -6.18 -29.95 -9.90
C ILE J 78 -5.43 -30.32 -11.18
N SER J 79 -5.98 -29.92 -12.32
CA SER J 79 -5.44 -30.36 -13.61
C SER J 79 -4.09 -29.72 -13.90
N ASN J 80 -4.06 -28.39 -14.02
CA ASN J 80 -2.86 -27.69 -14.46
C ASN J 80 -2.65 -26.43 -13.63
N ILE J 81 -1.41 -25.94 -13.65
CA ILE J 81 -1.06 -24.75 -12.88
C ILE J 81 -1.67 -23.48 -13.47
N GLU J 82 -2.14 -23.54 -14.72
CA GLU J 82 -2.73 -22.35 -15.34
C GLU J 82 -4.03 -21.93 -14.67
N THR J 83 -4.67 -22.83 -13.94
CA THR J 83 -5.87 -22.49 -13.17
C THR J 83 -5.53 -21.81 -11.85
N VAL J 84 -4.49 -22.27 -11.17
CA VAL J 84 -4.11 -21.71 -9.88
C VAL J 84 -3.72 -20.24 -10.04
N ILE J 85 -2.93 -19.93 -11.07
CA ILE J 85 -2.50 -18.56 -11.29
C ILE J 85 -3.69 -17.66 -11.61
N GLU J 86 -4.64 -18.17 -12.40
CA GLU J 86 -5.84 -17.40 -12.70
C GLU J 86 -6.64 -17.12 -11.44
N PHE J 87 -6.76 -18.13 -10.57
CA PHE J 87 -7.55 -17.96 -9.35
C PHE J 87 -6.89 -16.98 -8.37
N GLN J 88 -5.57 -16.94 -8.34
CA GLN J 88 -4.87 -16.03 -7.43
C GLN J 88 -5.12 -14.57 -7.81
N GLN J 89 -5.29 -14.28 -9.10
CA GLN J 89 -5.56 -12.91 -9.52
C GLN J 89 -6.96 -12.47 -9.09
N LYS J 90 -7.95 -13.36 -9.22
CA LYS J 90 -9.31 -13.01 -8.82
C LYS J 90 -9.42 -12.81 -7.32
N ASN J 91 -8.66 -13.58 -6.54
CA ASN J 91 -8.73 -13.54 -5.08
C ASN J 91 -7.75 -12.50 -4.51
N ASN J 92 -7.30 -11.57 -5.34
CA ASN J 92 -6.38 -10.52 -4.90
C ASN J 92 -7.08 -9.22 -4.56
N ARG J 93 -8.14 -8.87 -5.28
CA ARG J 93 -8.89 -7.65 -4.95
C ARG J 93 -9.58 -7.78 -3.61
N LEU J 94 -10.13 -8.95 -3.30
CA LEU J 94 -10.85 -9.13 -2.04
C LEU J 94 -9.92 -9.08 -0.84
N LEU J 95 -8.67 -9.49 -1.01
CA LEU J 95 -7.72 -9.43 0.10
C LEU J 95 -7.34 -7.98 0.41
N GLU J 96 -7.19 -7.15 -0.62
CA GLU J 96 -6.76 -5.77 -0.42
C GLU J 96 -7.84 -4.95 0.27
N ILE J 97 -9.11 -5.33 0.08
CA ILE J 97 -10.21 -4.58 0.69
C ILE J 97 -10.20 -4.74 2.21
N THR J 98 -10.06 -5.98 2.68
CA THR J 98 -10.04 -6.21 4.12
C THR J 98 -8.74 -5.71 4.74
N ARG J 99 -7.64 -5.76 3.99
CA ARG J 99 -6.38 -5.22 4.49
C ARG J 99 -6.48 -3.72 4.74
N GLU J 100 -7.14 -2.99 3.85
CA GLU J 100 -7.28 -1.55 4.00
C GLU J 100 -8.35 -1.19 5.04
N PHE J 101 -9.35 -2.05 5.24
CA PHE J 101 -10.34 -1.83 6.27
C PHE J 101 -9.85 -2.20 7.66
N SER J 102 -8.76 -2.95 7.77
CA SER J 102 -8.29 -3.44 9.06
C SER J 102 -7.51 -2.41 9.85
N VAL J 103 -7.11 -1.30 9.25
CA VAL J 103 -6.34 -0.28 9.93
C VAL J 103 -7.13 0.99 10.18
N ASN J 104 -8.12 1.31 9.34
CA ASN J 104 -8.94 2.50 9.52
C ASN J 104 -10.21 2.23 10.32
N ALA J 105 -10.46 0.98 10.70
CA ALA J 105 -11.56 0.61 11.59
C ALA J 105 -12.93 0.92 11.00
N GLY J 106 -13.03 0.97 9.67
CA GLY J 106 -14.34 1.07 9.05
C GLY J 106 -14.53 2.17 8.03
N VAL J 107 -13.92 3.33 8.26
CA VAL J 107 -14.11 4.50 7.41
C VAL J 107 -12.80 4.78 6.67
N THR J 108 -12.88 4.87 5.35
CA THR J 108 -11.71 5.01 4.50
C THR J 108 -11.79 6.31 3.71
N THR J 109 -10.67 7.01 3.62
CA THR J 109 -10.57 8.24 2.83
C THR J 109 -9.12 8.51 2.47
N PRO J 110 -8.81 8.74 1.19
CA PRO J 110 -9.71 8.70 0.02
C PRO J 110 -10.02 7.28 -0.41
N VAL J 111 -11.10 7.06 -1.16
CA VAL J 111 -11.43 5.72 -1.62
C VAL J 111 -10.36 5.25 -2.59
N SER J 112 -9.75 4.11 -2.30
CA SER J 112 -8.67 3.61 -3.14
C SER J 112 -9.22 2.96 -4.40
N THR J 113 -8.31 2.68 -5.34
CA THR J 113 -8.70 2.09 -6.62
C THR J 113 -9.28 0.69 -6.44
N TYR J 114 -8.82 -0.04 -5.42
CA TYR J 114 -9.34 -1.38 -5.18
C TYR J 114 -10.81 -1.35 -4.84
N MET J 115 -11.28 -0.26 -4.22
CA MET J 115 -12.64 -0.21 -3.71
C MET J 115 -13.63 0.15 -4.81
N LEU J 116 -13.44 1.32 -5.42
CA LEU J 116 -14.28 1.80 -6.52
C LEU J 116 -13.35 2.26 -7.63
N THR J 117 -13.05 1.37 -8.56
CA THR J 117 -12.09 1.65 -9.61
C THR J 117 -12.62 2.70 -10.58
N ASN J 118 -11.71 3.25 -11.37
CA ASN J 118 -12.09 4.30 -12.33
C ASN J 118 -13.07 3.76 -13.38
N SER J 119 -13.02 2.46 -13.66
CA SER J 119 -13.92 1.87 -14.65
C SER J 119 -15.37 1.86 -14.18
N GLU J 120 -15.60 1.82 -12.86
CA GLU J 120 -16.95 1.81 -12.33
C GLU J 120 -17.39 3.14 -11.73
N LEU J 121 -16.45 3.99 -11.32
CA LEU J 121 -16.82 5.30 -10.81
C LEU J 121 -17.47 6.15 -11.90
N LEU J 122 -16.95 6.08 -13.13
CA LEU J 122 -17.57 6.80 -14.23
C LEU J 122 -18.94 6.23 -14.56
N SER J 123 -19.14 4.94 -14.35
CA SER J 123 -20.47 4.35 -14.53
C SER J 123 -21.42 4.75 -13.42
N LEU J 124 -20.90 4.99 -12.21
CA LEU J 124 -21.74 5.44 -11.11
C LEU J 124 -22.12 6.90 -11.25
N ILE J 125 -21.22 7.72 -11.78
CA ILE J 125 -21.51 9.15 -11.98
C ILE J 125 -22.58 9.33 -13.05
N ASN J 126 -22.48 8.55 -14.14
CA ASN J 126 -23.32 8.76 -15.31
C ASN J 126 -24.80 8.59 -15.02
N ASP J 127 -25.17 7.87 -13.95
CA ASP J 127 -26.57 7.60 -13.64
C ASP J 127 -27.02 8.28 -12.36
N MET J 128 -26.28 9.27 -11.88
CA MET J 128 -26.74 10.03 -10.73
C MET J 128 -27.85 10.99 -11.14
N PRO J 129 -28.78 11.31 -10.25
CA PRO J 129 -29.85 12.25 -10.59
C PRO J 129 -29.41 13.70 -10.45
N ILE J 130 -28.67 14.21 -11.44
CA ILE J 130 -28.17 15.57 -11.44
C ILE J 130 -28.30 16.14 -12.85
N THR J 131 -27.86 17.38 -13.02
CA THR J 131 -27.98 18.07 -14.30
C THR J 131 -26.91 17.58 -15.25
N ASN J 132 -26.81 18.23 -16.41
CA ASN J 132 -25.84 17.85 -17.45
C ASN J 132 -24.52 18.59 -17.33
N ASP J 133 -24.38 19.48 -16.34
CA ASP J 133 -23.12 20.17 -16.10
C ASP J 133 -22.36 19.63 -14.90
N GLN J 134 -23.07 19.21 -13.85
CA GLN J 134 -22.41 18.58 -12.72
C GLN J 134 -21.77 17.27 -13.13
N LYS J 135 -22.42 16.51 -14.01
CA LYS J 135 -21.82 15.29 -14.55
C LYS J 135 -20.55 15.61 -15.33
N LYS J 136 -20.59 16.68 -16.13
CA LYS J 136 -19.42 17.05 -16.93
C LYS J 136 -18.25 17.46 -16.04
N LEU J 137 -18.53 18.17 -14.95
CA LEU J 137 -17.46 18.62 -14.07
C LEU J 137 -16.74 17.46 -13.42
N MET J 138 -17.50 16.50 -12.88
CA MET J 138 -16.89 15.39 -12.15
C MET J 138 -16.39 14.29 -13.06
N SER J 139 -16.80 14.29 -14.33
CA SER J 139 -16.31 13.26 -15.26
C SER J 139 -14.87 13.52 -15.69
N SER J 140 -14.46 14.78 -15.77
CA SER J 140 -13.11 15.15 -16.17
C SER J 140 -12.22 15.48 -14.98
N ASN J 141 -12.72 15.32 -13.75
CA ASN J 141 -11.96 15.60 -12.53
C ASN J 141 -12.13 14.45 -11.55
N VAL J 142 -11.93 13.22 -12.03
CA VAL J 142 -12.16 12.04 -11.22
C VAL J 142 -11.19 11.98 -10.04
N GLN J 143 -9.95 12.43 -10.26
CA GLN J 143 -8.94 12.36 -9.22
C GLN J 143 -9.21 13.30 -8.05
N ILE J 144 -10.17 14.21 -8.17
CA ILE J 144 -10.54 15.10 -7.09
C ILE J 144 -11.78 14.61 -6.35
N VAL J 145 -12.81 14.17 -7.08
CA VAL J 145 -13.99 13.61 -6.45
C VAL J 145 -13.72 12.29 -5.77
N ARG J 146 -12.59 11.65 -6.08
CA ARG J 146 -12.16 10.44 -5.37
C ARG J 146 -11.38 10.76 -4.11
N GLN J 147 -10.97 12.02 -3.93
CA GLN J 147 -10.26 12.45 -2.73
C GLN J 147 -11.18 13.01 -1.66
N GLN J 148 -12.48 13.16 -1.96
CA GLN J 148 -13.45 13.68 -1.02
C GLN J 148 -14.60 12.71 -0.85
N SER J 149 -14.30 11.41 -0.91
CA SER J 149 -15.32 10.38 -0.83
C SER J 149 -14.98 9.38 0.27
N TYR J 150 -15.99 8.96 1.01
CA TYR J 150 -15.83 8.05 2.13
C TYR J 150 -16.50 6.70 1.82
N SER J 151 -15.97 5.65 2.43
CA SER J 151 -16.54 4.31 2.33
C SER J 151 -16.67 3.73 3.72
N ILE J 152 -17.78 3.05 3.98
CA ILE J 152 -18.13 2.55 5.31
C ILE J 152 -18.55 1.10 5.21
N MET J 153 -18.02 0.27 6.10
CA MET J 153 -18.48 -1.12 6.21
C MET J 153 -19.92 -1.14 6.69
N SER J 154 -20.81 -1.71 5.86
CA SER J 154 -22.24 -1.70 6.15
C SER J 154 -22.73 -3.01 6.74
N ILE J 155 -22.54 -4.13 6.03
CA ILE J 155 -23.13 -5.39 6.44
C ILE J 155 -22.36 -6.52 5.77
N ILE J 156 -22.32 -7.68 6.44
CA ILE J 156 -21.74 -8.90 5.88
C ILE J 156 -22.73 -10.03 6.12
N LYS J 157 -23.94 -9.69 6.55
CA LYS J 157 -24.94 -10.66 6.96
C LYS J 157 -25.60 -11.32 5.75
N GLU J 158 -26.13 -12.52 5.98
CA GLU J 158 -26.89 -13.28 4.99
C GLU J 158 -26.06 -13.56 3.73
N GLU J 159 -24.78 -13.86 3.94
CA GLU J 159 -23.89 -14.38 2.88
C GLU J 159 -23.80 -13.39 1.72
N VAL J 160 -23.49 -12.13 2.07
CA VAL J 160 -23.24 -11.08 1.09
C VAL J 160 -22.54 -9.93 1.79
N LEU J 161 -21.59 -9.30 1.11
CA LEU J 161 -20.84 -8.18 1.66
C LEU J 161 -21.21 -6.91 0.92
N ALA J 162 -21.63 -5.89 1.67
CA ALA J 162 -21.98 -4.59 1.10
C ALA J 162 -21.32 -3.50 1.93
N TYR J 163 -20.65 -2.58 1.25
CA TYR J 163 -20.08 -1.40 1.91
C TYR J 163 -20.52 -0.17 1.14
N VAL J 164 -21.02 0.82 1.85
CA VAL J 164 -21.57 2.02 1.23
C VAL J 164 -20.44 2.96 0.83
N VAL J 165 -20.49 3.44 -0.41
CA VAL J 165 -19.56 4.44 -0.91
C VAL J 165 -20.29 5.78 -0.99
N GLN J 166 -19.72 6.79 -0.35
CA GLN J 166 -20.35 8.10 -0.23
C GLN J 166 -19.59 9.07 -1.12
N LEU J 167 -20.27 9.59 -2.14
CA LEU J 167 -19.66 10.46 -3.14
C LEU J 167 -20.09 11.91 -2.96
N PRO J 168 -19.21 12.87 -3.24
CA PRO J 168 -19.59 14.27 -3.12
C PRO J 168 -20.54 14.69 -4.24
N LEU J 169 -21.35 15.70 -3.95
CA LEU J 169 -22.28 16.27 -4.90
C LEU J 169 -22.11 17.78 -4.90
N TYR J 170 -21.79 18.34 -6.06
CA TYR J 170 -21.47 19.75 -6.20
C TYR J 170 -22.72 20.52 -6.62
N GLY J 171 -23.10 21.52 -5.82
CA GLY J 171 -24.31 22.27 -6.07
C GLY J 171 -24.09 23.62 -6.74
N VAL J 172 -23.00 24.29 -6.40
CA VAL J 172 -22.71 25.63 -6.92
C VAL J 172 -21.53 25.52 -7.89
N ILE J 173 -21.74 25.95 -9.12
CA ILE J 173 -20.74 25.87 -10.17
C ILE J 173 -20.62 27.23 -10.85
N ASP J 174 -19.40 27.60 -11.20
CA ASP J 174 -19.11 28.80 -12.01
C ASP J 174 -19.57 30.08 -11.33
N THR J 175 -18.97 30.35 -10.16
CA THR J 175 -19.04 31.64 -9.51
C THR J 175 -17.63 32.09 -9.13
N PRO J 176 -17.32 33.38 -9.25
CA PRO J 176 -15.92 33.82 -9.14
C PRO J 176 -15.41 33.79 -7.71
N CYS J 177 -14.34 33.01 -7.47
CA CYS J 177 -13.68 32.97 -6.18
C CYS J 177 -12.39 33.78 -6.23
N TRP J 178 -12.25 34.71 -5.28
CA TRP J 178 -11.02 35.47 -5.12
C TRP J 178 -10.42 35.19 -3.75
N LYS J 179 -9.09 35.26 -3.69
CA LYS J 179 -8.35 34.97 -2.47
C LYS J 179 -7.37 36.10 -2.21
N LEU J 180 -7.30 36.54 -0.95
CA LEU J 180 -6.44 37.65 -0.56
C LEU J 180 -5.37 37.17 0.41
N HIS J 181 -4.17 37.71 0.26
CA HIS J 181 -3.02 37.36 1.08
C HIS J 181 -2.62 38.58 1.89
N THR J 182 -2.44 38.39 3.20
CA THR J 182 -2.17 39.49 4.11
C THR J 182 -0.73 39.44 4.62
N SER J 183 -0.15 40.60 4.85
CA SER J 183 1.19 40.74 5.38
C SER J 183 1.19 41.75 6.51
N PRO J 184 2.06 41.55 7.51
CA PRO J 184 2.08 42.46 8.66
C PRO J 184 2.84 43.76 8.42
N LEU J 185 2.17 44.75 7.82
CA LEU J 185 2.79 46.06 7.66
C LEU J 185 3.14 46.65 9.02
N CYS J 186 4.32 47.26 9.12
CA CYS J 186 4.82 47.70 10.41
C CYS J 186 5.61 48.99 10.23
N THR J 187 5.53 49.87 11.22
CA THR J 187 6.29 51.11 11.18
C THR J 187 7.76 50.85 11.49
N THR J 188 8.62 51.70 10.96
CA THR J 188 10.07 51.51 11.05
C THR J 188 10.70 52.62 11.88
N ASN J 189 11.46 52.23 12.90
CA ASN J 189 12.24 53.16 13.70
C ASN J 189 13.52 52.47 14.14
N THR J 190 14.57 53.28 14.37
CA THR J 190 15.85 52.72 14.77
C THR J 190 15.76 52.07 16.15
N LYS J 191 15.04 52.70 17.08
CA LYS J 191 14.94 52.20 18.45
C LYS J 191 13.91 51.08 18.51
N GLU J 192 14.35 49.88 18.86
CA GLU J 192 13.45 48.75 18.97
C GLU J 192 12.50 48.92 20.15
N GLY J 193 11.30 48.37 20.01
CA GLY J 193 10.28 48.47 21.03
C GLY J 193 9.41 49.70 20.93
N SER J 194 9.76 50.67 20.09
CA SER J 194 8.98 51.87 19.90
C SER J 194 8.06 51.79 18.68
N ASN J 195 8.00 50.63 18.02
CA ASN J 195 7.21 50.44 16.82
C ASN J 195 6.03 49.54 17.10
N ILE J 196 4.83 50.04 16.81
CA ILE J 196 3.59 49.28 16.90
C ILE J 196 3.13 48.94 15.49
N CYS J 197 2.35 47.87 15.36
CA CYS J 197 1.77 47.55 14.06
C CYS J 197 0.71 46.48 14.17
N LEU J 198 -0.06 46.34 13.09
CA LEU J 198 -1.20 45.45 13.00
C LEU J 198 -1.12 44.65 11.71
N THR J 199 -2.02 43.68 11.58
CA THR J 199 -2.13 42.88 10.36
C THR J 199 -3.53 42.33 10.24
N ARG J 200 -4.04 42.28 9.02
CA ARG J 200 -5.39 41.75 8.79
C ARG J 200 -5.39 40.24 8.97
N THR J 201 -6.51 39.72 9.48
CA THR J 201 -6.63 38.30 9.80
C THR J 201 -7.52 37.53 8.83
N ASP J 202 -8.42 38.21 8.11
CA ASP J 202 -9.40 37.54 7.26
C ASP J 202 -8.76 37.18 5.91
N ARG J 203 -7.88 36.18 5.95
CA ARG J 203 -7.23 35.65 4.77
C ARG J 203 -7.80 34.28 4.45
N GLY J 204 -7.94 33.99 3.16
CA GLY J 204 -8.52 32.75 2.72
C GLY J 204 -9.22 32.94 1.38
N TRP J 205 -10.24 32.11 1.16
CA TRP J 205 -10.99 32.12 -0.09
C TRP J 205 -12.35 32.77 0.11
N TYR J 206 -12.74 33.65 -0.82
CA TYR J 206 -14.05 34.27 -0.84
C TYR J 206 -14.71 34.00 -2.18
N CYS J 207 -15.98 33.59 -2.14
CA CYS J 207 -16.82 33.62 -3.34
C CYS J 207 -18.28 33.44 -3.00
N ASP J 208 -19.12 33.83 -3.94
CA ASP J 208 -20.55 33.98 -3.72
C ASP J 208 -21.24 32.63 -3.60
N ASN J 209 -22.37 32.64 -2.88
CA ASN J 209 -23.24 31.47 -2.78
C ASN J 209 -24.66 31.99 -2.53
N ALA J 210 -25.44 32.07 -3.61
CA ALA J 210 -26.85 32.45 -3.56
C ALA J 210 -27.06 33.81 -2.88
N GLY J 211 -26.48 34.84 -3.50
CA GLY J 211 -26.67 36.20 -3.03
C GLY J 211 -25.88 36.59 -1.81
N SER J 212 -24.95 35.76 -1.37
CA SER J 212 -24.11 36.05 -0.21
C SER J 212 -22.68 35.73 -0.60
N VAL J 213 -21.79 35.70 0.40
CA VAL J 213 -20.39 35.37 0.19
C VAL J 213 -19.96 34.33 1.23
N SER J 214 -19.33 33.26 0.78
CA SER J 214 -18.74 32.29 1.68
C SER J 214 -17.30 32.66 1.97
N PHE J 215 -16.74 32.04 3.01
CA PHE J 215 -15.40 32.40 3.46
C PHE J 215 -14.78 31.19 4.16
N PHE J 216 -13.76 30.60 3.55
CA PHE J 216 -13.05 29.47 4.13
C PHE J 216 -11.80 29.98 4.81
N PRO J 217 -11.73 29.96 6.15
CA PRO J 217 -10.52 30.48 6.82
C PRO J 217 -9.31 29.57 6.68
N GLN J 218 -9.51 28.28 6.44
CA GLN J 218 -8.39 27.36 6.27
C GLN J 218 -7.90 27.44 4.84
N ALA J 219 -6.68 27.95 4.65
CA ALA J 219 -6.13 28.14 3.32
C ALA J 219 -5.60 26.84 2.70
N GLU J 220 -5.47 25.77 3.48
CA GLU J 220 -4.97 24.50 2.97
C GLU J 220 -6.06 23.52 2.59
N THR J 221 -7.29 23.69 3.06
CA THR J 221 -8.39 22.83 2.67
C THR J 221 -9.12 23.38 1.44
N CYS J 222 -8.34 23.62 0.38
CA CYS J 222 -8.86 24.04 -0.91
C CYS J 222 -7.91 23.56 -1.98
N LYS J 223 -8.48 23.01 -3.06
CA LYS J 223 -7.71 22.53 -4.19
C LYS J 223 -7.61 23.63 -5.26
N VAL J 224 -6.81 23.36 -6.28
CA VAL J 224 -6.63 24.28 -7.40
C VAL J 224 -6.40 23.47 -8.67
N GLN J 225 -7.15 23.79 -9.72
CA GLN J 225 -6.93 23.24 -11.06
C GLN J 225 -6.64 24.35 -12.06
N SER J 226 -6.03 25.43 -11.56
CA SER J 226 -5.65 26.63 -12.31
C SER J 226 -6.87 27.46 -12.68
N ASN J 227 -8.08 26.93 -12.44
CA ASN J 227 -9.29 27.73 -12.56
C ASN J 227 -10.32 27.48 -11.47
N ARG J 228 -10.31 26.32 -10.80
CA ARG J 228 -11.33 25.96 -9.84
C ARG J 228 -10.75 25.88 -8.43
N VAL J 229 -11.64 25.81 -7.44
CA VAL J 229 -11.23 25.76 -6.05
C VAL J 229 -11.57 24.42 -5.39
N PHE J 230 -12.72 23.83 -5.71
CA PHE J 230 -13.07 22.48 -5.24
C PHE J 230 -13.04 22.36 -3.72
N CYS J 231 -13.41 23.43 -3.02
CA CYS J 231 -13.51 23.37 -1.57
C CYS J 231 -14.89 22.90 -1.14
N ASP J 232 -15.15 22.97 0.17
CA ASP J 232 -16.37 22.46 0.76
C ASP J 232 -16.93 23.46 1.76
N THR J 233 -18.25 23.39 1.95
CA THR J 233 -19.00 24.29 2.80
C THR J 233 -19.17 23.75 4.22
N MET J 234 -18.55 22.62 4.54
CA MET J 234 -18.69 22.08 5.89
C MET J 234 -17.94 22.94 6.91
N ASN J 235 -16.89 23.62 6.48
CA ASN J 235 -16.04 24.42 7.36
C ASN J 235 -15.92 25.84 6.84
N SER J 236 -17.06 26.43 6.49
CA SER J 236 -17.11 27.80 5.98
C SER J 236 -18.15 28.60 6.74
N LEU J 237 -17.81 29.84 7.05
CA LEU J 237 -18.73 30.77 7.71
C LEU J 237 -19.15 31.84 6.71
N THR J 238 -20.46 32.05 6.59
CA THR J 238 -20.97 33.01 5.62
C THR J 238 -20.87 34.43 6.17
N LEU J 239 -20.84 35.39 5.25
CA LEU J 239 -20.71 36.81 5.56
C LEU J 239 -21.65 37.60 4.68
N PRO J 240 -22.02 38.82 5.08
CA PRO J 240 -22.78 39.68 4.18
C PRO J 240 -21.95 40.07 2.96
N SER J 241 -22.65 40.32 1.86
CA SER J 241 -22.03 40.59 0.57
C SER J 241 -21.27 41.91 0.50
N GLU J 242 -21.14 42.66 1.59
CA GLU J 242 -20.41 43.92 1.59
C GLU J 242 -18.94 43.75 1.94
N VAL J 243 -18.46 42.51 2.10
CA VAL J 243 -17.08 42.29 2.50
C VAL J 243 -16.11 42.71 1.40
N ASN J 244 -16.58 42.79 0.16
CA ASN J 244 -15.70 43.21 -0.94
C ASN J 244 -15.29 44.67 -0.82
N LEU J 245 -16.12 45.51 -0.20
CA LEU J 245 -15.78 46.92 -0.05
C LEU J 245 -14.64 47.14 0.94
N CYS J 246 -14.36 46.16 1.80
CA CYS J 246 -13.29 46.32 2.78
C CYS J 246 -11.93 46.39 2.12
N ASN J 247 -11.73 45.63 1.04
CA ASN J 247 -10.42 45.57 0.39
C ASN J 247 -10.03 46.92 -0.20
N ILE J 248 -10.97 47.62 -0.83
CA ILE J 248 -10.64 48.87 -1.49
C ILE J 248 -10.85 50.08 -0.56
N ASP J 249 -11.84 50.02 0.34
CA ASP J 249 -12.12 51.09 1.28
C ASP J 249 -12.05 50.49 2.68
N ILE J 250 -10.87 50.60 3.31
CA ILE J 250 -10.67 50.01 4.63
C ILE J 250 -11.49 50.75 5.69
N PHE J 251 -11.59 52.08 5.57
CA PHE J 251 -12.26 52.90 6.58
C PHE J 251 -13.74 53.13 6.27
N ASN J 252 -14.39 52.22 5.56
CA ASN J 252 -15.81 52.38 5.29
C ASN J 252 -16.62 52.06 6.55
N PRO J 253 -17.76 52.73 6.76
CA PRO J 253 -18.62 52.41 7.91
C PRO J 253 -19.65 51.33 7.62
N LYS J 254 -19.82 50.92 6.36
CA LYS J 254 -20.81 49.91 6.03
C LYS J 254 -20.50 48.57 6.69
N TYR J 255 -19.22 48.16 6.65
CA TYR J 255 -18.81 46.89 7.24
C TYR J 255 -17.38 47.02 7.73
N ASP J 256 -17.17 46.76 9.02
CA ASP J 256 -15.84 46.85 9.60
C ASP J 256 -15.05 45.57 9.33
N CYS J 257 -13.74 45.74 9.09
CA CYS J 257 -12.87 44.62 8.80
C CYS J 257 -12.33 44.03 10.10
N LYS J 258 -11.47 43.02 9.97
CA LYS J 258 -10.91 42.31 11.11
C LYS J 258 -9.40 42.43 11.09
N ILE J 259 -8.82 42.86 12.21
CA ILE J 259 -7.38 43.04 12.34
C ILE J 259 -6.92 42.48 13.68
N MET J 260 -5.62 42.24 13.77
CA MET J 260 -4.97 41.89 15.03
C MET J 260 -3.72 42.75 15.18
N THR J 261 -3.33 43.01 16.42
CA THR J 261 -2.28 43.98 16.73
C THR J 261 -1.24 43.37 17.65
N SER J 262 0.01 43.76 17.44
CA SER J 262 1.13 43.33 18.27
C SER J 262 2.24 44.37 18.18
N LYS J 263 3.20 44.25 19.10
CA LYS J 263 4.34 45.16 19.16
C LYS J 263 5.63 44.48 18.70
N THR J 264 5.51 43.47 17.84
CA THR J 264 6.66 42.75 17.33
C THR J 264 6.59 42.66 15.81
N ASP J 265 7.76 42.61 15.18
CA ASP J 265 7.85 42.54 13.73
C ASP J 265 8.87 41.48 13.33
N VAL J 266 8.57 40.75 12.27
CA VAL J 266 9.45 39.71 11.75
C VAL J 266 9.48 39.81 10.24
N SER J 267 10.67 39.61 9.67
CA SER J 267 10.85 39.66 8.22
C SER J 267 10.32 38.37 7.62
N SER J 268 9.03 38.36 7.32
CA SER J 268 8.36 37.19 6.78
C SER J 268 7.70 37.53 5.44
N SER J 269 7.78 36.60 4.50
CA SER J 269 7.20 36.76 3.17
C SER J 269 5.97 35.89 3.01
N VAL J 270 5.15 36.24 2.03
CA VAL J 270 3.97 35.47 1.68
C VAL J 270 3.99 35.25 0.17
N ILE J 271 3.99 33.99 -0.24
CA ILE J 271 4.05 33.63 -1.65
C ILE J 271 2.63 33.63 -2.20
N THR J 272 2.30 34.64 -3.00
CA THR J 272 0.98 34.76 -3.59
C THR J 272 0.92 33.91 -4.85
N SER J 273 -0.18 34.04 -5.61
CA SER J 273 -0.30 33.31 -6.86
C SER J 273 0.66 33.86 -7.91
N LEU J 274 0.82 35.18 -7.98
CA LEU J 274 1.69 35.85 -8.94
C LEU J 274 2.60 36.81 -8.16
N GLY J 275 3.75 36.31 -7.73
CA GLY J 275 4.69 37.12 -6.99
C GLY J 275 4.64 36.86 -5.50
N ALA J 276 5.47 37.61 -4.78
CA ALA J 276 5.59 37.46 -3.34
C ALA J 276 5.48 38.83 -2.66
N ILE J 277 4.77 38.87 -1.54
CA ILE J 277 4.67 40.10 -0.73
C ILE J 277 5.81 40.01 0.28
N VAL J 278 6.99 40.47 -0.14
CA VAL J 278 8.15 40.48 0.74
C VAL J 278 8.02 41.65 1.71
N SER J 279 8.28 41.38 2.98
CA SER J 279 8.19 42.40 4.04
C SER J 279 9.35 42.17 5.00
N CYS J 280 10.43 42.91 4.78
CA CYS J 280 11.63 42.82 5.61
C CYS J 280 11.70 44.01 6.55
N TYR J 281 11.96 43.74 7.83
CA TYR J 281 12.00 44.77 8.86
C TYR J 281 13.27 44.61 9.67
N GLY J 282 13.48 45.53 10.61
CA GLY J 282 14.65 45.46 11.48
C GLY J 282 15.93 45.60 10.69
N LYS J 283 16.84 44.64 10.89
CA LYS J 283 18.13 44.61 10.20
C LYS J 283 18.25 43.24 9.53
N THR J 284 17.76 43.15 8.30
CA THR J 284 17.83 41.93 7.51
C THR J 284 18.06 42.30 6.05
N LYS J 285 18.56 41.34 5.28
CA LYS J 285 18.82 41.52 3.87
C LYS J 285 17.74 40.78 3.07
N CYS J 286 16.80 41.54 2.51
CA CYS J 286 15.71 41.01 1.72
C CYS J 286 16.04 41.20 0.25
N THR J 287 15.97 40.12 -0.53
CA THR J 287 16.43 40.13 -1.90
C THR J 287 15.53 39.28 -2.78
N ALA J 288 15.40 39.68 -4.04
CA ALA J 288 14.70 38.90 -5.05
C ALA J 288 15.65 38.70 -6.22
N SER J 289 15.99 37.45 -6.52
CA SER J 289 17.01 37.14 -7.50
C SER J 289 16.45 36.24 -8.61
N ASN J 290 17.06 36.33 -9.77
CA ASN J 290 16.74 35.46 -10.89
C ASN J 290 17.62 34.21 -10.86
N LYS J 291 17.25 33.22 -11.67
CA LYS J 291 17.99 31.97 -11.72
C LYS J 291 19.14 31.99 -12.71
N ASN J 292 19.26 33.04 -13.54
CA ASN J 292 20.34 33.15 -14.50
C ASN J 292 21.22 34.37 -14.32
N ARG J 293 20.86 35.30 -13.44
CA ARG J 293 21.63 36.53 -13.26
C ARG J 293 21.85 36.91 -11.80
N GLY J 294 21.35 36.13 -10.84
CA GLY J 294 21.59 36.46 -9.45
C GLY J 294 20.78 37.67 -9.00
N ILE J 295 21.41 38.50 -8.17
CA ILE J 295 20.72 39.62 -7.54
C ILE J 295 20.27 40.62 -8.59
N ILE J 296 18.99 40.99 -8.55
CA ILE J 296 18.44 42.00 -9.45
C ILE J 296 17.63 43.06 -8.72
N LYS J 297 17.43 42.93 -7.41
CA LYS J 297 16.61 43.88 -6.67
C LYS J 297 16.90 43.75 -5.19
N THR J 298 16.91 44.89 -4.49
CA THR J 298 17.11 44.92 -3.05
C THR J 298 16.05 45.81 -2.43
N PHE J 299 15.21 45.24 -1.58
CA PHE J 299 14.12 45.99 -0.97
C PHE J 299 14.62 46.80 0.23
N SER J 300 13.88 47.86 0.54
CA SER J 300 14.11 48.65 1.74
C SER J 300 13.12 48.23 2.82
N ASN J 301 13.18 48.91 3.96
CA ASN J 301 12.27 48.61 5.06
C ASN J 301 10.84 48.95 4.66
N GLY J 302 9.92 48.06 5.02
CA GLY J 302 8.51 48.22 4.73
C GLY J 302 7.99 47.20 3.73
N CYS J 303 6.68 47.22 3.56
CA CYS J 303 6.03 46.31 2.62
C CYS J 303 6.48 46.59 1.19
N ASP J 304 6.60 45.54 0.40
CA ASP J 304 6.95 45.67 -1.01
C ASP J 304 6.38 44.49 -1.77
N TYR J 305 6.19 44.69 -3.07
CA TYR J 305 5.61 43.67 -3.95
C TYR J 305 6.54 43.46 -5.13
N VAL J 306 6.78 42.19 -5.47
CA VAL J 306 7.62 41.82 -6.61
C VAL J 306 6.87 40.79 -7.43
N SER J 307 6.74 41.05 -8.74
CA SER J 307 6.02 40.15 -9.62
C SER J 307 6.89 38.94 -9.98
N ASN J 308 6.24 37.95 -10.60
CA ASN J 308 6.93 36.73 -11.01
C ASN J 308 7.45 36.80 -12.44
N LYS J 309 7.31 37.94 -13.10
CA LYS J 309 7.79 38.12 -14.47
C LYS J 309 9.24 38.59 -14.40
N GLY J 310 10.16 37.66 -14.66
CA GLY J 310 11.58 37.95 -14.57
C GLY J 310 12.20 37.70 -13.22
N VAL J 311 11.40 37.37 -12.20
CA VAL J 311 11.89 37.07 -10.86
C VAL J 311 11.54 35.63 -10.54
N ASP J 312 12.54 34.85 -10.14
CA ASP J 312 12.35 33.43 -9.90
C ASP J 312 12.75 32.97 -8.50
N THR J 313 13.22 33.87 -7.64
CA THR J 313 13.66 33.48 -6.31
C THR J 313 13.67 34.70 -5.40
N VAL J 314 12.89 34.66 -4.33
CA VAL J 314 12.83 35.73 -3.35
C VAL J 314 13.46 35.22 -2.06
N SER J 315 14.50 35.91 -1.59
CA SER J 315 15.25 35.51 -0.41
C SER J 315 15.09 36.56 0.68
N VAL J 316 14.78 36.12 1.90
CA VAL J 316 14.65 37.00 3.05
C VAL J 316 15.47 36.40 4.19
N GLY J 317 16.43 37.15 4.69
CA GLY J 317 17.31 36.67 5.75
C GLY J 317 18.11 35.47 5.32
N ASN J 318 17.80 34.30 5.88
CA ASN J 318 18.44 33.05 5.50
C ASN J 318 17.57 32.14 4.65
N THR J 319 16.25 32.28 4.74
CA THR J 319 15.35 31.45 3.97
C THR J 319 15.37 31.83 2.50
N LEU J 320 14.96 30.89 1.65
CA LEU J 320 14.94 31.08 0.20
C LEU J 320 13.61 30.53 -0.33
N TYR J 321 12.63 31.42 -0.52
CA TYR J 321 11.33 31.04 -1.04
C TYR J 321 11.34 31.01 -2.56
N TYR J 322 10.63 30.03 -3.12
CA TYR J 322 10.39 29.99 -4.56
C TYR J 322 9.04 30.62 -4.88
N VAL J 323 8.91 31.10 -6.12
CA VAL J 323 7.77 31.87 -6.55
C VAL J 323 7.03 31.09 -7.63
N ASN J 324 5.70 31.06 -7.53
CA ASN J 324 4.89 30.38 -8.53
C ASN J 324 5.04 31.04 -9.89
N LYS J 325 4.81 30.25 -10.94
CA LYS J 325 5.10 30.72 -12.30
C LYS J 325 3.88 30.64 -13.21
N GLN J 326 2.74 31.15 -12.75
CA GLN J 326 1.56 31.23 -13.58
C GLN J 326 1.68 32.44 -14.52
N GLU J 327 0.62 32.74 -15.26
CA GLU J 327 0.62 33.85 -16.21
C GLU J 327 -0.63 34.70 -15.97
N GLY J 328 -0.44 35.88 -15.41
CA GLY J 328 -1.53 36.79 -15.17
C GLY J 328 -1.04 38.22 -15.08
N LYS J 329 -1.92 39.16 -15.41
CA LYS J 329 -1.57 40.57 -15.43
C LYS J 329 -1.62 41.11 -14.00
N SER J 330 -0.45 41.40 -13.43
CA SER J 330 -0.38 41.96 -12.09
C SER J 330 -0.68 43.45 -12.11
N LEU J 331 -0.86 44.02 -10.92
CA LEU J 331 -1.17 45.43 -10.80
C LEU J 331 -0.65 45.94 -9.46
N TYR J 332 -0.45 47.26 -9.39
CA TYR J 332 0.06 47.92 -8.19
C TYR J 332 -0.75 49.18 -7.95
N VAL J 333 -1.45 49.22 -6.81
CA VAL J 333 -2.22 50.39 -6.42
C VAL J 333 -1.35 51.20 -5.46
N LYS J 334 -0.83 52.33 -5.95
CA LYS J 334 0.11 53.14 -5.18
C LYS J 334 -0.64 53.94 -4.14
N GLY J 335 -0.72 53.40 -2.92
CA GLY J 335 -1.36 54.10 -1.82
C GLY J 335 -0.38 54.52 -0.76
N GLU J 336 -0.88 54.83 0.44
CA GLU J 336 -0.04 55.20 1.56
C GLU J 336 -0.36 54.31 2.76
N PRO J 337 0.63 53.95 3.56
CA PRO J 337 0.39 53.00 4.66
C PRO J 337 -0.67 53.51 5.63
N ILE J 338 -1.50 52.58 6.10
CA ILE J 338 -2.60 52.94 6.98
C ILE J 338 -2.13 53.12 8.43
N ILE J 339 -0.93 52.68 8.75
CA ILE J 339 -0.47 52.69 10.13
C ILE J 339 -0.08 54.08 10.63
N ASN J 340 0.26 55.01 9.72
CA ASN J 340 0.78 56.29 10.15
C ASN J 340 -0.28 57.16 10.81
N PHE J 341 -1.56 56.83 10.64
CA PHE J 341 -2.62 57.61 11.26
C PHE J 341 -2.58 57.48 12.79
N TYR J 342 -2.36 56.27 13.29
CA TYR J 342 -2.45 56.01 14.72
C TYR J 342 -1.23 56.54 15.46
N ASP J 343 -1.45 57.00 16.69
CA ASP J 343 -0.38 57.53 17.52
C ASP J 343 0.27 56.38 18.28
N PRO J 344 1.60 56.20 18.19
CA PRO J 344 2.25 55.10 18.90
C PRO J 344 2.26 55.26 20.42
N LEU J 345 1.93 56.44 20.94
CA LEU J 345 1.97 56.66 22.39
C LEU J 345 0.93 55.80 23.10
N VAL J 346 -0.34 55.96 22.73
CA VAL J 346 -1.43 55.16 23.28
C VAL J 346 -1.93 54.23 22.17
N PHE J 347 -1.93 52.94 22.44
CA PHE J 347 -2.29 51.97 21.42
C PHE J 347 -2.59 50.61 22.05
N PRO J 348 -3.71 49.97 21.69
CA PRO J 348 -4.01 48.64 22.22
C PRO J 348 -3.11 47.57 21.61
N SER J 349 -1.91 47.44 22.15
CA SER J 349 -0.88 46.60 21.53
C SER J 349 -1.20 45.12 21.59
N SER J 350 -2.11 44.69 22.47
CA SER J 350 -2.39 43.27 22.66
C SER J 350 -3.82 42.99 22.21
N GLU J 351 -3.95 42.42 21.01
CA GLU J 351 -5.23 41.96 20.46
C GLU J 351 -4.99 40.66 19.71
N PHE J 352 -6.03 39.84 19.63
CA PHE J 352 -5.94 38.60 18.85
C PHE J 352 -7.12 38.50 17.89
N ASP J 353 -8.25 39.10 18.27
CA ASP J 353 -9.43 39.17 17.41
C ASP J 353 -10.08 40.52 17.65
N ALA J 354 -9.68 41.52 16.86
CA ALA J 354 -10.18 42.87 16.98
C ALA J 354 -10.74 43.32 15.64
N SER J 355 -11.16 44.58 15.58
CA SER J 355 -11.71 45.17 14.37
C SER J 355 -11.21 46.61 14.27
N ILE J 356 -11.41 47.20 13.09
CA ILE J 356 -11.04 48.59 12.90
C ILE J 356 -11.83 49.49 13.85
N SER J 357 -13.13 49.25 13.96
CA SER J 357 -13.94 50.03 14.89
C SER J 357 -13.59 49.74 16.34
N GLN J 358 -13.37 48.47 16.68
CA GLN J 358 -13.09 48.11 18.07
C GLN J 358 -11.78 48.72 18.55
N VAL J 359 -10.74 48.66 17.71
CA VAL J 359 -9.48 49.31 18.06
C VAL J 359 -9.64 50.82 18.11
N ASN J 360 -10.47 51.37 17.22
CA ASN J 360 -10.75 52.80 17.24
C ASN J 360 -11.41 53.22 18.55
N GLU J 361 -12.34 52.41 19.05
CA GLU J 361 -13.01 52.73 20.31
C GLU J 361 -12.03 52.73 21.48
N LYS J 362 -11.11 51.77 21.51
CA LYS J 362 -10.17 51.69 22.61
C LYS J 362 -9.26 52.92 22.66
N ILE J 363 -8.80 53.38 21.49
CA ILE J 363 -8.01 54.61 21.45
C ILE J 363 -8.89 55.81 21.79
N ASN J 364 -10.13 55.83 21.28
CA ASN J 364 -11.03 56.94 21.55
C ASN J 364 -11.35 57.04 23.04
N GLN J 365 -11.51 55.91 23.71
CA GLN J 365 -11.79 55.93 25.15
C GLN J 365 -10.55 56.37 25.94
N SER J 366 -9.39 55.78 25.63
CA SER J 366 -8.19 56.07 26.40
C SER J 366 -7.69 57.50 26.18
N LEU J 367 -7.74 57.98 24.94
CA LEU J 367 -7.28 59.34 24.66
C LEU J 367 -8.20 60.38 25.29
N ALA J 368 -9.51 60.15 25.25
CA ALA J 368 -10.45 61.11 25.82
C ALA J 368 -10.48 61.05 27.34
N PHE J 369 -10.23 59.88 27.93
CA PHE J 369 -10.26 59.76 29.38
C PHE J 369 -9.20 60.64 30.04
N ILE J 370 -8.01 60.70 29.44
CA ILE J 370 -6.94 61.57 29.94
C ILE J 370 -7.31 63.04 29.85
N ARG J 371 -8.06 63.44 28.83
CA ARG J 371 -8.35 64.85 28.55
C ARG J 371 -9.30 65.48 29.56
N LYS J 372 -9.69 64.77 30.62
CA LYS J 372 -10.54 65.36 31.64
C LYS J 372 -9.84 66.53 32.33
N SER J 373 -8.72 66.25 32.98
CA SER J 373 -7.96 67.29 33.67
C SER J 373 -6.53 66.82 33.97
N VAL K 2 33.18 -13.78 28.26
CA VAL K 2 32.20 -13.58 29.32
C VAL K 2 32.92 -13.39 30.66
N GLN K 3 34.05 -14.07 30.81
CA GLN K 3 34.81 -14.05 32.04
C GLN K 3 35.68 -12.81 32.12
N LEU K 4 36.08 -12.47 33.35
CA LEU K 4 36.95 -11.33 33.61
C LEU K 4 38.02 -11.74 34.61
N VAL K 5 39.24 -11.29 34.36
CA VAL K 5 40.42 -11.72 35.12
C VAL K 5 41.04 -10.52 35.82
N GLU K 6 41.50 -10.75 37.05
CA GLU K 6 42.13 -9.72 37.85
C GLU K 6 43.46 -10.22 38.37
N SER K 7 44.36 -9.28 38.68
CA SER K 7 45.69 -9.60 39.17
C SER K 7 46.02 -8.80 40.42
N GLY K 8 47.26 -8.86 40.87
CA GLY K 8 47.71 -8.12 42.02
C GLY K 8 48.08 -8.94 43.24
N GLY K 9 48.41 -10.22 43.08
CA GLY K 9 48.76 -11.04 44.22
C GLY K 9 50.11 -10.72 44.80
N GLY K 10 50.38 -11.30 45.96
CA GLY K 10 51.63 -11.14 46.67
C GLY K 10 51.40 -10.84 48.14
N VAL K 11 52.49 -10.63 48.86
CA VAL K 11 52.45 -10.30 50.28
C VAL K 11 53.23 -9.01 50.49
N VAL K 12 52.65 -8.09 51.25
CA VAL K 12 53.26 -6.80 51.53
C VAL K 12 53.12 -6.51 53.02
N GLN K 13 54.18 -5.92 53.60
CA GLN K 13 54.14 -5.55 55.00
C GLN K 13 53.10 -4.45 55.21
N PRO K 14 52.37 -4.46 56.33
CA PRO K 14 51.36 -3.41 56.58
C PRO K 14 51.99 -2.02 56.56
N GLY K 15 51.55 -1.20 55.61
CA GLY K 15 52.11 0.13 55.44
C GLY K 15 52.48 0.41 53.99
N ARG K 16 52.23 -0.56 53.12
CA ARG K 16 52.55 -0.45 51.71
C ARG K 16 51.26 -0.47 50.88
N SER K 17 51.14 0.48 49.96
CA SER K 17 49.95 0.55 49.11
C SER K 17 49.94 -0.59 48.10
N LEU K 18 48.76 -0.83 47.53
CA LEU K 18 48.60 -1.89 46.55
C LEU K 18 47.47 -1.52 45.60
N ARG K 19 47.76 -1.46 44.30
CA ARG K 19 46.78 -1.16 43.27
C ARG K 19 46.66 -2.38 42.36
N LEU K 20 45.49 -3.02 42.38
CA LEU K 20 45.23 -4.21 41.59
C LEU K 20 44.15 -3.91 40.55
N SER K 21 44.36 -4.37 39.33
CA SER K 21 43.45 -4.13 38.22
C SER K 21 42.57 -5.36 37.98
N CYS K 22 41.59 -5.18 37.10
CA CYS K 22 40.67 -6.26 36.75
C CYS K 22 40.18 -6.01 35.33
N ALA K 23 40.74 -6.72 34.36
CA ALA K 23 40.35 -6.56 32.97
C ALA K 23 38.98 -7.19 32.73
N ALA K 24 38.42 -6.93 31.55
CA ALA K 24 37.10 -7.45 31.22
C ALA K 24 37.01 -7.62 29.70
N SER K 25 36.41 -8.73 29.29
CA SER K 25 36.20 -9.04 27.88
C SER K 25 34.83 -9.66 27.71
N GLY K 26 34.31 -9.58 26.48
CA GLY K 26 32.99 -10.11 26.21
C GLY K 26 31.90 -9.06 26.32
N PHE K 27 31.26 -9.00 27.47
CA PHE K 27 30.15 -8.07 27.68
C PHE K 27 30.60 -6.63 27.46
N SER K 28 29.64 -5.78 27.07
CA SER K 28 29.91 -4.36 26.89
C SER K 28 30.19 -3.73 28.25
N PHE K 29 31.46 -3.41 28.50
CA PHE K 29 31.86 -2.97 29.83
C PHE K 29 31.36 -1.58 30.16
N SER K 30 31.14 -0.74 29.15
CA SER K 30 30.79 0.66 29.37
C SER K 30 29.32 0.86 29.76
N HIS K 31 28.60 -0.20 30.09
CA HIS K 31 27.19 -0.09 30.46
C HIS K 31 26.87 -0.76 31.80
N TYR K 32 27.87 -1.25 32.52
CA TYR K 32 27.63 -1.99 33.75
C TYR K 32 28.45 -1.39 34.89
N ALA K 33 27.98 -1.63 36.10
CA ALA K 33 28.70 -1.24 37.31
C ALA K 33 29.63 -2.36 37.75
N MET K 34 30.58 -2.02 38.61
CA MET K 34 31.58 -2.96 39.08
C MET K 34 31.60 -2.98 40.61
N HIS K 35 31.70 -4.18 41.17
CA HIS K 35 31.74 -4.40 42.60
C HIS K 35 33.07 -5.04 42.99
N TRP K 36 33.48 -4.79 44.24
CA TRP K 36 34.62 -5.46 44.84
C TRP K 36 34.17 -6.07 46.16
N VAL K 37 34.41 -7.37 46.33
CA VAL K 37 34.06 -8.08 47.55
C VAL K 37 35.22 -8.99 47.93
N ARG K 38 35.55 -9.01 49.22
CA ARG K 38 36.65 -9.83 49.71
C ARG K 38 36.15 -10.88 50.69
N GLN K 39 36.87 -12.00 50.72
CA GLN K 39 36.49 -13.13 51.56
C GLN K 39 37.75 -13.71 52.19
N ALA K 40 37.77 -13.78 53.52
CA ALA K 40 38.87 -14.44 54.20
C ALA K 40 38.74 -15.96 54.01
N PRO K 41 39.85 -16.69 53.94
CA PRO K 41 39.78 -18.14 53.71
C PRO K 41 38.95 -18.85 54.77
N GLY K 42 37.81 -19.38 54.36
CA GLY K 42 36.90 -20.05 55.26
C GLY K 42 35.89 -19.16 55.95
N LYS K 43 36.03 -17.84 55.84
CA LYS K 43 35.11 -16.91 56.47
C LYS K 43 34.02 -16.50 55.49
N GLY K 44 33.24 -15.48 55.84
CA GLY K 44 32.13 -15.04 55.03
C GLY K 44 32.46 -13.86 54.13
N LEU K 45 31.68 -13.73 53.07
CA LEU K 45 31.86 -12.62 52.14
C LEU K 45 31.46 -11.30 52.79
N GLU K 46 32.22 -10.25 52.50
CA GLU K 46 31.90 -8.91 52.95
C GLU K 46 32.08 -7.94 51.79
N TRP K 47 31.36 -6.81 51.86
CA TRP K 47 31.23 -5.92 50.72
C TRP K 47 32.24 -4.78 50.79
N VAL K 48 32.73 -4.37 49.62
CA VAL K 48 33.72 -3.30 49.50
C VAL K 48 33.17 -2.36 48.43
N ALA K 49 33.92 -1.31 48.08
CA ALA K 49 33.43 -0.19 47.27
C ALA K 49 32.81 -0.67 45.96
N VAL K 50 31.91 0.18 45.42
CA VAL K 50 31.24 -0.04 44.15
C VAL K 50 31.35 1.24 43.33
N ILE K 51 31.73 1.10 42.07
CA ILE K 51 31.85 2.23 41.15
C ILE K 51 30.72 2.15 40.14
N SER K 52 30.05 3.28 39.91
CA SER K 52 28.96 3.33 38.96
C SER K 52 29.48 3.18 37.53
N TYR K 53 28.55 3.00 36.60
CA TYR K 53 28.94 2.68 35.22
C TYR K 53 29.59 3.87 34.52
N ASP K 54 29.12 5.09 34.81
CA ASP K 54 29.66 6.25 34.11
C ASP K 54 30.86 6.85 34.82
N GLY K 55 30.81 6.99 36.15
CA GLY K 55 32.01 7.23 36.92
C GLY K 55 32.03 8.44 37.84
N GLU K 56 30.90 9.05 38.15
CA GLU K 56 30.89 10.12 39.15
C GLU K 56 30.28 9.69 40.47
N ASN K 57 29.83 8.46 40.62
CA ASN K 57 29.24 7.99 41.87
C ASN K 57 30.04 6.81 42.41
N THR K 58 30.38 6.87 43.69
CA THR K 58 31.17 5.83 44.35
C THR K 58 30.70 5.70 45.79
N TYR K 59 30.64 4.46 46.28
CA TYR K 59 30.20 4.17 47.64
C TYR K 59 31.12 3.13 48.25
N TYR K 60 31.84 3.52 49.30
CA TYR K 60 32.75 2.63 50.00
C TYR K 60 32.04 2.02 51.21
N ALA K 61 32.57 0.89 51.67
CA ALA K 61 32.04 0.27 52.87
C ALA K 61 32.29 1.17 54.08
N ASP K 62 31.34 1.17 55.01
CA ASP K 62 31.46 2.04 56.18
C ASP K 62 32.63 1.63 57.06
N SER K 63 32.89 0.33 57.18
CA SER K 63 33.99 -0.14 58.02
C SER K 63 35.33 0.35 57.50
N VAL K 64 35.53 0.32 56.18
CA VAL K 64 36.79 0.74 55.56
C VAL K 64 36.45 1.85 54.56
N LYS K 65 36.66 3.10 54.98
CA LYS K 65 36.38 4.26 54.15
C LYS K 65 37.43 5.34 54.41
N GLY K 66 37.70 6.13 53.37
CA GLY K 66 38.70 7.18 53.44
C GLY K 66 40.08 6.76 52.98
N ARG K 67 40.46 5.51 53.26
CA ARG K 67 41.73 4.96 52.81
C ARG K 67 41.58 4.10 51.57
N PHE K 68 40.41 4.09 50.94
CA PHE K 68 40.16 3.32 49.74
C PHE K 68 39.92 4.26 48.56
N SER K 69 40.36 3.82 47.40
CA SER K 69 40.15 4.55 46.16
C SER K 69 39.90 3.56 45.04
N ILE K 70 38.86 3.79 44.26
CA ILE K 70 38.47 2.93 43.16
C ILE K 70 38.34 3.78 41.91
N SER K 71 38.89 3.29 40.79
CA SER K 71 38.88 4.02 39.54
C SER K 71 38.34 3.11 38.44
N ARG K 72 37.68 3.73 37.46
CA ARG K 72 37.09 3.02 36.34
C ARG K 72 37.52 3.68 35.04
N ASP K 73 37.93 2.87 34.08
CA ASP K 73 38.29 3.34 32.74
C ASP K 73 37.49 2.57 31.71
N ASN K 74 36.89 3.30 30.77
CA ASN K 74 36.10 2.67 29.72
C ASN K 74 36.86 2.52 28.41
N SER K 75 37.91 3.31 28.19
CA SER K 75 38.68 3.20 26.96
C SER K 75 39.43 1.87 26.88
N LYS K 76 40.05 1.46 27.99
CA LYS K 76 40.69 0.15 28.07
C LYS K 76 39.82 -0.88 28.77
N ASN K 77 38.56 -0.55 29.03
CA ASN K 77 37.59 -1.41 29.74
C ASN K 77 38.26 -2.20 30.87
N THR K 78 38.85 -1.46 31.80
CA THR K 78 39.48 -2.01 32.99
C THR K 78 39.09 -1.20 34.21
N VAL K 79 39.11 -1.85 35.37
CA VAL K 79 38.79 -1.23 36.64
C VAL K 79 39.96 -1.45 37.59
N SER K 80 40.32 -0.40 38.33
CA SER K 80 41.47 -0.43 39.22
C SER K 80 41.05 -0.02 40.62
N LEU K 81 41.50 -0.78 41.61
CA LEU K 81 41.22 -0.50 43.02
C LEU K 81 42.52 -0.11 43.71
N GLN K 82 42.48 1.00 44.45
CA GLN K 82 43.66 1.55 45.12
C GLN K 82 43.45 1.50 46.63
N MET K 83 44.44 0.95 47.34
CA MET K 83 44.42 0.88 48.79
C MET K 83 45.69 1.48 49.37
N ASN K 84 45.57 2.06 50.56
CA ASN K 84 46.71 2.59 51.30
C ASN K 84 46.55 2.23 52.78
N SER K 85 47.70 2.00 53.44
CA SER K 85 47.75 1.63 54.85
C SER K 85 46.94 0.37 55.14
N LEU K 86 47.32 -0.73 54.49
CA LEU K 86 46.69 -2.01 54.74
C LEU K 86 47.02 -2.51 56.14
N ARG K 87 46.03 -3.07 56.81
CA ARG K 87 46.18 -3.59 58.16
C ARG K 87 45.99 -5.11 58.18
N PRO K 88 46.53 -5.81 59.20
CA PRO K 88 46.61 -7.28 59.16
C PRO K 88 45.31 -8.03 58.92
N GLU K 89 44.15 -7.41 59.17
CA GLU K 89 42.89 -8.12 58.93
C GLU K 89 42.35 -7.93 57.52
N ASP K 90 43.17 -7.44 56.59
CA ASP K 90 42.81 -7.39 55.18
C ASP K 90 43.34 -8.57 54.38
N THR K 91 44.00 -9.54 55.04
CA THR K 91 44.50 -10.72 54.35
C THR K 91 43.32 -11.60 53.98
N ALA K 92 42.90 -11.53 52.73
CA ALA K 92 41.73 -12.26 52.27
C ALA K 92 41.83 -12.43 50.76
N LEU K 93 40.79 -13.02 50.17
CA LEU K 93 40.69 -13.19 48.72
C LEU K 93 39.66 -12.21 48.19
N TYR K 94 40.11 -11.29 47.34
CA TYR K 94 39.22 -10.30 46.76
C TYR K 94 38.49 -10.89 45.56
N TYR K 95 37.44 -10.20 45.13
CA TYR K 95 36.64 -10.62 43.99
C TYR K 95 36.17 -9.39 43.22
N CYS K 96 36.50 -9.35 41.93
CA CYS K 96 36.05 -8.28 41.05
C CYS K 96 34.86 -8.81 40.25
N ALA K 97 33.66 -8.39 40.65
CA ALA K 97 32.43 -8.97 40.12
C ALA K 97 31.56 -7.90 39.47
N ARG K 98 30.72 -8.34 38.55
CA ARG K 98 29.85 -7.47 37.76
C ARG K 98 28.42 -7.51 38.30
N ASP K 99 27.64 -6.52 37.88
CA ASP K 99 26.24 -6.42 38.29
C ASP K 99 25.36 -7.18 37.31
N ARG K 100 24.04 -7.01 37.43
CA ARG K 100 23.09 -7.71 36.57
C ARG K 100 22.05 -6.78 35.95
N ILE K 101 22.19 -5.46 36.11
CA ILE K 101 21.31 -4.49 35.49
C ILE K 101 22.17 -3.49 34.73
N VAL K 102 21.58 -2.90 33.70
CA VAL K 102 22.31 -2.08 32.73
C VAL K 102 21.81 -0.64 32.82
N ASP K 103 22.74 0.30 32.94
CA ASP K 103 22.46 1.74 32.85
C ASP K 103 21.47 2.19 33.93
N ASP K 104 21.73 1.79 35.17
CA ASP K 104 20.92 2.21 36.30
C ASP K 104 21.85 2.73 37.39
N TYR K 105 21.39 3.76 38.08
CA TYR K 105 22.15 4.36 39.18
C TYR K 105 21.89 3.68 40.51
N TYR K 106 21.04 2.66 40.52
CA TYR K 106 20.78 1.84 41.70
C TYR K 106 21.38 0.47 41.46
N TYR K 107 21.86 -0.18 42.53
CA TYR K 107 22.64 -1.39 42.41
C TYR K 107 21.87 -2.59 42.93
N TYR K 108 21.93 -3.70 42.19
CA TYR K 108 21.20 -4.93 42.52
C TYR K 108 22.15 -6.12 42.38
N GLY K 109 22.81 -6.48 43.49
CA GLY K 109 23.56 -7.73 43.57
C GLY K 109 24.65 -7.94 42.54
N MET K 110 25.12 -9.17 42.42
CA MET K 110 26.17 -9.55 41.50
C MET K 110 25.68 -10.65 40.58
N ASP K 111 26.27 -10.73 39.38
CA ASP K 111 25.87 -11.75 38.41
C ASP K 111 27.05 -12.54 37.89
N VAL K 112 28.19 -11.88 37.65
CA VAL K 112 29.35 -12.52 37.04
C VAL K 112 30.55 -12.26 37.93
N TRP K 113 31.25 -13.33 38.31
CA TRP K 113 32.42 -13.26 39.17
C TRP K 113 33.65 -13.72 38.40
N GLY K 114 34.78 -13.77 39.10
CA GLY K 114 36.02 -14.21 38.48
C GLY K 114 36.99 -14.69 39.54
N GLN K 115 38.08 -15.28 39.05
CA GLN K 115 39.15 -15.78 39.93
C GLN K 115 39.89 -14.59 40.52
N GLY K 116 39.62 -14.29 41.79
CA GLY K 116 40.17 -13.11 42.42
C GLY K 116 41.63 -13.28 42.84
N ALA K 117 42.18 -12.19 43.36
CA ALA K 117 43.57 -12.14 43.80
C ALA K 117 43.65 -12.17 45.33
N THR K 118 44.85 -12.43 45.82
CA THR K 118 45.13 -12.51 47.25
C THR K 118 46.12 -11.43 47.65
N VAL K 119 45.98 -10.95 48.88
CA VAL K 119 46.84 -9.89 49.41
C VAL K 119 47.37 -10.32 50.76
N THR K 120 48.67 -10.11 50.98
CA THR K 120 49.35 -10.42 52.23
C THR K 120 49.13 -11.87 52.67
N VAL L 2 -10.94 -8.43 -44.41
CA VAL L 2 -10.70 -9.67 -43.70
C VAL L 2 -10.73 -10.85 -44.66
N GLN L 3 -11.30 -10.63 -45.84
CA GLN L 3 -11.43 -11.66 -46.85
C GLN L 3 -10.69 -11.24 -48.12
N LEU L 4 -10.01 -12.18 -48.74
CA LEU L 4 -9.28 -11.93 -49.96
C LEU L 4 -10.16 -12.25 -51.17
N VAL L 5 -9.99 -11.48 -52.24
CA VAL L 5 -10.78 -11.64 -53.45
C VAL L 5 -9.84 -11.88 -54.62
N GLN L 6 -10.15 -12.90 -55.42
CA GLN L 6 -9.37 -13.27 -56.58
C GLN L 6 -9.95 -12.65 -57.84
N SER L 7 -9.23 -12.83 -58.95
CA SER L 7 -9.67 -12.32 -60.24
C SER L 7 -10.61 -13.33 -60.89
N GLY L 8 -10.96 -13.10 -62.15
CA GLY L 8 -11.88 -13.98 -62.85
C GLY L 8 -11.17 -15.06 -63.65
N ALA L 9 -11.85 -16.20 -63.78
CA ALA L 9 -11.32 -17.31 -64.54
C ALA L 9 -11.32 -16.99 -66.03
N GLU L 10 -10.40 -17.60 -66.76
CA GLU L 10 -10.27 -17.35 -68.19
C GLU L 10 -9.59 -18.54 -68.86
N VAL L 11 -9.67 -18.56 -70.18
CA VAL L 11 -9.01 -19.57 -71.00
C VAL L 11 -7.78 -18.94 -71.63
N LYS L 12 -6.74 -19.75 -71.84
CA LYS L 12 -5.48 -19.25 -72.36
C LYS L 12 -4.91 -20.24 -73.37
N LYS L 13 -3.98 -19.74 -74.18
CA LYS L 13 -3.28 -20.53 -75.19
C LYS L 13 -1.79 -20.60 -74.85
N PRO L 14 -1.11 -21.68 -75.24
CA PRO L 14 0.32 -21.81 -74.90
C PRO L 14 1.16 -20.72 -75.55
N GLY L 15 2.23 -20.33 -74.85
CA GLY L 15 3.17 -19.37 -75.35
C GLY L 15 2.99 -17.96 -74.82
N ALA L 16 1.86 -17.66 -74.20
CA ALA L 16 1.57 -16.32 -73.72
C ALA L 16 1.85 -16.22 -72.22
N THR L 17 1.59 -15.03 -71.67
CA THR L 17 1.82 -14.74 -70.26
C THR L 17 0.51 -14.27 -69.63
N VAL L 18 0.21 -14.80 -68.44
CA VAL L 18 -1.05 -14.51 -67.76
C VAL L 18 -0.76 -13.68 -66.52
N LYS L 19 -1.81 -13.04 -66.01
CA LYS L 19 -1.72 -12.18 -64.82
C LYS L 19 -2.85 -12.54 -63.86
N VAL L 20 -2.51 -12.66 -62.58
CA VAL L 20 -3.49 -12.92 -61.52
C VAL L 20 -3.34 -11.83 -60.47
N SER L 21 -4.46 -11.49 -59.83
CA SER L 21 -4.50 -10.39 -58.89
C SER L 21 -5.27 -10.79 -57.63
N CYS L 22 -4.92 -10.15 -56.51
CA CYS L 22 -5.58 -10.36 -55.23
C CYS L 22 -5.80 -9.02 -54.55
N LYS L 23 -7.00 -8.83 -54.03
CA LYS L 23 -7.39 -7.59 -53.35
C LYS L 23 -7.68 -7.88 -51.89
N ILE L 24 -7.15 -7.02 -51.00
CA ILE L 24 -7.33 -7.15 -49.57
C ILE L 24 -8.20 -6.00 -49.08
N SER L 25 -9.23 -6.33 -48.29
CA SER L 25 -10.11 -5.32 -47.69
C SER L 25 -10.24 -5.66 -46.21
N GLY L 26 -9.44 -5.00 -45.38
CA GLY L 26 -9.46 -5.24 -43.95
C GLY L 26 -8.09 -5.22 -43.31
N HIS L 27 -7.04 -5.13 -44.13
CA HIS L 27 -5.67 -5.09 -43.64
C HIS L 27 -4.89 -4.06 -44.46
N THR L 28 -3.58 -4.02 -44.26
CA THR L 28 -2.74 -2.99 -44.85
C THR L 28 -1.62 -3.52 -45.73
N LEU L 29 -1.34 -4.83 -45.72
CA LEU L 29 -0.34 -5.47 -46.58
C LEU L 29 1.07 -5.12 -46.12
N ILE L 30 1.19 -4.21 -45.16
CA ILE L 30 2.51 -3.89 -44.61
C ILE L 30 2.94 -4.91 -43.56
N LYS L 31 2.01 -5.74 -43.09
CA LYS L 31 2.31 -6.76 -42.09
C LYS L 31 1.97 -8.16 -42.55
N LEU L 32 1.02 -8.33 -43.46
CA LEU L 32 0.64 -9.65 -43.92
C LEU L 32 1.69 -10.23 -44.85
N SER L 33 1.63 -11.56 -45.03
CA SER L 33 2.48 -12.26 -45.98
C SER L 33 1.58 -13.04 -46.93
N ILE L 34 1.71 -12.77 -48.23
CA ILE L 34 0.85 -13.36 -49.25
C ILE L 34 1.71 -14.22 -50.17
N HIS L 35 1.22 -15.42 -50.47
CA HIS L 35 1.93 -16.38 -51.29
C HIS L 35 1.02 -16.79 -52.45
N TRP L 36 1.44 -17.82 -53.17
CA TRP L 36 0.66 -18.34 -54.30
C TRP L 36 0.87 -19.84 -54.38
N VAL L 37 -0.22 -20.59 -54.40
CA VAL L 37 -0.18 -22.06 -54.46
C VAL L 37 -0.98 -22.51 -55.67
N ARG L 38 -0.58 -23.64 -56.24
CA ARG L 38 -1.23 -24.21 -57.42
C ARG L 38 -1.70 -25.62 -57.10
N GLN L 39 -2.97 -25.90 -57.38
CA GLN L 39 -3.55 -27.22 -57.15
C GLN L 39 -3.97 -27.82 -58.49
N ALA L 40 -3.28 -28.89 -58.89
CA ALA L 40 -3.60 -29.57 -60.13
C ALA L 40 -4.97 -30.24 -60.02
N PRO L 41 -5.63 -30.53 -61.15
CA PRO L 41 -6.96 -31.15 -61.08
C PRO L 41 -6.92 -32.59 -60.59
N GLY L 42 -6.82 -32.77 -59.28
CA GLY L 42 -6.77 -34.08 -58.67
C GLY L 42 -5.45 -34.43 -58.03
N LYS L 43 -4.50 -33.51 -57.98
CA LYS L 43 -3.19 -33.74 -57.38
C LYS L 43 -2.98 -32.80 -56.20
N GLY L 44 -1.82 -32.91 -55.58
CA GLY L 44 -1.50 -32.08 -54.43
C GLY L 44 -1.10 -30.67 -54.81
N LEU L 45 -1.03 -29.81 -53.80
CA LEU L 45 -0.66 -28.42 -54.00
C LEU L 45 0.86 -28.28 -54.06
N GLU L 46 1.30 -27.08 -54.42
CA GLU L 46 2.73 -26.77 -54.47
C GLU L 46 2.90 -25.27 -54.30
N TRP L 47 3.82 -24.89 -53.42
CA TRP L 47 4.09 -23.47 -53.16
C TRP L 47 4.89 -22.90 -54.33
N MET L 48 4.35 -21.86 -54.96
CA MET L 48 5.00 -21.24 -56.12
C MET L 48 5.89 -20.08 -55.70
N GLY L 49 5.30 -19.09 -55.05
CA GLY L 49 6.05 -17.93 -54.61
C GLY L 49 5.16 -16.99 -53.84
N GLY L 50 5.76 -15.91 -53.35
CA GLY L 50 4.99 -14.95 -52.57
C GLY L 50 5.84 -13.79 -52.12
N TYR L 51 5.17 -12.84 -51.47
CA TYR L 51 5.79 -11.62 -50.97
C TYR L 51 5.68 -11.61 -49.45
N GLU L 52 6.81 -11.39 -48.78
CA GLU L 52 6.84 -11.54 -47.33
C GLU L 52 6.11 -10.40 -46.62
N GLY L 53 6.32 -9.17 -47.06
CA GLY L 53 5.65 -8.04 -46.42
C GLY L 53 6.27 -7.52 -45.14
N GLU L 54 6.48 -8.40 -44.16
CA GLU L 54 7.13 -8.00 -42.92
C GLU L 54 8.56 -7.54 -43.17
N VAL L 55 9.29 -8.28 -44.00
CA VAL L 55 10.65 -7.92 -44.38
C VAL L 55 10.70 -7.22 -45.74
N ASP L 56 9.58 -7.16 -46.45
CA ASP L 56 9.52 -6.58 -47.81
C ASP L 56 10.46 -7.31 -48.75
N GLU L 57 10.23 -8.62 -48.88
CA GLU L 57 11.01 -9.48 -49.74
C GLU L 57 10.07 -10.37 -50.54
N ILE L 58 10.54 -10.77 -51.72
CA ILE L 58 9.78 -11.61 -52.63
C ILE L 58 10.53 -12.93 -52.82
N PHE L 59 9.82 -14.04 -52.66
CA PHE L 59 10.41 -15.37 -52.73
C PHE L 59 9.84 -16.14 -53.92
N TYR L 60 10.73 -16.82 -54.65
CA TYR L 60 10.36 -17.68 -55.76
C TYR L 60 10.91 -19.08 -55.53
N ALA L 61 10.11 -20.08 -55.91
CA ALA L 61 10.55 -21.46 -55.80
C ALA L 61 11.71 -21.72 -56.76
N GLN L 62 12.59 -22.64 -56.36
CA GLN L 62 13.75 -22.96 -57.19
C GLN L 62 13.34 -23.55 -58.53
N LYS L 63 12.33 -24.43 -58.53
CA LYS L 63 11.87 -25.04 -59.77
C LYS L 63 11.10 -24.07 -60.66
N PHE L 64 10.68 -22.93 -60.14
CA PHE L 64 9.98 -21.91 -60.93
C PHE L 64 10.78 -20.62 -61.04
N GLN L 65 12.06 -20.64 -60.68
CA GLN L 65 12.87 -19.43 -60.76
C GLN L 65 13.04 -18.99 -62.23
N HIS L 66 13.11 -17.68 -62.42
CA HIS L 66 13.34 -17.00 -63.70
C HIS L 66 12.18 -17.17 -64.68
N ARG L 67 11.12 -17.88 -64.31
CA ARG L 67 9.96 -18.06 -65.18
C ARG L 67 8.81 -17.12 -64.87
N LEU L 68 8.68 -16.68 -63.61
CA LEU L 68 7.63 -15.76 -63.23
C LEU L 68 8.21 -14.67 -62.34
N THR L 69 7.56 -13.51 -62.35
CA THR L 69 7.95 -12.37 -61.54
C THR L 69 6.72 -11.84 -60.81
N VAL L 70 6.85 -11.67 -59.49
CA VAL L 70 5.75 -11.23 -58.64
C VAL L 70 6.02 -9.80 -58.21
N ILE L 71 5.06 -8.92 -58.47
CA ILE L 71 5.13 -7.51 -58.09
C ILE L 71 3.91 -7.17 -57.25
N ALA L 72 4.13 -6.57 -56.09
CA ALA L 72 3.06 -6.16 -55.19
C ALA L 72 3.14 -4.66 -54.97
N ASP L 73 2.05 -3.96 -55.23
CA ASP L 73 1.97 -2.51 -55.03
C ASP L 73 1.43 -2.27 -53.63
N THR L 74 2.32 -1.85 -52.72
CA THR L 74 1.92 -1.63 -51.34
C THR L 74 0.90 -0.51 -51.22
N ALA L 75 1.11 0.60 -51.92
CA ALA L 75 0.17 1.71 -51.88
C ALA L 75 -1.18 1.33 -52.48
N THR L 76 -1.17 0.66 -53.63
CA THR L 76 -2.40 0.20 -54.26
C THR L 76 -3.05 -0.96 -53.52
N ASP L 77 -2.30 -1.61 -52.63
CA ASP L 77 -2.81 -2.73 -51.83
C ASP L 77 -3.28 -3.87 -52.75
N THR L 78 -2.31 -4.45 -53.45
CA THR L 78 -2.57 -5.60 -54.32
C THR L 78 -1.26 -6.32 -54.58
N VAL L 79 -1.36 -7.59 -54.96
CA VAL L 79 -0.21 -8.40 -55.32
C VAL L 79 -0.46 -8.99 -56.70
N TYR L 80 0.49 -8.82 -57.61
CA TYR L 80 0.37 -9.27 -58.98
C TYR L 80 1.32 -10.44 -59.22
N MET L 81 0.78 -11.56 -59.68
CA MET L 81 1.58 -12.75 -59.98
C MET L 81 1.47 -13.05 -61.46
N GLU L 82 2.55 -12.79 -62.20
CA GLU L 82 2.62 -13.12 -63.61
C GLU L 82 3.13 -14.55 -63.79
N LEU L 83 3.07 -15.02 -65.03
CA LEU L 83 3.54 -16.36 -65.35
C LEU L 83 3.98 -16.39 -66.81
N GLY L 84 5.29 -16.31 -67.04
CA GLY L 84 5.84 -16.38 -68.38
C GLY L 84 6.19 -17.81 -68.78
N ARG L 85 6.34 -17.99 -70.09
CA ARG L 85 6.61 -19.31 -70.68
C ARG L 85 5.55 -20.31 -70.21
N LEU L 86 4.29 -19.97 -70.45
CA LEU L 86 3.17 -20.79 -70.00
C LEU L 86 2.98 -21.96 -70.95
N THR L 87 3.07 -23.18 -70.42
CA THR L 87 2.91 -24.38 -71.21
C THR L 87 1.46 -24.84 -71.19
N SER L 88 1.20 -26.04 -71.71
CA SER L 88 -0.15 -26.58 -71.78
C SER L 88 -0.51 -27.47 -70.60
N ASP L 89 0.40 -27.65 -69.65
CA ASP L 89 0.18 -28.51 -68.50
C ASP L 89 -0.04 -27.74 -67.20
N ASP L 90 -0.21 -26.42 -67.28
CA ASP L 90 -0.42 -25.59 -66.10
C ASP L 90 -1.88 -25.26 -65.87
N THR L 91 -2.80 -26.11 -66.34
CA THR L 91 -4.22 -25.92 -66.12
C THR L 91 -4.56 -26.38 -64.71
N ALA L 92 -4.64 -25.44 -63.77
CA ALA L 92 -4.83 -25.78 -62.37
C ALA L 92 -5.51 -24.61 -61.66
N VAL L 93 -6.07 -24.90 -60.50
CA VAL L 93 -6.70 -23.89 -59.65
C VAL L 93 -5.63 -23.20 -58.84
N TYR L 94 -5.72 -21.86 -58.76
CA TYR L 94 -4.70 -21.05 -58.12
C TYR L 94 -5.30 -20.33 -56.91
N PHE L 95 -4.85 -20.69 -55.71
CA PHE L 95 -5.20 -19.99 -54.50
C PHE L 95 -4.03 -19.11 -54.07
N CYS L 96 -4.35 -17.99 -53.44
CA CYS L 96 -3.29 -17.10 -52.96
C CYS L 96 -2.75 -17.57 -51.62
N GLY L 97 -3.59 -17.54 -50.58
CA GLY L 97 -3.17 -18.01 -49.28
C GLY L 97 -2.25 -17.04 -48.55
N THR L 98 -2.44 -16.89 -47.25
CA THR L 98 -1.55 -16.10 -46.40
C THR L 98 -1.07 -16.99 -45.26
N LEU L 99 -0.01 -17.75 -45.53
CA LEU L 99 0.53 -18.70 -44.57
C LEU L 99 1.96 -18.32 -44.24
N GLY L 100 2.29 -18.31 -42.95
CA GLY L 100 3.62 -17.99 -42.49
C GLY L 100 3.71 -17.84 -40.99
N VAL L 101 4.74 -18.43 -40.39
CA VAL L 101 4.93 -18.40 -38.95
C VAL L 101 5.90 -17.27 -38.60
N THR L 102 5.58 -16.53 -37.55
CA THR L 102 6.43 -15.45 -37.05
C THR L 102 6.92 -15.87 -35.66
N VAL L 103 8.02 -16.62 -35.63
CA VAL L 103 8.52 -17.15 -34.38
C VAL L 103 9.25 -16.06 -33.61
N THR L 104 8.88 -15.89 -32.34
CA THR L 104 9.57 -14.95 -31.46
C THR L 104 10.03 -15.66 -30.20
N GLU L 105 10.49 -14.92 -29.21
CA GLU L 105 11.01 -15.51 -27.98
C GLU L 105 9.92 -15.95 -27.02
N ALA L 106 8.65 -15.65 -27.31
CA ALA L 106 7.54 -16.00 -26.43
C ALA L 106 6.63 -17.08 -26.99
N GLY L 107 6.40 -17.09 -28.30
CA GLY L 107 5.51 -18.08 -28.88
C GLY L 107 5.53 -18.09 -30.40
N LEU L 108 4.37 -18.31 -31.02
CA LEU L 108 4.26 -18.42 -32.46
C LEU L 108 3.02 -17.66 -32.94
N GLY L 109 3.04 -17.26 -34.21
CA GLY L 109 1.92 -16.56 -34.79
C GLY L 109 1.67 -16.95 -36.24
N ILE L 110 0.41 -17.18 -36.59
CA ILE L 110 0.03 -17.58 -37.94
C ILE L 110 -1.40 -17.13 -38.19
N ASP L 111 -1.79 -17.14 -39.47
CA ASP L 111 -3.16 -16.82 -39.86
C ASP L 111 -3.44 -17.49 -41.19
N ASP L 112 -4.70 -17.41 -41.62
CA ASP L 112 -5.10 -18.04 -42.88
C ASP L 112 -6.39 -17.40 -43.38
N TYR L 113 -6.33 -16.80 -44.57
CA TYR L 113 -7.49 -16.23 -45.23
C TYR L 113 -7.83 -16.96 -46.52
N TRP L 114 -6.85 -17.09 -47.42
CA TRP L 114 -6.91 -18.00 -48.58
C TRP L 114 -7.85 -17.53 -49.68
N GLY L 115 -8.60 -16.45 -49.44
CA GLY L 115 -9.49 -15.93 -50.45
C GLY L 115 -10.51 -16.96 -50.91
N GLN L 116 -10.66 -17.07 -52.23
CA GLN L 116 -11.55 -18.06 -52.83
C GLN L 116 -10.93 -18.86 -53.97
N GLY L 117 -9.89 -18.36 -54.61
CA GLY L 117 -9.23 -19.11 -55.68
C GLY L 117 -9.92 -19.02 -57.01
N THR L 118 -9.20 -19.34 -58.09
CA THR L 118 -9.75 -19.35 -59.43
C THR L 118 -8.98 -20.36 -60.27
N LEU L 119 -9.58 -20.76 -61.38
CA LEU L 119 -8.99 -21.77 -62.26
C LEU L 119 -8.62 -21.15 -63.60
N VAL L 120 -7.51 -21.60 -64.17
CA VAL L 120 -7.04 -21.18 -65.48
C VAL L 120 -6.88 -22.42 -66.35
N THR L 121 -7.44 -22.37 -67.55
CA THR L 121 -7.43 -23.50 -68.48
C THR L 121 -6.59 -23.12 -69.70
N VAL L 122 -5.63 -23.96 -70.03
CA VAL L 122 -4.76 -23.76 -71.20
C VAL L 122 -5.31 -24.68 -72.28
N SER L 123 -6.22 -24.14 -73.09
CA SER L 123 -6.85 -24.91 -74.15
C SER L 123 -6.14 -24.65 -75.49
N SER L 124 -6.71 -25.20 -76.56
CA SER L 124 -6.17 -25.01 -77.91
C SER L 124 -6.77 -23.79 -78.59
N ALA L 125 -8.09 -23.72 -78.67
CA ALA L 125 -8.76 -22.59 -79.31
C ALA L 125 -10.15 -22.38 -78.72
N VAL M 3 11.75 -32.69 -48.75
CA VAL M 3 11.08 -33.87 -49.29
C VAL M 3 10.31 -34.59 -48.19
N LEU M 4 9.01 -34.31 -48.12
CA LEU M 4 8.15 -34.87 -47.09
C LEU M 4 7.31 -36.00 -47.66
N THR M 5 7.24 -37.11 -46.92
CA THR M 5 6.47 -38.28 -47.32
C THR M 5 5.41 -38.57 -46.27
N GLN M 6 4.17 -38.75 -46.72
CA GLN M 6 3.05 -39.04 -45.84
C GLN M 6 2.71 -40.52 -45.87
N SER M 7 1.94 -40.94 -44.87
CA SER M 7 1.52 -42.33 -44.72
C SER M 7 0.29 -42.37 -43.84
N PRO M 8 -0.53 -43.42 -43.93
CA PRO M 8 -0.43 -44.61 -44.78
C PRO M 8 -1.13 -44.42 -46.12
N GLY M 9 -0.97 -43.26 -46.76
CA GLY M 9 -1.66 -43.01 -48.01
C GLY M 9 -3.15 -42.81 -47.82
N THR M 10 -3.93 -43.80 -48.26
CA THR M 10 -5.38 -43.74 -48.14
C THR M 10 -5.85 -44.72 -47.06
N LEU M 11 -6.72 -44.24 -46.18
CA LEU M 11 -7.34 -45.06 -45.15
C LEU M 11 -8.84 -44.87 -45.18
N SER M 12 -9.57 -45.90 -44.76
CA SER M 12 -11.02 -45.93 -44.88
C SER M 12 -11.66 -46.42 -43.58
N LEU M 13 -11.23 -45.86 -42.46
CA LEU M 13 -11.77 -46.28 -41.17
C LEU M 13 -13.15 -45.69 -40.92
N SER M 14 -13.91 -46.37 -40.07
CA SER M 14 -15.28 -45.97 -39.77
C SER M 14 -15.30 -44.71 -38.91
N PRO M 15 -16.33 -43.88 -39.06
CA PRO M 15 -16.44 -42.69 -38.20
C PRO M 15 -16.67 -43.08 -36.75
N GLY M 16 -16.20 -42.23 -35.85
CA GLY M 16 -16.31 -42.48 -34.42
C GLY M 16 -15.11 -43.16 -33.80
N GLU M 17 -14.02 -43.35 -34.54
CA GLU M 17 -12.82 -43.98 -34.03
C GLU M 17 -11.62 -43.10 -34.34
N ARG M 18 -10.65 -43.08 -33.44
CA ARG M 18 -9.47 -42.26 -33.60
C ARG M 18 -8.71 -42.64 -34.86
N ALA M 19 -8.11 -41.64 -35.51
CA ALA M 19 -7.36 -41.81 -36.74
C ALA M 19 -5.95 -41.30 -36.55
N THR M 20 -4.99 -41.93 -37.21
CA THR M 20 -3.58 -41.57 -37.10
C THR M 20 -3.01 -41.29 -38.49
N LEU M 21 -2.33 -40.16 -38.62
CA LEU M 21 -1.66 -39.77 -39.85
C LEU M 21 -0.20 -39.45 -39.53
N SER M 22 0.69 -39.74 -40.47
CA SER M 22 2.11 -39.56 -40.26
C SER M 22 2.72 -38.70 -41.36
N CYS M 23 3.79 -37.99 -41.00
CA CYS M 23 4.51 -37.13 -41.94
C CYS M 23 5.99 -37.21 -41.61
N ARG M 24 6.78 -37.75 -42.54
CA ARG M 24 8.20 -37.94 -42.35
C ARG M 24 8.97 -36.97 -43.23
N ALA M 25 10.13 -36.52 -42.73
CA ALA M 25 10.98 -35.57 -43.45
C ALA M 25 12.32 -36.23 -43.76
N SER M 26 12.76 -36.08 -45.00
CA SER M 26 14.05 -36.63 -45.40
C SER M 26 15.19 -35.98 -44.64
N GLN M 27 15.14 -34.66 -44.48
CA GLN M 27 16.12 -33.91 -43.71
C GLN M 27 15.46 -33.29 -42.49
N ILE M 28 16.28 -33.00 -41.48
CA ILE M 28 15.75 -32.55 -40.20
C ILE M 28 15.14 -31.16 -40.35
N VAL M 29 13.94 -30.99 -39.81
CA VAL M 29 13.26 -29.70 -39.77
C VAL M 29 12.98 -29.36 -38.32
N SER M 30 12.68 -28.08 -38.08
CA SER M 30 12.40 -27.61 -36.74
C SER M 30 11.06 -28.14 -36.25
N ARG M 31 10.89 -28.14 -34.93
CA ARG M 31 9.60 -28.51 -34.35
C ARG M 31 8.52 -27.51 -34.77
N ASN M 32 8.86 -26.23 -34.84
CA ASN M 32 8.00 -25.22 -35.44
C ASN M 32 8.16 -25.29 -36.95
N HIS M 33 7.65 -24.27 -37.65
CA HIS M 33 7.71 -24.21 -39.12
C HIS M 33 7.05 -25.44 -39.75
N LEU M 34 5.93 -25.85 -39.17
CA LEU M 34 5.20 -27.00 -39.66
C LEU M 34 3.72 -26.84 -39.33
N ALA M 35 2.87 -27.21 -40.27
CA ALA M 35 1.44 -27.06 -40.09
C ALA M 35 0.71 -28.14 -40.87
N TRP M 36 -0.52 -28.43 -40.45
CA TRP M 36 -1.35 -29.45 -41.09
C TRP M 36 -2.60 -28.79 -41.64
N TYR M 37 -2.86 -29.02 -42.93
CA TYR M 37 -4.00 -28.42 -43.62
C TYR M 37 -4.93 -29.54 -44.07
N GLN M 38 -6.22 -29.41 -43.75
CA GLN M 38 -7.26 -30.28 -44.27
C GLN M 38 -8.15 -29.47 -45.20
N GLN M 39 -8.52 -30.07 -46.33
CA GLN M 39 -9.31 -29.35 -47.33
C GLN M 39 -10.20 -30.33 -48.09
N LYS M 40 -11.45 -29.95 -48.22
CA LYS M 40 -12.33 -30.66 -49.15
C LYS M 40 -12.07 -30.16 -50.56
N PRO M 41 -12.30 -31.00 -51.57
CA PRO M 41 -11.92 -30.61 -52.94
C PRO M 41 -12.66 -29.36 -53.41
N GLY M 42 -11.93 -28.48 -54.09
CA GLY M 42 -12.51 -27.31 -54.72
C GLY M 42 -12.56 -26.05 -53.88
N GLN M 43 -12.31 -26.14 -52.57
CA GLN M 43 -12.45 -25.00 -51.67
C GLN M 43 -11.10 -24.62 -51.08
N ALA M 44 -11.11 -23.56 -50.28
CA ALA M 44 -9.88 -23.04 -49.68
C ALA M 44 -9.47 -23.92 -48.50
N PRO M 45 -8.22 -24.39 -48.46
CA PRO M 45 -7.77 -25.23 -47.35
C PRO M 45 -7.81 -24.48 -46.02
N ARG M 46 -8.18 -25.19 -44.96
CA ARG M 46 -8.13 -24.64 -43.62
C ARG M 46 -6.84 -25.06 -42.93
N LEU M 47 -6.49 -24.32 -41.87
CA LEU M 47 -5.29 -24.60 -41.09
C LEU M 47 -5.71 -25.28 -39.79
N LEU M 48 -5.28 -26.53 -39.62
CA LEU M 48 -5.67 -27.30 -38.44
C LEU M 48 -4.81 -26.95 -37.23
N ILE M 49 -3.51 -27.23 -37.31
CA ILE M 49 -2.58 -26.94 -36.24
C ILE M 49 -1.34 -26.27 -36.84
N PHE M 50 -0.65 -25.51 -36.01
CA PHE M 50 0.62 -24.90 -36.37
C PHE M 50 1.63 -25.14 -35.26
N GLY M 51 2.89 -25.30 -35.64
CA GLY M 51 3.92 -25.66 -34.68
C GLY M 51 3.92 -27.11 -34.28
N ALA M 52 3.09 -27.94 -34.93
CA ALA M 52 3.05 -29.39 -34.75
C ALA M 52 2.45 -29.79 -33.40
N SER M 53 2.17 -28.84 -32.53
CA SER M 53 1.55 -29.15 -31.24
C SER M 53 0.54 -28.12 -30.76
N SER M 54 0.24 -27.08 -31.55
CA SER M 54 -0.63 -26.00 -31.11
C SER M 54 -1.84 -25.91 -32.02
N ARG M 55 -3.03 -25.87 -31.41
CA ARG M 55 -4.26 -25.77 -32.18
C ARG M 55 -4.41 -24.39 -32.80
N ALA M 56 -5.31 -24.29 -33.77
CA ALA M 56 -5.62 -23.03 -34.43
C ALA M 56 -6.78 -22.35 -33.70
N THR M 57 -7.31 -21.30 -34.30
CA THR M 57 -8.42 -20.53 -33.72
C THR M 57 -9.71 -20.91 -34.44
N GLY M 58 -10.53 -21.72 -33.78
CA GLY M 58 -11.82 -22.09 -34.33
C GLY M 58 -11.92 -23.51 -34.83
N ILE M 59 -11.23 -24.43 -34.17
CA ILE M 59 -11.28 -25.85 -34.52
C ILE M 59 -11.68 -26.64 -33.27
N PRO M 60 -12.30 -27.79 -33.42
CA PRO M 60 -12.72 -28.56 -32.24
C PRO M 60 -11.54 -29.10 -31.45
N VAL M 61 -11.81 -29.39 -30.17
CA VAL M 61 -10.80 -29.93 -29.27
C VAL M 61 -10.33 -31.32 -29.70
N ARG M 62 -11.12 -32.01 -30.53
CA ARG M 62 -10.78 -33.38 -30.93
C ARG M 62 -9.42 -33.45 -31.62
N PHE M 63 -9.11 -32.47 -32.46
CA PHE M 63 -7.85 -32.49 -33.20
C PHE M 63 -6.69 -32.18 -32.27
N SER M 64 -5.58 -32.90 -32.48
CA SER M 64 -4.38 -32.70 -31.68
C SER M 64 -3.20 -33.32 -32.41
N GLY M 65 -2.07 -32.62 -32.40
CA GLY M 65 -0.89 -33.08 -33.11
C GLY M 65 0.33 -33.07 -32.21
N SER M 66 1.30 -33.91 -32.57
CA SER M 66 2.55 -34.01 -31.85
C SER M 66 3.65 -34.41 -32.82
N GLY M 67 4.86 -34.56 -32.31
CA GLY M 67 6.00 -35.00 -33.09
C GLY M 67 7.22 -34.14 -32.82
N SER M 68 8.39 -34.73 -33.04
CA SER M 68 9.66 -34.04 -32.86
C SER M 68 10.70 -34.71 -33.75
N GLY M 69 11.59 -33.91 -34.31
CA GLY M 69 12.63 -34.42 -35.18
C GLY M 69 12.13 -34.54 -36.61
N THR M 70 12.23 -35.76 -37.18
CA THR M 70 11.79 -36.04 -38.52
C THR M 70 10.58 -36.96 -38.55
N ASP M 71 9.74 -36.89 -37.51
CA ASP M 71 8.52 -37.69 -37.44
C ASP M 71 7.43 -36.84 -36.80
N PHE M 72 6.37 -36.57 -37.56
CA PHE M 72 5.28 -35.73 -37.10
C PHE M 72 3.97 -36.47 -37.30
N THR M 73 3.17 -36.55 -36.24
CA THR M 73 1.94 -37.34 -36.23
C THR M 73 0.76 -36.45 -35.86
N LEU M 74 -0.34 -36.62 -36.60
CA LEU M 74 -1.59 -35.93 -36.31
C LEU M 74 -2.65 -36.97 -35.99
N THR M 75 -3.28 -36.83 -34.83
CA THR M 75 -4.32 -37.75 -34.38
C THR M 75 -5.58 -36.97 -34.06
N ILE M 76 -6.73 -37.51 -34.47
CA ILE M 76 -8.02 -36.88 -34.21
C ILE M 76 -8.87 -37.88 -33.42
N ASN M 77 -9.39 -37.44 -32.28
CA ASN M 77 -10.08 -38.35 -31.37
C ASN M 77 -11.48 -38.67 -31.86
N GLY M 78 -12.34 -37.66 -31.98
CA GLY M 78 -13.66 -37.85 -32.52
C GLY M 78 -13.67 -37.52 -34.01
N LEU M 79 -14.13 -38.47 -34.81
CA LEU M 79 -14.09 -38.34 -36.26
C LEU M 79 -15.53 -38.18 -36.75
N ALA M 80 -15.98 -36.94 -36.77
CA ALA M 80 -17.32 -36.62 -37.27
C ALA M 80 -17.36 -36.75 -38.79
N PRO M 81 -18.55 -36.90 -39.37
CA PRO M 81 -18.66 -36.94 -40.84
C PRO M 81 -18.30 -35.61 -41.49
N GLU M 82 -18.07 -34.58 -40.67
CA GLU M 82 -17.72 -33.26 -41.16
C GLU M 82 -16.29 -33.16 -41.66
N ASP M 83 -15.37 -33.97 -41.12
CA ASP M 83 -13.94 -33.82 -41.36
C ASP M 83 -13.37 -34.95 -42.22
N PHE M 84 -14.10 -35.35 -43.26
CA PHE M 84 -13.61 -36.29 -44.27
C PHE M 84 -13.03 -35.46 -45.41
N ALA M 85 -11.70 -35.36 -45.47
CA ALA M 85 -11.04 -34.55 -46.48
C ALA M 85 -9.60 -35.01 -46.61
N VAL M 86 -8.81 -34.27 -47.38
CA VAL M 86 -7.40 -34.57 -47.64
C VAL M 86 -6.56 -33.73 -46.69
N TYR M 87 -5.59 -34.38 -46.02
CA TYR M 87 -4.79 -33.75 -44.98
C TYR M 87 -3.37 -33.60 -45.48
N TYR M 88 -2.93 -32.35 -45.63
CA TYR M 88 -1.57 -32.05 -46.05
C TYR M 88 -0.69 -31.72 -44.84
N CYS M 89 0.61 -31.76 -45.05
CA CYS M 89 1.59 -31.52 -43.98
C CYS M 89 2.65 -30.57 -44.54
N LEU M 90 2.46 -29.27 -44.32
CA LEU M 90 3.39 -28.27 -44.82
C LEU M 90 4.61 -28.18 -43.92
N SER M 91 5.75 -27.78 -44.51
CA SER M 91 6.98 -27.58 -43.76
C SER M 91 7.79 -26.48 -44.44
N SER M 92 8.70 -25.88 -43.66
CA SER M 92 9.61 -24.86 -44.18
C SER M 92 10.94 -25.01 -43.45
N ASP M 93 11.97 -25.40 -44.19
CA ASP M 93 13.27 -25.68 -43.58
C ASP M 93 13.91 -24.40 -43.06
N SER M 94 14.25 -23.48 -43.97
CA SER M 94 14.67 -22.14 -43.57
C SER M 94 13.57 -21.11 -43.80
N SER M 95 13.19 -20.90 -45.06
CA SER M 95 12.01 -20.10 -45.37
C SER M 95 11.22 -20.62 -46.56
N ILE M 96 11.61 -21.75 -47.15
CA ILE M 96 11.01 -22.27 -48.37
C ILE M 96 9.94 -23.29 -48.01
N PHE M 97 8.75 -23.12 -48.57
CA PHE M 97 7.63 -24.00 -48.28
C PHE M 97 7.61 -25.19 -49.24
N THR M 98 7.16 -26.33 -48.72
CA THR M 98 7.01 -27.54 -49.52
C THR M 98 5.96 -28.43 -48.88
N PHE M 99 4.93 -28.77 -49.65
CA PHE M 99 3.82 -29.56 -49.14
C PHE M 99 4.20 -31.04 -49.13
N GLY M 100 3.22 -31.90 -48.88
CA GLY M 100 3.42 -33.32 -48.93
C GLY M 100 2.54 -33.96 -49.98
N PRO M 101 2.68 -35.27 -50.19
CA PRO M 101 1.84 -35.95 -51.19
C PRO M 101 0.35 -35.85 -50.88
N GLY M 102 -0.01 -35.88 -49.60
CA GLY M 102 -1.40 -35.75 -49.22
C GLY M 102 -2.06 -37.08 -48.90
N THR M 103 -2.64 -37.19 -47.71
CA THR M 103 -3.37 -38.38 -47.30
C THR M 103 -4.86 -38.10 -47.33
N LYS M 104 -5.65 -39.15 -47.54
CA LYS M 104 -7.09 -39.03 -47.67
C LYS M 104 -7.78 -39.94 -46.66
N VAL M 105 -8.76 -39.39 -45.94
CA VAL M 105 -9.56 -40.15 -44.99
C VAL M 105 -10.89 -40.46 -45.66
N ASP M 106 -11.16 -41.74 -45.85
CA ASP M 106 -12.36 -42.20 -46.55
C ASP M 106 -13.33 -42.84 -45.56
N PHE M 107 -14.40 -43.45 -46.08
CA PHE M 107 -15.39 -44.10 -45.23
C PHE M 107 -16.06 -43.08 -44.32
N ASP N 1 25.06 52.60 -23.14
CA ASP N 1 25.51 51.70 -24.20
C ASP N 1 26.95 51.27 -23.96
N ILE N 2 27.29 50.08 -24.44
CA ILE N 2 28.62 49.51 -24.29
C ILE N 2 29.18 49.22 -25.67
N GLN N 3 30.22 49.95 -26.06
CA GLN N 3 30.93 49.65 -27.30
C GLN N 3 31.86 48.47 -27.09
N MET N 4 31.98 47.64 -28.12
CA MET N 4 32.71 46.39 -28.02
C MET N 4 33.79 46.35 -29.11
N THR N 5 35.02 46.11 -28.69
CA THR N 5 36.17 46.09 -29.58
C THR N 5 36.71 44.67 -29.65
N GLN N 6 36.83 44.12 -30.86
CA GLN N 6 37.24 42.75 -31.07
C GLN N 6 38.46 42.72 -31.98
N SER N 7 39.51 42.03 -31.52
CA SER N 7 40.80 41.99 -32.19
C SER N 7 41.35 40.57 -32.18
N PRO N 8 42.12 40.18 -33.21
CA PRO N 8 42.48 40.93 -34.42
C PRO N 8 41.41 40.88 -35.50
N SER N 9 40.95 42.04 -35.95
CA SER N 9 39.92 42.08 -36.98
C SER N 9 40.50 41.70 -38.34
N SER N 10 39.79 40.83 -39.05
CA SER N 10 40.15 40.41 -40.41
C SER N 10 41.55 39.80 -40.45
N LEU N 11 41.71 38.71 -39.71
CA LEU N 11 42.96 37.98 -39.68
C LEU N 11 43.02 36.95 -40.80
N ARG N 18 45.49 26.95 -35.42
CA ARG N 18 44.84 27.52 -34.26
C ARG N 18 44.56 29.01 -34.45
N VAL N 19 43.35 29.42 -34.13
CA VAL N 19 42.93 30.82 -34.21
C VAL N 19 42.39 31.23 -32.84
N THR N 20 42.87 32.38 -32.34
CA THR N 20 42.43 32.91 -31.06
C THR N 20 42.04 34.37 -31.25
N ILE N 21 40.84 34.73 -30.79
CA ILE N 21 40.30 36.07 -30.96
C ILE N 21 39.96 36.63 -29.58
N THR N 22 40.40 37.86 -29.33
CA THR N 22 40.19 38.52 -28.05
C THR N 22 39.31 39.76 -28.23
N CYS N 23 38.35 39.93 -27.33
CA CYS N 23 37.44 41.06 -27.38
C CYS N 23 37.34 41.72 -26.01
N GLN N 24 37.22 43.04 -26.01
CA GLN N 24 37.13 43.82 -24.79
C GLN N 24 35.78 44.52 -24.74
N ALA N 25 35.50 45.15 -23.59
CA ALA N 25 34.25 45.85 -23.38
C ALA N 25 34.52 47.14 -22.62
N SER N 26 33.61 48.11 -22.79
CA SER N 26 33.74 49.40 -22.12
C SER N 26 33.35 49.34 -20.66
N GLN N 27 32.60 48.33 -20.24
CA GLN N 27 32.17 48.18 -18.87
C GLN N 27 32.58 46.80 -18.35
N ASP N 28 32.11 46.46 -17.16
CA ASP N 28 32.42 45.18 -16.52
C ASP N 28 31.19 44.28 -16.63
N ILE N 29 31.20 43.39 -17.61
CA ILE N 29 30.17 42.37 -17.77
C ILE N 29 30.74 41.06 -17.26
N LYS N 30 30.05 40.43 -16.32
CA LYS N 30 30.59 39.29 -15.60
C LYS N 30 30.90 38.11 -16.51
N LYS N 31 29.86 37.48 -17.06
CA LYS N 31 30.06 36.35 -17.95
C LYS N 31 29.05 36.34 -19.11
N TYR N 32 28.50 37.49 -19.48
CA TYR N 32 27.42 37.54 -20.47
C TYR N 32 28.00 37.76 -21.86
N LEU N 33 28.61 36.70 -22.39
CA LEU N 33 29.18 36.70 -23.74
C LEU N 33 28.67 35.49 -24.51
N ASN N 34 28.19 35.75 -25.73
CA ASN N 34 27.82 34.70 -26.67
C ASN N 34 28.65 34.84 -27.93
N TRP N 35 29.04 33.70 -28.51
CA TRP N 35 29.88 33.67 -29.69
C TRP N 35 29.09 33.12 -30.86
N TYR N 36 29.11 33.83 -31.99
CA TYR N 36 28.37 33.44 -33.18
C TYR N 36 29.33 33.13 -34.31
N HIS N 37 28.93 32.17 -35.14
CA HIS N 37 29.71 31.76 -36.30
C HIS N 37 28.81 31.80 -37.53
N GLN N 38 29.12 32.68 -38.47
CA GLN N 38 28.33 32.86 -39.67
C GLN N 38 29.14 32.40 -40.88
N LYS N 39 28.61 31.41 -41.60
CA LYS N 39 29.21 30.98 -42.85
C LYS N 39 28.90 32.00 -43.95
N PRO N 40 29.73 32.07 -44.99
CA PRO N 40 29.51 33.08 -46.03
C PRO N 40 28.18 32.90 -46.75
N GLY N 41 27.27 33.85 -46.55
CA GLY N 41 25.95 33.79 -47.16
C GLY N 41 24.95 32.92 -46.45
N LYS N 42 25.30 32.37 -45.30
CA LYS N 42 24.43 31.47 -44.55
C LYS N 42 23.96 32.14 -43.26
N VAL N 43 23.11 31.44 -42.52
CA VAL N 43 22.55 31.95 -41.28
C VAL N 43 23.59 31.88 -40.17
N PRO N 44 23.60 32.83 -39.23
CA PRO N 44 24.60 32.80 -38.16
C PRO N 44 24.27 31.84 -37.03
N GLU N 45 24.64 30.56 -37.19
CA GLU N 45 24.43 29.60 -36.12
C GLU N 45 25.22 29.99 -34.88
N LEU N 46 24.64 29.74 -33.71
CA LEU N 46 25.23 30.14 -32.44
C LEU N 46 26.14 29.05 -31.91
N LEU N 47 27.37 29.42 -31.55
CA LEU N 47 28.34 28.44 -31.07
C LEU N 47 28.16 28.13 -29.59
N MET N 48 28.30 29.14 -28.73
CA MET N 48 28.36 28.91 -27.30
C MET N 48 27.67 30.05 -26.56
N HIS N 49 27.15 29.73 -25.38
CA HIS N 49 26.47 30.69 -24.53
C HIS N 49 27.19 30.81 -23.20
N ASP N 50 27.09 31.99 -22.59
CA ASP N 50 27.74 32.33 -21.32
C ASP N 50 29.26 32.20 -21.41
N ALA N 51 29.81 32.25 -22.62
CA ALA N 51 31.24 32.31 -22.94
C ALA N 51 31.98 31.02 -22.59
N SER N 52 31.34 30.04 -21.98
CA SER N 52 32.03 28.80 -21.64
C SER N 52 31.29 27.55 -22.11
N ASN N 53 29.96 27.55 -22.04
CA ASN N 53 29.18 26.37 -22.36
C ASN N 53 28.92 26.29 -23.86
N LEU N 54 29.25 25.14 -24.45
CA LEU N 54 29.05 24.92 -25.88
C LEU N 54 27.65 24.36 -26.12
N GLU N 55 26.96 24.92 -27.12
CA GLU N 55 25.64 24.42 -27.47
C GLU N 55 25.75 23.16 -28.31
N THR N 56 24.64 22.42 -28.36
CA THR N 56 24.59 21.18 -29.12
C THR N 56 24.71 21.47 -30.61
N GLY N 57 25.48 20.63 -31.30
CA GLY N 57 25.70 20.77 -32.73
C GLY N 57 27.09 21.25 -33.12
N VAL N 58 27.99 21.43 -32.16
CA VAL N 58 29.36 21.85 -32.46
C VAL N 58 30.33 20.89 -31.76
N PRO N 59 31.53 20.69 -32.29
CA PRO N 59 32.48 19.79 -31.65
C PRO N 59 33.10 20.39 -30.39
N SER N 60 34.02 19.65 -29.77
CA SER N 60 34.69 20.10 -28.57
C SER N 60 35.96 20.89 -28.85
N ARG N 61 36.25 21.16 -30.12
CA ARG N 61 37.45 21.93 -30.48
C ARG N 61 37.38 23.35 -29.92
N PHE N 62 36.21 23.98 -30.00
CA PHE N 62 36.04 25.33 -29.50
C PHE N 62 36.14 25.37 -27.98
N SER N 63 36.67 26.48 -27.47
CA SER N 63 36.76 26.70 -26.04
C SER N 63 36.69 28.20 -25.79
N GLY N 64 36.31 28.56 -24.56
CA GLY N 64 36.15 29.96 -24.20
C GLY N 64 36.73 30.25 -22.83
N ARG N 65 37.27 31.46 -22.71
CA ARG N 65 37.79 31.98 -21.45
C ARG N 65 37.10 33.30 -21.14
N GLY N 66 36.60 33.44 -19.92
CA GLY N 66 35.86 34.61 -19.53
C GLY N 66 36.53 35.32 -18.37
N SER N 67 36.27 36.62 -18.27
CA SER N 67 36.81 37.44 -17.19
C SER N 67 35.94 38.67 -17.03
N GLY N 68 36.28 39.50 -16.04
CA GLY N 68 35.54 40.72 -15.82
C GLY N 68 35.68 41.73 -16.93
N THR N 69 36.86 41.77 -17.57
CA THR N 69 37.17 42.80 -18.55
C THR N 69 37.23 42.28 -19.98
N ASP N 70 37.91 41.16 -20.22
CA ASP N 70 38.13 40.66 -21.57
C ASP N 70 37.70 39.21 -21.66
N PHE N 71 37.34 38.81 -22.88
CA PHE N 71 36.90 37.44 -23.18
C PHE N 71 37.68 36.93 -24.37
N THR N 72 38.08 35.66 -24.31
CA THR N 72 38.94 35.05 -25.32
C THR N 72 38.32 33.76 -25.83
N LEU N 73 38.27 33.61 -27.15
CA LEU N 73 37.84 32.39 -27.80
C LEU N 73 39.06 31.71 -28.41
N THR N 74 39.20 30.41 -28.17
CA THR N 74 40.31 29.64 -28.71
C THR N 74 39.79 28.42 -29.46
N ILE N 75 40.54 28.00 -30.47
CA ILE N 75 40.20 26.86 -31.31
C ILE N 75 41.31 25.83 -31.17
N SER N 76 40.93 24.58 -30.90
CA SER N 76 41.92 23.53 -30.74
C SER N 76 42.71 23.31 -32.02
N SER N 77 42.02 23.25 -33.16
CA SER N 77 42.68 23.08 -34.44
C SER N 77 41.72 23.47 -35.55
N LEU N 78 42.27 24.03 -36.62
CA LEU N 78 41.45 24.42 -37.76
C LEU N 78 40.96 23.19 -38.51
N GLN N 79 39.77 23.30 -39.07
CA GLN N 79 39.15 22.25 -39.86
C GLN N 79 38.63 22.84 -41.16
N PRO N 80 38.52 22.04 -42.22
CA PRO N 80 38.07 22.60 -43.52
C PRO N 80 36.71 23.27 -43.45
N GLU N 81 35.76 22.69 -42.72
CA GLU N 81 34.45 23.31 -42.54
C GLU N 81 34.40 24.15 -41.27
N ASP N 82 35.37 25.05 -41.12
CA ASP N 82 35.43 25.96 -39.97
C ASP N 82 35.87 27.34 -40.44
N ILE N 83 35.33 27.78 -41.57
CA ILE N 83 35.69 29.06 -42.15
C ILE N 83 34.47 29.97 -42.18
N GLY N 84 34.71 31.26 -42.04
CA GLY N 84 33.69 32.28 -42.03
C GLY N 84 33.96 33.30 -40.96
N THR N 85 33.08 34.28 -40.86
CA THR N 85 33.22 35.35 -39.89
C THR N 85 32.70 34.91 -38.53
N TYR N 86 33.22 35.54 -37.48
CA TYR N 86 32.80 35.27 -36.11
C TYR N 86 32.30 36.56 -35.48
N TYR N 87 31.34 36.42 -34.55
CA TYR N 87 30.74 37.57 -33.90
C TYR N 87 30.67 37.33 -32.40
N CYS N 88 30.56 38.43 -31.66
CA CYS N 88 30.41 38.41 -30.21
C CYS N 88 29.19 39.21 -29.81
N GLN N 89 28.58 38.84 -28.69
CA GLN N 89 27.41 39.53 -28.18
C GLN N 89 27.50 39.63 -26.66
N GLN N 90 26.96 40.72 -26.12
CA GLN N 90 26.82 40.91 -24.69
C GLN N 90 25.34 41.11 -24.37
N TYR N 91 24.88 40.53 -23.28
CA TYR N 91 23.48 40.58 -22.88
C TYR N 91 23.35 41.01 -21.42
N ASP N 92 23.99 42.12 -21.07
CA ASP N 92 23.99 42.62 -19.71
C ASP N 92 22.59 43.01 -19.25
N ASN N 93 22.47 43.45 -18.00
CA ASN N 93 21.19 43.66 -17.32
C ASN N 93 20.11 44.27 -18.22
N LEU N 94 20.41 45.41 -18.82
CA LEU N 94 19.44 46.14 -19.62
C LEU N 94 19.32 45.53 -21.02
N PRO N 95 18.16 45.67 -21.65
CA PRO N 95 17.91 45.02 -22.95
C PRO N 95 18.90 45.42 -24.04
N PRO N 96 19.40 46.70 -24.08
CA PRO N 96 20.35 47.06 -25.14
C PRO N 96 21.45 46.04 -25.42
N LEU N 97 21.47 45.52 -26.65
CA LEU N 97 22.42 44.51 -27.09
C LEU N 97 23.34 45.11 -28.14
N THR N 98 24.64 44.85 -28.01
CA THR N 98 25.65 45.35 -28.95
C THR N 98 26.46 44.18 -29.46
N PHE N 99 26.54 44.04 -30.79
CA PHE N 99 27.33 42.97 -31.39
C PHE N 99 28.81 43.36 -31.50
N GLY N 100 29.10 44.41 -32.27
CA GLY N 100 30.47 44.80 -32.48
C GLY N 100 31.01 44.35 -33.83
N GLY N 101 32.35 44.31 -33.96
CA GLY N 101 32.98 43.92 -35.19
C GLY N 101 33.09 42.41 -35.35
N GLY N 102 33.64 42.02 -36.50
CA GLY N 102 33.83 40.60 -36.80
C GLY N 102 35.04 40.34 -37.67
N THR N 103 35.72 39.22 -37.42
CA THR N 103 36.90 38.86 -38.18
C THR N 103 36.50 38.15 -39.48
N LYS N 104 37.51 37.72 -40.24
CA LYS N 104 37.31 36.96 -41.47
C LYS N 104 38.35 35.84 -41.49
N VAL N 105 37.97 34.67 -40.97
CA VAL N 105 38.88 33.54 -40.88
C VAL N 105 38.78 32.68 -42.13
N ASP O 1 22.81 1.33 58.50
CA ASP O 1 23.22 -0.03 58.14
C ASP O 1 22.25 -1.05 58.72
N ILE O 2 22.18 -2.22 58.07
CA ILE O 2 21.29 -3.30 58.49
C ILE O 2 22.14 -4.52 58.78
N GLN O 3 22.17 -4.94 60.04
CA GLN O 3 22.74 -6.23 60.38
C GLN O 3 21.77 -7.32 59.99
N MET O 4 22.31 -8.41 59.46
CA MET O 4 21.51 -9.45 58.84
C MET O 4 21.91 -10.78 59.43
N THR O 5 20.93 -11.50 60.00
CA THR O 5 21.16 -12.71 60.77
C THR O 5 20.52 -13.88 60.04
N GLN O 6 21.28 -14.95 59.84
CA GLN O 6 20.84 -16.11 59.07
C GLN O 6 20.96 -17.35 59.94
N SER O 7 19.88 -18.12 60.02
CA SER O 7 19.80 -19.31 60.84
C SER O 7 19.10 -20.40 60.05
N PRO O 8 19.40 -21.68 60.33
CA PRO O 8 20.41 -22.19 61.28
C PRO O 8 21.82 -22.19 60.69
N SER O 9 22.73 -21.47 61.33
CA SER O 9 24.09 -21.36 60.82
C SER O 9 24.84 -22.68 60.99
N SER O 10 25.49 -23.12 59.92
CA SER O 10 26.33 -24.32 59.92
C SER O 10 25.54 -25.55 60.37
N LEU O 11 24.53 -25.89 59.59
CA LEU O 11 23.70 -27.06 59.87
C LEU O 11 24.36 -28.31 59.29
N ARG O 18 15.15 -32.32 52.26
CA ARG O 18 14.71 -30.92 52.24
C ARG O 18 15.45 -30.11 53.29
N VAL O 19 16.07 -29.01 52.85
CA VAL O 19 16.77 -28.08 53.73
C VAL O 19 16.14 -26.71 53.58
N THR O 20 15.80 -26.08 54.70
CA THR O 20 15.15 -24.78 54.70
C THR O 20 15.93 -23.85 55.62
N ILE O 21 16.24 -22.66 55.12
CA ILE O 21 17.04 -21.67 55.85
C ILE O 21 16.24 -20.38 55.95
N THR O 22 16.20 -19.80 57.15
CA THR O 22 15.44 -18.60 57.42
C THR O 22 16.38 -17.46 57.84
N CYS O 23 16.16 -16.28 57.27
CA CYS O 23 16.99 -15.12 57.54
C CYS O 23 16.11 -13.96 57.97
N GLN O 24 16.62 -13.14 58.88
CA GLN O 24 15.93 -11.96 59.38
C GLN O 24 16.72 -10.70 59.04
N ALA O 25 16.06 -9.55 59.16
CA ALA O 25 16.67 -8.27 58.86
C ALA O 25 16.30 -7.27 59.96
N SER O 26 17.19 -6.29 60.15
CA SER O 26 16.95 -5.28 61.18
C SER O 26 15.91 -4.26 60.77
N GLN O 27 15.63 -4.12 59.48
CA GLN O 27 14.64 -3.17 59.00
C GLN O 27 13.59 -3.86 58.15
N ASP O 28 12.72 -3.08 57.52
CA ASP O 28 11.66 -3.60 56.66
C ASP O 28 12.10 -3.46 55.20
N ILE O 29 12.56 -4.56 54.62
CA ILE O 29 12.89 -4.62 53.20
C ILE O 29 11.77 -5.40 52.51
N LYS O 30 11.13 -4.77 51.52
CA LYS O 30 9.92 -5.33 50.94
C LYS O 30 10.18 -6.67 50.28
N LYS O 31 10.95 -6.68 49.19
CA LYS O 31 11.29 -7.92 48.51
C LYS O 31 12.74 -7.92 48.00
N TYR O 32 13.60 -7.06 48.55
CA TYR O 32 14.96 -6.91 48.05
C TYR O 32 15.87 -7.89 48.78
N LEU O 33 15.93 -9.11 48.24
CA LEU O 33 16.80 -10.15 48.77
C LEU O 33 17.21 -11.09 47.64
N ASN O 34 18.51 -11.34 47.54
CA ASN O 34 19.06 -12.32 46.61
C ASN O 34 19.72 -13.44 47.40
N TRP O 35 19.80 -14.61 46.78
CA TRP O 35 20.41 -15.79 47.40
C TRP O 35 21.62 -16.20 46.57
N TYR O 36 22.72 -16.51 47.25
CA TYR O 36 23.96 -16.91 46.61
C TYR O 36 24.37 -18.30 47.10
N HIS O 37 24.93 -19.09 46.19
CA HIS O 37 25.41 -20.43 46.50
C HIS O 37 26.85 -20.52 46.02
N GLN O 38 27.76 -20.82 46.94
CA GLN O 38 29.18 -20.90 46.65
C GLN O 38 29.67 -22.33 46.90
N LYS O 39 30.13 -22.98 45.85
CA LYS O 39 30.77 -24.28 45.99
C LYS O 39 32.18 -24.11 46.53
N PRO O 40 32.71 -25.12 47.24
CA PRO O 40 34.06 -24.99 47.81
C PRO O 40 35.14 -24.77 46.75
N GLY O 41 35.77 -23.60 46.80
CA GLY O 41 36.78 -23.23 45.83
C GLY O 41 36.25 -22.67 44.53
N LYS O 42 34.94 -22.46 44.41
CA LYS O 42 34.32 -21.95 43.19
C LYS O 42 33.60 -20.64 43.50
N VAL O 43 33.44 -19.83 42.45
CA VAL O 43 32.81 -18.52 42.56
C VAL O 43 31.36 -18.67 42.97
N PRO O 44 30.80 -17.74 43.75
CA PRO O 44 29.43 -17.88 44.25
C PRO O 44 28.38 -17.58 43.19
N GLU O 45 28.01 -18.58 42.39
CA GLU O 45 26.98 -18.39 41.37
C GLU O 45 25.66 -18.00 42.02
N LEU O 46 24.92 -17.12 41.36
CA LEU O 46 23.65 -16.63 41.87
C LEU O 46 22.52 -17.55 41.44
N LEU O 47 21.58 -17.80 42.35
CA LEU O 47 20.45 -18.68 42.05
C LEU O 47 19.18 -17.88 41.73
N MET O 48 18.75 -17.02 42.65
CA MET O 48 17.48 -16.34 42.51
C MET O 48 17.63 -14.87 42.86
N HIS O 49 16.80 -14.04 42.21
CA HIS O 49 16.76 -12.60 42.43
C HIS O 49 15.37 -12.17 42.86
N ASP O 50 15.33 -11.14 43.71
CA ASP O 50 14.11 -10.66 44.37
C ASP O 50 13.42 -11.76 45.17
N ALA O 51 14.17 -12.76 45.62
CA ALA O 51 13.76 -13.81 46.56
C ALA O 51 12.70 -14.75 46.00
N SER O 52 12.21 -14.54 44.79
CA SER O 52 11.20 -15.43 44.23
C SER O 52 11.54 -15.92 42.83
N ASN O 53 12.13 -15.07 41.99
CA ASN O 53 12.41 -15.43 40.61
C ASN O 53 13.75 -16.15 40.51
N LEU O 54 13.74 -17.32 39.88
CA LEU O 54 14.95 -18.12 39.73
C LEU O 54 15.68 -17.74 38.46
N GLU O 55 17.00 -17.54 38.58
CA GLU O 55 17.82 -17.23 37.41
C GLU O 55 17.99 -18.46 36.53
N THR O 56 18.29 -18.20 35.27
CA THR O 56 18.54 -19.29 34.32
C THR O 56 19.81 -20.04 34.71
N GLY O 57 19.78 -21.36 34.53
CA GLY O 57 20.89 -22.21 34.90
C GLY O 57 20.73 -22.97 36.20
N VAL O 58 19.58 -22.89 36.85
CA VAL O 58 19.31 -23.63 38.07
C VAL O 58 18.02 -24.41 37.89
N PRO O 59 17.85 -25.55 38.57
CA PRO O 59 16.61 -26.32 38.44
C PRO O 59 15.44 -25.67 39.16
N SER O 60 14.29 -26.33 39.15
CA SER O 60 13.08 -25.83 39.81
C SER O 60 12.95 -26.33 41.24
N ARG O 61 13.94 -27.05 41.76
CA ARG O 61 13.87 -27.55 43.12
C ARG O 61 13.84 -26.39 44.12
N PHE O 62 14.64 -25.36 43.89
CA PHE O 62 14.72 -24.23 44.81
C PHE O 62 13.43 -23.42 44.78
N SER O 63 13.11 -22.82 45.92
CA SER O 63 11.96 -21.94 46.04
C SER O 63 12.24 -20.92 47.14
N GLY O 64 11.51 -19.81 47.10
CA GLY O 64 11.71 -18.75 48.07
C GLY O 64 10.40 -18.18 48.54
N ARG O 65 10.38 -17.78 49.81
CA ARG O 65 9.23 -17.13 50.42
C ARG O 65 9.71 -15.81 51.03
N GLY O 66 8.96 -14.75 50.77
CA GLY O 66 9.36 -13.42 51.20
C GLY O 66 8.26 -12.71 51.94
N SER O 67 8.68 -11.79 52.82
CA SER O 67 7.76 -10.98 53.61
C SER O 67 8.47 -9.70 54.01
N GLY O 68 7.76 -8.86 54.75
CA GLY O 68 8.34 -7.59 55.18
C GLY O 68 9.48 -7.77 56.17
N THR O 69 9.38 -8.76 57.06
CA THR O 69 10.35 -8.94 58.13
C THR O 69 11.29 -10.12 57.88
N ASP O 70 10.77 -11.28 57.51
CA ASP O 70 11.57 -12.49 57.39
C ASP O 70 11.41 -13.10 56.01
N PHE O 71 12.46 -13.79 55.57
CA PHE O 71 12.51 -14.43 54.28
C PHE O 71 12.95 -15.88 54.46
N THR O 72 12.33 -16.78 53.71
CA THR O 72 12.57 -18.21 53.84
C THR O 72 12.87 -18.81 52.47
N LEU O 73 13.91 -19.64 52.41
CA LEU O 73 14.24 -20.41 51.22
C LEU O 73 14.07 -21.89 51.52
N THR O 74 13.51 -22.63 50.55
CA THR O 74 13.28 -24.05 50.70
C THR O 74 13.82 -24.79 49.49
N ILE O 75 14.19 -26.05 49.70
CA ILE O 75 14.71 -26.93 48.67
C ILE O 75 13.77 -28.13 48.55
N SER O 76 13.35 -28.44 47.32
CA SER O 76 12.43 -29.56 47.12
C SER O 76 13.05 -30.88 47.57
N SER O 77 14.28 -31.13 47.17
CA SER O 77 14.99 -32.33 47.57
C SER O 77 16.48 -32.12 47.35
N LEU O 78 17.28 -32.65 48.28
CA LEU O 78 18.73 -32.53 48.16
C LEU O 78 19.24 -33.42 47.03
N GLN O 79 20.29 -32.94 46.37
CA GLN O 79 20.93 -33.62 45.26
C GLN O 79 22.42 -33.69 45.50
N PRO O 80 23.11 -34.68 44.91
CA PRO O 80 24.56 -34.80 45.16
C PRO O 80 25.36 -33.56 44.79
N GLU O 81 25.02 -32.89 43.69
CA GLU O 81 25.67 -31.64 43.32
C GLU O 81 24.91 -30.44 43.86
N ASP O 82 24.62 -30.45 45.16
CA ASP O 82 23.93 -29.34 45.83
C ASP O 82 24.53 -29.11 47.21
N ILE O 83 25.86 -29.16 47.30
CA ILE O 83 26.57 -29.04 48.57
C ILE O 83 27.49 -27.83 48.51
N GLY O 84 27.44 -27.03 49.57
CA GLY O 84 28.26 -25.85 49.73
C GLY O 84 27.56 -24.83 50.60
N THR O 85 28.23 -23.70 50.79
CA THR O 85 27.68 -22.62 51.60
C THR O 85 26.70 -21.80 50.77
N TYR O 86 25.76 -21.17 51.47
CA TYR O 86 24.75 -20.30 50.88
C TYR O 86 24.90 -18.90 51.45
N TYR O 87 24.52 -17.91 50.65
CA TYR O 87 24.64 -16.53 51.08
C TYR O 87 23.44 -15.74 50.60
N CYS O 88 23.15 -14.66 51.34
CA CYS O 88 22.05 -13.77 51.04
C CYS O 88 22.55 -12.33 51.01
N GLN O 89 21.82 -11.48 50.28
CA GLN O 89 22.21 -10.09 50.10
C GLN O 89 20.98 -9.24 49.82
N GLN O 90 20.84 -8.15 50.55
CA GLN O 90 19.77 -7.20 50.35
C GLN O 90 20.31 -5.98 49.61
N TYR O 91 19.46 -5.37 48.79
CA TYR O 91 19.84 -4.24 47.95
C TYR O 91 18.82 -3.11 48.11
N ASP O 92 18.54 -2.74 49.36
CA ASP O 92 17.55 -1.71 49.64
C ASP O 92 17.98 -0.35 49.08
N ASN O 93 17.14 0.67 49.27
CA ASN O 93 17.27 1.96 48.59
C ASN O 93 18.70 2.47 48.48
N LEU O 94 19.39 2.58 49.60
CA LEU O 94 20.74 3.13 49.64
C LEU O 94 21.75 2.09 49.18
N PRO O 95 22.87 2.53 48.61
CA PRO O 95 23.87 1.60 48.05
C PRO O 95 24.42 0.61 49.06
N PRO O 96 24.61 0.99 50.37
CA PRO O 96 25.16 0.01 51.33
C PRO O 96 24.57 -1.40 51.24
N LEU O 97 25.44 -2.37 50.95
CA LEU O 97 25.06 -3.76 50.78
C LEU O 97 25.65 -4.58 51.91
N THR O 98 24.84 -5.49 52.47
CA THR O 98 25.27 -6.36 53.56
C THR O 98 24.99 -7.81 53.17
N PHE O 99 25.99 -8.68 53.36
CA PHE O 99 25.82 -10.10 53.07
C PHE O 99 25.35 -10.87 54.30
N GLY O 100 26.14 -10.84 55.37
CA GLY O 100 25.79 -11.56 56.59
C GLY O 100 26.51 -12.88 56.74
N GLY O 101 25.88 -13.82 57.45
CA GLY O 101 26.47 -15.12 57.69
C GLY O 101 26.23 -16.08 56.55
N GLY O 102 26.58 -17.34 56.80
CA GLY O 102 26.42 -18.40 55.81
C GLY O 102 26.50 -19.79 56.42
N THR O 103 25.62 -20.68 55.99
CA THR O 103 25.58 -22.04 56.50
C THR O 103 26.62 -22.91 55.79
N LYS O 104 26.69 -24.18 56.19
CA LYS O 104 27.59 -25.16 55.60
C LYS O 104 26.79 -26.44 55.36
N VAL O 105 26.19 -26.55 54.18
CA VAL O 105 25.37 -27.70 53.85
C VAL O 105 26.18 -28.73 53.07
N SER P 25 -30.95 0.35 31.26
CA SER P 25 -32.06 0.46 30.34
C SER P 25 -31.79 1.38 29.16
N GLN P 26 -31.23 2.55 29.45
CA GLN P 26 -30.89 3.55 28.44
C GLN P 26 -29.40 3.83 28.48
N ASN P 27 -28.79 3.91 27.29
CA ASN P 27 -27.35 4.14 27.17
C ASN P 27 -27.02 5.61 27.00
N ILE P 28 -27.56 6.24 25.97
CA ILE P 28 -27.23 7.63 25.63
C ILE P 28 -28.37 8.54 26.02
N THR P 29 -28.02 9.71 26.58
CA THR P 29 -29.00 10.72 26.93
C THR P 29 -28.30 12.07 26.91
N GLU P 30 -28.97 13.10 26.41
CA GLU P 30 -28.38 14.41 26.23
C GLU P 30 -29.23 15.48 26.90
N GLU P 31 -28.55 16.43 27.55
CA GLU P 31 -29.19 17.54 28.24
C GLU P 31 -28.83 18.83 27.51
N PHE P 32 -29.79 19.76 27.46
CA PHE P 32 -29.58 21.07 26.84
C PHE P 32 -29.96 22.16 27.84
N TYR P 33 -29.02 23.05 28.11
CA TYR P 33 -29.23 24.16 29.04
C TYR P 33 -29.40 25.45 28.24
N GLN P 34 -30.57 26.07 28.37
CA GLN P 34 -30.82 27.32 27.66
C GLN P 34 -29.94 28.45 28.19
N SER P 35 -29.56 28.41 29.47
CA SER P 35 -28.85 29.53 30.08
C SER P 35 -27.46 29.70 29.46
N THR P 36 -26.71 28.63 29.33
CA THR P 36 -25.34 28.70 28.81
C THR P 36 -25.21 28.22 27.38
N CYS P 37 -26.31 27.77 26.76
CA CYS P 37 -26.31 27.29 25.38
C CYS P 37 -25.21 26.26 25.16
N SER P 38 -25.19 25.24 26.03
CA SER P 38 -24.17 24.20 25.97
C SER P 38 -24.81 22.88 26.37
N ALA P 39 -24.90 21.95 25.42
CA ALA P 39 -25.46 20.65 25.68
C ALA P 39 -24.40 19.68 26.19
N VAL P 40 -24.85 18.63 26.87
CA VAL P 40 -23.97 17.62 27.43
C VAL P 40 -24.60 16.25 27.20
N SER P 41 -23.79 15.29 26.73
CA SER P 41 -24.23 13.94 26.47
C SER P 41 -23.60 12.99 27.47
N LYS P 42 -24.43 12.24 28.20
CA LYS P 42 -23.98 11.35 29.25
C LYS P 42 -24.28 9.89 28.88
N GLY P 43 -23.62 8.98 29.59
CA GLY P 43 -23.89 7.55 29.44
C GLY P 43 -22.80 6.76 28.75
N TYR P 44 -21.71 7.36 28.32
CA TYR P 44 -20.66 6.60 27.65
C TYR P 44 -19.87 5.77 28.68
N LEU P 45 -18.89 5.02 28.17
CA LEU P 45 -18.00 4.24 29.01
C LEU P 45 -16.56 4.58 28.64
N SER P 46 -15.66 4.42 29.60
CA SER P 46 -14.27 4.83 29.41
C SER P 46 -13.40 3.65 28.99
N ALA P 47 -12.32 3.98 28.28
CA ALA P 47 -11.22 3.05 28.03
C ALA P 47 -9.97 3.91 27.83
N LEU P 48 -9.20 4.06 28.89
CA LEU P 48 -8.04 4.95 28.90
C LEU P 48 -6.75 4.16 28.82
N ARG P 49 -5.86 4.58 27.93
CA ARG P 49 -4.55 3.96 27.78
C ARG P 49 -3.58 4.61 28.77
N THR P 50 -3.30 3.90 29.86
CA THR P 50 -2.44 4.41 30.92
C THR P 50 -0.96 4.18 30.61
N GLY P 51 -0.58 2.91 30.41
CA GLY P 51 0.80 2.57 30.14
C GLY P 51 0.91 1.67 28.93
N TRP P 52 2.15 1.46 28.49
CA TRP P 52 2.45 0.59 27.36
C TRP P 52 2.96 -0.76 27.86
N TYR P 53 3.01 -1.72 26.94
CA TYR P 53 3.58 -3.04 27.22
C TYR P 53 4.46 -3.43 26.05
N THR P 54 5.75 -3.60 26.32
CA THR P 54 6.70 -3.93 25.26
C THR P 54 6.61 -5.40 24.88
N SER P 55 6.67 -5.67 23.58
CA SER P 55 6.67 -7.04 23.07
C SER P 55 7.65 -7.11 21.91
N VAL P 56 8.54 -8.09 21.94
CA VAL P 56 9.59 -8.23 20.92
C VAL P 56 9.15 -9.25 19.88
N ILE P 57 9.28 -8.88 18.61
CA ILE P 57 8.95 -9.76 17.49
C ILE P 57 10.26 -10.14 16.80
N THR P 58 10.48 -11.43 16.64
CA THR P 58 11.70 -11.96 16.04
C THR P 58 11.37 -12.61 14.70
N ILE P 59 12.08 -12.20 13.65
CA ILE P 59 11.95 -12.79 12.32
C ILE P 59 13.29 -13.39 11.93
N GLU P 60 13.27 -14.67 11.58
CA GLU P 60 14.49 -15.40 11.25
C GLU P 60 14.70 -15.39 9.74
N LEU P 61 15.86 -14.92 9.31
CA LEU P 61 16.22 -14.87 7.90
C LEU P 61 17.61 -15.44 7.69
N SER P 62 17.79 -16.10 6.55
CA SER P 62 19.06 -16.75 6.22
C SER P 62 19.80 -15.92 5.17
N ASN P 63 21.05 -15.61 5.47
CA ASN P 63 21.88 -14.80 4.57
C ASN P 63 22.49 -15.67 3.47
N ILE P 64 22.79 -15.03 2.34
CA ILE P 64 23.40 -15.69 1.19
C ILE P 64 24.53 -14.82 0.67
N LYS P 65 25.65 -15.44 0.31
CA LYS P 65 26.81 -14.68 -0.15
C LYS P 65 26.62 -14.21 -1.59
N GLU P 66 26.52 -15.16 -2.53
CA GLU P 66 26.41 -14.84 -3.95
C GLU P 66 26.12 -16.13 -4.70
N ASN P 67 25.28 -16.03 -5.71
CA ASN P 67 24.82 -17.18 -6.49
C ASN P 67 25.74 -17.35 -7.69
N LYS P 68 26.61 -18.36 -7.63
CA LYS P 68 27.62 -18.57 -8.65
C LYS P 68 27.09 -19.30 -9.89
N CYS P 69 25.90 -19.87 -9.82
CA CYS P 69 25.38 -20.71 -10.90
C CYS P 69 24.62 -19.86 -11.91
N ASN P 70 24.84 -20.14 -13.19
CA ASN P 70 24.18 -19.47 -14.30
C ASN P 70 23.24 -20.43 -15.01
N GLY P 71 22.65 -19.96 -16.11
CA GLY P 71 21.78 -20.81 -16.90
C GLY P 71 20.83 -20.04 -17.79
N THR P 72 20.62 -20.53 -19.01
CA THR P 72 19.69 -19.92 -19.95
C THR P 72 18.26 -20.40 -19.78
N ASP P 73 18.01 -21.32 -18.85
CA ASP P 73 16.67 -21.81 -18.60
C ASP P 73 15.83 -20.73 -17.92
N ALA P 74 14.52 -20.92 -17.95
CA ALA P 74 13.58 -19.95 -17.41
C ALA P 74 13.27 -20.15 -15.93
N LYS P 75 13.07 -21.40 -15.49
CA LYS P 75 12.71 -21.64 -14.10
C LYS P 75 13.83 -21.23 -13.15
N VAL P 76 15.08 -21.50 -13.52
CA VAL P 76 16.20 -21.08 -12.69
C VAL P 76 16.34 -19.56 -12.69
N LYS P 77 16.00 -18.92 -13.82
CA LYS P 77 16.13 -17.47 -13.91
C LYS P 77 15.23 -16.77 -12.90
N LEU P 78 14.02 -17.29 -12.69
CA LEU P 78 13.10 -16.70 -11.73
C LEU P 78 13.66 -16.79 -10.30
N ILE P 79 14.24 -17.93 -9.95
CA ILE P 79 14.77 -18.12 -8.60
C ILE P 79 15.93 -17.16 -8.34
N LYS P 80 16.84 -17.04 -9.30
CA LYS P 80 17.97 -16.14 -9.13
C LYS P 80 17.50 -14.69 -9.07
N GLN P 81 16.45 -14.35 -9.81
CA GLN P 81 15.92 -12.99 -9.77
C GLN P 81 15.28 -12.69 -8.42
N GLU P 82 14.54 -13.66 -7.86
CA GLU P 82 13.87 -13.41 -6.60
C GLU P 82 14.87 -13.42 -5.44
N LEU P 83 15.85 -14.30 -5.48
CA LEU P 83 16.89 -14.31 -4.44
C LEU P 83 17.66 -13.00 -4.43
N ASP P 84 17.86 -12.39 -5.60
CA ASP P 84 18.46 -11.07 -5.66
C ASP P 84 17.57 -10.04 -4.99
N LYS P 85 16.25 -10.14 -5.19
CA LYS P 85 15.33 -9.25 -4.52
C LYS P 85 15.35 -9.45 -3.01
N TYR P 86 15.48 -10.71 -2.57
CA TYR P 86 15.59 -11.00 -1.15
C TYR P 86 16.85 -10.40 -0.55
N LYS P 87 17.98 -10.51 -1.27
CA LYS P 87 19.24 -9.99 -0.75
C LYS P 87 19.23 -8.47 -0.69
N ASN P 88 18.62 -7.82 -1.68
CA ASN P 88 18.57 -6.35 -1.69
C ASN P 88 17.75 -5.82 -0.52
N ALA P 89 16.66 -6.51 -0.17
CA ALA P 89 15.83 -6.07 0.95
C ALA P 89 16.61 -6.10 2.25
N VAL P 90 17.41 -7.15 2.45
CA VAL P 90 18.25 -7.23 3.64
C VAL P 90 19.33 -6.16 3.59
N THR P 91 19.91 -5.93 2.42
CA THR P 91 20.99 -4.96 2.29
C THR P 91 20.50 -3.55 2.60
N GLU P 92 19.32 -3.17 2.10
CA GLU P 92 18.81 -1.83 2.35
C GLU P 92 18.35 -1.68 3.79
N LEU P 93 17.93 -2.79 4.42
CA LEU P 93 17.53 -2.74 5.82
C LEU P 93 18.75 -2.69 6.74
N GLN P 94 19.92 -3.10 6.24
CA GLN P 94 21.11 -3.14 7.08
C GLN P 94 21.55 -1.74 7.49
N LEU P 95 21.49 -0.80 6.56
CA LEU P 95 21.91 0.58 6.86
C LEU P 95 20.81 1.38 7.53
N LEU P 96 19.57 0.87 7.56
CA LEU P 96 18.50 1.57 8.25
C LEU P 96 18.58 1.43 9.76
N MET P 97 19.27 0.41 10.25
CA MET P 97 19.38 0.20 11.70
C MET P 97 20.25 1.25 12.36
N GLN P 98 21.25 1.77 11.64
CA GLN P 98 22.26 2.62 12.26
C GLN P 98 21.64 3.86 12.88
N SER P 99 20.73 4.52 12.17
CA SER P 99 20.06 5.69 12.71
C SER P 99 19.05 5.27 13.78
N THR P 100 19.03 6.02 14.88
CA THR P 100 18.09 5.75 15.94
C THR P 100 16.68 6.19 15.54
N PRO P 101 15.66 5.51 16.06
CA PRO P 101 14.28 5.91 15.75
C PRO P 101 13.99 7.32 16.22
N ALA P 102 13.12 8.00 15.48
CA ALA P 102 12.78 9.39 15.79
C ALA P 102 11.54 9.51 16.67
N CYS P 103 10.56 8.62 16.49
CA CYS P 103 9.31 8.65 17.23
C CYS P 103 8.59 9.99 17.06
N SER Q 25 34.30 15.04 23.25
CA SER Q 25 34.15 13.98 24.23
C SER Q 25 32.70 13.69 24.59
N GLN Q 26 31.91 14.75 24.73
CA GLN Q 26 30.50 14.65 25.06
C GLN Q 26 29.67 15.33 23.99
N ASN Q 27 28.58 14.67 23.59
CA ASN Q 27 27.70 15.19 22.55
C ASN Q 27 26.53 15.98 23.12
N ILE Q 28 25.72 15.35 23.97
CA ILE Q 28 24.50 15.96 24.50
C ILE Q 28 24.76 16.46 25.91
N THR Q 29 24.23 17.64 26.22
CA THR Q 29 24.31 18.20 27.57
C THR Q 29 23.14 19.16 27.75
N GLU Q 30 22.51 19.12 28.92
CA GLU Q 30 21.32 19.89 29.21
C GLU Q 30 21.49 20.65 30.53
N GLU Q 31 21.02 21.90 30.55
CA GLU Q 31 21.05 22.73 31.73
C GLU Q 31 19.63 23.16 32.08
N PHE Q 32 19.35 23.24 33.38
CA PHE Q 32 18.05 23.65 33.88
C PHE Q 32 18.19 24.93 34.69
N TYR Q 33 17.39 25.93 34.36
CA TYR Q 33 17.41 27.22 35.04
C TYR Q 33 16.22 27.29 35.99
N GLN Q 34 16.51 27.34 37.29
CA GLN Q 34 15.44 27.42 38.28
C GLN Q 34 14.67 28.75 38.18
N SER Q 35 15.35 29.81 37.76
CA SER Q 35 14.74 31.13 37.77
C SER Q 35 13.57 31.22 36.80
N THR Q 36 13.74 30.73 35.58
CA THR Q 36 12.72 30.82 34.54
C THR Q 36 12.02 29.49 34.28
N CYS Q 37 12.42 28.41 34.95
CA CYS Q 37 11.83 27.09 34.77
C CYS Q 37 11.80 26.72 33.28
N SER Q 38 12.98 26.72 32.68
CA SER Q 38 13.11 26.43 31.25
C SER Q 38 14.47 25.83 30.99
N ALA Q 39 14.50 24.55 30.66
CA ALA Q 39 15.75 23.86 30.36
C ALA Q 39 16.07 23.93 28.88
N VAL Q 40 17.36 23.84 28.58
CA VAL Q 40 17.85 23.93 27.20
C VAL Q 40 18.88 22.82 26.99
N SER Q 41 18.80 22.14 25.85
CA SER Q 41 19.70 21.05 25.50
C SER Q 41 20.63 21.50 24.39
N LYS Q 42 21.93 21.36 24.60
CA LYS Q 42 22.94 21.83 23.67
C LYS Q 42 23.75 20.64 23.14
N GLY Q 43 24.38 20.86 22.00
CA GLY Q 43 25.32 19.88 21.44
C GLY Q 43 24.87 19.20 20.16
N TYR Q 44 23.72 19.53 19.59
CA TYR Q 44 23.29 18.88 18.36
C TYR Q 44 24.05 19.46 17.16
N LEU Q 45 23.70 18.97 15.98
CA LEU Q 45 24.30 19.43 14.72
C LEU Q 45 23.21 19.76 13.74
N SER Q 46 23.51 20.64 12.79
CA SER Q 46 22.51 21.16 11.87
C SER Q 46 22.49 20.39 10.55
N ALA Q 47 21.31 20.33 9.95
CA ALA Q 47 21.15 19.93 8.55
C ALA Q 47 19.91 20.66 8.04
N LEU Q 48 20.13 21.82 7.43
CA LEU Q 48 19.03 22.68 7.00
C LEU Q 48 18.86 22.58 5.48
N ARG Q 49 17.61 22.42 5.05
CA ARG Q 49 17.28 22.33 3.64
C ARG Q 49 17.07 23.74 3.09
N THR Q 50 18.07 24.23 2.36
CA THR Q 50 18.01 25.59 1.81
C THR Q 50 17.18 25.65 0.53
N GLY Q 51 17.61 24.91 -0.50
CA GLY Q 51 16.93 24.93 -1.78
C GLY Q 51 16.69 23.52 -2.30
N TRP Q 52 15.93 23.45 -3.38
CA TRP Q 52 15.59 22.20 -4.03
C TRP Q 52 16.46 21.99 -5.27
N TYR Q 53 16.45 20.75 -5.78
CA TYR Q 53 17.17 20.39 -6.99
C TYR Q 53 16.26 19.54 -7.86
N THR Q 54 15.95 20.02 -9.05
CA THR Q 54 15.05 19.30 -9.96
C THR Q 54 15.80 18.17 -10.64
N SER Q 55 15.12 17.01 -10.75
CA SER Q 55 15.67 15.85 -11.44
C SER Q 55 14.52 15.14 -12.13
N VAL Q 56 14.65 14.90 -13.43
CA VAL Q 56 13.59 14.32 -14.23
C VAL Q 56 13.80 12.82 -14.33
N ILE Q 57 12.74 12.05 -14.07
CA ILE Q 57 12.76 10.60 -14.22
C ILE Q 57 11.89 10.24 -15.41
N THR Q 58 12.46 9.51 -16.37
CA THR Q 58 11.78 9.14 -17.60
C THR Q 58 11.53 7.65 -17.62
N ILE Q 59 10.29 7.25 -17.85
CA ILE Q 59 9.90 5.85 -17.97
C ILE Q 59 9.40 5.61 -19.39
N GLU Q 60 9.93 4.58 -20.04
CA GLU Q 60 9.63 4.29 -21.42
C GLU Q 60 8.57 3.19 -21.49
N LEU Q 61 7.47 3.47 -22.17
CA LEU Q 61 6.36 2.53 -22.33
C LEU Q 61 5.95 2.46 -23.78
N SER Q 62 5.53 1.27 -24.21
CA SER Q 62 5.12 1.03 -25.58
C SER Q 62 3.60 0.91 -25.65
N ASN Q 63 2.99 1.69 -26.54
CA ASN Q 63 1.54 1.67 -26.71
C ASN Q 63 1.10 0.51 -27.59
N ILE Q 64 -0.15 0.10 -27.42
CA ILE Q 64 -0.77 -0.96 -28.19
C ILE Q 64 -2.18 -0.53 -28.57
N LYS Q 65 -2.59 -0.83 -29.80
CA LYS Q 65 -3.90 -0.39 -30.26
C LYS Q 65 -5.01 -1.28 -29.72
N GLU Q 66 -5.00 -2.56 -30.11
CA GLU Q 66 -6.03 -3.51 -29.71
C GLU Q 66 -5.62 -4.89 -30.18
N ASN Q 67 -5.86 -5.89 -29.32
CA ASN Q 67 -5.44 -7.26 -29.57
C ASN Q 67 -6.55 -8.01 -30.29
N LYS Q 68 -6.32 -8.35 -31.56
CA LYS Q 68 -7.33 -9.00 -32.38
C LYS Q 68 -7.37 -10.51 -32.21
N CYS Q 69 -6.36 -11.11 -31.58
CA CYS Q 69 -6.27 -12.56 -31.52
C CYS Q 69 -7.04 -13.10 -30.33
N ASN Q 70 -7.76 -14.20 -30.56
CA ASN Q 70 -8.57 -14.85 -29.54
C ASN Q 70 -8.01 -16.24 -29.25
N GLY Q 71 -8.72 -16.99 -28.41
CA GLY Q 71 -8.32 -18.34 -28.09
C GLY Q 71 -8.93 -18.86 -26.80
N THR Q 72 -9.26 -20.15 -26.78
CA THR Q 72 -9.81 -20.80 -25.60
C THR Q 72 -8.73 -21.39 -24.71
N ASP Q 73 -7.46 -21.21 -25.04
CA ASP Q 73 -6.37 -21.71 -24.21
C ASP Q 73 -6.27 -20.88 -22.93
N ALA Q 74 -5.33 -21.26 -22.08
CA ALA Q 74 -5.15 -20.61 -20.78
C ALA Q 74 -3.97 -19.64 -20.75
N LYS Q 75 -2.82 -20.06 -21.28
CA LYS Q 75 -1.64 -19.21 -21.24
C LYS Q 75 -1.85 -17.92 -22.03
N VAL Q 76 -2.48 -18.01 -23.19
CA VAL Q 76 -2.76 -16.81 -23.99
C VAL Q 76 -3.76 -15.91 -23.28
N LYS Q 77 -4.73 -16.50 -22.57
CA LYS Q 77 -5.74 -15.70 -21.89
C LYS Q 77 -5.11 -14.81 -20.82
N LEU Q 78 -4.06 -15.30 -20.16
CA LEU Q 78 -3.38 -14.48 -19.16
C LEU Q 78 -2.68 -13.28 -19.79
N ILE Q 79 -2.05 -13.47 -20.95
CA ILE Q 79 -1.34 -12.39 -21.61
C ILE Q 79 -2.32 -11.30 -22.05
N LYS Q 80 -3.44 -11.70 -22.64
CA LYS Q 80 -4.43 -10.72 -23.06
C LYS Q 80 -5.04 -9.99 -21.87
N GLN Q 81 -5.24 -10.70 -20.75
CA GLN Q 81 -5.78 -10.06 -19.55
C GLN Q 81 -4.79 -9.04 -18.99
N GLU Q 82 -3.50 -9.38 -18.97
CA GLU Q 82 -2.52 -8.48 -18.40
C GLU Q 82 -2.25 -7.28 -19.32
N LEU Q 83 -2.20 -7.52 -20.63
CA LEU Q 83 -2.02 -6.42 -21.56
C LEU Q 83 -3.19 -5.44 -21.50
N ASP Q 84 -4.40 -5.96 -21.24
CA ASP Q 84 -5.54 -5.08 -21.01
C ASP Q 84 -5.34 -4.25 -19.75
N LYS Q 85 -4.80 -4.84 -18.69
CA LYS Q 85 -4.52 -4.09 -17.47
C LYS Q 85 -3.44 -3.05 -17.71
N TYR Q 86 -2.45 -3.37 -18.53
CA TYR Q 86 -1.42 -2.39 -18.89
C TYR Q 86 -2.03 -1.22 -19.66
N LYS Q 87 -2.94 -1.52 -20.59
CA LYS Q 87 -3.55 -0.47 -21.39
C LYS Q 87 -4.41 0.47 -20.54
N ASN Q 88 -5.13 -0.09 -19.56
CA ASN Q 88 -5.98 0.74 -18.72
C ASN Q 88 -5.15 1.70 -17.87
N ALA Q 89 -3.98 1.26 -17.40
CA ALA Q 89 -3.13 2.13 -16.60
C ALA Q 89 -2.67 3.34 -17.41
N VAL Q 90 -2.29 3.11 -18.68
CA VAL Q 90 -1.89 4.22 -19.54
C VAL Q 90 -3.07 5.14 -19.82
N THR Q 91 -4.24 4.55 -20.11
CA THR Q 91 -5.42 5.35 -20.39
C THR Q 91 -5.83 6.16 -19.16
N GLU Q 92 -5.80 5.55 -17.97
CA GLU Q 92 -6.16 6.27 -16.76
C GLU Q 92 -5.16 7.40 -16.48
N LEU Q 93 -3.88 7.15 -16.73
CA LEU Q 93 -2.87 8.19 -16.52
C LEU Q 93 -2.96 9.29 -17.57
N GLN Q 94 -3.58 8.99 -18.72
CA GLN Q 94 -3.66 9.98 -19.79
C GLN Q 94 -4.51 11.18 -19.38
N LEU Q 95 -5.64 10.93 -18.71
CA LEU Q 95 -6.53 12.00 -18.29
C LEU Q 95 -6.08 12.68 -17.00
N LEU Q 96 -5.10 12.12 -16.30
CA LEU Q 96 -4.60 12.69 -15.06
C LEU Q 96 -3.54 13.78 -15.29
N MET Q 97 -3.07 13.93 -16.52
CA MET Q 97 -2.05 14.91 -16.85
C MET Q 97 -2.61 16.30 -17.11
N GLN Q 98 -3.86 16.40 -17.60
CA GLN Q 98 -4.42 17.70 -17.98
C GLN Q 98 -4.46 18.66 -16.79
N SER Q 99 -4.89 18.18 -15.63
CA SER Q 99 -5.00 19.03 -14.46
C SER Q 99 -3.62 19.41 -13.94
N THR Q 100 -3.48 20.70 -13.60
CA THR Q 100 -2.25 21.20 -13.02
C THR Q 100 -2.11 20.70 -11.58
N PRO Q 101 -0.92 20.23 -11.20
CA PRO Q 101 -0.72 19.74 -9.83
C PRO Q 101 -0.99 20.83 -8.81
N ALA Q 102 -1.52 20.41 -7.66
CA ALA Q 102 -1.98 21.34 -6.63
C ALA Q 102 -0.94 21.65 -5.57
N CYS Q 103 0.06 20.78 -5.39
CA CYS Q 103 1.07 20.94 -4.34
C CYS Q 103 0.44 21.03 -2.96
N SER R 25 -10.98 36.58 -21.86
CA SER R 25 -9.66 36.75 -22.44
C SER R 25 -8.54 36.46 -21.47
N GLN R 26 -8.71 36.92 -20.22
CA GLN R 26 -7.72 36.73 -19.17
C GLN R 26 -8.36 35.99 -17.99
N ASN R 27 -7.63 35.02 -17.45
CA ASN R 27 -8.14 34.20 -16.34
C ASN R 27 -7.71 34.74 -14.98
N ILE R 28 -6.40 34.87 -14.76
CA ILE R 28 -5.85 35.26 -13.46
C ILE R 28 -5.40 36.70 -13.52
N THR R 29 -5.72 37.46 -12.47
CA THR R 29 -5.25 38.83 -12.32
C THR R 29 -5.19 39.17 -10.84
N GLU R 30 -4.10 39.82 -10.42
CA GLU R 30 -3.86 40.11 -9.02
C GLU R 30 -3.57 41.59 -8.83
N GLU R 31 -4.13 42.16 -7.77
CA GLU R 31 -3.91 43.55 -7.41
C GLU R 31 -3.21 43.63 -6.06
N PHE R 32 -2.35 44.64 -5.90
CA PHE R 32 -1.65 44.88 -4.64
C PHE R 32 -1.99 46.27 -4.14
N TYR R 33 -2.43 46.36 -2.90
CA TYR R 33 -2.78 47.62 -2.27
C TYR R 33 -1.67 48.03 -1.32
N GLN R 34 -0.99 49.13 -1.62
CA GLN R 34 0.08 49.61 -0.76
C GLN R 34 -0.45 50.04 0.60
N SER R 35 -1.71 50.48 0.67
CA SER R 35 -2.25 51.05 1.90
C SER R 35 -2.35 49.99 3.00
N THR R 36 -2.94 48.84 2.68
CA THR R 36 -3.16 47.79 3.67
C THR R 36 -2.19 46.62 3.53
N CYS R 37 -1.31 46.65 2.53
CA CYS R 37 -0.33 45.59 2.30
C CYS R 37 -0.99 44.22 2.28
N SER R 38 -1.95 44.07 1.37
CA SER R 38 -2.71 42.82 1.27
C SER R 38 -3.19 42.67 -0.16
N ALA R 39 -2.53 41.80 -0.92
CA ALA R 39 -2.89 41.55 -2.30
C ALA R 39 -4.15 40.67 -2.37
N VAL R 40 -4.69 40.54 -3.58
CA VAL R 40 -5.88 39.74 -3.83
C VAL R 40 -5.85 39.28 -5.27
N SER R 41 -6.12 37.99 -5.50
CA SER R 41 -6.12 37.40 -6.83
C SER R 41 -7.55 37.02 -7.20
N LYS R 42 -8.01 37.52 -8.35
CA LYS R 42 -9.37 37.29 -8.82
C LYS R 42 -9.36 36.45 -10.09
N GLY R 43 -10.55 36.01 -10.50
CA GLY R 43 -10.72 35.31 -11.76
C GLY R 43 -10.87 33.80 -11.66
N TYR R 44 -10.88 33.22 -10.48
CA TYR R 44 -11.05 31.77 -10.37
C TYR R 44 -12.52 31.39 -10.57
N LEU R 45 -12.78 30.08 -10.50
CA LEU R 45 -14.13 29.55 -10.59
C LEU R 45 -14.38 28.65 -9.38
N SER R 46 -15.65 28.44 -9.06
CA SER R 46 -16.01 27.73 -7.85
C SER R 46 -16.47 26.30 -8.16
N ALA R 47 -16.33 25.44 -7.15
CA ALA R 47 -16.95 24.11 -7.14
C ALA R 47 -17.12 23.73 -5.66
N LEU R 48 -18.31 23.97 -5.14
CA LEU R 48 -18.58 23.78 -3.72
C LEU R 48 -19.36 22.49 -3.50
N ARG R 49 -18.93 21.71 -2.52
CA ARG R 49 -19.60 20.46 -2.15
C ARG R 49 -20.70 20.79 -1.15
N THR R 50 -21.95 20.76 -1.63
CA THR R 50 -23.09 21.13 -0.78
C THR R 50 -23.62 19.94 0.01
N GLY R 51 -23.97 18.85 -0.69
CA GLY R 51 -24.53 17.69 -0.04
C GLY R 51 -23.83 16.41 -0.52
N TRP R 52 -24.19 15.32 0.14
CA TRP R 52 -23.65 14.00 -0.19
C TRP R 52 -24.72 13.16 -0.88
N TYR R 53 -24.25 12.16 -1.63
CA TYR R 53 -25.13 11.21 -2.32
C TYR R 53 -24.70 9.80 -1.94
N THR R 54 -25.62 9.05 -1.34
CA THR R 54 -25.30 7.70 -0.89
C THR R 54 -25.40 6.69 -2.04
N SER R 55 -24.42 5.81 -2.11
CA SER R 55 -24.41 4.74 -3.10
C SER R 55 -23.90 3.47 -2.44
N VAL R 56 -24.58 2.35 -2.69
CA VAL R 56 -24.26 1.08 -2.05
C VAL R 56 -23.51 0.20 -3.04
N ILE R 57 -22.36 -0.32 -2.62
CA ILE R 57 -21.56 -1.24 -3.41
C ILE R 57 -21.72 -2.64 -2.83
N THR R 58 -22.13 -3.59 -3.65
CA THR R 58 -22.37 -4.96 -3.23
C THR R 58 -21.32 -5.87 -3.84
N ILE R 59 -20.66 -6.65 -2.98
CA ILE R 59 -19.68 -7.65 -3.40
C ILE R 59 -20.19 -9.02 -3.00
N GLU R 60 -20.24 -9.94 -3.96
CA GLU R 60 -20.77 -11.28 -3.74
C GLU R 60 -19.62 -12.24 -3.46
N LEU R 61 -19.67 -12.93 -2.33
CA LEU R 61 -18.65 -13.88 -1.94
C LEU R 61 -19.31 -15.18 -1.48
N SER R 62 -18.64 -16.29 -1.73
CA SER R 62 -19.14 -17.62 -1.42
C SER R 62 -18.44 -18.17 -0.18
N ASN R 63 -19.23 -18.64 0.78
CA ASN R 63 -18.70 -19.18 2.02
C ASN R 63 -18.38 -20.67 1.86
N ILE R 64 -17.34 -21.11 2.56
CA ILE R 64 -16.89 -22.49 2.54
C ILE R 64 -16.70 -22.96 3.97
N LYS R 65 -17.10 -24.20 4.24
CA LYS R 65 -17.03 -24.73 5.60
C LYS R 65 -15.62 -25.17 5.95
N GLU R 66 -15.10 -26.16 5.24
CA GLU R 66 -13.78 -26.72 5.54
C GLU R 66 -13.40 -27.67 4.41
N ASN R 67 -12.12 -27.67 4.06
CA ASN R 67 -11.59 -28.48 2.97
C ASN R 67 -11.09 -29.81 3.54
N LYS R 68 -11.81 -30.89 3.22
CA LYS R 68 -11.50 -32.20 3.79
C LYS R 68 -10.42 -32.95 3.03
N CYS R 69 -10.06 -32.50 1.83
CA CYS R 69 -9.17 -33.26 0.96
C CYS R 69 -7.71 -32.88 1.23
N ASN R 70 -6.85 -33.88 1.31
CA ASN R 70 -5.42 -33.71 1.53
C ASN R 70 -4.65 -34.12 0.27
N GLY R 71 -3.33 -34.12 0.37
CA GLY R 71 -2.50 -34.53 -0.75
C GLY R 71 -1.10 -33.96 -0.72
N THR R 72 -0.13 -34.75 -1.15
CA THR R 72 1.26 -34.31 -1.23
C THR R 72 1.59 -33.63 -2.56
N ASP R 73 0.62 -33.50 -3.45
CA ASP R 73 0.84 -32.83 -4.71
C ASP R 73 1.05 -31.33 -4.50
N ALA R 74 1.64 -30.68 -5.50
CA ALA R 74 1.99 -29.27 -5.40
C ALA R 74 0.88 -28.34 -5.87
N LYS R 75 0.21 -28.66 -6.99
CA LYS R 75 -0.83 -27.77 -7.50
C LYS R 75 -2.00 -27.67 -6.53
N VAL R 76 -2.41 -28.79 -5.93
CA VAL R 76 -3.51 -28.75 -4.97
C VAL R 76 -3.10 -28.02 -3.70
N LYS R 77 -1.82 -28.08 -3.35
CA LYS R 77 -1.35 -27.41 -2.14
C LYS R 77 -1.56 -25.90 -2.24
N LEU R 78 -1.34 -25.32 -3.42
CA LEU R 78 -1.54 -23.89 -3.60
C LEU R 78 -3.01 -23.51 -3.46
N ILE R 79 -3.91 -24.33 -4.00
CA ILE R 79 -5.34 -24.02 -3.93
C ILE R 79 -5.82 -24.05 -2.49
N LYS R 80 -5.42 -25.07 -1.73
CA LYS R 80 -5.82 -25.14 -0.33
C LYS R 80 -5.23 -24.00 0.48
N GLN R 81 -4.02 -23.57 0.14
CA GLN R 81 -3.40 -22.44 0.84
C GLN R 81 -4.17 -21.15 0.58
N GLU R 82 -4.60 -20.93 -0.66
CA GLU R 82 -5.30 -19.69 -0.99
C GLU R 82 -6.73 -19.70 -0.46
N LEU R 83 -7.39 -20.85 -0.51
CA LEU R 83 -8.75 -20.94 0.05
C LEU R 83 -8.74 -20.68 1.55
N ASP R 84 -7.72 -21.17 2.25
CA ASP R 84 -7.58 -20.85 3.67
C ASP R 84 -7.36 -19.36 3.87
N LYS R 85 -6.55 -18.73 3.00
CA LYS R 85 -6.34 -17.29 3.09
C LYS R 85 -7.62 -16.53 2.77
N TYR R 86 -8.42 -17.06 1.85
CA TYR R 86 -9.73 -16.46 1.56
C TYR R 86 -10.64 -16.54 2.77
N LYS R 87 -10.63 -17.68 3.47
CA LYS R 87 -11.48 -17.85 4.64
C LYS R 87 -11.09 -16.88 5.75
N ASN R 88 -9.80 -16.65 5.94
CA ASN R 88 -9.34 -15.76 6.99
C ASN R 88 -9.83 -14.33 6.76
N ALA R 89 -9.81 -13.87 5.51
CA ALA R 89 -10.25 -12.52 5.20
C ALA R 89 -11.72 -12.33 5.54
N VAL R 90 -12.56 -13.33 5.22
CA VAL R 90 -13.97 -13.25 5.58
C VAL R 90 -14.15 -13.32 7.09
N THR R 91 -13.42 -14.23 7.75
CA THR R 91 -13.53 -14.35 9.19
C THR R 91 -13.05 -13.08 9.90
N GLU R 92 -11.93 -12.51 9.43
CA GLU R 92 -11.43 -11.27 10.03
C GLU R 92 -12.42 -10.13 9.84
N LEU R 93 -13.04 -10.04 8.66
CA LEU R 93 -13.98 -8.98 8.38
C LEU R 93 -15.31 -9.20 9.10
N GLN R 94 -15.58 -10.42 9.53
CA GLN R 94 -16.83 -10.70 10.24
C GLN R 94 -16.90 -9.95 11.56
N LEU R 95 -15.79 -9.93 12.31
CA LEU R 95 -15.78 -9.27 13.61
C LEU R 95 -15.59 -7.76 13.49
N LEU R 96 -15.16 -7.27 12.33
CA LEU R 96 -15.01 -5.83 12.14
C LEU R 96 -16.35 -5.13 11.93
N MET R 97 -17.39 -5.87 11.54
CA MET R 97 -18.70 -5.27 11.29
C MET R 97 -19.40 -4.89 12.58
N GLN R 98 -19.09 -5.59 13.68
CA GLN R 98 -19.84 -5.43 14.93
C GLN R 98 -19.75 -3.99 15.45
N SER R 99 -18.55 -3.42 15.43
CA SER R 99 -18.39 -2.05 15.90
C SER R 99 -18.87 -1.06 14.86
N THR R 100 -19.55 -0.01 15.34
CA THR R 100 -20.04 1.03 14.45
C THR R 100 -18.88 1.91 13.98
N PRO R 101 -18.98 2.46 12.77
CA PRO R 101 -17.91 3.34 12.27
C PRO R 101 -17.77 4.58 13.14
N ALA R 102 -16.52 5.07 13.22
CA ALA R 102 -16.20 6.23 14.04
C ALA R 102 -16.35 7.54 13.29
N CYS R 103 -16.13 7.53 11.97
CA CYS R 103 -16.18 8.73 11.13
C CYS R 103 -15.21 9.80 11.63
C1 NAG S . -17.34 43.58 43.36
C2 NAG S . -18.53 44.52 43.59
C3 NAG S . -19.09 44.33 45.00
C4 NAG S . -19.42 42.86 45.25
C5 NAG S . -18.20 42.00 44.97
C6 NAG S . -18.48 40.52 45.09
C7 NAG S . -19.00 46.90 43.17
C8 NAG S . -18.42 48.27 43.00
N2 NAG S . -18.13 45.92 43.39
O3 NAG S . -20.27 45.12 45.16
O4 NAG S . -19.84 42.68 46.60
O5 NAG S . -17.75 42.23 43.62
O6 NAG S . -18.50 39.89 43.80
O7 NAG S . -20.21 46.71 43.12
C1 NAG T . 9.06 52.71 34.86
C2 NAG T . 9.18 53.10 36.33
C3 NAG T . 10.47 53.89 36.57
C4 NAG T . 11.67 53.12 36.03
C5 NAG T . 11.45 52.76 34.56
C6 NAG T . 12.55 51.90 33.99
C7 NAG T . 7.69 54.03 38.06
C8 NAG T . 6.48 54.87 38.31
N2 NAG T . 8.03 53.88 36.77
O3 NAG T . 10.64 54.13 37.96
O4 NAG T . 12.85 53.92 36.14
O5 NAG T . 10.23 52.00 34.44
O6 NAG T . 12.07 50.61 33.65
O7 NAG T . 8.33 53.52 38.96
C1 NAG U . -14.68 59.18 18.96
C2 NAG U . -14.06 60.59 18.93
C3 NAG U . -15.03 61.59 18.33
C4 NAG U . -15.52 61.11 16.96
C5 NAG U . -16.10 59.71 17.09
C6 NAG U . -16.51 59.12 15.75
C7 NAG U . -12.79 61.99 20.51
C8 NAG U . -12.51 62.28 21.95
N2 NAG U . -13.67 61.01 20.27
O3 NAG U . -14.40 62.86 18.19
O4 NAG U . -16.52 62.00 16.47
O5 NAG U . -15.12 58.83 17.63
O6 NAG U . -15.65 58.06 15.37
O7 NAG U . -12.25 62.61 19.60
#